data_4V4A
#
_entry.id   4V4A
#
_cell.length_a   683.89
_cell.length_b   683.89
_cell.length_c   386.72
_cell.angle_alpha   90
_cell.angle_beta   90
_cell.angle_gamma   90
#
_symmetry.space_group_name_H-M   'I 4 2 2'
#
loop_
_entity.id
_entity.type
_entity.pdbx_description
1 polymer '16S RIBOSOMAL RNA'
2 polymer '30S ribosomal protein S2'
3 polymer '30S ribosomal protein S3'
4 polymer '30S ribosomal protein S4'
5 polymer '30S ribosomal protein S5'
6 polymer '30S ribosomal protein S6'
7 polymer '30S ribosomal protein S7'
8 polymer '30S ribosomal protein S8'
9 polymer '30S ribosomal protein S9'
10 polymer '30S ribosomal protein S10'
11 polymer '30S ribosomal protein S11'
12 polymer '30S ribosomal protein S12'
13 polymer '30S ribosomal protein S13'
14 polymer '30S ribosomal protein S14'
15 polymer '30S ribosomal protein S15'
16 polymer '30S ribosomal protein S16'
17 polymer '30S ribosomal protein S17'
18 polymer '30S ribosomal protein S18'
19 polymer '30S ribosomal protein S19'
20 polymer '30S ribosomal protein S20'
21 polymer '23S RIBOSOMAL RNA'
22 polymer '5S RIBOSOMAL RNA'
23 polymer '50S ribosomal protein L2'
24 polymer '50S ribosomal protein L3'
25 polymer '50S ribosomal protein L4'
26 polymer '50S ribosomal protein L5'
27 polymer '50S ribosomal protein L6'
28 polymer '50S ribosomal protein L9'
29 polymer '50S ribosomal protein L11'
30 polymer '50S ribosomal protein L13'
31 polymer '50S ribosomal protein L14'
32 polymer '50S ribosomal protein L15'
33 polymer '50S ribosomal protein L16'
34 polymer '50S ribosomal protein L17'
35 polymer '50S ribosomal protein L18'
36 polymer '50S ribosomal protein L19'
37 polymer '50S ribosomal protein L20'
38 polymer '50S ribosomal protein L21'
39 polymer '50S ribosomal protein L22'
40 polymer '50S ribosomal protein L23'
41 polymer '50S ribosomal protein L24'
42 polymer 'general stress protein Ctc'
43 polymer '50S ribosomal protein L27'
44 polymer '50S RIBOSOMAL PROTEIN L28'
45 polymer '50S ribosomal protein L29'
46 polymer '50S ribosomal protein L30'
47 polymer '50S ribosomal protein L31'
48 polymer '50S ribosomal protein L32'
49 polymer '50S ribosomal protein L33'
50 polymer '50S ribosomal protein L34'
51 polymer '50S ribosomal protein L35'
52 polymer '50S ribosomal protein L36'
53 polymer '50S ribosomal protein L1P'
#
loop_
_entity_poly.entity_id
_entity_poly.type
_entity_poly.pdbx_seq_one_letter_code
_entity_poly.pdbx_strand_id
1 'polyribonucleotide'
;UGGAGAGUUUGAUCCUGGCUCAGGGUGAACGCUGGCGGCGUGCCUAAGACAUGCAAGUCGUGCGGAUACGCGCGGCCCCU
UGGGGCCGUGCGUCAGCGGCGGACGGGUGAGUAACGCGUGGGUGACCUACCCGGAAGAGGGGGACAACCCGGGGAAACUC
GGGCUAAUCCCCCAUGUGGACGCAAGUCCAAAGGGGGAAGCCUUCGGGUCCCCCGCUUCCGGAUGGGCCCGCGUCCCAUC
AGCUAGUUGGUGGGGUAAUGGCCCACCAAGGCGACGACGGGUAGCCGGUCUGAGAGGAUGGCCGGCCACAGGGGCACUGA
GACACGGGCCCCACUCCUACGGGAGGCAGCAGUUAGGAAUCUUCCGCAAUGGGCGCAAGCCUGACGGAGCGACGCCGCUU
GGAGGAAGAAGCCCUUCGGGGUGUAAACUCCUGAACCCGGGACGAAACCAGGGCCACUCAUACUGGCUCUGACUGACGGU
ACCGGGGUAAUAGCGCCGGCCAACUCCGUGCCAGCAGCCGCGGUAAUACGGAGGGCGCGAGCGUUACCCGGAUUCACUGG
GCGUAAAGGGCGUGUAGGCGGCCUGGGGCGUCCCAUGUGAAAGACCACGGCUCAACCGUGGGGGAGCGUGGGAUACGCUC
AGGCUAGACGGUGGGAGAGGGUGGUGGAAUUCCCGGAGUAGCGGUGAAAUGCGCAGAUACCGGGAGGAACGCCGAUGGCG
AAGGCAGCCACCUGGUCCACCCGUGACGCUGAGGCGCGAAAGCGUGGGGAGCAAACCGGAUUAGAUACCCGGGUAGUCCA
CGCCCUAAACGAUGCGCGCUAGGUCUCUGGCGGCUCAACCGCUGGGGGCCGAAGCUAACGCGUUAAGCGCGCCGCCUGGG
GAGUACGGCCGCAAGGCUGAAACUCAAAGGAAUUGACGGGGGCCCGCACAAGCGGUGGAGCAUGUGGUUUAAUUCGAAGC
AACGCGAAGAACCUUACCAGGCCUUGACAUGCUAGGGAACCCGGGUGAAAGCCUGGGGUGCCUUCGGGAGCCCUAGCACA
GGUGCUGCAUGGCCGUCGUCAGCUCGUGCCGUGAGGUGUUGGGUUAAGUCCCGCAACGAGCGCAACCCCCGCCGUUAGUU
GCCAGCGGUUCGGCCGGGCACUCUAACGGGACUGCCCGCGAAAGCGGGAGGAAGGAGGGGACGACGUCUGGUCAGCAUGG
CCCUUACGGCCUGGGCGACACACGUGCUACAAUGCCCACUACAAAGCGAUGCCACCCGGCAACGGGGAGCUAAUCGCAAA
AAGGUGGGCCCAGUUCGGAUUGGGGUCUGCAACCCGACCCCAUGAAGCCGGAAUCGCUAGUAAUCGCGGAUCAGCCAUGC
CGCGGUGAAUACGUUCCCGGGCCUUGUACACACCGCCCGUCACGCCAUGGGAGCGGGCUCUACCCGAAGUCGCCGGGUAA
CCUACGGGAAGCAGGCGCCGAGGGUAGGGCCCGUGACUGGGGCGAAGUCGUAACAAGGUAGCUGUACCGGAAGGUGCGGC
UGGAUCACCUCCUUUCU
;
AA
2 'polypeptide(L)'
;VKELLEAGVHFGHERKRWNPKFARYIYAERNGIHIIDLQKTMEELERTFRFIEDLAMRGGTILFVGTKKQAQDIVRMEAE
RAGMPYVNQRWLGGMLTNFKTISQRVHRLEELEALFASPEIEERPKKEQVRLKHELERLQKYLSGFRLLKRLPDAIFVVD
PTKEAIAVREARKLFIPVIALADTDSDPDLVDYIIPGNDDAIRSIQLILSRAVDLIIQARGGVVEPSPSYALVQ
;
AB
3 'polypeptide(L)'
;GNKIHPIGFRLGITRDWESRWYAGKKQYRHLLLEDQRIRGLLEKELYSAGLARVDIERAADNVAVTVHVAKPGVVIGRGG
ERIRVLREELAKLTGKNVALNVQEVQNPNLSAPLVAQRVAEQIERRFAVRRAIKQAVQRVMESGAKGAKVIVSGRIGGAE
QARTEWAAQGRVPLHTLRANIDYGFALARTTYGVLGVKAYIFLGEV
;
AC
4 'polypeptide(L)'
;GRYIGPVCRLCRREGVKLYLKGERCYSPKCAMERRPYPPGQHGQKRARRPSDYAVRLREKQKLRRIYGISERQFRNLFEE
ASKKKGVTGSVFLGLLESRLDNVVYRLGFAVSRRQARQLVRHGHITVNGRRVDLPSYRVRPGDEIAVAEKSRNLELIRQN
LEAMKGRKVGPWLSLDVEGMKGKFLRLPDREDLALPVNEQLVIEFYSR
;
AD
5 'polypeptide(L)'
;DFEEKMILIRRTARMQAGGRRFRFGALVVVGDRQGRVGLGFGKAPEVPLAVQKAGYYARRNMVEVPLQNGTIPHEIEVEF
GASKIVLKPAAPGTGVIAGAVPRAILELAGVTDILTKELGSRNPINIAYATMEALRQLRTKADVERLRKG
;
AE
6 'polypeptide(L)'
;MRRYEVNIVLNPNLDQSQLALEKEIIQRALENYGARVEKVEELGLRRLAYPIAKDPQGYFLWYQVEMPEDRVNDLARELR
IRDNVRRVMVVKSQEPFLANA
;
AF
7 'polypeptide(L)'
;ARRRRAEVRQLQPDLVYGDVLVTAFINKIMRDGKKNLAARIFYDACKIIQEKTGQEPLKVFKQAVENVKPRMEVRSRRVG
GANYQVPMEVSPRRQQSLALRWLVQAANQRPERRAAVRIAHELMDAAEGKGGAVKKKEDVERMAEANRAYAHYRW
;
AG
8 'polypeptide(L)'
;MLTDPIADMLTRIRNATRVYKESTDVPASRFKEEILRILAREGFIKGYERVDVDGKPYLRVYLKYGPRRQGPDPRPEQVI
HHIRRISKPGRRVYVGVKEIPRVRRGLGIAILSTSKGVLTDREARKLGVGGELICEVW
;
AH
9 'polypeptide(L)'
;EQYYGTGRRKEAVARVFLRPGNGKVTVNGQDFNEYFQGLVRAVAALEPLRAVDALGRFDAYITVRGGGKSGQIDAIKLGI
ARALVQYNPDYRAKLKPLGFLTRDARVVERKKYGKHKARRAPQYSKR
;
AI
10 'polypeptide(L)'
;KIRIKLRGFDHKTLDASAQKIVEAARRSGAQVSGPIPLPTRVRRFTVIRGPFKHKDSREHFELRTHNRLVDIINPNRKTI
EQLMTLDLPTGVEIEIKT
;
AJ
11 'polypeptide(L)'
;KRQVASGRAYIHASYNNTIVTITDPDGNPITWSSGGVIGYKGSRKGTPYAAQLAALDAAKKAMAYGMQSVDVIVRGTGAG
REQAIRALQASGLQVKSIVDDTPVPHNGCRPKKKFRKAS
;
AK
12 'polypeptide(L)'
;PTINQLVRKGREKVRKKSKVPALKGAPFRRGVCTVVRTVTPKKPNSALRKVAKVRLTSGYEVTAYIPGEGHNLQEHSVVL
IRGGRVKDLPGVRYHIVRGVYDAAGVKDRKKSRSKYGTKKPKEA
;
AL
13 'polypeptide(L)'
;ARIAGVEIPRNKRVDVALTYIYGIGKARAKEALEKTGINPATRVKDLTEAEVVRLREYVENTWKLEGELRAEVAANIKRL
MDIGCYRGLRHRRGLPVRGQRTRTNARTRKGPRKTVAGKKKAPRK
;
AM
14 'polypeptide(L)' ARKALIEKAKRTPKFKVRAYTRCVRCGRARSVYRFFGLCRICLRELAHKGQLPGVRKASW AN
15 'polypeptide(L)'
;PITKEEKQKVIQEFARFPGDTGSTEVQVALLTLRINRLSEHLKVHKKDHHSHRGLLMMVGQRRRLLRYLQREDPERYRAL
IEKLGIRG
;
AO
16 'polypeptide(L)'
;MVKIRLARFGSKHNPHYRIVVTDARRKRDGKYIEKIGYYDPRKTTPDWLKVDVERARYWLSVGAQPTDTARRLLRQAGVF
RQE
;
AP
17 'polypeptide(L)'
;PKKVLTGVVVSDKMQKTVTVLVERQFPHPLYGKVIKRSKKYLAHDPEEKYKLGDVVEIIESRPISKRKRFRVLRLVESGR
MDLVEKYLIRRQNYQSLSKRGGKA
;
AQ
18 'polypeptide(L)' PSRKAKVKATLGEFDLRDYRNVEVLKRFLSETGKILPRRRTGLSGKEQRILAKTIKRARILGLLPFTEKLVRK AR
19 'polypeptide(L)' PRSLKKGVFVDDHLLEKVLELNAKGEKRLIKTWSRRSTIVPEMVGHTIAVYNGKQHVPVYITENMVGHKLGEFAPTRTYR AS
20 'polypeptide(L)'
;RNLSALKRHRQSLKRRLRNKAKKSAIKTLSKKAVQLAQEGKAEEALKIMRKAESLIDKAAKGSTLHKNAAARRKSRLMRK
VRQLLEAAGAPLIGGGLSA
;
AT
21 'polyribonucleotide'
;GGUCAAGAUAGUAAGGGUCCACGGUGGAUGCCCUGGCGCUGGAGCCGAUGAAGGACGCGAUUACCUGCGAAAAGCCCCGA
CGAGCUGGAGAUACGCUUUGACUCGGGGAUGUCCGAAUGGGGAAACCCACCUCGUAAGAGGUAUCCGCAAGGAUGGGAAC
UCAGGGAACUGAAACAUCUCAGUACCUGAAGGAGAAGAAAGAGAAUUCGAUUCCGUUAGUAGCGGCGAGCGAACCCGGAU
CAGCCCAAACCGAAACGCUUGCGUUUCGGGGUUGUAGGACCAGUUUUUAAGAUUCAACCCCUCAAGCCGAAGUGGCUGGA
AAGCUACACCUCAGAAGGUGAGAGUCCUGUAGGCGAACGAGCGGUUGACUGUACUGGCACCUGAGUAGGUCGUUGUUCGU
GAAACGAUGACUGAAUCCGCGCGGACCACCGCGCAAGGCUAAAUACUCCCAGUGACCGAUAGCGCAUAGUACCGUGAGGG
AAAGGUGAAAAGAACCCCGGGAGGGGAGUGAAAGAGAACCUGAAACCGUGGACUUACAAGCAGUCAUGGCACCUUAUGCG
UGUUAUGGCGUGCCUAUUGAAGCAUGAGCCGGCGACUUAGACCUGACGUGCGAGCUUAAGUUGAAAAACGGAGGCGGAGC
GAAAGCGAGUCCGAAUAGGGCGGCAUUAGUACGUCGGGCUAGACUCGAAACCAGGUGAGCUAAGCAUGACCAGGUUGAAA
CCCCCGUGACAGGGGGCGGAGGACCGAACCGGUGCCUGCUGAAACAGUCUCGGAUGAGUUGUGUUUAGGAGUGAAAAGCU
AACCGAACCUGGAGAUAGCUAGUUCUCCCCGAAAUGUAUUGAGGUACAGCCUCGGAUGUUGACCAUGUCCUGUAGAGCAC
UCACAAGGCUAAGGGCACGUAAUGUGUUCUAAACCUUAUGAAACUCCGAAGGGGCACGCGUUUAGUCCGGGAGUGAGGCU
GCGAGAGCUAACUUCCGUAGCCGAGAGGGAAACAACCCAGACCAUCAGCUAAGGUCCCUAAAUGAUCGCUCAGUGGUUAA
GGAUGUGUCGUCGCAUAGACAGCCAGGAGGUUGGCUUAGAAGCAGCCACCCUUCAAAGAGUGCGUAAUAGCUCACUGGUC
GAGUGACGAUGCGCCGAAAAUGAUCGGGGCUCAAGUGAUCUACCGAAGCUAUGGAUUCAACUCGCGAAGCGAGUUGUCUG
GUAGGGGAGCGUUCAGUCCGCGGAGAAGCCAUACCGGAAGGAGUGGUGGAGCCGACUGAAGUGCGGAUGCCGGCAUGAGU
AACGAUAAAAGAAGUGAGAAUCUUCUUCGCCGUAAGGACAAGGGUUCCUGGGGAAGGGUCGUCCGCCCAGGGAAAGUCGG
GACCUAAGGUGAGGCCGAACGGCGCAGCCGAUGGACAGCAGGUCAAGAUUCCUGCACCGAUCAUGUGGAGUGAUGGAGGG
ACGCAUUACGCUAUCCAAUGCCAAGCUAUGGCUAUGCUGGUUGGUACGCUCAAGGGCGAUCGGGUCAGAAAAUCUACCGG
UCACAUGCCUCAGACGUAUCGGGAGCUUCCUCGGAAGCGAAGUUGGAAACGCGACGGUGCCAAGAAAAGCUUCUAAACGU
UGAAACAUGAUUGCCCGUACCGCAAACCGACACAGGUGUCCGAGUGUCAAUGCACUAAGGCGCGCGAGAGAACCCUCGUU
AAGGAACUUUGCAAUCUCACCCCGUAACUUCGGAAGAAGGGGUCCCCACGCUUCGCGUGGGGCGCAGUGAAUAGGCCCAG
GCGACUGUUUACCAAAAUCACAGCACUCUGCCAACACGAACAGUGGACGUAUAGGGUGUGACGCCUGCCCGGUGCCGGAA
GGUCAAGUGGAGCGGUAAGUGCAAGCAAAGCUGCGAAAUGAAGCCCCGGUGAACGGCGGCCGUAACUAUAACGGUCCUAA
GGUAGCGAAAUUCCUUGUCGGGUAAGUUCCGACCUGCACGAAAGGCGUAACGAUCUGGGCGCUGUCUCAACGAGGGACUC
GGUGAAAUUGAAUUGGCUGUAAAGAUGCGGCCUACCCGUAGCAGGACGAAAAGACCCCGUGGAGCUUUACUAUAGUCUGG
CAUUCAACGUUGGGACGUGGUGCGUAGGAUAGGUGGGAGGCGAAGAACCCUGGCUACGGCUGGGGGGAGCCGCCGGUGAA
AUACCACCCUCUACUCUUUGACGUUGUAACCUGAAAAAUCACUUUCGGGGACCGUGCUUGGCGGGUAGUUUGACUGGGGC
GGUCGCCUCCCAAAAUGUAACGGAGGCGCCCAAAGGUCACCUCAAGACGGUUGGAAAUCGUCUGUAGAGCGCAAAGGUAG
AAGGUGGCUUGACUGCGAGACUGACACGUCGAGCAGGGAGGAAACUCGGGCUUAGUGAACCGGUGGUACCGUGUGGAAGG
GCCAUCGAUCAACGGAUAAAAGUUACCCCGGGGAUAACAGGCUGAUCUCCCCCGAGAGUCCAUAUCGGCGGGGAGGUUUG
GCACCUCGAUGUCGGCUCGUCGCAUCCUGGGGCUGAAGAAGGUCCCAAGGGUUGGGCUGUUCGCCCAUUAAAGCGGCACG
CGAGCUGGGUUCAGAACGUCGUGAGACAGUUCGGUCUCUAUCCGCUACGGGCGCAGGAGAAUUGAGGGGAGUUGCUCCUA
GUACGAGAGGACCGGAGUGAACGGACCGCUGGUCUCCCUGCUGUCGUACCAACGGCACAUGCAGGGUAGCUAUGUCCGGA
ACGGAUAACCGCUGAAAGCAUCUAAGCGGGAAGCCAGCCCCAAGAUGAGUUCUCCCACUGUUUAUCAGGUAAGACUCCCG
GAAGACCACCGGGUUAAGAGGCCAGGCGUGCACGCAUAGCAAUGUGUUCAGCGGACUGGUGCUCAUCAGUCGAGGUCUUG
ACCACUC
;
B0
22 'polyribonucleotide'
;CCCCCGUGCCCAUAGCACUGUGGAACCACCCCACCCCAUGCCGAACUGGGUCGUGAAACACAGCAGCGCCAAUGAUACUC
GGACCGCAGGGUCCCGGAAAAGUCGGUCAGCGCGGGGG
;
B9
23 'polypeptide(L)'
;KKYRPYTPSRRQMTTADFSGLTKKRPEKALTEALPKTGGRNNRGRITSRFIGGGHKRLYRIIDFKRRDKSGVNAKVAAIE
YDPNRSARIALLHYADGEKRYILAPEGLTVGATVNAGPEAEPKLGNALPLRFVPVGAVVHALELVPGKGAQLARSAGTSV
QVQGKESDYVIVRLPSGELRRVHSECYATIGAVGNAEHKNIVLGKAGRSRWLGRKPHQRGSAMNPVDHPHGGGEGRTGAG
RVPVTPWGKPTKGLKTRRKRKTSDRFIVTR
;
BA
24 'polypeptide(L)'
;MKGILGTKIGMTQIWKNDRAIPVTVVLAGPCPIVQRKTAQTDGYEAVQIGYAPKAERKVNKPMQGHFAKAGVAPTRILRE
FRGFAPDGDSVNVDIFAEGEKIDATGTSKGKGTQGVMKRWNFAGGPASHGSKKWHRRPGSIGQRKTPGRVYKGKRMAGHM
GMERVTVQNLEVVEIRAGENLILVKGAIPGANGGLVVLRSAAKAS
;
BB
25 'polypeptide(L)'
;AQINVIGQNGGRTIELPLPEVNSGVLHEVVTWQLASRRRGTASTRTRAQVSKTGRKMYGQKGTGNARHGDRSVPTFVGGG
VAFGPKPRSYDYTLPRQVRQLGLAMAIASRQEGGKLVAVDGFDIADAKTKNFISWAKQNGLDGTEKVLLVTDDENTRRAA
RNVSWVSVLPVAGVNVYDILRHDRLVIDAAALEIVEE
;
BC
26 'polypeptide(L)'
;QQLKTKYNDQVRPALMQQFGYSSVMAVPRIEKIVVNEGLGSSKEDSKAIDKAAKELALITLQKPIITKAKKSISNFKLRQ
GMPVGIKVTLRGERMYVFLEKLINIGLPRIRDFRGINPNAFDGRGNYNLGIKEQLIFPEITYDMVDKTRGMDITIVTTAK
TDEEARALLQSMGLPFRK
;
BD
27 'polypeptide(L)'
;GKQPIAVPSGVTVNAQDGVFKVKGPKGELTVPYNTELTVRQDGDQLLVERPSDAQKHRALHGLTRTLVANAVKGVSDGYT
INLELRGVGFRAKLTGKALEMNIGYSHPVIIEPPAGVTFAVPEPTRIDVSGIDKQLVGQVAANVRKVRKPDAYHGKGVRF
VGEQIALKAGKAGATGG
;
BE
28 'polypeptide(L)' MQVILLEPSRLGKTGEVVSVKDGYARNWLIPQGLAVSATRTNMKTLEAQLRS BF
29 'polypeptide(L)'
;MKKVAGIVKLQLPAGKATPAPPVGPALGQYGANIMEFTKAFNAQTADKGDAIIPVEITIYADRSFTFITKTPPMSYLIRK
AAGIGKGSSTPNKAKVGKLNWDQVLEIAKTKMPDLNAGSVEAAANTVAGTARSMGVTVEGGPN
;
BG
30 'polypeptide(L)'
;VKTYIPKNDEQNWVVVDASGVPLGRLATLIASRIRGKHRPDFTPNMIQGDFVVVINAAQVALTGKKLDDKVYTRYTGYQG
GLKTETAREALSKHPERVIEHAVFGMLPKGRQGRAMHTRLKVYAGETHPHSAQKPQVLKTQPL
;
BH
31 'polypeptide(L)'
;IMPQSRLDVADNSGAREIMCIRVLNSGIGGKGLTTGGGGNKRYAHVGDIIVASVKDAAPRGAVKAGDVVKAVVVRTSHAI
KRADGSTIRFDRNAAVIINNQGEPRGTRVFGPVARELRDRRFMKIVSLAPEV
;
BI
32 'polypeptide(L)'
;HDLKPTPGSRKDRKRVGRGPGGTDKTAGRGHKGQKSRSGAGKGAFFEGGRSRLIARLPKRGFNNVGTTYEVVKLSQLQDL
EDTTFDRDTLEAYRLVRRKNRPVKLLASGEISRAVTVHVDAASAAAIKAVEAAGGRVVLPE
;
BJ
33 'polypeptide(L)'
;TKFRKQFRGRMTGDAKGGDYVAFGDYGLIAMEPAWIKSNQIEACRIVMSRHFRRGGKIYIRIFPDKPVTKKPAETRMGKG
KGAVEYWVSVVKPGRVMFEVAGVTEEQAKEAFRLAGHKLPIQTK
;
BK
34 'polypeptide(L)'
;HGKAGRKLNRNSSARVALARAQATALLREGRIQTTLTKAKELRPFVEQLITTAKGGDLHSRRLVAQDIHDKDVVRKVMDE
VAPKYAERPGGYTRILRVGTRRGDGVTMALIELV
;
BL
35 'polypeptide(L)'
;ATTIRRKLRTRRKVRTTTAASGRLRLSVYRSSKHIYAQIIDDSRGQTLAAASSAALKSGNKTDTAAAVGKALAAAAAEKG
IKQVVFDRGSYKYHGRVKALADAAREGGLDF
;
BM
36 'polypeptide(L)'
;QTHIKINRGELLRGIEQDHTRQLPDFRPGDTVRVDTKVREGNRTRSQAFEGVVIAINGSGSRKSFTVRKISFGEGVERVF
PFASPLVNQVTIVERGKVRRAKLYYLRELRGKAARIKSDRSRVMK
;
BN
37 'polypeptide(L)'
;PRAKTGIVRRRRHKKVLKRAKGFWGSRSKQYRNAFQTLLNAATYEYRDRRNKKRDFRRLWIQRINAGARLHGMNYSTFIN
GLKRANIDLNRKVLADIAAREPEAFKALVDASRNARQ
;
BO
38 'polypeptide(L)'
;MFAIIQTGGKQYRVSEGDVIRVESLQGEAGDKVELKALFVGGEQTVFGEDAGKYTVQAEVVEHGRGKKIYIRKYKSGVQY
RRRTGHRQNFTAIKILGIQG
;
BP
39 'polypeptide(L)'
;EQTFRNKKQRKQQVKLRKPGFAVAKYVRMSPRKVRLVVDVIRGKSVQDAEDLLRFIPRSASEPVAKVLNSAKANALHNDE
MLEDRLFVKEAYVDAGPTLKRLIPRARGSANIIKKRTSHITIIVAEKGNK
;
BQ
40 'polypeptide(L)'
;SHYDILQAPVISEKAYSAMERGVYSFWVSPKATKTEIKDAIQQAFGVRVIGISTMNVPGKRKRVGRFIGQRNDRKKAIVR
LAEGQSIEALAGQ
;
BR
41 'polypeptide(L)'
;PRPSAGSHHNDKLHFKKGDTVIVLSGKHKGQTGKVLLALPRDQKVVVEGVNVITKNVKPSMTNPQGGQEQRELALHASKV
ALVDPETGKATRVRKQIVDGKKVRVAVASGKTI
;
BS
42 'polypeptide(L)'
;MELTAKPRTPKQKLDESMIAAVAYNKENNVSFALDRKAFDRAFRQQSTTGLFDITVEGGETFPALVKAVQMDKRKRAPIH
VDFYMVTYGEPVEVSVPVHTTGRSQGEVQGGLVDIVVHNLQIVAPGPRRIPQELVVDVTKMNIGDHITAGDIKLPEGCTL
AADPELTVVSVLP
;
BT
43 'polypeptide(L)'
;AHKKGVGSSKNGRDSNPKYLGVKKFGGEVVKAGNILVRQRGTKFKAGQGVGMGRDHTLFALSDGKVVFINKGKGARFISI
EAAQTE
;
BU
44 'polypeptide(L)' (UNK)(UNK)(UNK)(UNK)(UNK)(UNK)(UNK)(UNK)(UNK)(UNK)(UNK)(UNK)(UNK)(UNK)(UNK)(UNK) BV
45 'polypeptide(L)' KPSEMRNLQATDFAKEIDARKKELMELRFQAAAGQLAQPHRVRQLRREVAQLNTVKAELARKGEQ BW
46 'polypeptide(L)' MKIKLVRSVIGRPGNQVKTVQALGLRKIGDSREVSDTPAVRGMVKTVKHLLEVQE BX
47 'polypeptide(L)' MQKDLHPKAVPCKIIYQGQVVMETMSTRPEIHVDVWSGVHPFWTGEERFLDTEGRVDKFNKRFGDSYRRGSKK BY
48 'polypeptide(L)' AKHPVPKKKTSKSKRDMRRSHHALTAPNLTECPQCHGKKLSHHICPNCGYYDGRQVLA BZ
49 'polypeptide(L)' AKDGPRIIVKMESSAGTGFYYTTTKNRRNTQAKLELKKYDPVAKKHVVFREKK B1
50 'polypeptide(L)' MKRTYQPNNRKRAKTHGFRARMKTKSGRNILARRRAKGRHQLTVSD B2
51 'polypeptide(L)' PKMKTHKMAKRRIKITGTGKVMAFKSGKRHQNTGKSGDEIRGKGKGFVLAKAEWARMKLMLPR B3
52 'polypeptide(L)' KVRSSVKKMCDNCKVVRRHGRVLVICSNVKHKQRQ B4
53 'polypeptide(L)'
;MLADKESLIEALKLALSTEYNVKRNFTQSVEIILTFKGID(MSE)KKGDLKLREIVPLPKQPSKAKRVLVVPSSEQLEYA
KKASPKVVITREELQKLQGQKRPVKKLARQNEWFLINQES(MSE)ALAGRILGPALGPRGKFPTPLPNTADISEYINRFK
RSVLVKTKDQPQVQVFIGTED(MSE)KPEDLAENAIAVLNAIENKAKVETNLRNIYVKTT(MSE)GKAVKVKR
;
B5
#
loop_
_chem_comp.id
_chem_comp.type
_chem_comp.name
_chem_comp.formula
A RNA linking ADENOSINE-5'-MONOPHOSPHATE 'C10 H14 N5 O7 P'
C RNA linking CYTIDINE-5'-MONOPHOSPHATE 'C9 H14 N3 O8 P'
G RNA linking GUANOSINE-5'-MONOPHOSPHATE 'C10 H14 N5 O8 P'
U RNA linking URIDINE-5'-MONOPHOSPHATE 'C9 H13 N2 O9 P'
#
# COMPACT_ATOMS: atom_id res chain seq x y z
N VAL B 1 48.74 61.62 -96.98
CA VAL B 1 48.46 60.49 -96.04
C VAL B 1 49.56 60.31 -94.98
N LYS B 2 49.45 61.04 -93.87
CA LYS B 2 50.44 60.94 -92.78
C LYS B 2 50.23 61.90 -91.59
N GLU B 3 51.36 62.45 -91.11
CA GLU B 3 51.45 63.41 -90.00
C GLU B 3 52.13 62.90 -88.74
N LEU B 4 52.55 63.85 -87.90
CA LEU B 4 53.24 63.57 -86.63
C LEU B 4 52.81 64.60 -85.59
N LEU B 5 52.87 65.87 -85.99
CA LEU B 5 52.46 66.96 -85.12
C LEU B 5 50.95 66.90 -85.04
N GLU B 6 50.44 65.69 -84.83
CA GLU B 6 49.01 65.51 -84.72
C GLU B 6 48.63 65.60 -83.25
N ALA B 7 49.52 66.19 -82.46
CA ALA B 7 49.27 66.40 -81.05
C ALA B 7 48.10 67.37 -81.06
N GLY B 8 47.77 67.83 -82.26
CA GLY B 8 46.69 68.76 -82.44
C GLY B 8 45.34 68.19 -82.04
N VAL B 9 45.31 66.91 -81.66
CA VAL B 9 44.06 66.27 -81.24
C VAL B 9 44.18 65.01 -80.34
N HIS B 10 44.44 63.87 -80.98
CA HIS B 10 44.54 62.58 -80.30
C HIS B 10 45.26 62.49 -78.97
N PHE B 11 46.51 62.03 -79.03
CA PHE B 11 47.35 61.80 -77.86
C PHE B 11 46.52 61.31 -76.67
N GLY B 12 47.05 61.47 -75.46
CA GLY B 12 46.35 61.04 -74.27
C GLY B 12 44.83 61.17 -74.22
N HIS B 13 44.24 60.34 -73.35
CA HIS B 13 42.81 60.32 -73.14
C HIS B 13 42.55 59.41 -71.92
N GLU B 14 41.31 59.35 -71.46
CA GLU B 14 40.89 58.52 -70.31
C GLU B 14 41.59 58.84 -68.99
N ARG B 15 40.81 59.09 -67.94
CA ARG B 15 41.41 59.41 -66.65
C ARG B 15 42.39 58.36 -66.16
N LYS B 16 41.94 57.43 -65.31
CA LYS B 16 42.85 56.41 -64.78
C LYS B 16 42.15 55.25 -64.08
N ARG B 17 41.87 54.22 -64.86
CA ARG B 17 41.25 53.00 -64.39
C ARG B 17 41.63 52.06 -65.52
N TRP B 18 42.30 52.69 -66.49
CA TRP B 18 42.85 52.09 -67.71
C TRP B 18 42.57 50.60 -67.92
N ASN B 19 43.58 49.95 -68.48
CA ASN B 19 43.61 48.52 -68.75
C ASN B 19 45.10 48.25 -68.87
N PRO B 20 45.72 47.86 -67.75
CA PRO B 20 47.15 47.58 -67.68
C PRO B 20 47.80 47.07 -68.96
N LYS B 21 47.03 46.34 -69.78
CA LYS B 21 47.54 45.79 -71.03
C LYS B 21 47.92 46.86 -72.06
N PHE B 22 47.19 47.97 -72.03
CA PHE B 22 47.41 49.08 -72.94
C PHE B 22 48.63 49.85 -72.46
N ALA B 23 49.28 49.32 -71.44
CA ALA B 23 50.46 49.96 -70.86
C ALA B 23 51.48 50.40 -71.91
N ARG B 24 51.77 49.51 -72.86
CA ARG B 24 52.75 49.79 -73.90
C ARG B 24 52.50 51.08 -74.67
N TYR B 25 51.25 51.32 -75.06
CA TYR B 25 50.89 52.52 -75.83
C TYR B 25 50.70 53.79 -75.01
N ILE B 26 51.06 53.75 -73.74
CA ILE B 26 50.90 54.93 -72.90
C ILE B 26 52.25 55.62 -72.75
N TYR B 27 52.20 56.94 -72.58
CA TYR B 27 53.41 57.73 -72.45
C TYR B 27 53.57 58.28 -71.04
N ALA B 28 52.45 58.62 -70.40
CA ALA B 28 52.48 59.13 -69.03
C ALA B 28 51.15 59.72 -68.53
N GLU B 29 51.10 59.98 -67.22
CA GLU B 29 49.91 60.54 -66.61
C GLU B 29 50.15 62.01 -66.28
N ARG B 30 49.17 62.85 -66.57
CA ARG B 30 49.25 64.27 -66.29
C ARG B 30 47.89 64.75 -65.84
N ASN B 31 47.82 65.30 -64.64
CA ASN B 31 46.55 65.76 -64.08
C ASN B 31 45.64 64.55 -63.98
N GLY B 32 46.26 63.38 -63.82
CA GLY B 32 45.50 62.15 -63.68
C GLY B 32 45.23 61.39 -64.97
N ILE B 33 45.26 62.09 -66.10
CA ILE B 33 44.99 61.45 -67.38
C ILE B 33 46.25 60.84 -68.00
N HIS B 34 46.08 59.69 -68.66
CA HIS B 34 47.20 59.04 -69.32
C HIS B 34 47.41 59.74 -70.64
N ILE B 35 48.67 59.95 -71.01
CA ILE B 35 48.98 60.59 -72.27
C ILE B 35 49.54 59.56 -73.23
N ILE B 36 48.81 59.29 -74.30
CA ILE B 36 49.24 58.32 -75.29
C ILE B 36 50.46 58.79 -76.08
N ASP B 37 51.41 57.89 -76.22
CA ASP B 37 52.65 58.16 -76.94
C ASP B 37 52.38 58.06 -78.45
N LEU B 38 52.32 59.21 -79.12
CA LEU B 38 52.03 59.23 -80.55
C LEU B 38 53.15 58.65 -81.43
N GLN B 39 54.37 58.61 -80.89
CA GLN B 39 55.50 58.04 -81.61
C GLN B 39 55.11 56.61 -81.93
N LYS B 40 54.29 56.03 -81.06
CA LYS B 40 53.82 54.68 -81.24
C LYS B 40 52.56 54.75 -82.09
N THR B 41 51.69 55.70 -81.76
CA THR B 41 50.46 55.88 -82.54
C THR B 41 50.84 55.88 -84.01
N MET B 42 52.03 56.42 -84.26
CA MET B 42 52.57 56.51 -85.60
C MET B 42 52.92 55.12 -86.13
N GLU B 43 53.89 54.49 -85.49
CA GLU B 43 54.33 53.16 -85.88
C GLU B 43 53.17 52.23 -86.16
N GLU B 44 52.09 52.40 -85.41
CA GLU B 44 50.92 51.55 -85.60
C GLU B 44 50.09 51.95 -86.82
N LEU B 45 50.05 53.24 -87.11
CA LEU B 45 49.29 53.73 -88.25
C LEU B 45 49.91 53.20 -89.55
N GLU B 46 51.23 53.31 -89.65
CA GLU B 46 51.97 52.85 -90.82
C GLU B 46 51.61 51.40 -91.09
N ARG B 47 51.77 50.59 -90.05
CA ARG B 47 51.48 49.16 -90.12
C ARG B 47 50.01 48.91 -90.47
N THR B 48 49.12 49.60 -89.76
CA THR B 48 47.68 49.45 -89.97
C THR B 48 47.27 49.88 -91.37
N PHE B 49 47.49 51.16 -91.68
CA PHE B 49 47.14 51.72 -92.98
C PHE B 49 47.65 50.84 -94.10
N ARG B 50 48.89 50.40 -93.96
CA ARG B 50 49.52 49.52 -94.94
C ARG B 50 48.60 48.32 -95.19
N PHE B 51 48.00 47.79 -94.13
CA PHE B 51 47.09 46.66 -94.22
C PHE B 51 45.83 47.06 -94.97
N ILE B 52 45.53 48.35 -94.93
CA ILE B 52 44.33 48.86 -95.59
C ILE B 52 44.47 48.99 -97.12
N GLU B 53 45.60 49.49 -97.62
CA GLU B 53 45.79 49.59 -99.07
C GLU B 53 45.57 48.16 -99.53
N ASP B 54 46.30 47.27 -98.86
CA ASP B 54 46.20 45.83 -99.09
C ASP B 54 44.79 45.48 -99.56
N LEU B 55 43.84 45.42 -98.62
CA LEU B 55 42.46 45.07 -98.92
C LEU B 55 41.84 46.11 -99.82
N ALA B 56 42.30 47.35 -99.70
CA ALA B 56 41.77 48.45 -100.49
C ALA B 56 41.87 48.20 -101.99
N MET B 57 43.10 48.26 -102.51
CA MET B 57 43.36 48.06 -103.92
C MET B 57 43.16 46.62 -104.33
N ARG B 58 42.57 45.84 -103.44
CA ARG B 58 42.31 44.43 -103.71
C ARG B 58 40.81 44.20 -103.88
N GLY B 59 40.04 45.25 -103.61
CA GLY B 59 38.59 45.16 -103.74
C GLY B 59 37.94 44.50 -102.54
N GLY B 60 38.58 44.64 -101.39
CA GLY B 60 38.05 44.05 -100.19
C GLY B 60 37.16 45.03 -99.46
N THR B 61 36.24 44.51 -98.66
CA THR B 61 35.32 45.33 -97.90
C THR B 61 35.86 45.60 -96.49
N ILE B 62 35.34 46.66 -95.86
CA ILE B 62 35.73 47.02 -94.50
C ILE B 62 34.46 47.54 -93.82
N LEU B 63 33.89 46.73 -92.93
CA LEU B 63 32.69 47.16 -92.23
C LEU B 63 33.13 48.06 -91.09
N PHE B 64 32.72 49.32 -91.15
CA PHE B 64 33.04 50.29 -90.11
C PHE B 64 31.99 50.22 -89.02
N VAL B 65 32.44 50.14 -87.77
CA VAL B 65 31.51 50.08 -86.65
C VAL B 65 31.79 51.20 -85.65
N GLY B 66 30.75 51.99 -85.41
CA GLY B 66 30.81 53.12 -84.49
C GLY B 66 29.43 53.38 -83.90
N THR B 67 29.18 52.82 -82.71
CA THR B 67 27.90 53.01 -82.04
C THR B 67 28.05 54.16 -81.05
N LYS B 68 29.26 54.32 -80.52
CA LYS B 68 29.63 55.39 -79.60
C LYS B 68 28.92 56.64 -80.14
N LYS B 69 28.53 57.57 -79.27
CA LYS B 69 27.83 58.76 -79.77
C LYS B 69 28.75 59.81 -80.36
N GLN B 70 29.91 60.00 -79.73
CA GLN B 70 30.88 60.99 -80.22
C GLN B 70 31.34 60.71 -81.64
N ALA B 71 31.09 59.50 -82.15
CA ALA B 71 31.52 59.14 -83.49
C ALA B 71 30.38 58.66 -84.38
N GLN B 72 29.20 58.52 -83.80
CA GLN B 72 28.04 58.04 -84.53
C GLN B 72 27.89 58.66 -85.93
N ASP B 73 27.84 59.98 -86.00
CA ASP B 73 27.70 60.65 -87.29
C ASP B 73 28.86 60.38 -88.24
N ILE B 74 30.07 60.64 -87.76
CA ILE B 74 31.25 60.42 -88.58
C ILE B 74 31.32 59.05 -89.25
N VAL B 75 31.04 57.98 -88.51
CA VAL B 75 31.09 56.65 -89.10
C VAL B 75 30.21 56.56 -90.33
N ARG B 76 29.17 57.38 -90.42
CA ARG B 76 28.29 57.35 -91.59
C ARG B 76 28.99 58.05 -92.76
N MET B 77 29.37 59.31 -92.54
CA MET B 77 30.06 60.09 -93.56
C MET B 77 31.16 59.25 -94.18
N GLU B 78 32.27 59.15 -93.46
CA GLU B 78 33.44 58.40 -93.90
C GLU B 78 33.12 57.02 -94.47
N ALA B 79 32.04 56.40 -94.01
CA ALA B 79 31.69 55.07 -94.51
C ALA B 79 30.97 55.12 -95.86
N GLU B 80 30.18 56.16 -96.08
CA GLU B 80 29.46 56.32 -97.34
C GLU B 80 30.43 56.95 -98.32
N ARG B 81 31.44 57.62 -97.78
CA ARG B 81 32.46 58.28 -98.59
C ARG B 81 33.29 57.23 -99.34
N ALA B 82 33.00 55.96 -99.05
CA ALA B 82 33.66 54.83 -99.71
C ALA B 82 32.58 53.76 -99.83
N GLY B 83 32.68 52.89 -100.82
CA GLY B 83 31.64 51.89 -100.99
C GLY B 83 31.41 51.02 -99.77
N MET B 84 32.08 51.36 -98.67
CA MET B 84 32.00 50.60 -97.43
C MET B 84 30.73 50.72 -96.60
N PRO B 85 30.33 49.62 -95.95
CA PRO B 85 29.16 49.52 -95.09
C PRO B 85 29.52 49.97 -93.68
N TYR B 86 28.51 50.18 -92.85
CA TYR B 86 28.75 50.62 -91.48
C TYR B 86 27.60 50.24 -90.57
N VAL B 87 27.89 50.17 -89.26
CA VAL B 87 26.87 49.92 -88.25
C VAL B 87 26.99 51.17 -87.37
N ASN B 88 25.97 52.02 -87.45
CA ASN B 88 25.95 53.30 -86.75
C ASN B 88 25.05 53.42 -85.53
N GLN B 89 23.87 52.80 -85.58
CA GLN B 89 22.97 52.86 -84.45
C GLN B 89 23.35 51.82 -83.41
N ARG B 90 22.76 50.63 -83.50
CA ARG B 90 23.08 49.59 -82.53
C ARG B 90 23.44 48.26 -83.15
N TRP B 91 24.69 47.88 -82.98
CA TRP B 91 25.19 46.64 -83.53
C TRP B 91 24.44 45.39 -83.09
N LEU B 92 23.43 44.97 -83.85
CA LEU B 92 22.66 43.76 -83.51
C LEU B 92 23.55 42.53 -83.28
N GLY B 93 23.23 41.76 -82.26
CA GLY B 93 24.01 40.59 -81.93
C GLY B 93 23.90 39.50 -82.96
N GLY B 94 25.02 39.16 -83.58
CA GLY B 94 25.04 38.13 -84.60
C GLY B 94 25.10 38.64 -86.04
N MET B 95 25.35 39.93 -86.20
CA MET B 95 25.43 40.52 -87.53
C MET B 95 26.51 39.83 -88.36
N LEU B 96 27.57 39.37 -87.72
CA LEU B 96 28.62 38.65 -88.43
C LEU B 96 28.46 37.16 -88.17
N THR B 97 28.38 36.82 -86.89
CA THR B 97 28.26 35.44 -86.50
C THR B 97 26.94 34.82 -86.93
N ASN B 98 25.91 35.64 -87.15
CA ASN B 98 24.63 35.09 -87.59
C ASN B 98 24.20 35.85 -88.83
N PHE B 99 25.17 36.13 -89.69
CA PHE B 99 24.99 36.88 -90.93
C PHE B 99 23.89 36.45 -91.90
N LYS B 100 23.75 35.16 -92.16
CA LYS B 100 22.74 34.76 -93.12
C LYS B 100 21.33 35.07 -92.63
N THR B 101 21.16 35.27 -91.33
CA THR B 101 19.85 35.57 -90.79
C THR B 101 19.61 37.07 -90.86
N ILE B 102 20.51 37.83 -90.22
CA ILE B 102 20.41 39.27 -90.21
C ILE B 102 20.45 39.79 -91.65
N SER B 103 20.69 38.89 -92.60
CA SER B 103 20.72 39.29 -94.00
C SER B 103 19.27 39.34 -94.42
N GLN B 104 18.51 38.34 -93.99
CA GLN B 104 17.09 38.25 -94.31
C GLN B 104 16.40 39.52 -93.90
N ARG B 105 16.96 40.21 -92.92
CA ARG B 105 16.39 41.46 -92.47
C ARG B 105 16.66 42.57 -93.49
N VAL B 106 17.69 42.38 -94.31
CA VAL B 106 18.01 43.38 -95.33
C VAL B 106 17.17 43.07 -96.57
N HIS B 107 16.83 41.79 -96.75
CA HIS B 107 16.00 41.40 -97.88
C HIS B 107 14.61 41.96 -97.65
N ARG B 108 14.17 41.91 -96.40
CA ARG B 108 12.87 42.44 -96.05
C ARG B 108 12.87 43.92 -96.41
N LEU B 109 13.91 44.62 -95.96
CA LEU B 109 14.03 46.05 -96.23
C LEU B 109 13.85 46.37 -97.70
N GLU B 110 14.57 45.64 -98.56
CA GLU B 110 14.48 45.87 -99.99
C GLU B 110 13.06 45.59 -100.42
N GLU B 111 12.54 44.45 -100.01
CA GLU B 111 11.19 44.05 -100.36
C GLU B 111 10.15 45.09 -99.96
N LEU B 112 10.22 45.60 -98.74
CA LEU B 112 9.24 46.60 -98.30
C LEU B 112 9.29 47.87 -99.12
N GLU B 113 10.49 48.39 -99.38
CA GLU B 113 10.63 49.62 -100.16
C GLU B 113 9.96 49.49 -101.53
N ALA B 114 9.74 48.25 -101.95
CA ALA B 114 9.10 47.96 -103.23
C ALA B 114 7.60 48.15 -103.15
N LEU B 115 7.02 47.91 -101.98
CA LEU B 115 5.59 48.07 -101.80
C LEU B 115 5.22 49.53 -101.56
N PHE B 116 6.17 50.32 -101.06
CA PHE B 116 5.93 51.73 -100.79
C PHE B 116 6.39 52.56 -101.99
N ALA B 117 6.08 52.05 -103.18
CA ALA B 117 6.44 52.70 -104.43
C ALA B 117 5.83 51.85 -105.55
N SER B 118 4.95 50.93 -105.16
CA SER B 118 4.28 50.02 -106.08
C SER B 118 2.77 50.25 -106.16
N PRO B 119 2.00 49.28 -106.71
CA PRO B 119 0.55 49.48 -106.78
C PRO B 119 -0.16 49.13 -105.48
N GLU B 120 0.22 47.98 -104.92
CA GLU B 120 -0.37 47.48 -103.68
C GLU B 120 -0.25 48.45 -102.51
N ILE B 121 0.29 49.63 -102.76
CA ILE B 121 0.45 50.65 -101.72
C ILE B 121 -0.87 50.84 -100.97
N GLU B 122 -1.82 51.49 -101.63
CA GLU B 122 -3.12 51.74 -101.03
C GLU B 122 -3.98 50.48 -100.90
N GLU B 123 -3.34 49.32 -100.98
CA GLU B 123 -4.05 48.04 -100.85
C GLU B 123 -3.97 47.57 -99.40
N ARG B 124 -4.98 46.83 -98.97
CA ARG B 124 -5.05 46.31 -97.61
C ARG B 124 -5.28 47.42 -96.59
N PRO B 125 -5.82 47.06 -95.41
CA PRO B 125 -6.08 48.05 -94.36
C PRO B 125 -4.84 48.85 -94.01
N LYS B 126 -5.02 49.91 -93.23
CA LYS B 126 -3.89 50.73 -92.84
C LYS B 126 -3.21 50.15 -91.60
N LYS B 127 -3.83 49.14 -91.00
CA LYS B 127 -3.23 48.50 -89.83
C LYS B 127 -1.90 47.91 -90.28
N GLU B 128 -1.82 47.64 -91.58
CA GLU B 128 -0.60 47.10 -92.18
C GLU B 128 0.13 48.28 -92.82
N GLN B 129 -0.65 49.15 -93.46
CA GLN B 129 -0.10 50.35 -94.11
C GLN B 129 0.51 51.25 -93.04
N VAL B 130 0.47 50.78 -91.81
CA VAL B 130 1.02 51.49 -90.66
C VAL B 130 2.12 50.65 -90.04
N ARG B 131 1.78 49.40 -89.69
CA ARG B 131 2.75 48.49 -89.10
C ARG B 131 3.93 48.34 -90.05
N LEU B 132 3.64 48.04 -91.30
CA LEU B 132 4.70 47.89 -92.29
C LEU B 132 5.48 49.19 -92.31
N LYS B 133 4.76 50.30 -92.42
CA LYS B 133 5.38 51.62 -92.44
C LYS B 133 6.39 51.73 -91.29
N HIS B 134 6.14 50.98 -90.22
CA HIS B 134 7.03 50.98 -89.07
C HIS B 134 8.25 50.12 -89.37
N GLU B 135 8.01 48.89 -89.86
CA GLU B 135 9.12 48.00 -90.19
C GLU B 135 10.21 48.75 -90.93
N LEU B 136 9.85 49.39 -92.03
CA LEU B 136 10.82 50.15 -92.79
C LEU B 136 11.52 51.11 -91.86
N GLU B 137 10.73 51.88 -91.11
CA GLU B 137 11.27 52.86 -90.17
C GLU B 137 12.49 52.31 -89.46
N ARG B 138 12.30 51.21 -88.73
CA ARG B 138 13.40 50.60 -88.00
C ARG B 138 14.46 49.98 -88.89
N LEU B 139 14.06 49.15 -89.84
CA LEU B 139 15.01 48.51 -90.74
C LEU B 139 15.96 49.56 -91.28
N GLN B 140 15.42 50.71 -91.65
CA GLN B 140 16.23 51.79 -92.16
C GLN B 140 17.09 52.38 -91.05
N LYS B 141 16.68 52.19 -89.80
CA LYS B 141 17.43 52.72 -88.66
C LYS B 141 18.69 51.94 -88.33
N TYR B 142 18.60 50.62 -88.37
CA TYR B 142 19.71 49.74 -88.02
C TYR B 142 20.43 49.09 -89.21
N LEU B 143 19.70 48.92 -90.30
CA LEU B 143 20.26 48.30 -91.49
C LEU B 143 20.55 49.27 -92.64
N SER B 144 20.78 50.54 -92.33
CA SER B 144 21.06 51.54 -93.35
C SER B 144 22.50 51.37 -93.86
N GLY B 145 23.43 51.10 -92.95
CA GLY B 145 24.82 50.91 -93.32
C GLY B 145 25.16 49.44 -93.54
N PHE B 146 24.43 48.56 -92.87
CA PHE B 146 24.63 47.14 -93.01
C PHE B 146 23.99 46.72 -94.32
N ARG B 147 23.37 47.69 -94.97
CA ARG B 147 22.70 47.52 -96.26
C ARG B 147 23.55 46.78 -97.31
N LEU B 148 24.75 47.30 -97.54
CA LEU B 148 25.69 46.78 -98.54
C LEU B 148 26.25 45.37 -98.37
N LEU B 149 26.75 45.05 -97.19
CA LEU B 149 27.31 43.73 -96.94
C LEU B 149 26.59 42.59 -97.64
N LYS B 150 27.18 42.04 -98.70
CA LYS B 150 26.54 40.92 -99.40
C LYS B 150 27.09 39.60 -98.85
N ARG B 151 28.27 39.66 -98.24
CA ARG B 151 28.92 38.50 -97.62
C ARG B 151 29.70 39.04 -96.42
N LEU B 152 30.16 38.16 -95.53
CA LEU B 152 30.92 38.67 -94.39
C LEU B 152 32.01 39.58 -94.90
N PRO B 153 32.30 40.67 -94.19
CA PRO B 153 33.34 41.63 -94.60
C PRO B 153 34.74 41.01 -94.56
N ASP B 154 35.74 41.77 -94.99
CA ASP B 154 37.10 41.28 -94.99
C ASP B 154 37.88 41.86 -93.83
N ALA B 155 37.21 42.68 -93.05
CA ALA B 155 37.82 43.31 -91.90
C ALA B 155 36.78 44.18 -91.25
N ILE B 156 37.17 44.79 -90.15
CA ILE B 156 36.29 45.66 -89.40
C ILE B 156 37.10 46.82 -88.90
N PHE B 157 36.58 48.03 -89.10
CA PHE B 157 37.24 49.20 -88.59
C PHE B 157 36.32 49.63 -87.46
N VAL B 158 36.70 49.25 -86.25
CA VAL B 158 35.90 49.56 -85.08
C VAL B 158 36.47 50.79 -84.37
N VAL B 159 35.60 51.60 -83.79
CA VAL B 159 36.08 52.76 -83.08
C VAL B 159 36.44 52.35 -81.66
N ASP B 160 35.54 52.52 -80.69
CA ASP B 160 35.86 52.10 -79.32
C ASP B 160 35.57 50.58 -79.23
N PRO B 161 36.62 49.75 -79.27
CA PRO B 161 36.51 48.30 -79.20
C PRO B 161 35.93 47.82 -77.88
N THR B 162 36.17 48.56 -76.81
CA THR B 162 35.63 48.17 -75.52
C THR B 162 34.14 48.37 -75.59
N LYS B 163 33.73 49.50 -76.14
CA LYS B 163 32.31 49.82 -76.28
C LYS B 163 31.74 48.84 -77.30
N GLU B 164 32.47 48.65 -78.40
CA GLU B 164 32.05 47.76 -79.48
C GLU B 164 32.64 46.35 -79.36
N ALA B 165 32.81 45.87 -78.13
CA ALA B 165 33.38 44.55 -77.88
C ALA B 165 32.60 43.35 -78.43
N ILE B 166 31.28 43.47 -78.53
CA ILE B 166 30.50 42.37 -79.05
C ILE B 166 30.82 42.20 -80.53
N ALA B 167 31.11 43.30 -81.21
CA ALA B 167 31.44 43.24 -82.64
C ALA B 167 32.83 42.61 -82.80
N VAL B 168 33.79 43.09 -82.02
CA VAL B 168 35.13 42.57 -82.07
C VAL B 168 35.13 41.06 -81.82
N ARG B 169 34.37 40.61 -80.83
CA ARG B 169 34.30 39.19 -80.51
C ARG B 169 33.82 38.40 -81.71
N GLU B 170 32.74 38.85 -82.36
CA GLU B 170 32.22 38.12 -83.51
C GLU B 170 33.25 37.98 -84.62
N ALA B 171 34.09 39.00 -84.78
CA ALA B 171 35.13 39.00 -85.80
C ALA B 171 36.08 37.84 -85.50
N ARG B 172 36.69 37.89 -84.31
CA ARG B 172 37.59 36.85 -83.85
C ARG B 172 37.11 35.42 -84.19
N LYS B 173 35.88 35.10 -83.78
CA LYS B 173 35.34 33.78 -84.00
C LYS B 173 35.23 33.47 -85.50
N LEU B 174 35.12 34.52 -86.30
CA LEU B 174 35.01 34.31 -87.74
C LEU B 174 36.34 34.52 -88.46
N PHE B 175 37.36 34.91 -87.69
CA PHE B 175 38.70 35.16 -88.20
C PHE B 175 38.72 36.33 -89.14
N ILE B 176 37.91 37.31 -88.83
CA ILE B 176 37.82 38.51 -89.62
C ILE B 176 38.76 39.55 -88.99
N PRO B 177 39.78 40.01 -89.72
CA PRO B 177 40.70 40.99 -89.16
C PRO B 177 40.00 42.11 -88.39
N VAL B 178 40.67 42.65 -87.39
CA VAL B 178 40.10 43.70 -86.58
C VAL B 178 41.00 44.92 -86.45
N ILE B 179 40.54 46.02 -87.04
CA ILE B 179 41.22 47.31 -87.02
C ILE B 179 40.48 48.13 -85.96
N ALA B 180 41.18 49.00 -85.26
CA ALA B 180 40.52 49.80 -84.24
C ALA B 180 41.24 51.03 -83.72
N LEU B 181 40.50 52.12 -83.60
CA LEU B 181 41.04 53.35 -83.04
C LEU B 181 40.76 53.02 -81.59
N ALA B 182 41.76 52.67 -80.80
CA ALA B 182 41.48 52.31 -79.42
C ALA B 182 42.42 52.99 -78.45
N ASP B 183 41.88 53.45 -77.33
CA ASP B 183 42.70 54.15 -76.35
C ASP B 183 42.98 53.43 -75.02
N THR B 184 43.31 54.24 -74.02
CA THR B 184 43.67 53.77 -72.68
C THR B 184 42.85 52.73 -71.94
N ASP B 185 41.54 52.69 -72.18
CA ASP B 185 40.68 51.75 -71.48
C ASP B 185 40.36 50.44 -72.21
N SER B 186 41.04 50.16 -73.32
CA SER B 186 40.74 48.92 -74.04
C SER B 186 41.84 47.87 -74.06
N ASP B 187 41.47 46.68 -74.51
CA ASP B 187 42.39 45.53 -74.59
C ASP B 187 43.09 45.51 -75.95
N PRO B 188 44.34 45.96 -76.00
CA PRO B 188 45.11 45.98 -77.25
C PRO B 188 45.31 44.61 -77.91
N ASP B 189 45.37 43.56 -77.09
CA ASP B 189 45.60 42.21 -77.59
C ASP B 189 44.51 41.69 -78.50
N LEU B 190 43.32 42.24 -78.41
CA LEU B 190 42.21 41.78 -79.25
C LEU B 190 42.14 42.49 -80.58
N VAL B 191 42.81 43.64 -80.68
CA VAL B 191 42.77 44.39 -81.92
C VAL B 191 43.95 43.95 -82.77
N ASP B 192 43.64 43.56 -84.00
CA ASP B 192 44.65 43.08 -84.94
C ASP B 192 45.52 44.22 -85.47
N TYR B 193 44.90 45.36 -85.71
CA TYR B 193 45.59 46.55 -86.20
C TYR B 193 45.08 47.68 -85.33
N ILE B 194 45.90 48.07 -84.36
CA ILE B 194 45.54 49.10 -83.39
C ILE B 194 45.98 50.50 -83.74
N ILE B 195 45.06 51.46 -83.62
CA ILE B 195 45.37 52.87 -83.84
C ILE B 195 45.17 53.51 -82.46
N PRO B 196 46.19 53.38 -81.59
CA PRO B 196 46.18 53.92 -80.24
C PRO B 196 46.06 55.43 -80.21
N GLY B 197 44.95 55.91 -79.67
CA GLY B 197 44.73 57.34 -79.59
C GLY B 197 43.30 57.64 -79.19
N ASN B 198 43.08 58.87 -78.77
CA ASN B 198 41.76 59.34 -78.34
C ASN B 198 40.58 58.70 -79.11
N ASP B 199 39.93 57.72 -78.48
CA ASP B 199 38.80 57.01 -79.08
C ASP B 199 37.55 57.86 -78.96
N ASP B 200 37.66 58.95 -78.20
CA ASP B 200 36.55 59.86 -78.02
C ASP B 200 36.93 61.19 -78.64
N ALA B 201 36.01 62.15 -78.61
CA ALA B 201 36.29 63.48 -79.18
C ALA B 201 36.28 63.44 -80.71
N ILE B 202 35.32 64.13 -81.30
CA ILE B 202 35.21 64.19 -82.75
C ILE B 202 36.49 64.64 -83.43
N ARG B 203 37.05 65.76 -83.00
CA ARG B 203 38.28 66.26 -83.62
C ARG B 203 39.29 65.14 -83.93
N SER B 204 39.23 64.05 -83.18
CA SER B 204 40.14 62.91 -83.36
C SER B 204 39.57 61.81 -84.25
N ILE B 205 38.42 61.27 -83.85
CA ILE B 205 37.75 60.22 -84.60
C ILE B 205 37.65 60.62 -86.06
N GLN B 206 37.29 61.88 -86.29
CA GLN B 206 37.14 62.44 -87.63
C GLN B 206 38.45 62.36 -88.40
N LEU B 207 39.55 62.74 -87.77
CA LEU B 207 40.84 62.70 -88.44
C LEU B 207 41.15 61.30 -88.94
N ILE B 208 41.47 60.42 -87.99
CA ILE B 208 41.79 59.05 -88.30
C ILE B 208 40.89 58.48 -89.37
N LEU B 209 39.62 58.26 -89.03
CA LEU B 209 38.69 57.72 -89.99
C LEU B 209 38.79 58.38 -91.36
N SER B 210 38.54 59.68 -91.41
CA SER B 210 38.61 60.40 -92.68
C SER B 210 39.78 59.86 -93.50
N ARG B 211 40.99 60.00 -92.98
CA ARG B 211 42.19 59.54 -93.67
C ARG B 211 42.08 58.09 -94.09
N ALA B 212 41.83 57.21 -93.14
CA ALA B 212 41.69 55.80 -93.45
C ALA B 212 40.79 55.61 -94.68
N VAL B 213 39.90 56.57 -94.93
CA VAL B 213 39.00 56.47 -96.08
C VAL B 213 39.72 57.01 -97.31
N ASP B 214 40.35 58.18 -97.16
CA ASP B 214 41.09 58.77 -98.27
C ASP B 214 41.94 57.66 -98.83
N LEU B 215 42.64 56.97 -97.92
CA LEU B 215 43.53 55.87 -98.26
C LEU B 215 42.80 54.77 -99.04
N ILE B 216 41.57 54.45 -98.64
CA ILE B 216 40.80 53.43 -99.33
C ILE B 216 40.60 53.80 -100.80
N ILE B 217 40.28 55.07 -101.04
CA ILE B 217 40.05 55.57 -102.39
C ILE B 217 41.37 55.75 -103.14
N GLN B 218 42.32 56.39 -102.47
CA GLN B 218 43.64 56.62 -103.04
C GLN B 218 44.14 55.26 -103.53
N ALA B 219 43.84 54.21 -102.78
CA ALA B 219 44.28 52.88 -103.15
C ALA B 219 43.37 52.25 -104.19
N ARG B 220 42.19 52.82 -104.40
CA ARG B 220 41.31 52.26 -105.40
C ARG B 220 41.23 53.13 -106.64
N GLY B 221 42.18 54.06 -106.74
CA GLY B 221 42.22 54.96 -107.89
C GLY B 221 40.97 55.81 -108.07
N GLY B 222 40.72 56.68 -107.10
CA GLY B 222 39.56 57.54 -107.19
C GLY B 222 39.94 59.00 -107.13
N VAL B 223 41.20 59.27 -106.80
CA VAL B 223 41.73 60.63 -106.71
C VAL B 223 40.64 61.55 -106.17
N VAL B 224 40.09 61.19 -105.02
CA VAL B 224 39.01 61.97 -104.40
C VAL B 224 39.46 63.18 -103.59
N GLU B 225 38.63 64.21 -103.64
CA GLU B 225 38.86 65.47 -102.94
C GLU B 225 38.53 65.40 -101.46
N PRO B 226 39.10 66.32 -100.66
CA PRO B 226 38.93 66.44 -99.20
C PRO B 226 37.57 66.00 -98.63
N SER B 227 37.60 65.61 -97.35
CA SER B 227 36.43 65.11 -96.63
C SER B 227 35.44 66.16 -96.14
N PRO B 228 34.13 65.87 -96.25
CA PRO B 228 33.04 66.76 -95.83
C PRO B 228 32.59 66.57 -94.39
N SER B 229 33.33 65.77 -93.62
CA SER B 229 33.00 65.49 -92.23
C SER B 229 33.55 66.57 -91.29
N TYR B 230 34.64 67.21 -91.70
CA TYR B 230 35.28 68.26 -90.91
C TYR B 230 34.24 69.29 -90.47
N ALA B 231 33.12 69.34 -91.21
CA ALA B 231 32.03 70.26 -90.91
C ALA B 231 31.29 69.81 -89.66
N LEU B 232 31.35 68.51 -89.39
CA LEU B 232 30.69 67.91 -88.23
C LEU B 232 31.54 68.09 -86.99
N VAL B 233 32.70 68.71 -87.16
CA VAL B 233 33.62 68.96 -86.06
C VAL B 233 33.10 70.09 -85.17
N GLN B 234 32.15 70.87 -85.69
CA GLN B 234 31.57 71.96 -84.92
C GLN B 234 30.42 71.46 -84.06
N GLY C 1 -9.20 17.27 -74.29
CA GLY C 1 -10.19 17.07 -75.41
C GLY C 1 -10.93 18.33 -75.85
N ASN C 2 -10.25 19.15 -76.65
CA ASN C 2 -10.80 20.40 -77.14
C ASN C 2 -10.82 20.47 -78.69
N LYS C 3 -10.89 21.70 -79.21
CA LYS C 3 -10.92 21.98 -80.65
C LYS C 3 -11.94 21.29 -81.59
N ILE C 4 -12.65 22.14 -82.35
CA ILE C 4 -13.65 21.68 -83.31
C ILE C 4 -13.06 21.17 -84.61
N HIS C 5 -13.92 20.52 -85.37
CA HIS C 5 -13.56 20.01 -86.67
C HIS C 5 -13.20 21.26 -87.48
N PRO C 6 -12.03 21.26 -88.12
CA PRO C 6 -11.64 22.45 -88.90
C PRO C 6 -12.53 22.74 -90.09
N ILE C 7 -13.22 21.71 -90.57
CA ILE C 7 -14.13 21.88 -91.70
C ILE C 7 -15.44 22.43 -91.18
N GLY C 8 -16.16 21.60 -90.44
CA GLY C 8 -17.44 22.00 -89.88
C GLY C 8 -17.39 23.40 -89.31
N PHE C 9 -16.21 23.78 -88.82
CA PHE C 9 -16.02 25.10 -88.24
C PHE C 9 -16.05 26.17 -89.32
N ARG C 10 -15.50 25.84 -90.48
CA ARG C 10 -15.43 26.79 -91.58
C ARG C 10 -16.50 26.67 -92.67
N LEU C 11 -17.40 25.69 -92.57
CA LEU C 11 -18.45 25.48 -93.57
C LEU C 11 -19.07 26.74 -94.17
N GLY C 12 -19.27 27.76 -93.36
CA GLY C 12 -19.85 28.98 -93.89
C GLY C 12 -18.94 29.56 -94.98
N ILE C 13 -17.64 29.46 -94.75
CA ILE C 13 -16.65 29.98 -95.68
C ILE C 13 -15.68 28.87 -96.07
N THR C 14 -14.53 29.30 -96.59
CA THR C 14 -13.45 28.42 -97.02
C THR C 14 -13.67 26.90 -96.89
N ARG C 15 -14.78 26.41 -97.47
CA ARG C 15 -15.10 24.99 -97.42
C ARG C 15 -16.60 24.76 -97.65
N ASP C 16 -16.96 24.09 -98.75
CA ASP C 16 -18.37 23.81 -99.06
C ASP C 16 -18.75 22.43 -98.54
N TRP C 17 -20.05 22.15 -98.57
CA TRP C 17 -20.59 20.88 -98.10
C TRP C 17 -20.31 19.72 -99.06
N GLU C 18 -20.52 18.49 -98.58
CA GLU C 18 -20.32 17.30 -99.40
C GLU C 18 -21.66 16.88 -100.06
N SER C 19 -22.76 17.47 -99.60
CA SER C 19 -24.07 17.18 -100.17
C SER C 19 -24.84 18.50 -100.18
N ARG C 20 -24.95 19.11 -101.37
CA ARG C 20 -25.66 20.37 -101.50
C ARG C 20 -26.95 20.24 -102.31
N TRP C 21 -28.04 19.98 -101.60
CA TRP C 21 -29.35 19.81 -102.21
C TRP C 21 -30.45 20.15 -101.23
N TYR C 22 -31.47 20.87 -101.69
CA TYR C 22 -32.58 21.23 -100.82
C TYR C 22 -33.50 20.02 -100.57
N ALA C 23 -34.36 20.12 -99.57
CA ALA C 23 -35.29 19.06 -99.24
C ALA C 23 -35.94 19.45 -97.92
N GLY C 24 -36.77 18.57 -97.36
CA GLY C 24 -37.41 18.92 -96.11
C GLY C 24 -38.40 17.95 -95.49
N LYS C 25 -38.71 18.25 -94.23
CA LYS C 25 -39.65 17.53 -93.39
C LYS C 25 -39.84 16.03 -93.66
N LYS C 26 -40.67 15.70 -94.64
CA LYS C 26 -40.96 14.30 -94.94
C LYS C 26 -39.88 13.56 -95.73
N GLN C 27 -39.07 14.31 -96.47
CA GLN C 27 -38.04 13.67 -97.27
C GLN C 27 -36.65 13.68 -96.66
N TYR C 28 -36.13 14.87 -96.39
CA TYR C 28 -34.78 15.05 -95.84
C TYR C 28 -34.14 13.84 -95.18
N ARG C 29 -34.80 13.23 -94.20
CA ARG C 29 -34.19 12.08 -93.53
C ARG C 29 -34.02 10.86 -94.44
N HIS C 30 -34.92 10.71 -95.41
CA HIS C 30 -34.87 9.60 -96.37
C HIS C 30 -33.84 9.90 -97.45
N LEU C 31 -33.89 11.14 -97.92
CA LEU C 31 -33.02 11.64 -98.96
C LEU C 31 -31.59 11.79 -98.47
N LEU C 32 -31.37 11.60 -97.17
CA LEU C 32 -30.02 11.71 -96.61
C LEU C 32 -29.48 10.33 -96.30
N LEU C 33 -30.33 9.48 -95.74
CA LEU C 33 -29.91 8.13 -95.42
C LEU C 33 -29.31 7.56 -96.67
N GLU C 34 -29.90 7.93 -97.80
CA GLU C 34 -29.44 7.48 -99.11
C GLU C 34 -27.98 7.87 -99.29
N ASP C 35 -27.70 9.16 -99.29
CA ASP C 35 -26.34 9.66 -99.45
C ASP C 35 -25.32 8.81 -98.72
N GLN C 36 -25.67 8.40 -97.49
CA GLN C 36 -24.77 7.58 -96.69
C GLN C 36 -24.63 6.18 -97.28
N ARG C 37 -25.71 5.68 -97.86
CA ARG C 37 -25.69 4.37 -98.50
C ARG C 37 -24.71 4.48 -99.66
N ILE C 38 -24.86 5.56 -100.42
CA ILE C 38 -23.98 5.85 -101.55
C ILE C 38 -22.55 5.81 -101.06
N ARG C 39 -22.15 6.86 -100.35
CA ARG C 39 -20.80 6.96 -99.80
C ARG C 39 -20.33 5.62 -99.23
N GLY C 40 -21.25 4.91 -98.59
CA GLY C 40 -20.92 3.62 -98.00
C GLY C 40 -20.16 2.70 -98.93
N LEU C 41 -20.75 2.38 -100.07
CA LEU C 41 -20.14 1.49 -101.06
C LEU C 41 -18.88 2.06 -101.71
N LEU C 42 -18.95 3.31 -102.15
CA LEU C 42 -17.83 3.97 -102.80
C LEU C 42 -16.52 3.83 -102.00
N GLU C 43 -16.61 4.08 -100.70
CA GLU C 43 -15.43 3.98 -99.85
C GLU C 43 -15.03 2.52 -99.65
N LYS C 44 -16.03 1.65 -99.62
CA LYS C 44 -15.80 0.21 -99.46
C LYS C 44 -15.17 -0.38 -100.71
N GLU C 45 -15.39 0.28 -101.85
CA GLU C 45 -14.85 -0.18 -103.12
C GLU C 45 -13.63 0.61 -103.56
N LEU C 46 -13.88 1.80 -104.12
CA LEU C 46 -12.84 2.70 -104.62
C LEU C 46 -11.69 3.01 -103.66
N TYR C 47 -11.34 2.07 -102.78
CA TYR C 47 -10.26 2.34 -101.84
C TYR C 47 -8.94 2.57 -102.58
N SER C 48 -8.52 1.56 -103.36
CA SER C 48 -7.28 1.63 -104.12
C SER C 48 -7.24 2.77 -105.12
N ALA C 49 -8.40 3.30 -105.46
CA ALA C 49 -8.48 4.43 -106.39
C ALA C 49 -7.97 5.68 -105.69
N GLY C 50 -8.19 5.73 -104.39
CA GLY C 50 -7.77 6.88 -103.61
C GLY C 50 -8.93 7.84 -103.50
N LEU C 51 -9.88 7.50 -102.63
CA LEU C 51 -11.06 8.33 -102.38
C LEU C 51 -10.63 9.61 -101.68
N ALA C 52 -11.39 10.69 -101.86
CA ALA C 52 -11.03 11.93 -101.21
C ALA C 52 -12.25 12.78 -100.90
N ARG C 53 -13.31 12.56 -101.67
CA ARG C 53 -14.54 13.32 -101.47
C ARG C 53 -15.62 12.76 -102.37
N VAL C 54 -16.87 12.88 -101.94
CA VAL C 54 -18.00 12.39 -102.70
C VAL C 54 -19.10 13.41 -102.77
N ASP C 55 -18.96 14.41 -103.63
CA ASP C 55 -20.00 15.42 -103.77
C ASP C 55 -21.29 14.74 -104.24
N ILE C 56 -22.42 15.20 -103.73
CA ILE C 56 -23.70 14.62 -104.13
C ILE C 56 -24.78 15.69 -104.31
N GLU C 57 -24.97 16.13 -105.55
CA GLU C 57 -25.98 17.14 -105.85
C GLU C 57 -27.29 16.48 -106.25
N ARG C 58 -28.38 17.24 -106.25
CA ARG C 58 -29.69 16.70 -106.60
C ARG C 58 -30.68 17.74 -107.10
N ALA C 59 -31.78 17.25 -107.69
CA ALA C 59 -32.85 18.11 -108.22
C ALA C 59 -34.15 17.31 -108.27
N ALA C 60 -34.04 16.01 -108.53
CA ALA C 60 -35.19 15.11 -108.59
C ALA C 60 -34.85 13.85 -109.39
N ASP C 61 -35.07 12.70 -108.77
CA ASP C 61 -34.81 11.39 -109.39
C ASP C 61 -33.74 11.40 -110.47
N ASN C 62 -32.71 12.22 -110.28
CA ASN C 62 -31.59 12.34 -111.20
C ASN C 62 -30.40 12.86 -110.41
N VAL C 63 -29.95 12.04 -109.49
CA VAL C 63 -28.84 12.34 -108.61
C VAL C 63 -27.54 12.69 -109.34
N ALA C 64 -26.59 13.26 -108.60
CA ALA C 64 -25.30 13.65 -109.18
C ALA C 64 -24.18 12.66 -108.89
N VAL C 65 -23.50 12.85 -107.75
CA VAL C 65 -22.40 11.98 -107.36
C VAL C 65 -21.19 12.28 -108.23
N THR C 66 -20.16 12.85 -107.63
CA THR C 66 -18.94 13.22 -108.37
C THR C 66 -17.70 12.76 -107.61
N VAL C 67 -17.52 11.45 -107.49
CA VAL C 67 -16.35 10.90 -106.79
C VAL C 67 -15.03 11.55 -107.23
N HIS C 68 -14.22 11.98 -106.26
CA HIS C 68 -12.91 12.59 -106.54
C HIS C 68 -11.81 11.58 -106.21
N VAL C 69 -10.93 11.35 -107.18
CA VAL C 69 -9.87 10.36 -106.99
C VAL C 69 -8.47 10.78 -107.43
N ALA C 70 -7.48 10.02 -106.96
CA ALA C 70 -6.08 10.25 -107.29
C ALA C 70 -5.76 9.46 -108.55
N LYS C 71 -6.31 8.25 -108.63
CA LYS C 71 -6.14 7.35 -109.77
C LYS C 71 -7.49 7.13 -110.46
N PRO C 72 -7.95 8.15 -111.22
CA PRO C 72 -9.25 8.07 -111.91
C PRO C 72 -9.39 6.82 -112.76
N GLY C 73 -8.26 6.21 -113.10
CA GLY C 73 -8.30 4.99 -113.88
C GLY C 73 -9.00 3.89 -113.12
N VAL C 74 -8.36 3.43 -112.05
CA VAL C 74 -8.91 2.37 -111.20
C VAL C 74 -10.43 2.46 -111.09
N VAL C 75 -10.92 3.70 -111.03
CA VAL C 75 -12.35 3.96 -110.93
C VAL C 75 -13.03 3.50 -112.22
N ILE C 76 -12.85 4.30 -113.27
CA ILE C 76 -13.43 4.02 -114.58
C ILE C 76 -13.42 2.54 -114.94
N GLY C 77 -12.22 2.00 -115.11
CA GLY C 77 -12.07 0.60 -115.47
C GLY C 77 -11.42 0.48 -116.83
N ARG C 78 -11.51 -0.71 -117.42
CA ARG C 78 -10.93 -0.97 -118.74
C ARG C 78 -11.88 -0.46 -119.82
N GLY C 79 -11.50 0.65 -120.45
CA GLY C 79 -12.33 1.25 -121.48
C GLY C 79 -13.55 1.92 -120.88
N GLY C 80 -13.82 1.60 -119.62
CA GLY C 80 -14.96 2.17 -118.91
C GLY C 80 -15.92 1.07 -118.53
N GLU C 81 -15.40 -0.13 -118.30
CA GLU C 81 -16.23 -1.28 -117.94
C GLU C 81 -16.64 -1.28 -116.46
N ARG C 82 -15.78 -0.77 -115.59
CA ARG C 82 -16.09 -0.74 -114.17
C ARG C 82 -17.10 0.35 -113.84
N ILE C 83 -16.92 1.52 -114.45
CA ILE C 83 -17.83 2.63 -114.22
C ILE C 83 -19.22 2.20 -114.70
N ARG C 84 -19.29 0.96 -115.16
CA ARG C 84 -20.53 0.35 -115.63
C ARG C 84 -21.08 -0.48 -114.47
N VAL C 85 -20.18 -1.26 -113.87
CA VAL C 85 -20.54 -2.12 -112.75
C VAL C 85 -21.07 -1.26 -111.60
N LEU C 86 -20.24 -0.32 -111.15
CA LEU C 86 -20.61 0.57 -110.06
C LEU C 86 -21.86 1.36 -110.41
N ARG C 87 -21.77 2.19 -111.44
CA ARG C 87 -22.88 3.04 -111.89
C ARG C 87 -24.19 2.24 -111.90
N GLU C 88 -24.09 0.93 -112.06
CA GLU C 88 -25.27 0.08 -112.06
C GLU C 88 -25.54 -0.38 -110.63
N GLU C 89 -24.48 -0.83 -109.96
CA GLU C 89 -24.60 -1.28 -108.57
C GLU C 89 -25.26 -0.15 -107.79
N LEU C 90 -25.12 1.05 -108.31
CA LEU C 90 -25.69 2.25 -107.72
C LEU C 90 -27.21 2.26 -107.72
N ALA C 91 -27.82 2.02 -108.87
CA ALA C 91 -29.28 2.03 -108.96
C ALA C 91 -29.90 0.81 -108.28
N LYS C 92 -29.09 -0.21 -108.01
CA LYS C 92 -29.58 -1.41 -107.32
C LYS C 92 -29.63 -1.04 -105.85
N LEU C 93 -29.44 0.25 -105.58
CA LEU C 93 -29.44 0.80 -104.24
C LEU C 93 -30.43 1.96 -104.21
N THR C 94 -30.45 2.72 -105.30
CA THR C 94 -31.36 3.85 -105.42
C THR C 94 -32.01 3.82 -106.80
N GLY C 95 -33.27 3.37 -106.85
CA GLY C 95 -33.96 3.32 -108.11
C GLY C 95 -33.89 4.70 -108.74
N LYS C 96 -33.67 5.70 -107.90
CA LYS C 96 -33.57 7.10 -108.28
C LYS C 96 -33.02 7.43 -109.68
N ASN C 97 -32.15 6.58 -110.22
CA ASN C 97 -31.55 6.82 -111.54
C ASN C 97 -30.55 7.96 -111.43
N VAL C 98 -29.27 7.63 -111.20
CA VAL C 98 -28.26 8.65 -111.01
C VAL C 98 -26.97 8.52 -111.83
N ALA C 99 -26.33 9.67 -112.07
CA ALA C 99 -25.08 9.76 -112.81
C ALA C 99 -23.93 9.20 -111.98
N LEU C 100 -22.70 9.62 -112.30
CA LEU C 100 -21.50 9.17 -111.59
C LEU C 100 -20.25 9.73 -112.28
N ASN C 101 -20.02 11.03 -112.13
CA ASN C 101 -18.85 11.68 -112.73
C ASN C 101 -17.59 11.27 -111.96
N VAL C 102 -16.43 11.68 -112.44
CA VAL C 102 -15.16 11.35 -111.79
C VAL C 102 -14.10 12.40 -112.08
N GLN C 103 -13.74 13.18 -111.08
CA GLN C 103 -12.72 14.19 -111.26
C GLN C 103 -11.42 13.64 -110.70
N GLU C 104 -10.30 14.10 -111.25
CA GLU C 104 -8.98 13.64 -110.81
C GLU C 104 -8.43 14.62 -109.78
N VAL C 105 -7.68 14.09 -108.83
CA VAL C 105 -7.06 14.90 -107.78
C VAL C 105 -5.71 15.46 -108.24
N GLN C 106 -5.63 16.78 -108.35
CA GLN C 106 -4.40 17.45 -108.77
C GLN C 106 -3.43 17.44 -107.59
N ASN C 107 -2.60 16.42 -107.54
CA ASN C 107 -1.60 16.24 -106.47
C ASN C 107 -2.27 15.74 -105.21
N PRO C 108 -2.34 14.41 -105.03
CA PRO C 108 -2.95 13.82 -103.85
C PRO C 108 -2.15 14.20 -102.61
N ASN C 109 -1.12 15.01 -102.85
CA ASN C 109 -0.23 15.47 -101.79
C ASN C 109 -0.71 16.75 -101.15
N LEU C 110 -1.96 17.10 -101.42
CA LEU C 110 -2.57 18.28 -100.83
C LEU C 110 -3.99 17.92 -100.44
N SER C 111 -4.23 16.61 -100.31
CA SER C 111 -5.53 16.09 -99.92
C SER C 111 -5.38 15.46 -98.54
N ALA C 112 -5.75 16.23 -97.52
CA ALA C 112 -5.65 15.77 -96.14
C ALA C 112 -6.10 14.31 -96.00
N PRO C 113 -7.25 13.95 -96.59
CA PRO C 113 -7.76 12.58 -96.51
C PRO C 113 -6.76 11.60 -97.09
N LEU C 114 -6.15 11.99 -98.19
CA LEU C 114 -5.17 11.13 -98.83
C LEU C 114 -3.92 11.03 -97.98
N VAL C 115 -3.29 12.18 -97.69
CA VAL C 115 -2.08 12.18 -96.87
C VAL C 115 -2.32 11.31 -95.63
N ALA C 116 -3.52 11.43 -95.06
CA ALA C 116 -3.91 10.67 -93.89
C ALA C 116 -3.87 9.18 -94.18
N GLN C 117 -4.71 8.76 -95.12
CA GLN C 117 -4.81 7.36 -95.55
C GLN C 117 -3.43 6.82 -95.92
N ARG C 118 -2.66 7.70 -96.58
CA ARG C 118 -1.30 7.40 -96.99
C ARG C 118 -0.55 6.89 -95.76
N VAL C 119 -0.60 7.69 -94.70
CA VAL C 119 0.07 7.38 -93.44
C VAL C 119 -0.59 6.23 -92.70
N ALA C 120 -1.92 6.22 -92.73
CA ALA C 120 -2.68 5.17 -92.07
C ALA C 120 -2.22 3.81 -92.58
N GLU C 121 -2.07 3.71 -93.90
CA GLU C 121 -1.64 2.48 -94.54
C GLU C 121 -0.24 2.05 -94.09
N GLN C 122 0.74 2.93 -94.28
CA GLN C 122 2.11 2.63 -93.89
C GLN C 122 2.11 2.03 -92.49
N ILE C 123 1.41 2.69 -91.57
CA ILE C 123 1.34 2.24 -90.20
C ILE C 123 0.80 0.81 -90.10
N GLU C 124 -0.14 0.49 -90.99
CA GLU C 124 -0.71 -0.85 -90.98
C GLU C 124 0.32 -1.84 -91.48
N ARG C 125 1.20 -1.39 -92.36
CA ARG C 125 2.23 -2.26 -92.92
C ARG C 125 3.41 -2.44 -91.96
N ARG C 126 3.37 -1.70 -90.85
CA ARG C 126 4.40 -1.75 -89.81
C ARG C 126 5.64 -0.89 -90.05
N PHE C 127 5.44 0.31 -90.61
CA PHE C 127 6.53 1.25 -90.84
C PHE C 127 6.75 2.07 -89.57
N ALA C 128 7.92 2.68 -89.45
CA ALA C 128 8.21 3.50 -88.28
C ALA C 128 7.28 4.70 -88.33
N VAL C 129 6.41 4.80 -87.32
CA VAL C 129 5.44 5.88 -87.26
C VAL C 129 6.02 7.28 -87.41
N ARG C 130 6.90 7.68 -86.49
CA ARG C 130 7.48 9.01 -86.54
C ARG C 130 8.03 9.32 -87.93
N ARG C 131 8.72 8.35 -88.54
CA ARG C 131 9.29 8.54 -89.88
C ARG C 131 8.16 8.85 -90.86
N ALA C 132 7.28 7.87 -91.04
CA ALA C 132 6.13 7.98 -91.93
C ALA C 132 5.49 9.37 -91.82
N ILE C 133 5.38 9.84 -90.59
CA ILE C 133 4.79 11.14 -90.30
C ILE C 133 5.63 12.27 -90.87
N LYS C 134 6.89 12.34 -90.45
CA LYS C 134 7.80 13.39 -90.91
C LYS C 134 7.83 13.42 -92.44
N GLN C 135 7.90 12.24 -93.03
CA GLN C 135 7.92 12.09 -94.49
C GLN C 135 6.70 12.80 -95.06
N ALA C 136 5.53 12.34 -94.61
CA ALA C 136 4.25 12.88 -95.03
C ALA C 136 4.19 14.41 -94.97
N VAL C 137 4.60 14.96 -93.83
CA VAL C 137 4.59 16.41 -93.68
C VAL C 137 5.50 16.98 -94.75
N GLN C 138 6.61 16.31 -94.99
CA GLN C 138 7.53 16.79 -96.01
C GLN C 138 6.86 16.78 -97.38
N ARG C 139 6.40 15.61 -97.82
CA ARG C 139 5.73 15.51 -99.12
C ARG C 139 4.77 16.68 -99.29
N VAL C 140 3.81 16.77 -98.37
CA VAL C 140 2.80 17.83 -98.36
C VAL C 140 3.41 19.21 -98.39
N MET C 141 4.41 19.40 -97.54
CA MET C 141 5.06 20.68 -97.43
C MET C 141 5.95 20.94 -98.65
N GLU C 142 6.46 19.85 -99.21
CA GLU C 142 7.37 19.89 -100.36
C GLU C 142 6.69 20.02 -101.73
N SER C 143 5.36 20.08 -101.74
CA SER C 143 4.62 20.24 -102.99
C SER C 143 3.50 21.25 -102.79
N GLY C 144 3.89 22.51 -102.59
CA GLY C 144 2.92 23.58 -102.38
C GLY C 144 2.69 23.73 -100.89
N ALA C 145 1.44 23.99 -100.51
CA ALA C 145 1.03 24.16 -99.11
C ALA C 145 1.81 25.23 -98.35
N LYS C 146 1.08 26.09 -97.66
CA LYS C 146 1.72 27.14 -96.87
C LYS C 146 1.84 26.61 -95.44
N GLY C 147 1.44 25.37 -95.25
CA GLY C 147 1.52 24.74 -93.94
C GLY C 147 0.87 23.36 -93.88
N ALA C 148 1.39 22.48 -93.04
CA ALA C 148 0.83 21.14 -92.91
C ALA C 148 1.17 20.58 -91.54
N LYS C 149 0.50 19.49 -91.17
CA LYS C 149 0.70 18.85 -89.86
C LYS C 149 0.02 17.49 -89.80
N VAL C 150 0.69 16.50 -89.23
CA VAL C 150 0.08 15.17 -89.14
C VAL C 150 0.12 14.72 -87.69
N ILE C 151 -0.87 13.93 -87.30
CA ILE C 151 -0.97 13.43 -85.93
C ILE C 151 -1.38 11.97 -85.91
N VAL C 152 -0.60 11.14 -85.24
CA VAL C 152 -0.95 9.74 -85.14
C VAL C 152 -1.39 9.53 -83.69
N SER C 153 -2.43 8.72 -83.51
CA SER C 153 -3.00 8.43 -82.20
C SER C 153 -2.03 7.79 -81.24
N GLY C 154 -2.37 6.59 -80.76
CA GLY C 154 -1.52 5.91 -79.81
C GLY C 154 -1.39 4.40 -79.94
N ARG C 155 -0.32 3.89 -79.35
CA ARG C 155 0.10 2.49 -79.35
C ARG C 155 1.09 2.42 -80.49
N ILE C 156 1.80 3.53 -80.66
CA ILE C 156 2.81 3.67 -81.66
C ILE C 156 3.79 2.50 -81.56
N GLY C 157 3.95 1.79 -82.66
CA GLY C 157 4.85 0.65 -82.68
C GLY C 157 4.32 -0.52 -81.89
N GLY C 158 3.03 -0.50 -81.59
CA GLY C 158 2.43 -1.59 -80.83
C GLY C 158 2.75 -1.51 -79.36
N ALA C 159 3.39 -0.41 -78.95
CA ALA C 159 3.77 -0.18 -77.56
C ALA C 159 2.57 -0.32 -76.63
N GLU C 160 2.78 -0.94 -75.47
CA GLU C 160 1.71 -1.16 -74.50
C GLU C 160 1.07 0.14 -74.00
N GLN C 161 1.84 1.23 -74.01
CA GLN C 161 1.36 2.54 -73.59
C GLN C 161 1.07 3.40 -74.82
N ALA C 162 -0.20 3.81 -74.94
CA ALA C 162 -0.64 4.65 -76.05
C ALA C 162 0.08 5.99 -76.01
N ARG C 163 0.64 6.39 -77.14
CA ARG C 163 1.36 7.66 -77.18
C ARG C 163 0.63 8.56 -78.16
N THR C 164 1.32 9.55 -78.69
CA THR C 164 0.73 10.46 -79.67
C THR C 164 1.84 11.20 -80.38
N GLU C 165 1.96 10.97 -81.70
CA GLU C 165 3.02 11.60 -82.49
C GLU C 165 2.58 12.83 -83.26
N TRP C 166 3.52 13.74 -83.40
CA TRP C 166 3.32 15.03 -84.03
C TRP C 166 3.76 15.23 -85.48
N ALA C 167 4.48 16.33 -85.70
CA ALA C 167 5.02 16.77 -86.99
C ALA C 167 4.24 17.90 -87.64
N ALA C 168 4.91 19.02 -87.88
CA ALA C 168 4.26 20.16 -88.51
C ALA C 168 5.24 21.20 -89.08
N GLN C 169 4.81 21.90 -90.13
CA GLN C 169 5.63 22.96 -90.77
C GLN C 169 4.76 24.11 -91.30
N GLY C 170 5.29 25.34 -91.25
CA GLY C 170 4.57 26.50 -91.72
C GLY C 170 3.25 26.78 -91.02
N ARG C 171 2.69 27.97 -91.22
CA ARG C 171 1.42 28.34 -90.59
C ARG C 171 0.33 27.29 -90.79
N VAL C 172 -0.37 26.96 -89.70
CA VAL C 172 -1.47 26.00 -89.73
C VAL C 172 -2.49 26.46 -88.68
N PRO C 173 -2.90 27.74 -88.77
CA PRO C 173 -3.86 28.44 -87.90
C PRO C 173 -5.24 27.85 -87.76
N LEU C 174 -5.43 26.94 -86.83
CA LEU C 174 -6.75 26.36 -86.64
C LEU C 174 -7.74 27.41 -86.16
N HIS C 175 -7.23 28.45 -85.50
CA HIS C 175 -8.10 29.48 -84.98
C HIS C 175 -8.61 30.45 -86.02
N THR C 176 -7.76 30.78 -86.98
CA THR C 176 -8.16 31.73 -88.01
C THR C 176 -9.31 31.16 -88.85
N LEU C 177 -10.46 31.80 -88.70
CA LEU C 177 -11.68 31.41 -89.38
C LEU C 177 -11.62 31.99 -90.78
N ARG C 178 -10.87 31.33 -91.65
CA ARG C 178 -10.69 31.81 -93.03
C ARG C 178 -9.41 31.21 -93.61
N ALA C 179 -8.76 30.35 -92.84
CA ALA C 179 -7.51 29.73 -93.26
C ALA C 179 -7.62 28.92 -94.54
N ASN C 180 -8.51 27.94 -94.49
CA ASN C 180 -8.73 27.02 -95.59
C ASN C 180 -7.73 25.93 -95.34
N ILE C 181 -8.08 25.13 -94.34
CA ILE C 181 -7.26 24.04 -93.91
C ILE C 181 -8.00 22.75 -94.25
N ASP C 182 -7.36 21.89 -95.02
CA ASP C 182 -8.00 20.63 -95.36
C ASP C 182 -7.74 19.68 -94.21
N TYR C 183 -8.81 19.07 -93.72
CA TYR C 183 -8.70 18.13 -92.61
C TYR C 183 -8.96 16.74 -93.16
N GLY C 184 -8.19 15.78 -92.68
CA GLY C 184 -8.39 14.44 -93.14
C GLY C 184 -8.07 13.45 -92.05
N PHE C 185 -8.96 12.49 -91.84
CA PHE C 185 -8.74 11.48 -90.82
C PHE C 185 -8.69 10.10 -91.43
N ALA C 186 -7.76 9.30 -90.95
CA ALA C 186 -7.61 7.94 -91.43
C ALA C 186 -7.48 7.00 -90.21
N LEU C 187 -8.22 5.89 -90.27
CA LEU C 187 -8.19 4.90 -89.20
C LEU C 187 -6.90 4.08 -89.35
N ALA C 188 -6.93 2.80 -88.99
CA ALA C 188 -5.74 1.94 -89.11
C ALA C 188 -5.86 0.69 -88.24
N ARG C 189 -6.77 -0.21 -88.61
CA ARG C 189 -6.94 -1.45 -87.86
C ARG C 189 -5.59 -2.14 -87.75
N THR C 190 -5.34 -2.82 -86.63
CA THR C 190 -4.05 -3.47 -86.41
C THR C 190 -4.09 -4.65 -85.47
N THR C 191 -3.08 -5.50 -85.57
CA THR C 191 -2.96 -6.67 -84.71
C THR C 191 -3.16 -6.24 -83.27
N TYR C 192 -2.60 -5.09 -82.91
CA TYR C 192 -2.72 -4.61 -81.54
C TYR C 192 -3.85 -3.61 -81.30
N GLY C 193 -4.42 -3.05 -82.38
CA GLY C 193 -5.50 -2.11 -82.20
C GLY C 193 -5.58 -0.93 -83.15
N VAL C 194 -6.71 -0.23 -83.09
CA VAL C 194 -6.96 0.94 -83.93
C VAL C 194 -6.04 2.10 -83.58
N LEU C 195 -5.61 2.86 -84.58
CA LEU C 195 -4.76 4.02 -84.35
C LEU C 195 -5.17 5.10 -85.35
N GLY C 196 -5.85 6.13 -84.87
CA GLY C 196 -6.30 7.19 -85.76
C GLY C 196 -5.18 8.05 -86.35
N VAL C 197 -5.40 8.55 -87.56
CA VAL C 197 -4.42 9.41 -88.22
C VAL C 197 -5.03 10.71 -88.70
N LYS C 198 -4.45 11.83 -88.29
CA LYS C 198 -4.99 13.11 -88.71
C LYS C 198 -4.04 13.91 -89.58
N ALA C 199 -4.57 14.42 -90.69
CA ALA C 199 -3.78 15.22 -91.61
C ALA C 199 -4.39 16.61 -91.74
N TYR C 200 -3.56 17.63 -91.61
CA TYR C 200 -3.99 19.03 -91.71
C TYR C 200 -3.17 19.74 -92.76
N ILE C 201 -3.82 20.30 -93.78
CA ILE C 201 -3.06 21.03 -94.80
C ILE C 201 -3.57 22.45 -94.98
N PHE C 202 -2.66 23.40 -94.95
CA PHE C 202 -3.00 24.80 -95.09
C PHE C 202 -2.65 25.29 -96.48
N LEU C 203 -3.58 26.02 -97.11
CA LEU C 203 -3.39 26.57 -98.44
C LEU C 203 -3.87 28.01 -98.47
N GLY C 204 -3.15 28.88 -99.16
CA GLY C 204 -3.55 30.27 -99.23
C GLY C 204 -4.17 30.81 -97.95
N GLU C 205 -5.25 31.57 -98.09
CA GLU C 205 -5.91 32.13 -96.92
C GLU C 205 -7.24 32.78 -97.28
N VAL C 206 -7.22 34.07 -97.65
CA VAL C 206 -8.45 34.81 -97.98
C VAL C 206 -9.57 33.96 -98.60
N GLY D 1 36.79 -31.06 -79.85
CA GLY D 1 36.37 -31.24 -81.26
C GLY D 1 35.94 -29.95 -81.93
N ARG D 2 36.74 -29.47 -82.87
CA ARG D 2 36.45 -28.24 -83.60
C ARG D 2 35.06 -28.22 -84.21
N TYR D 3 34.22 -27.34 -83.68
CA TYR D 3 32.84 -27.17 -84.12
C TYR D 3 32.10 -28.39 -84.62
N ILE D 4 32.07 -28.56 -85.94
CA ILE D 4 31.36 -29.67 -86.58
C ILE D 4 29.86 -29.44 -86.38
N GLY D 5 29.24 -28.81 -87.38
CA GLY D 5 27.82 -28.53 -87.33
C GLY D 5 27.47 -27.65 -88.52
N PRO D 6 26.18 -27.33 -88.75
CA PRO D 6 25.88 -26.49 -89.90
C PRO D 6 26.91 -25.36 -90.02
N VAL D 7 27.47 -25.20 -91.20
CA VAL D 7 28.51 -24.20 -91.43
C VAL D 7 28.12 -23.00 -92.29
N CYS D 8 27.26 -23.20 -93.27
CA CYS D 8 26.86 -22.09 -94.10
C CYS D 8 26.03 -21.12 -93.24
N ARG D 9 25.78 -21.52 -91.99
CA ARG D 9 25.03 -20.66 -91.07
C ARG D 9 25.96 -19.62 -90.45
N LEU D 10 27.25 -19.93 -90.42
CA LEU D 10 28.25 -19.01 -89.89
C LEU D 10 28.44 -17.99 -91.00
N CYS D 11 28.54 -18.48 -92.24
CA CYS D 11 28.70 -17.63 -93.42
C CYS D 11 27.65 -16.53 -93.22
N ARG D 12 26.41 -16.94 -92.96
CA ARG D 12 25.28 -16.03 -92.78
C ARG D 12 25.36 -15.07 -91.61
N ARG D 13 25.73 -15.57 -90.43
CA ARG D 13 25.83 -14.72 -89.23
C ARG D 13 26.87 -13.59 -89.41
N GLU D 14 27.94 -13.90 -90.13
CA GLU D 14 28.98 -12.92 -90.38
C GLU D 14 28.58 -12.07 -91.57
N GLY D 15 27.38 -12.35 -92.11
CA GLY D 15 26.91 -11.60 -93.26
C GLY D 15 27.96 -11.50 -94.37
N VAL D 16 28.96 -12.36 -94.29
CA VAL D 16 30.03 -12.39 -95.27
C VAL D 16 30.34 -13.82 -95.66
N LYS D 17 30.74 -14.00 -96.91
CA LYS D 17 31.06 -15.31 -97.44
C LYS D 17 32.25 -15.93 -96.73
N LEU D 18 32.10 -17.20 -96.40
CA LEU D 18 33.15 -17.96 -95.77
C LEU D 18 33.27 -19.22 -96.59
N TYR D 19 34.48 -19.51 -97.01
CA TYR D 19 34.72 -20.69 -97.83
C TYR D 19 35.02 -21.86 -96.92
N LEU D 20 33.98 -22.34 -96.25
CA LEU D 20 34.08 -23.46 -95.32
C LEU D 20 33.66 -24.75 -96.01
N LYS D 21 33.64 -24.70 -97.34
CA LYS D 21 33.25 -25.85 -98.15
C LYS D 21 33.96 -25.93 -99.49
N GLY D 22 34.94 -25.05 -99.70
CA GLY D 22 35.63 -25.06 -100.97
C GLY D 22 34.60 -25.00 -102.07
N GLU D 23 34.35 -26.11 -102.77
CA GLU D 23 33.36 -26.12 -103.84
C GLU D 23 31.99 -25.78 -103.28
N ARG D 24 31.03 -25.55 -104.17
CA ARG D 24 29.67 -25.17 -103.80
C ARG D 24 29.63 -23.73 -103.34
N CYS D 25 30.54 -23.36 -102.45
CA CYS D 25 30.60 -21.99 -101.95
C CYS D 25 30.85 -21.06 -103.14
N TYR D 26 30.55 -21.57 -104.33
CA TYR D 26 30.65 -20.86 -105.60
C TYR D 26 29.33 -21.06 -106.31
N SER D 27 28.98 -22.32 -106.53
CA SER D 27 27.73 -22.66 -107.19
C SER D 27 26.58 -22.04 -106.39
N PRO D 28 25.91 -21.03 -106.96
CA PRO D 28 24.78 -20.28 -106.37
C PRO D 28 24.06 -21.01 -105.25
N LYS D 29 24.78 -21.24 -104.15
CA LYS D 29 24.23 -21.95 -103.02
C LYS D 29 24.99 -21.74 -101.70
N CYS D 30 26.03 -20.89 -101.68
CA CYS D 30 26.76 -20.67 -100.43
C CYS D 30 25.79 -20.08 -99.44
N ALA D 31 24.55 -19.92 -99.93
CA ALA D 31 23.42 -19.36 -99.19
C ALA D 31 23.57 -17.86 -99.11
N MET D 32 24.83 -17.41 -99.10
CA MET D 32 25.11 -15.98 -99.05
C MET D 32 24.62 -15.44 -100.37
N GLU D 33 24.11 -16.37 -101.17
CA GLU D 33 23.53 -16.06 -102.46
C GLU D 33 22.03 -16.06 -102.20
N ARG D 34 21.41 -14.89 -102.37
CA ARG D 34 19.99 -14.72 -102.15
C ARG D 34 19.50 -15.18 -100.77
N ARG D 35 20.24 -14.80 -99.73
CA ARG D 35 19.91 -15.11 -98.34
C ARG D 35 21.05 -14.78 -97.35
N PRO D 36 21.78 -13.66 -97.58
CA PRO D 36 22.89 -13.23 -96.73
C PRO D 36 22.52 -12.71 -95.34
N TYR D 37 21.29 -12.94 -94.91
CA TYR D 37 20.90 -12.48 -93.59
C TYR D 37 21.12 -13.59 -92.58
N PRO D 38 21.44 -13.23 -91.33
CA PRO D 38 21.69 -14.20 -90.26
C PRO D 38 20.62 -15.28 -90.06
N PRO D 39 21.02 -16.44 -89.56
CA PRO D 39 20.10 -17.57 -89.33
C PRO D 39 19.11 -17.30 -88.21
N GLY D 40 18.09 -18.14 -88.11
CA GLY D 40 17.10 -17.98 -87.05
C GLY D 40 15.82 -17.18 -87.30
N GLN D 41 14.88 -17.39 -86.40
CA GLN D 41 13.58 -16.74 -86.44
C GLN D 41 13.62 -15.22 -86.61
N HIS D 42 14.79 -14.62 -86.40
CA HIS D 42 14.89 -13.17 -86.48
C HIS D 42 15.73 -12.60 -87.61
N GLY D 43 16.49 -13.47 -88.29
CA GLY D 43 17.33 -13.02 -89.38
C GLY D 43 16.88 -11.86 -90.25
N GLN D 44 15.61 -11.88 -90.66
CA GLN D 44 15.11 -10.83 -91.54
C GLN D 44 14.77 -9.50 -90.87
N LYS D 45 14.61 -9.50 -89.56
CA LYS D 45 14.30 -8.27 -88.83
C LYS D 45 15.49 -7.30 -88.90
N ARG D 46 15.20 -6.01 -88.75
CA ARG D 46 16.22 -4.96 -88.80
C ARG D 46 17.28 -5.10 -87.71
N ALA D 47 18.54 -4.86 -88.06
CA ALA D 47 19.62 -4.96 -87.10
C ALA D 47 19.87 -3.62 -86.40
N ARG D 48 20.19 -3.67 -85.11
CA ARG D 48 20.44 -2.45 -84.35
C ARG D 48 21.93 -2.11 -84.32
N ARG D 49 22.24 -0.85 -84.07
CA ARG D 49 23.60 -0.36 -84.01
C ARG D 49 24.42 -1.20 -83.02
N PRO D 50 25.29 -2.08 -83.53
CA PRO D 50 26.12 -2.95 -82.68
C PRO D 50 26.97 -2.17 -81.69
N SER D 51 27.27 -2.80 -80.55
CA SER D 51 28.11 -2.18 -79.53
C SER D 51 29.58 -2.40 -79.88
N ASP D 52 30.46 -1.56 -79.37
CA ASP D 52 31.88 -1.72 -79.67
C ASP D 52 32.26 -3.17 -79.40
N TYR D 53 31.69 -3.76 -78.35
CA TYR D 53 31.98 -5.15 -78.05
C TYR D 53 31.50 -6.01 -79.23
N ALA D 54 30.21 -5.90 -79.53
CA ALA D 54 29.61 -6.65 -80.63
C ALA D 54 30.50 -6.63 -81.86
N VAL D 55 30.95 -5.45 -82.26
CA VAL D 55 31.81 -5.35 -83.42
C VAL D 55 33.12 -6.14 -83.25
N ARG D 56 33.84 -5.89 -82.17
CA ARG D 56 35.09 -6.60 -81.93
C ARG D 56 34.80 -8.08 -81.79
N LEU D 57 33.67 -8.41 -81.18
CA LEU D 57 33.34 -9.81 -81.02
C LEU D 57 33.17 -10.40 -82.42
N ARG D 58 32.21 -9.88 -83.18
CA ARG D 58 31.97 -10.39 -84.52
C ARG D 58 33.24 -10.47 -85.38
N GLU D 59 34.13 -9.50 -85.27
CA GLU D 59 35.32 -9.54 -86.10
C GLU D 59 36.19 -10.75 -85.76
N LYS D 60 36.43 -10.99 -84.48
CA LYS D 60 37.26 -12.13 -84.07
C LYS D 60 36.61 -13.44 -84.50
N GLN D 61 35.33 -13.61 -84.20
CA GLN D 61 34.58 -14.82 -84.56
C GLN D 61 34.76 -15.14 -86.03
N LYS D 62 34.83 -14.11 -86.84
CA LYS D 62 35.01 -14.27 -88.27
C LYS D 62 36.41 -14.86 -88.48
N LEU D 63 37.43 -14.02 -88.32
CA LEU D 63 38.80 -14.44 -88.49
C LEU D 63 39.01 -15.84 -87.97
N ARG D 64 38.33 -16.21 -86.88
CA ARG D 64 38.48 -17.53 -86.31
C ARG D 64 37.70 -18.64 -87.01
N ARG D 65 36.42 -18.42 -87.28
CA ARG D 65 35.65 -19.45 -87.94
C ARG D 65 36.20 -19.73 -89.33
N ILE D 66 37.01 -18.81 -89.84
CA ILE D 66 37.60 -18.98 -91.15
C ILE D 66 38.57 -20.17 -91.10
N TYR D 67 39.26 -20.34 -89.99
CA TYR D 67 40.20 -21.44 -89.86
C TYR D 67 39.64 -22.57 -89.00
N GLY D 68 38.32 -22.61 -88.88
CA GLY D 68 37.67 -23.66 -88.09
C GLY D 68 38.44 -24.06 -86.85
N ILE D 69 39.02 -23.09 -86.15
CA ILE D 69 39.80 -23.34 -84.95
C ILE D 69 39.07 -22.96 -83.65
N SER D 70 39.40 -23.67 -82.58
CA SER D 70 38.80 -23.44 -81.27
C SER D 70 39.32 -22.16 -80.65
N GLU D 71 38.47 -21.49 -79.88
CA GLU D 71 38.90 -20.26 -79.25
C GLU D 71 40.17 -20.59 -78.49
N ARG D 72 40.11 -21.68 -77.71
CA ARG D 72 41.25 -22.11 -76.92
C ARG D 72 42.59 -22.02 -77.65
N GLN D 73 42.68 -22.69 -78.81
CA GLN D 73 43.91 -22.70 -79.62
C GLN D 73 44.15 -21.35 -80.28
N PHE D 74 43.08 -20.74 -80.76
CA PHE D 74 43.12 -19.45 -81.40
C PHE D 74 43.80 -18.43 -80.47
N ARG D 75 43.27 -18.31 -79.26
CA ARG D 75 43.78 -17.40 -78.24
C ARG D 75 45.28 -17.56 -77.99
N ASN D 76 45.72 -18.81 -77.82
CA ASN D 76 47.13 -19.05 -77.57
C ASN D 76 48.01 -18.55 -78.71
N LEU D 77 47.55 -18.72 -79.94
CA LEU D 77 48.29 -18.25 -81.10
C LEU D 77 48.43 -16.75 -80.97
N PHE D 78 47.31 -16.10 -80.68
CA PHE D 78 47.31 -14.65 -80.50
C PHE D 78 48.28 -14.20 -79.41
N GLU D 79 48.19 -14.78 -78.22
CA GLU D 79 49.10 -14.37 -77.15
C GLU D 79 50.54 -14.67 -77.54
N GLU D 80 50.71 -15.57 -78.51
CA GLU D 80 52.06 -15.90 -78.96
C GLU D 80 52.48 -14.80 -79.92
N ALA D 81 51.57 -14.42 -80.80
CA ALA D 81 51.85 -13.39 -81.77
C ALA D 81 51.95 -12.02 -81.11
N SER D 82 51.62 -11.95 -79.83
CA SER D 82 51.67 -10.67 -79.12
C SER D 82 53.03 -10.46 -78.52
N LYS D 83 53.68 -11.55 -78.11
CA LYS D 83 54.99 -11.48 -77.50
C LYS D 83 56.09 -11.29 -78.54
N LYS D 84 56.00 -12.07 -79.61
CA LYS D 84 56.99 -12.01 -80.67
C LYS D 84 57.04 -10.63 -81.29
N LYS D 85 58.23 -10.21 -81.69
CA LYS D 85 58.44 -8.91 -82.32
C LYS D 85 57.55 -8.73 -83.55
N GLY D 86 57.34 -7.48 -83.95
CA GLY D 86 56.54 -7.22 -85.14
C GLY D 86 55.04 -7.06 -84.97
N VAL D 87 54.48 -6.18 -85.77
CA VAL D 87 53.05 -5.90 -85.74
C VAL D 87 52.28 -7.15 -85.38
N THR D 88 51.82 -7.20 -84.14
CA THR D 88 51.06 -8.34 -83.67
C THR D 88 50.03 -8.77 -84.73
N GLY D 89 49.21 -7.82 -85.15
CA GLY D 89 48.19 -8.12 -86.14
C GLY D 89 48.60 -9.12 -87.21
N SER D 90 49.56 -8.75 -88.04
CA SER D 90 49.99 -9.64 -89.10
C SER D 90 50.72 -10.87 -88.58
N VAL D 91 51.67 -10.69 -87.67
CA VAL D 91 52.38 -11.83 -87.11
C VAL D 91 51.40 -12.93 -86.73
N PHE D 92 50.26 -12.52 -86.19
CA PHE D 92 49.20 -13.42 -85.78
C PHE D 92 48.70 -14.18 -87.02
N LEU D 93 48.34 -13.44 -88.05
CA LEU D 93 47.85 -14.05 -89.27
C LEU D 93 48.90 -14.99 -89.87
N GLY D 94 50.17 -14.64 -89.73
CA GLY D 94 51.22 -15.50 -90.26
C GLY D 94 51.09 -16.88 -89.65
N LEU D 95 51.05 -16.92 -88.32
CA LEU D 95 50.94 -18.17 -87.59
C LEU D 95 49.68 -18.94 -87.92
N LEU D 96 48.60 -18.22 -88.19
CA LEU D 96 47.36 -18.89 -88.53
C LEU D 96 47.52 -19.60 -89.89
N GLU D 97 48.24 -18.97 -90.80
CA GLU D 97 48.46 -19.51 -92.13
C GLU D 97 49.53 -20.58 -92.17
N SER D 98 50.24 -20.78 -91.06
CA SER D 98 51.30 -21.78 -90.98
C SER D 98 50.84 -23.14 -90.45
N ARG D 99 49.55 -23.27 -90.19
CA ARG D 99 49.01 -24.53 -89.72
C ARG D 99 49.08 -25.51 -90.88
N LEU D 100 49.69 -26.65 -90.63
CA LEU D 100 49.79 -27.69 -91.65
C LEU D 100 48.44 -27.91 -92.33
N ASP D 101 47.39 -28.02 -91.53
CA ASP D 101 46.08 -28.24 -92.10
C ASP D 101 45.66 -27.09 -92.99
N ASN D 102 46.10 -25.87 -92.70
CA ASN D 102 45.73 -24.73 -93.53
C ASN D 102 46.50 -24.84 -94.83
N VAL D 103 47.83 -24.95 -94.71
CA VAL D 103 48.67 -25.08 -95.88
C VAL D 103 48.08 -26.09 -96.86
N VAL D 104 47.83 -27.31 -96.41
CA VAL D 104 47.26 -28.31 -97.30
C VAL D 104 46.12 -27.68 -98.09
N TYR D 105 45.21 -27.00 -97.41
CA TYR D 105 44.10 -26.34 -98.10
C TYR D 105 44.63 -25.32 -99.09
N ARG D 106 45.55 -24.48 -98.62
CA ARG D 106 46.16 -23.46 -99.45
C ARG D 106 46.81 -24.06 -100.71
N LEU D 107 47.39 -25.25 -100.60
CA LEU D 107 48.03 -25.91 -101.74
C LEU D 107 47.12 -26.71 -102.65
N GLY D 108 45.81 -26.56 -102.47
CA GLY D 108 44.85 -27.26 -103.31
C GLY D 108 44.62 -28.74 -103.08
N PHE D 109 45.40 -29.36 -102.20
CA PHE D 109 45.20 -30.79 -101.95
C PHE D 109 43.74 -31.04 -101.56
N ALA D 110 43.25 -30.24 -100.62
CA ALA D 110 41.87 -30.39 -100.18
C ALA D 110 41.04 -29.23 -100.70
N VAL D 111 39.73 -29.46 -100.84
CA VAL D 111 38.83 -28.43 -101.34
C VAL D 111 38.52 -27.40 -100.26
N SER D 112 38.41 -27.87 -99.02
CA SER D 112 38.11 -26.99 -97.90
C SER D 112 39.17 -27.10 -96.82
N ARG D 113 38.99 -26.33 -95.74
CA ARG D 113 39.92 -26.38 -94.63
C ARG D 113 39.57 -27.60 -93.78
N ARG D 114 38.29 -27.92 -93.72
CA ARG D 114 37.87 -29.09 -92.96
C ARG D 114 38.49 -30.30 -93.62
N GLN D 115 38.23 -30.48 -94.92
CA GLN D 115 38.74 -31.60 -95.69
C GLN D 115 40.24 -31.77 -95.44
N ALA D 116 40.98 -30.68 -95.60
CA ALA D 116 42.42 -30.71 -95.37
C ALA D 116 42.72 -31.23 -93.97
N ARG D 117 41.95 -30.75 -92.99
CA ARG D 117 42.15 -31.17 -91.63
C ARG D 117 42.14 -32.70 -91.59
N GLN D 118 41.16 -33.31 -92.25
CA GLN D 118 41.04 -34.77 -92.26
C GLN D 118 42.18 -35.45 -93.00
N LEU D 119 42.54 -34.92 -94.17
CA LEU D 119 43.62 -35.51 -94.93
C LEU D 119 44.86 -35.56 -94.05
N VAL D 120 45.13 -34.48 -93.35
CA VAL D 120 46.27 -34.43 -92.46
C VAL D 120 46.07 -35.50 -91.37
N ARG D 121 44.88 -35.47 -90.77
CA ARG D 121 44.50 -36.39 -89.71
C ARG D 121 44.62 -37.87 -90.10
N HIS D 122 43.92 -38.25 -91.16
CA HIS D 122 43.95 -39.63 -91.66
C HIS D 122 45.28 -40.04 -92.30
N GLY D 123 46.35 -39.30 -91.99
CA GLY D 123 47.68 -39.62 -92.50
C GLY D 123 48.06 -39.34 -93.95
N HIS D 124 47.09 -39.03 -94.79
CA HIS D 124 47.31 -38.75 -96.21
C HIS D 124 48.25 -37.59 -96.53
N ILE D 125 49.00 -37.09 -95.54
CA ILE D 125 49.91 -35.97 -95.76
C ILE D 125 51.34 -36.19 -95.31
N THR D 126 52.26 -35.44 -95.89
CA THR D 126 53.68 -35.53 -95.58
C THR D 126 54.31 -34.17 -95.32
N VAL D 127 55.45 -34.18 -94.62
CA VAL D 127 56.19 -32.95 -94.34
C VAL D 127 57.66 -33.30 -94.31
N ASN D 128 58.32 -33.18 -95.46
CA ASN D 128 59.73 -33.49 -95.59
C ASN D 128 59.91 -34.98 -95.50
N GLY D 129 58.92 -35.71 -96.02
CA GLY D 129 58.97 -37.16 -95.96
C GLY D 129 58.11 -37.61 -94.80
N ARG D 130 58.66 -37.62 -93.59
CA ARG D 130 57.91 -38.04 -92.40
C ARG D 130 56.49 -37.54 -92.50
N ARG D 131 55.53 -38.43 -92.26
CA ARG D 131 54.13 -38.04 -92.31
C ARG D 131 53.78 -37.35 -91.01
N VAL D 132 52.81 -36.46 -91.06
CA VAL D 132 52.39 -35.70 -89.90
C VAL D 132 50.87 -35.64 -89.90
N ASP D 133 50.23 -36.14 -88.84
CA ASP D 133 48.77 -36.13 -88.75
C ASP D 133 48.26 -35.12 -87.74
N LEU D 134 49.07 -34.09 -87.47
CA LEU D 134 48.73 -33.03 -86.52
C LEU D 134 48.33 -31.75 -87.24
N PRO D 135 47.03 -31.47 -87.33
CA PRO D 135 46.52 -30.28 -88.00
C PRO D 135 47.11 -28.99 -87.45
N SER D 136 47.41 -28.98 -86.16
CA SER D 136 47.95 -27.78 -85.55
C SER D 136 49.45 -27.70 -85.77
N TYR D 137 49.98 -28.63 -86.57
CA TYR D 137 51.42 -28.65 -86.83
C TYR D 137 51.86 -27.37 -87.54
N ARG D 138 52.88 -26.70 -86.99
CA ARG D 138 53.34 -25.47 -87.60
C ARG D 138 54.41 -25.63 -88.67
N VAL D 139 54.02 -25.40 -89.91
CA VAL D 139 54.90 -25.50 -91.07
C VAL D 139 55.89 -24.33 -91.09
N ARG D 140 57.17 -24.60 -91.26
CA ARG D 140 58.17 -23.53 -91.30
C ARG D 140 58.50 -23.18 -92.77
N PRO D 141 59.33 -22.14 -93.00
CA PRO D 141 59.66 -21.81 -94.39
C PRO D 141 60.70 -22.81 -94.87
N GLY D 142 60.44 -23.43 -96.01
CA GLY D 142 61.38 -24.39 -96.54
C GLY D 142 60.98 -25.81 -96.19
N ASP D 143 59.69 -26.11 -96.32
CA ASP D 143 59.18 -27.44 -96.03
C ASP D 143 58.39 -27.93 -97.22
N GLU D 144 58.63 -29.17 -97.61
CA GLU D 144 57.88 -29.76 -98.72
C GLU D 144 56.63 -30.41 -98.14
N ILE D 145 55.48 -30.09 -98.68
CA ILE D 145 54.26 -30.68 -98.15
C ILE D 145 53.59 -31.54 -99.21
N ALA D 146 54.06 -32.79 -99.28
CA ALA D 146 53.56 -33.75 -100.26
C ALA D 146 52.43 -34.61 -99.78
N VAL D 147 51.72 -35.17 -100.75
CA VAL D 147 50.62 -36.06 -100.49
C VAL D 147 51.21 -37.44 -100.29
N ALA D 148 50.66 -38.18 -99.34
CA ALA D 148 51.12 -39.52 -99.03
C ALA D 148 51.06 -40.43 -100.25
N GLU D 149 52.17 -41.08 -100.53
CA GLU D 149 52.28 -41.98 -101.67
C GLU D 149 51.08 -42.89 -101.72
N LYS D 150 50.86 -43.63 -100.64
CA LYS D 150 49.75 -44.57 -100.59
C LYS D 150 48.40 -43.92 -100.94
N SER D 151 48.32 -42.61 -100.75
CA SER D 151 47.09 -41.88 -101.03
C SER D 151 47.10 -41.20 -102.39
N ARG D 152 48.28 -41.08 -103.00
CA ARG D 152 48.43 -40.43 -104.30
C ARG D 152 47.49 -41.04 -105.32
N ASN D 153 47.01 -42.24 -105.00
CA ASN D 153 46.11 -42.99 -105.87
C ASN D 153 44.66 -42.79 -105.46
N LEU D 154 44.45 -42.13 -104.32
CA LEU D 154 43.11 -41.88 -103.82
C LEU D 154 42.30 -41.00 -104.74
N GLU D 155 41.11 -41.49 -105.10
CA GLU D 155 40.21 -40.78 -105.98
C GLU D 155 40.17 -39.28 -105.69
N LEU D 156 39.88 -38.97 -104.43
CA LEU D 156 39.79 -37.60 -103.93
C LEU D 156 41.01 -36.77 -104.31
N ILE D 157 42.19 -37.26 -103.93
CA ILE D 157 43.42 -36.55 -104.20
C ILE D 157 43.69 -36.33 -105.68
N ARG D 158 43.30 -37.29 -106.52
CA ARG D 158 43.53 -37.14 -107.95
C ARG D 158 42.63 -36.05 -108.54
N GLN D 159 41.37 -35.98 -108.10
CA GLN D 159 40.46 -34.95 -108.61
C GLN D 159 40.99 -33.55 -108.30
N ASN D 160 41.21 -33.29 -107.01
CA ASN D 160 41.67 -31.98 -106.54
C ASN D 160 43.00 -31.56 -107.13
N LEU D 161 43.95 -32.48 -107.23
CA LEU D 161 45.25 -32.13 -107.81
C LEU D 161 45.11 -31.95 -109.31
N GLU D 162 44.05 -32.51 -109.87
CA GLU D 162 43.77 -32.38 -111.30
C GLU D 162 43.33 -30.94 -111.51
N ALA D 163 42.12 -30.64 -111.05
CA ALA D 163 41.56 -29.29 -111.17
C ALA D 163 42.60 -28.26 -110.73
N MET D 164 43.58 -28.72 -109.96
CA MET D 164 44.63 -27.83 -109.51
C MET D 164 45.57 -27.47 -110.64
N LYS D 165 45.35 -28.08 -111.80
CA LYS D 165 46.17 -27.79 -112.98
C LYS D 165 45.81 -26.38 -113.45
N GLY D 166 46.81 -25.52 -113.54
CA GLY D 166 46.57 -24.16 -113.96
C GLY D 166 46.45 -23.24 -112.77
N ARG D 167 45.53 -23.55 -111.86
CA ARG D 167 45.31 -22.76 -110.65
C ARG D 167 46.63 -22.27 -110.08
N LYS D 168 46.79 -20.96 -109.95
CA LYS D 168 48.02 -20.41 -109.40
C LYS D 168 48.05 -20.68 -107.90
N VAL D 169 49.12 -20.23 -107.24
CA VAL D 169 49.29 -20.45 -105.81
C VAL D 169 49.85 -19.23 -105.12
N GLY D 170 49.52 -19.05 -103.84
CA GLY D 170 50.03 -17.92 -103.08
C GLY D 170 51.50 -17.65 -103.30
N PRO D 171 51.90 -16.37 -103.37
CA PRO D 171 53.29 -15.96 -103.58
C PRO D 171 54.26 -16.40 -102.49
N TRP D 172 53.74 -17.01 -101.42
CA TRP D 172 54.59 -17.48 -100.33
C TRP D 172 54.66 -18.99 -100.37
N LEU D 173 54.02 -19.55 -101.40
CA LEU D 173 53.98 -20.98 -101.63
C LEU D 173 54.54 -21.35 -103.01
N SER D 174 54.21 -22.56 -103.46
CA SER D 174 54.64 -23.08 -104.76
C SER D 174 54.37 -24.58 -104.73
N LEU D 175 53.95 -25.15 -105.85
CA LEU D 175 53.69 -26.58 -105.85
C LEU D 175 54.04 -27.29 -107.16
N ASP D 176 54.48 -28.53 -107.03
CA ASP D 176 54.84 -29.36 -108.16
C ASP D 176 53.67 -30.34 -108.32
N VAL D 177 52.67 -29.95 -109.12
CA VAL D 177 51.49 -30.80 -109.30
C VAL D 177 51.81 -32.20 -109.85
N GLU D 178 53.08 -32.43 -110.18
CA GLU D 178 53.53 -33.72 -110.70
C GLU D 178 53.57 -34.72 -109.55
N GLY D 179 54.60 -34.60 -108.70
CA GLY D 179 54.75 -35.48 -107.58
C GLY D 179 53.86 -35.04 -106.43
N MET D 180 52.92 -34.16 -106.73
CA MET D 180 51.98 -33.65 -105.75
C MET D 180 52.74 -33.12 -104.53
N LYS D 181 53.71 -32.25 -104.80
CA LYS D 181 54.52 -31.65 -103.76
C LYS D 181 54.23 -30.17 -103.75
N GLY D 182 54.78 -29.46 -102.77
CA GLY D 182 54.59 -28.03 -102.66
C GLY D 182 55.50 -27.52 -101.56
N LYS D 183 55.89 -26.26 -101.61
CA LYS D 183 56.78 -25.72 -100.58
C LYS D 183 56.27 -24.44 -99.93
N PHE D 184 56.55 -24.33 -98.64
CA PHE D 184 56.19 -23.16 -97.84
C PHE D 184 57.42 -22.26 -97.96
N LEU D 185 57.34 -21.32 -98.91
CA LEU D 185 58.45 -20.40 -99.16
C LEU D 185 58.75 -19.44 -98.04
N ARG D 186 57.72 -18.73 -97.58
CA ARG D 186 57.89 -17.77 -96.50
C ARG D 186 56.57 -17.52 -95.77
N LEU D 187 56.66 -16.87 -94.60
CA LEU D 187 55.46 -16.54 -93.84
C LEU D 187 54.68 -15.47 -94.60
N PRO D 188 53.42 -15.75 -94.93
CA PRO D 188 52.66 -14.74 -95.67
C PRO D 188 52.54 -13.44 -94.87
N ASP D 189 52.43 -12.33 -95.59
CA ASP D 189 52.32 -11.02 -94.97
C ASP D 189 50.87 -10.60 -95.06
N ARG D 190 50.47 -9.66 -94.24
CA ARG D 190 49.09 -9.18 -94.25
C ARG D 190 48.57 -8.92 -95.66
N GLU D 191 49.41 -8.36 -96.54
CA GLU D 191 49.01 -8.06 -97.91
C GLU D 191 48.71 -9.31 -98.72
N ASP D 192 49.47 -10.38 -98.48
CA ASP D 192 49.30 -11.65 -99.20
C ASP D 192 47.94 -12.30 -99.01
N LEU D 193 47.27 -11.97 -97.92
CA LEU D 193 45.96 -12.55 -97.63
C LEU D 193 44.82 -11.57 -97.97
N ALA D 194 43.80 -12.05 -98.65
CA ALA D 194 42.67 -11.19 -98.97
C ALA D 194 41.60 -11.54 -97.96
N LEU D 195 41.96 -11.49 -96.69
CA LEU D 195 41.02 -11.83 -95.62
C LEU D 195 40.06 -10.71 -95.32
N PRO D 196 38.76 -11.02 -95.31
CA PRO D 196 37.70 -10.03 -95.02
C PRO D 196 37.75 -9.80 -93.51
N VAL D 197 38.97 -9.56 -93.02
CA VAL D 197 39.21 -9.39 -91.60
C VAL D 197 39.95 -8.10 -91.30
N ASN D 198 39.74 -7.59 -90.10
CA ASN D 198 40.41 -6.40 -89.66
C ASN D 198 41.06 -6.75 -88.33
N GLU D 199 42.23 -7.39 -88.37
CA GLU D 199 42.89 -7.79 -87.14
C GLU D 199 42.95 -6.65 -86.13
N GLN D 200 42.86 -5.42 -86.63
CA GLN D 200 42.86 -4.25 -85.75
C GLN D 200 41.89 -4.50 -84.62
N LEU D 201 40.66 -4.84 -84.98
CA LEU D 201 39.63 -5.11 -84.00
C LEU D 201 39.86 -6.41 -83.25
N VAL D 202 40.58 -7.36 -83.85
CA VAL D 202 40.83 -8.61 -83.14
C VAL D 202 41.79 -8.33 -82.00
N ILE D 203 42.79 -7.51 -82.26
CA ILE D 203 43.75 -7.18 -81.22
C ILE D 203 43.01 -6.43 -80.13
N GLU D 204 42.21 -5.45 -80.54
CA GLU D 204 41.46 -4.67 -79.59
C GLU D 204 40.52 -5.53 -78.73
N PHE D 205 39.96 -6.57 -79.31
CA PHE D 205 39.06 -7.43 -78.57
C PHE D 205 39.79 -8.18 -77.46
N TYR D 206 41.03 -8.55 -77.69
CA TYR D 206 41.75 -9.26 -76.66
C TYR D 206 42.37 -8.27 -75.69
N SER D 207 42.13 -6.99 -75.94
CA SER D 207 42.64 -5.91 -75.10
C SER D 207 41.76 -5.74 -73.88
N ARG D 208 40.45 -5.74 -74.13
CA ARG D 208 39.43 -5.59 -73.09
C ARG D 208 39.85 -6.27 -71.80
N ASP E 1 36.15 9.89 -97.21
CA ASP E 1 36.45 11.08 -96.39
C ASP E 1 36.36 10.82 -94.87
N PHE E 2 35.41 11.48 -94.21
CA PHE E 2 35.22 11.34 -92.76
C PHE E 2 34.31 10.20 -92.34
N GLU E 3 34.85 9.28 -91.55
CA GLU E 3 34.09 8.16 -91.02
C GLU E 3 33.42 8.80 -89.81
N GLU E 4 32.35 8.20 -89.31
CA GLU E 4 31.63 8.80 -88.19
C GLU E 4 31.19 7.81 -87.11
N LYS E 5 31.87 7.82 -85.97
CA LYS E 5 31.53 6.91 -84.87
C LYS E 5 30.79 7.67 -83.77
N MET E 6 29.77 7.04 -83.20
CA MET E 6 28.97 7.64 -82.13
C MET E 6 29.32 7.06 -80.75
N ILE E 7 29.97 7.87 -79.93
CA ILE E 7 30.41 7.45 -78.59
C ILE E 7 29.29 7.08 -77.63
N LEU E 8 28.35 8.01 -77.41
CA LEU E 8 27.21 7.72 -76.54
C LEU E 8 26.09 8.72 -76.74
N ILE E 9 24.87 8.24 -76.55
CA ILE E 9 23.71 9.11 -76.64
C ILE E 9 22.89 8.86 -75.40
N ARG E 10 22.59 9.92 -74.65
CA ARG E 10 21.83 9.81 -73.42
C ARG E 10 20.53 10.57 -73.52
N ARG E 11 19.58 10.18 -72.68
CA ARG E 11 18.27 10.78 -72.71
C ARG E 11 18.01 12.02 -71.89
N THR E 12 18.78 12.27 -70.84
CA THR E 12 18.61 13.51 -70.04
C THR E 12 17.19 14.14 -69.88
N ALA E 13 16.71 14.32 -68.65
CA ALA E 13 15.39 14.92 -68.45
C ALA E 13 15.37 16.28 -67.76
N ARG E 14 14.22 16.95 -67.83
CA ARG E 14 14.01 18.26 -67.24
C ARG E 14 12.60 18.37 -66.64
N MET E 15 12.39 19.32 -65.74
CA MET E 15 11.10 19.46 -65.09
C MET E 15 10.33 20.74 -65.37
N GLN E 16 9.03 20.56 -65.51
CA GLN E 16 8.07 21.63 -65.73
C GLN E 16 6.94 21.09 -64.90
N ALA E 17 5.89 21.87 -64.73
CA ALA E 17 4.75 21.35 -64.01
C ALA E 17 4.32 20.26 -64.96
N GLY E 18 3.22 19.59 -64.64
CA GLY E 18 2.78 18.58 -65.57
C GLY E 18 3.79 17.49 -65.88
N GLY E 19 5.07 17.66 -65.55
CA GLY E 19 6.00 16.58 -65.82
C GLY E 19 7.41 16.77 -66.34
N ARG E 20 7.99 15.64 -66.75
CA ARG E 20 9.33 15.56 -67.30
C ARG E 20 9.33 15.97 -68.78
N ARG E 21 10.47 16.47 -69.23
CA ARG E 21 10.62 16.89 -70.61
C ARG E 21 12.05 16.66 -71.03
N PHE E 22 12.24 15.61 -71.81
CA PHE E 22 13.57 15.19 -72.23
C PHE E 22 14.21 15.82 -73.45
N ARG E 23 15.53 15.67 -73.51
CA ARG E 23 16.39 16.13 -74.60
C ARG E 23 17.36 14.98 -74.79
N PHE E 24 18.05 14.95 -75.92
CA PHE E 24 19.02 13.89 -76.14
C PHE E 24 20.33 14.53 -76.45
N GLY E 25 21.39 13.91 -75.99
CA GLY E 25 22.72 14.42 -76.24
C GLY E 25 23.48 13.31 -76.89
N ALA E 26 24.27 13.65 -77.90
CA ALA E 26 25.03 12.62 -78.58
C ALA E 26 26.48 13.06 -78.73
N LEU E 27 27.40 12.18 -78.37
CA LEU E 27 28.81 12.49 -78.51
C LEU E 27 29.21 11.79 -79.79
N VAL E 28 29.82 12.53 -80.71
CA VAL E 28 30.21 11.92 -81.96
C VAL E 28 31.64 12.21 -82.37
N VAL E 29 32.35 11.16 -82.79
CA VAL E 29 33.71 11.30 -83.27
C VAL E 29 33.68 11.24 -84.78
N VAL E 30 34.56 12.01 -85.40
CA VAL E 30 34.63 12.08 -86.84
C VAL E 30 36.10 12.10 -87.21
N GLY E 31 36.48 11.19 -88.11
CA GLY E 31 37.87 11.13 -88.52
C GLY E 31 38.03 10.54 -89.90
N ASP E 32 39.20 10.77 -90.50
CA ASP E 32 39.49 10.23 -91.82
C ASP E 32 40.45 9.04 -91.71
N ARG E 33 40.89 8.76 -90.48
CA ARG E 33 41.81 7.68 -90.22
C ARG E 33 43.15 8.01 -90.84
N GLN E 34 43.29 9.27 -91.24
CA GLN E 34 44.52 9.75 -91.84
C GLN E 34 45.32 10.64 -90.89
N GLY E 35 44.65 11.29 -89.96
CA GLY E 35 45.36 12.14 -89.03
C GLY E 35 44.47 13.27 -88.59
N ARG E 36 43.20 13.18 -88.96
CA ARG E 36 42.22 14.19 -88.63
C ARG E 36 41.06 13.60 -87.82
N VAL E 37 40.82 14.16 -86.63
CA VAL E 37 39.72 13.72 -85.78
C VAL E 37 39.07 14.94 -85.19
N GLY E 38 37.76 14.82 -85.02
CA GLY E 38 36.97 15.89 -84.45
C GLY E 38 35.98 15.28 -83.49
N LEU E 39 35.72 15.98 -82.40
CA LEU E 39 34.77 15.52 -81.39
C LEU E 39 33.68 16.55 -81.30
N GLY E 40 32.43 16.10 -81.27
CA GLY E 40 31.35 17.05 -81.18
C GLY E 40 30.23 16.55 -80.30
N PHE E 41 29.73 17.42 -79.43
CA PHE E 41 28.65 17.03 -78.55
C PHE E 41 27.44 17.86 -78.90
N GLY E 42 26.44 17.20 -79.48
CA GLY E 42 25.24 17.92 -79.88
C GLY E 42 23.98 17.41 -79.24
N LYS E 43 23.18 18.37 -78.74
CA LYS E 43 21.93 18.06 -78.08
C LYS E 43 20.77 18.57 -78.89
N ALA E 44 19.67 17.84 -78.82
CA ALA E 44 18.46 18.19 -79.56
C ALA E 44 17.27 17.39 -79.03
N PRO E 45 16.06 17.89 -79.29
CA PRO E 45 14.84 17.21 -78.84
C PRO E 45 14.63 15.82 -79.42
N GLU E 46 15.48 15.42 -80.36
CA GLU E 46 15.35 14.10 -80.96
C GLU E 46 16.71 13.47 -81.19
N VAL E 47 16.79 12.16 -81.00
CA VAL E 47 18.05 11.44 -81.18
C VAL E 47 18.77 11.79 -82.49
N PRO E 48 18.07 11.71 -83.63
CA PRO E 48 18.68 12.03 -84.91
C PRO E 48 19.19 13.46 -85.02
N LEU E 49 18.33 14.44 -84.79
CA LEU E 49 18.79 15.82 -84.90
C LEU E 49 20.03 16.01 -84.01
N ALA E 50 20.08 15.22 -82.94
CA ALA E 50 21.18 15.28 -82.00
C ALA E 50 22.47 14.77 -82.64
N VAL E 51 22.43 13.54 -83.13
CA VAL E 51 23.58 12.93 -83.77
C VAL E 51 24.03 13.87 -84.89
N GLN E 52 23.08 14.26 -85.73
CA GLN E 52 23.40 15.16 -86.82
C GLN E 52 24.03 16.43 -86.31
N LYS E 53 23.47 17.02 -85.26
CA LYS E 53 24.05 18.24 -84.71
C LYS E 53 25.49 17.98 -84.24
N ALA E 54 25.70 16.84 -83.57
CA ALA E 54 27.02 16.49 -83.08
C ALA E 54 27.96 16.32 -84.27
N GLY E 55 27.58 15.48 -85.22
CA GLY E 55 28.39 15.24 -86.40
C GLY E 55 28.91 16.57 -86.91
N TYR E 56 27.98 17.46 -87.24
CA TYR E 56 28.31 18.79 -87.73
C TYR E 56 29.27 19.50 -86.78
N TYR E 57 29.00 19.44 -85.48
CA TYR E 57 29.86 20.09 -84.52
C TYR E 57 31.24 19.48 -84.47
N ALA E 58 31.32 18.17 -84.63
CA ALA E 58 32.61 17.49 -84.60
C ALA E 58 33.46 17.92 -85.79
N ARG E 59 32.81 17.99 -86.95
CA ARG E 59 33.47 18.35 -88.21
C ARG E 59 34.14 19.71 -88.10
N ARG E 60 33.56 20.58 -87.30
CA ARG E 60 34.14 21.88 -87.04
C ARG E 60 34.88 21.54 -85.77
N ASN E 61 36.13 21.98 -85.64
CA ASN E 61 36.94 21.64 -84.47
C ASN E 61 37.58 20.25 -84.68
N MET E 62 38.57 20.21 -85.57
CA MET E 62 39.26 18.97 -85.86
C MET E 62 40.68 19.10 -85.29
N VAL E 63 41.32 17.96 -85.02
CA VAL E 63 42.68 18.01 -84.53
C VAL E 63 43.59 17.25 -85.46
N GLU E 64 44.80 17.76 -85.64
CA GLU E 64 45.81 17.14 -86.50
C GLU E 64 46.72 16.23 -85.68
N VAL E 65 46.48 14.93 -85.77
CA VAL E 65 47.25 13.93 -85.04
C VAL E 65 48.56 13.58 -85.74
N PRO E 66 49.70 13.93 -85.13
CA PRO E 66 51.05 13.68 -85.66
C PRO E 66 51.39 12.21 -85.66
N LEU E 67 50.64 11.40 -86.41
CA LEU E 67 50.90 9.96 -86.47
C LEU E 67 52.31 9.66 -86.96
N GLN E 68 52.84 8.51 -86.55
CA GLN E 68 54.17 8.09 -86.95
C GLN E 68 54.17 6.58 -86.97
N ASN E 69 53.93 6.01 -88.14
CA ASN E 69 53.91 4.57 -88.26
C ASN E 69 52.73 4.04 -87.43
N GLY E 70 51.58 4.69 -87.57
CA GLY E 70 50.39 4.27 -86.85
C GLY E 70 50.37 4.48 -85.34
N THR E 71 51.48 4.95 -84.79
CA THR E 71 51.54 5.20 -83.36
C THR E 71 51.86 6.67 -83.12
N ILE E 72 52.00 7.02 -81.86
CA ILE E 72 52.23 8.39 -81.47
C ILE E 72 53.67 8.68 -81.05
N PRO E 73 54.10 9.93 -81.24
CA PRO E 73 55.43 10.44 -80.92
C PRO E 73 55.91 10.37 -79.49
N HIS E 74 54.99 10.42 -78.53
CA HIS E 74 55.40 10.35 -77.12
C HIS E 74 54.21 10.21 -76.22
N GLU E 75 54.45 9.95 -74.94
CA GLU E 75 53.37 9.77 -73.98
C GLU E 75 52.95 11.10 -73.39
N ILE E 76 51.64 11.31 -73.30
CA ILE E 76 51.12 12.51 -72.68
C ILE E 76 50.08 12.00 -71.71
N GLU E 77 49.90 12.75 -70.64
CA GLU E 77 48.89 12.43 -69.66
C GLU E 77 48.10 13.72 -69.60
N VAL E 78 46.79 13.65 -69.67
CA VAL E 78 46.03 14.86 -69.63
C VAL E 78 44.84 14.76 -68.71
N GLU E 79 44.69 15.73 -67.83
CA GLU E 79 43.57 15.76 -66.90
C GLU E 79 42.56 16.75 -67.44
N PHE E 80 41.29 16.39 -67.39
CA PHE E 80 40.25 17.31 -67.83
C PHE E 80 39.14 17.06 -66.85
N GLY E 81 38.95 18.00 -65.92
CA GLY E 81 37.95 17.82 -64.90
C GLY E 81 38.59 16.81 -63.98
N ALA E 82 37.88 15.75 -63.64
CA ALA E 82 38.44 14.74 -62.77
C ALA E 82 38.85 13.53 -63.61
N SER E 83 38.81 13.71 -64.92
CA SER E 83 39.17 12.67 -65.86
C SER E 83 40.59 12.86 -66.29
N LYS E 84 41.37 11.79 -66.20
CA LYS E 84 42.77 11.80 -66.56
C LYS E 84 42.89 10.74 -67.64
N ILE E 85 43.56 11.08 -68.75
CA ILE E 85 43.74 10.11 -69.83
C ILE E 85 45.24 9.96 -70.01
N VAL E 86 45.67 8.73 -70.27
CA VAL E 86 47.09 8.47 -70.46
C VAL E 86 47.35 7.75 -71.77
N LEU E 87 48.21 8.33 -72.60
CA LEU E 87 48.56 7.73 -73.88
C LEU E 87 50.06 7.43 -73.92
N LYS E 88 50.38 6.24 -74.40
CA LYS E 88 51.76 5.77 -74.50
C LYS E 88 51.92 5.12 -75.88
N PRO E 89 52.99 5.48 -76.61
CA PRO E 89 53.19 4.87 -77.94
C PRO E 89 53.54 3.39 -77.90
N ALA E 90 53.14 2.66 -78.93
CA ALA E 90 53.41 1.23 -79.01
C ALA E 90 53.98 0.81 -80.37
N ALA E 91 54.63 -0.34 -80.40
CA ALA E 91 55.17 -0.85 -81.66
C ALA E 91 54.03 -1.40 -82.49
N PRO E 92 54.31 -1.83 -83.72
CA PRO E 92 53.23 -2.37 -84.55
C PRO E 92 52.84 -3.77 -84.11
N GLY E 93 51.55 -4.07 -84.20
CA GLY E 93 51.06 -5.38 -83.81
C GLY E 93 50.50 -5.33 -82.39
N THR E 94 50.64 -4.18 -81.75
CA THR E 94 50.14 -3.98 -80.40
C THR E 94 48.62 -3.81 -80.41
N GLY E 95 48.13 -3.00 -81.34
CA GLY E 95 46.70 -2.75 -81.46
C GLY E 95 46.32 -1.48 -80.72
N VAL E 96 45.08 -1.03 -80.89
CA VAL E 96 44.65 0.16 -80.18
C VAL E 96 44.09 -0.40 -78.89
N ILE E 97 44.90 -0.34 -77.83
CA ILE E 97 44.51 -0.86 -76.53
C ILE E 97 44.00 0.23 -75.59
N ALA E 98 42.69 0.42 -75.61
CA ALA E 98 42.08 1.45 -74.80
C ALA E 98 40.60 1.15 -74.60
N GLY E 99 39.99 1.86 -73.66
CA GLY E 99 38.56 1.68 -73.43
C GLY E 99 37.83 2.30 -74.60
N ALA E 100 36.58 1.93 -74.81
CA ALA E 100 35.82 2.46 -75.93
C ALA E 100 36.06 3.94 -76.27
N VAL E 101 35.39 4.84 -75.56
CA VAL E 101 35.55 6.27 -75.81
C VAL E 101 36.94 6.62 -76.34
N PRO E 102 38.00 6.37 -75.54
CA PRO E 102 39.35 6.69 -76.04
C PRO E 102 39.66 6.04 -77.38
N ARG E 103 39.38 4.75 -77.48
CA ARG E 103 39.65 3.99 -78.69
C ARG E 103 38.97 4.62 -79.91
N ALA E 104 37.65 4.70 -79.88
CA ALA E 104 36.86 5.26 -80.96
C ALA E 104 37.49 6.51 -81.56
N ILE E 105 38.05 7.36 -80.71
CA ILE E 105 38.68 8.56 -81.20
C ILE E 105 40.00 8.17 -81.83
N LEU E 106 40.84 7.48 -81.07
CA LEU E 106 42.13 7.06 -81.57
C LEU E 106 42.09 6.33 -82.92
N GLU E 107 41.04 5.55 -83.16
CA GLU E 107 40.88 4.82 -84.42
C GLU E 107 40.66 5.80 -85.56
N LEU E 108 39.56 6.54 -85.53
CA LEU E 108 39.31 7.50 -86.59
C LEU E 108 40.48 8.45 -86.63
N ALA E 109 41.19 8.58 -85.52
CA ALA E 109 42.33 9.47 -85.50
C ALA E 109 43.38 8.94 -86.47
N GLY E 110 43.28 7.66 -86.79
CA GLY E 110 44.26 7.08 -87.69
C GLY E 110 45.28 6.27 -86.90
N VAL E 111 45.22 6.38 -85.58
CA VAL E 111 46.15 5.61 -84.77
C VAL E 111 45.80 4.15 -84.95
N THR E 112 46.79 3.29 -84.79
CA THR E 112 46.54 1.88 -85.00
C THR E 112 47.27 1.04 -83.93
N ASP E 113 48.19 1.68 -83.21
CA ASP E 113 48.93 1.01 -82.17
C ASP E 113 49.24 1.93 -81.00
N ILE E 114 48.53 1.75 -79.87
CA ILE E 114 48.79 2.53 -78.66
C ILE E 114 48.45 1.79 -77.38
N LEU E 115 49.05 2.30 -76.30
CA LEU E 115 48.82 1.83 -74.93
C LEU E 115 48.08 3.01 -74.28
N THR E 116 46.96 2.70 -73.65
CA THR E 116 46.10 3.71 -73.07
C THR E 116 45.76 3.44 -71.62
N LYS E 117 45.13 4.42 -70.98
CA LYS E 117 44.67 4.27 -69.60
C LYS E 117 43.84 5.41 -69.08
N GLU E 118 42.61 5.09 -68.68
CA GLU E 118 41.70 6.08 -68.11
C GLU E 118 41.88 6.11 -66.59
N LEU E 119 42.18 7.28 -66.06
CA LEU E 119 42.35 7.39 -64.64
C LEU E 119 41.44 8.48 -64.11
N GLY E 120 41.06 8.39 -62.83
CA GLY E 120 40.18 9.38 -62.24
C GLY E 120 38.74 9.21 -62.68
N SER E 121 38.04 10.32 -62.87
CA SER E 121 36.66 10.26 -63.32
C SER E 121 36.60 9.61 -64.69
N ARG E 122 35.71 8.66 -64.86
CA ARG E 122 35.61 8.02 -66.15
C ARG E 122 34.37 8.41 -66.93
N ASN E 123 33.97 9.66 -66.77
CA ASN E 123 32.82 10.14 -67.49
C ASN E 123 33.18 10.16 -68.96
N PRO E 124 32.55 9.28 -69.76
CA PRO E 124 32.90 9.28 -71.18
C PRO E 124 33.08 10.68 -71.73
N ILE E 125 32.08 11.53 -71.55
CA ILE E 125 32.18 12.88 -72.06
C ILE E 125 33.42 13.64 -71.61
N ASN E 126 33.87 13.42 -70.39
CA ASN E 126 35.07 14.11 -69.95
C ASN E 126 36.33 13.40 -70.37
N ILE E 127 36.25 12.08 -70.52
CA ILE E 127 37.40 11.30 -70.96
C ILE E 127 37.63 11.64 -72.44
N ALA E 128 36.53 11.90 -73.14
CA ALA E 128 36.59 12.27 -74.55
C ALA E 128 37.36 13.59 -74.66
N TYR E 129 36.82 14.67 -74.07
CA TYR E 129 37.49 15.96 -74.10
C TYR E 129 38.96 15.80 -73.68
N ALA E 130 39.18 14.99 -72.66
CA ALA E 130 40.52 14.73 -72.15
C ALA E 130 41.40 14.16 -73.25
N THR E 131 40.87 13.18 -73.97
CA THR E 131 41.62 12.56 -75.05
C THR E 131 41.98 13.61 -76.09
N MET E 132 40.98 14.23 -76.69
CA MET E 132 41.20 15.28 -77.68
C MET E 132 42.29 16.24 -77.25
N GLU E 133 42.23 16.72 -76.00
CA GLU E 133 43.26 17.63 -75.53
C GLU E 133 44.61 16.96 -75.58
N ALA E 134 44.68 15.71 -75.13
CA ALA E 134 45.93 14.98 -75.16
C ALA E 134 46.47 14.96 -76.58
N LEU E 135 45.59 14.70 -77.55
CA LEU E 135 46.03 14.66 -78.93
C LEU E 135 46.56 16.04 -79.35
N ARG E 136 45.81 17.10 -79.09
CA ARG E 136 46.27 18.43 -79.46
C ARG E 136 47.68 18.73 -78.97
N GLN E 137 48.00 18.29 -77.75
CA GLN E 137 49.30 18.59 -77.19
C GLN E 137 50.49 17.81 -77.73
N LEU E 138 50.21 16.77 -78.52
CA LEU E 138 51.29 15.97 -79.10
C LEU E 138 52.22 16.89 -79.90
N ARG E 139 53.51 16.60 -79.82
CA ARG E 139 54.51 17.38 -80.53
C ARG E 139 55.51 16.45 -81.19
N THR E 140 56.23 16.97 -82.19
CA THR E 140 57.21 16.17 -82.92
C THR E 140 58.60 16.72 -82.76
N LYS E 141 59.59 15.82 -82.79
CA LYS E 141 60.98 16.23 -82.68
C LYS E 141 61.14 17.46 -83.58
N ALA E 142 60.34 17.50 -84.64
CA ALA E 142 60.35 18.62 -85.55
C ALA E 142 59.93 19.86 -84.80
N ASP E 143 58.66 19.91 -84.40
CA ASP E 143 58.07 21.02 -83.66
C ASP E 143 58.93 21.46 -82.48
N VAL E 144 59.45 20.48 -81.75
CA VAL E 144 60.28 20.73 -80.59
C VAL E 144 61.56 21.41 -81.00
N GLU E 145 62.23 20.87 -82.03
CA GLU E 145 63.48 21.44 -82.54
C GLU E 145 63.19 22.85 -82.99
N ARG E 146 62.06 22.99 -83.70
CA ARG E 146 61.60 24.27 -84.20
C ARG E 146 61.43 25.23 -83.03
N LEU E 147 60.69 24.82 -82.00
CA LEU E 147 60.45 25.63 -80.81
C LEU E 147 61.68 26.10 -80.08
N ARG E 148 62.75 25.31 -80.12
CA ARG E 148 63.96 25.66 -79.41
C ARG E 148 65.10 26.25 -80.24
N LYS E 149 64.81 26.66 -81.48
CA LYS E 149 65.83 27.26 -82.36
C LYS E 149 66.32 28.59 -81.79
N GLY E 150 65.73 29.68 -82.27
CA GLY E 150 66.13 31.00 -81.82
C GLY E 150 67.58 31.36 -82.09
N MET F 1 63.28 61.11 -13.01
CA MET F 1 61.98 61.81 -12.80
C MET F 1 61.28 62.09 -14.13
N ARG F 2 59.98 62.36 -14.05
CA ARG F 2 59.18 62.67 -15.23
C ARG F 2 58.40 63.96 -14.98
N ARG F 3 58.21 64.74 -16.04
CA ARG F 3 57.48 66.01 -15.96
C ARG F 3 55.96 65.77 -16.07
N TYR F 4 55.20 66.23 -15.09
CA TYR F 4 53.74 66.05 -15.10
C TYR F 4 52.96 67.36 -15.11
N GLU F 5 51.65 67.24 -14.96
CA GLU F 5 50.75 68.38 -14.92
C GLU F 5 49.62 68.09 -13.95
N VAL F 6 49.69 68.71 -12.77
CA VAL F 6 48.68 68.51 -11.75
C VAL F 6 47.53 69.50 -11.95
N ASN F 7 46.31 68.98 -11.86
CA ASN F 7 45.11 69.79 -11.99
C ASN F 7 44.38 69.59 -10.68
N ILE F 8 43.82 70.67 -10.15
CA ILE F 8 43.10 70.56 -8.89
C ILE F 8 41.90 71.49 -8.88
N VAL F 9 40.72 70.92 -8.66
CA VAL F 9 39.50 71.71 -8.61
C VAL F 9 38.93 71.64 -7.21
N LEU F 10 38.90 72.78 -6.52
CA LEU F 10 38.39 72.83 -5.17
C LEU F 10 37.25 73.83 -5.01
N ASN F 11 36.50 73.65 -3.92
CA ASN F 11 35.35 74.49 -3.59
C ASN F 11 35.51 75.97 -3.94
N PRO F 12 34.54 76.53 -4.67
CA PRO F 12 34.57 77.94 -5.09
C PRO F 12 34.02 78.88 -4.02
N ASN F 13 33.80 78.35 -2.82
CA ASN F 13 33.27 79.15 -1.73
C ASN F 13 34.24 79.36 -0.59
N LEU F 14 35.52 79.23 -0.87
CA LEU F 14 36.51 79.43 0.19
C LEU F 14 36.87 80.90 0.30
N ASP F 15 37.03 81.38 1.53
CA ASP F 15 37.39 82.77 1.76
C ASP F 15 38.89 82.91 1.62
N GLN F 16 39.35 84.14 1.37
CA GLN F 16 40.76 84.42 1.20
C GLN F 16 41.68 83.51 2.03
N SER F 17 41.31 83.31 3.30
CA SER F 17 42.08 82.48 4.22
C SER F 17 41.91 81.00 3.95
N GLN F 18 40.69 80.50 4.12
CA GLN F 18 40.37 79.08 3.89
C GLN F 18 41.05 78.54 2.64
N LEU F 19 41.01 79.34 1.57
CA LEU F 19 41.63 78.96 0.31
C LEU F 19 43.14 78.79 0.44
N ALA F 20 43.80 79.89 0.82
CA ALA F 20 45.26 79.89 0.99
C ALA F 20 45.74 78.76 1.91
N LEU F 21 44.84 78.24 2.74
CA LEU F 21 45.19 77.15 3.65
C LEU F 21 45.26 75.83 2.91
N GLU F 22 44.32 75.62 1.99
CA GLU F 22 44.27 74.40 1.21
C GLU F 22 45.48 74.35 0.28
N LYS F 23 45.84 75.51 -0.25
CA LYS F 23 47.00 75.62 -1.13
C LYS F 23 48.25 75.26 -0.33
N GLU F 24 48.21 75.63 0.95
CA GLU F 24 49.31 75.34 1.84
C GLU F 24 49.55 73.85 1.78
N ILE F 25 48.57 73.07 2.24
CA ILE F 25 48.67 71.61 2.26
C ILE F 25 49.14 71.03 0.92
N ILE F 26 48.72 71.63 -0.18
CA ILE F 26 49.10 71.19 -1.51
C ILE F 26 50.62 71.31 -1.68
N GLN F 27 51.09 72.56 -1.62
CA GLN F 27 52.51 72.86 -1.75
C GLN F 27 53.29 71.97 -0.78
N ARG F 28 52.74 71.83 0.43
CA ARG F 28 53.35 71.01 1.46
C ARG F 28 53.40 69.57 0.99
N ALA F 29 52.26 69.10 0.48
CA ALA F 29 52.13 67.73 -0.01
C ALA F 29 53.11 67.47 -1.14
N LEU F 30 53.15 68.37 -2.10
CA LEU F 30 54.03 68.22 -3.25
C LEU F 30 55.47 67.89 -2.84
N GLU F 31 56.07 68.74 -2.01
CA GLU F 31 57.44 68.49 -1.57
C GLU F 31 57.54 67.12 -0.92
N ASN F 32 56.59 66.82 -0.04
CA ASN F 32 56.55 65.54 0.65
C ASN F 32 56.65 64.36 -0.31
N TYR F 33 56.43 64.62 -1.58
CA TYR F 33 56.50 63.55 -2.58
C TYR F 33 57.55 63.77 -3.66
N GLY F 34 58.28 64.88 -3.56
CA GLY F 34 59.32 65.17 -4.53
C GLY F 34 58.89 66.11 -5.64
N ALA F 35 57.68 66.63 -5.53
CA ALA F 35 57.17 67.54 -6.55
C ALA F 35 57.98 68.83 -6.64
N ARG F 36 58.79 68.94 -7.69
CA ARG F 36 59.60 70.14 -7.93
C ARG F 36 58.78 71.08 -8.84
N VAL F 37 58.03 71.98 -8.21
CA VAL F 37 57.16 72.94 -8.92
C VAL F 37 57.81 73.77 -10.03
N GLU F 38 57.73 73.30 -11.27
CA GLU F 38 58.31 74.02 -12.40
C GLU F 38 57.55 75.31 -12.69
N LYS F 39 56.25 75.30 -12.43
CA LYS F 39 55.45 76.50 -12.63
C LYS F 39 54.00 76.32 -12.24
N VAL F 40 53.22 77.39 -12.41
CA VAL F 40 51.81 77.36 -12.01
C VAL F 40 50.94 78.40 -12.71
N GLU F 41 49.65 78.08 -12.76
CA GLU F 41 48.64 78.94 -13.35
C GLU F 41 47.47 78.85 -12.38
N GLU F 42 46.59 79.84 -12.39
CA GLU F 42 45.46 79.82 -11.47
C GLU F 42 44.22 80.51 -12.03
N LEU F 43 43.62 79.89 -13.03
CA LEU F 43 42.41 80.41 -13.66
C LEU F 43 41.35 80.70 -12.59
N GLY F 44 41.54 80.10 -11.42
CA GLY F 44 40.62 80.32 -10.33
C GLY F 44 39.22 79.78 -10.57
N LEU F 45 38.23 80.67 -10.54
CA LEU F 45 36.84 80.27 -10.74
C LEU F 45 36.44 80.05 -12.18
N ARG F 46 35.61 79.04 -12.41
CA ARG F 46 35.10 78.73 -13.75
C ARG F 46 33.77 77.99 -13.68
N ARG F 47 32.87 78.34 -14.60
CA ARG F 47 31.53 77.76 -14.66
C ARG F 47 31.59 76.36 -15.28
N LEU F 48 31.53 75.35 -14.41
CA LEU F 48 31.57 73.94 -14.83
C LEU F 48 30.46 73.57 -15.80
N ALA F 49 30.74 72.60 -16.67
CA ALA F 49 29.77 72.16 -17.66
C ALA F 49 28.60 71.48 -16.97
N TYR F 50 28.89 70.89 -15.82
CA TYR F 50 27.88 70.20 -15.02
C TYR F 50 28.32 70.40 -13.58
N PRO F 51 27.38 70.35 -12.63
CA PRO F 51 27.75 70.53 -11.22
C PRO F 51 28.66 69.47 -10.62
N ILE F 52 29.54 69.92 -9.74
CA ILE F 52 30.47 69.04 -9.04
C ILE F 52 30.23 69.29 -7.56
N ALA F 53 29.77 68.26 -6.85
CA ALA F 53 29.48 68.40 -5.44
C ALA F 53 28.35 69.42 -5.29
N LYS F 54 27.35 69.28 -6.15
CA LYS F 54 26.18 70.17 -6.17
C LYS F 54 26.54 71.57 -6.63
N ASP F 55 27.77 71.99 -6.34
CA ASP F 55 28.26 73.32 -6.70
C ASP F 55 28.47 73.41 -8.21
N PRO F 56 27.84 74.39 -8.89
CA PRO F 56 27.96 74.59 -10.34
C PRO F 56 29.23 75.30 -10.81
N GLN F 57 30.10 75.65 -9.86
CA GLN F 57 31.34 76.34 -10.19
C GLN F 57 32.52 75.59 -9.59
N GLY F 58 33.72 76.06 -9.89
CA GLY F 58 34.91 75.42 -9.35
C GLY F 58 36.10 76.35 -9.37
N TYR F 59 37.04 76.14 -8.44
CA TYR F 59 38.26 76.95 -8.37
C TYR F 59 39.41 76.07 -8.88
N PHE F 60 40.15 76.58 -9.86
CA PHE F 60 41.23 75.81 -10.46
C PHE F 60 42.66 76.18 -10.13
N LEU F 61 43.47 75.14 -10.00
CA LEU F 61 44.89 75.25 -9.71
C LEU F 61 45.60 74.32 -10.69
N TRP F 62 46.62 74.83 -11.36
CA TRP F 62 47.37 74.04 -12.34
C TRP F 62 48.87 74.09 -12.02
N TYR F 63 49.46 72.94 -11.72
CA TYR F 63 50.89 72.92 -11.42
C TYR F 63 51.64 71.96 -12.33
N GLN F 64 52.69 72.45 -12.97
CA GLN F 64 53.51 71.62 -13.83
C GLN F 64 54.74 71.22 -13.02
N VAL F 65 54.79 69.96 -12.57
CA VAL F 65 55.91 69.52 -11.75
C VAL F 65 56.87 68.54 -12.41
N GLU F 66 57.82 68.09 -11.60
CA GLU F 66 58.83 67.13 -12.00
C GLU F 66 58.99 66.31 -10.73
N MET F 67 58.83 65.00 -10.81
CA MET F 67 58.95 64.17 -9.61
C MET F 67 59.10 62.68 -9.91
N PRO F 68 59.39 61.89 -8.86
CA PRO F 68 59.56 60.43 -8.97
C PRO F 68 58.25 59.75 -9.31
N GLU F 69 58.13 59.28 -10.54
CA GLU F 69 56.91 58.61 -10.99
C GLU F 69 56.43 57.54 -10.02
N ASP F 70 57.37 56.87 -9.35
CA ASP F 70 57.03 55.82 -8.40
C ASP F 70 56.15 56.30 -7.24
N ARG F 71 55.84 57.59 -7.21
CA ARG F 71 55.00 58.14 -6.14
C ARG F 71 53.83 59.00 -6.64
N VAL F 72 53.83 59.31 -7.94
CA VAL F 72 52.77 60.11 -8.51
C VAL F 72 51.39 59.64 -8.09
N ASN F 73 51.22 58.33 -7.96
CA ASN F 73 49.92 57.82 -7.55
C ASN F 73 49.62 58.25 -6.12
N ASP F 74 50.61 58.16 -5.23
CA ASP F 74 50.40 58.55 -3.83
C ASP F 74 50.12 60.04 -3.76
N LEU F 75 50.98 60.82 -4.43
CA LEU F 75 50.84 62.27 -4.47
C LEU F 75 49.36 62.64 -4.65
N ALA F 76 48.65 61.91 -5.49
CA ALA F 76 47.25 62.23 -5.70
C ALA F 76 46.34 61.64 -4.62
N ARG F 77 46.72 60.50 -4.03
CA ARG F 77 45.88 59.93 -2.97
C ARG F 77 45.82 61.04 -1.95
N GLU F 78 47.00 61.58 -1.65
CA GLU F 78 47.16 62.65 -0.69
C GLU F 78 46.35 63.86 -1.06
N LEU F 79 46.51 64.33 -2.30
CA LEU F 79 45.78 65.49 -2.75
C LEU F 79 44.25 65.33 -2.70
N ARG F 80 43.75 64.11 -2.80
CA ARG F 80 42.30 63.89 -2.77
C ARG F 80 41.72 63.85 -1.36
N ILE F 81 42.58 63.64 -0.37
CA ILE F 81 42.17 63.56 1.04
C ILE F 81 41.43 64.79 1.53
N ARG F 82 41.84 65.96 1.06
CA ARG F 82 41.21 67.21 1.43
C ARG F 82 39.71 67.17 1.09
N ASP F 83 38.92 67.83 1.92
CA ASP F 83 37.46 67.89 1.72
C ASP F 83 37.09 68.93 0.69
N ASN F 84 37.86 70.02 0.64
CA ASN F 84 37.60 71.07 -0.33
C ASN F 84 38.12 70.69 -1.70
N VAL F 85 38.96 69.65 -1.73
CA VAL F 85 39.49 69.15 -3.00
C VAL F 85 38.43 68.25 -3.59
N ARG F 86 37.87 68.69 -4.72
CA ARG F 86 36.84 67.91 -5.39
C ARG F 86 37.19 67.46 -6.79
N ARG F 87 38.49 67.35 -7.07
CA ARG F 87 39.02 66.91 -8.37
C ARG F 87 40.54 66.99 -8.37
N VAL F 88 41.18 65.97 -8.89
CA VAL F 88 42.63 65.94 -8.96
C VAL F 88 43.07 65.10 -10.15
N MET F 89 43.63 65.74 -11.18
CA MET F 89 44.07 64.99 -12.34
C MET F 89 45.53 65.24 -12.72
N VAL F 90 46.38 64.24 -12.46
CA VAL F 90 47.80 64.34 -12.79
C VAL F 90 48.02 63.77 -14.18
N VAL F 91 48.71 64.51 -15.03
CA VAL F 91 48.93 64.07 -16.40
C VAL F 91 50.36 64.22 -16.92
N LYS F 92 50.88 63.19 -17.59
CA LYS F 92 52.23 63.27 -18.15
C LYS F 92 52.26 64.42 -19.13
N SER F 93 53.19 65.34 -18.93
CA SER F 93 53.32 66.49 -19.82
C SER F 93 53.51 65.94 -21.21
N GLN F 94 53.04 66.64 -22.21
CA GLN F 94 53.19 66.18 -23.58
C GLN F 94 53.40 67.33 -24.55
N GLU F 95 54.27 67.09 -25.53
CA GLU F 95 54.58 68.08 -26.56
C GLU F 95 53.24 68.51 -27.14
N PRO F 96 53.05 69.80 -27.35
CA PRO F 96 51.77 70.28 -27.90
C PRO F 96 51.52 69.89 -29.36
N PHE F 97 50.77 68.80 -29.57
CA PHE F 97 50.46 68.37 -30.92
C PHE F 97 49.58 69.40 -31.65
N LEU F 98 50.20 70.24 -32.48
CA LEU F 98 49.47 71.25 -33.23
C LEU F 98 48.55 70.69 -34.31
N ALA F 99 47.72 71.57 -34.86
CA ALA F 99 46.78 71.16 -35.91
C ALA F 99 46.26 72.39 -36.66
N ASN F 100 45.77 72.15 -37.88
CA ASN F 100 45.23 73.24 -38.72
C ASN F 100 46.25 74.35 -38.87
N ALA F 101 47.53 73.97 -38.94
CA ALA F 101 48.61 74.95 -39.10
C ALA F 101 49.54 74.55 -40.23
N ALA G 1 -15.28 45.49 -59.36
CA ALA G 1 -14.67 46.73 -59.93
C ALA G 1 -13.14 46.86 -59.79
N ARG G 2 -12.36 46.00 -60.43
CA ARG G 2 -10.90 46.12 -60.32
C ARG G 2 -10.36 47.27 -61.18
N ARG G 3 -10.88 47.39 -62.40
CA ARG G 3 -10.42 48.43 -63.33
C ARG G 3 -10.99 49.81 -63.06
N ARG G 4 -12.04 50.17 -63.79
CA ARG G 4 -12.68 51.49 -63.68
C ARG G 4 -13.17 51.81 -62.27
N ARG G 5 -13.82 52.95 -62.15
CA ARG G 5 -14.37 53.38 -60.87
C ARG G 5 -15.87 53.45 -61.05
N ALA G 6 -16.42 52.42 -61.69
CA ALA G 6 -17.85 52.29 -61.95
C ALA G 6 -18.64 53.57 -61.66
N GLU G 7 -18.98 54.30 -62.71
CA GLU G 7 -19.75 55.53 -62.53
C GLU G 7 -21.19 55.23 -62.16
N VAL G 8 -21.85 56.19 -61.54
CA VAL G 8 -23.22 56.01 -61.11
C VAL G 8 -24.25 56.12 -62.24
N ARG G 9 -25.17 55.16 -62.31
CA ARG G 9 -26.22 55.20 -63.31
C ARG G 9 -27.02 56.46 -63.01
N GLN G 10 -27.25 57.31 -64.01
CA GLN G 10 -28.03 58.53 -63.81
C GLN G 10 -29.49 58.19 -64.12
N LEU G 11 -30.39 58.51 -63.20
CA LEU G 11 -31.80 58.18 -63.39
C LEU G 11 -32.66 59.29 -63.98
N GLN G 12 -33.65 58.89 -64.76
CA GLN G 12 -34.58 59.84 -65.38
C GLN G 12 -35.50 60.41 -64.32
N PRO G 13 -35.55 61.75 -64.20
CA PRO G 13 -36.40 62.39 -63.18
C PRO G 13 -37.84 61.88 -63.07
N ASP G 14 -38.50 62.29 -61.98
CA ASP G 14 -39.87 61.88 -61.70
C ASP G 14 -40.85 62.38 -62.76
N LEU G 15 -41.88 61.57 -63.00
CA LEU G 15 -42.92 61.88 -63.99
C LEU G 15 -43.99 62.78 -63.38
N VAL G 16 -43.65 63.44 -62.28
CA VAL G 16 -44.58 64.33 -61.58
C VAL G 16 -43.85 65.46 -60.86
N TYR G 17 -42.73 65.14 -60.24
CA TYR G 17 -41.94 66.15 -59.55
C TYR G 17 -40.64 66.36 -60.30
N GLY G 18 -40.44 65.55 -61.35
CA GLY G 18 -39.22 65.66 -62.15
C GLY G 18 -37.98 65.60 -61.29
N ASP G 19 -38.13 64.98 -60.12
CA ASP G 19 -37.03 64.85 -59.17
C ASP G 19 -36.46 63.44 -59.28
N VAL G 20 -35.16 63.37 -59.57
CA VAL G 20 -34.47 62.09 -59.70
C VAL G 20 -34.49 61.31 -58.39
N LEU G 21 -34.20 61.99 -57.29
CA LEU G 21 -34.18 61.37 -55.97
C LEU G 21 -35.47 60.57 -55.74
N VAL G 22 -36.58 61.07 -56.29
CA VAL G 22 -37.84 60.38 -56.12
C VAL G 22 -37.84 59.05 -56.87
N THR G 23 -37.41 59.08 -58.13
CA THR G 23 -37.36 57.87 -58.94
C THR G 23 -36.59 56.82 -58.16
N ALA G 24 -35.45 57.25 -57.65
CA ALA G 24 -34.60 56.39 -56.85
C ALA G 24 -35.44 55.70 -55.77
N PHE G 25 -36.11 56.49 -54.93
CA PHE G 25 -36.94 55.94 -53.85
C PHE G 25 -37.99 54.99 -54.38
N ILE G 26 -38.56 55.31 -55.54
CA ILE G 26 -39.58 54.49 -56.15
C ILE G 26 -38.97 53.17 -56.60
N ASN G 27 -37.72 53.23 -57.05
CA ASN G 27 -37.03 52.02 -57.49
C ASN G 27 -36.74 51.10 -56.31
N LYS G 28 -36.56 51.71 -55.14
CA LYS G 28 -36.30 50.94 -53.94
C LYS G 28 -37.59 50.31 -53.42
N ILE G 29 -38.73 50.84 -53.86
CA ILE G 29 -40.00 50.28 -53.43
C ILE G 29 -40.35 49.15 -54.37
N MET G 30 -40.04 49.36 -55.65
CA MET G 30 -40.32 48.37 -56.68
C MET G 30 -39.78 46.98 -56.39
N ARG G 31 -40.45 45.97 -56.89
CA ARG G 31 -40.01 44.59 -56.69
C ARG G 31 -40.55 43.75 -57.84
N ASP G 32 -39.65 43.04 -58.53
CA ASP G 32 -39.99 42.22 -59.69
C ASP G 32 -40.26 43.15 -60.86
N GLY G 33 -39.59 44.31 -60.85
CA GLY G 33 -39.75 45.28 -61.90
C GLY G 33 -41.17 45.78 -62.14
N LYS G 34 -42.07 45.57 -61.19
CA LYS G 34 -43.43 46.05 -61.34
C LYS G 34 -43.44 47.52 -60.97
N LYS G 35 -42.67 48.30 -61.72
CA LYS G 35 -42.50 49.73 -61.53
C LYS G 35 -43.77 50.58 -61.53
N ASN G 36 -44.90 50.06 -61.99
CA ASN G 36 -46.11 50.86 -61.99
C ASN G 36 -46.63 50.87 -60.57
N LEU G 37 -46.92 49.67 -60.05
CA LEU G 37 -47.39 49.51 -58.68
C LEU G 37 -46.46 50.28 -57.74
N ALA G 38 -45.17 50.27 -58.07
CA ALA G 38 -44.18 50.98 -57.27
C ALA G 38 -44.41 52.49 -57.32
N ALA G 39 -44.60 53.03 -58.53
CA ALA G 39 -44.82 54.45 -58.70
C ALA G 39 -46.12 54.85 -58.03
N ARG G 40 -47.16 54.04 -58.24
CA ARG G 40 -48.45 54.31 -57.62
C ARG G 40 -48.27 54.48 -56.12
N ILE G 41 -47.86 53.40 -55.45
CA ILE G 41 -47.66 53.43 -54.02
C ILE G 41 -47.03 54.73 -53.53
N PHE G 42 -45.96 55.18 -54.17
CA PHE G 42 -45.32 56.40 -53.72
C PHE G 42 -46.15 57.66 -53.93
N TYR G 43 -47.00 57.66 -54.94
CA TYR G 43 -47.83 58.82 -55.22
C TYR G 43 -49.05 58.81 -54.31
N ASP G 44 -49.68 57.64 -54.17
CA ASP G 44 -50.83 57.51 -53.28
C ASP G 44 -50.36 58.03 -51.93
N ALA G 45 -49.15 57.62 -51.56
CA ALA G 45 -48.56 58.03 -50.30
C ALA G 45 -48.40 59.55 -50.24
N CYS G 46 -47.90 60.14 -51.32
CA CYS G 46 -47.73 61.58 -51.35
C CYS G 46 -49.04 62.30 -51.13
N LYS G 47 -50.13 61.67 -51.53
CA LYS G 47 -51.44 62.27 -51.36
C LYS G 47 -51.96 61.99 -49.95
N ILE G 48 -51.31 61.04 -49.26
CA ILE G 48 -51.68 60.72 -47.88
C ILE G 48 -50.90 61.70 -46.98
N ILE G 49 -49.82 62.23 -47.53
CA ILE G 49 -49.01 63.18 -46.80
C ILE G 49 -49.65 64.56 -46.96
N GLN G 50 -50.48 64.70 -47.98
CA GLN G 50 -51.18 65.97 -48.22
C GLN G 50 -52.37 66.10 -47.30
N GLU G 51 -53.13 65.02 -47.18
CA GLU G 51 -54.29 65.04 -46.31
C GLU G 51 -53.82 65.21 -44.87
N LYS G 52 -53.47 64.10 -44.22
CA LYS G 52 -53.04 64.14 -42.83
C LYS G 52 -51.93 65.16 -42.49
N THR G 53 -51.35 65.80 -43.51
CA THR G 53 -50.31 66.80 -43.28
C THR G 53 -50.49 67.96 -44.25
N GLY G 54 -50.68 69.16 -43.72
CA GLY G 54 -50.89 70.32 -44.58
C GLY G 54 -49.68 70.75 -45.39
N GLN G 55 -48.62 69.97 -45.34
CA GLN G 55 -47.39 70.31 -46.07
C GLN G 55 -47.31 69.63 -47.44
N GLU G 56 -46.46 70.18 -48.31
CA GLU G 56 -46.25 69.62 -49.65
C GLU G 56 -45.52 68.30 -49.47
N PRO G 57 -46.04 67.22 -50.05
CA PRO G 57 -45.38 65.92 -49.92
C PRO G 57 -43.87 65.95 -50.23
N LEU G 58 -43.52 66.43 -51.42
CA LEU G 58 -42.12 66.50 -51.84
C LEU G 58 -41.15 67.00 -50.79
N LYS G 59 -41.55 68.01 -50.01
CA LYS G 59 -40.68 68.57 -48.98
C LYS G 59 -40.62 67.68 -47.73
N VAL G 60 -41.72 66.95 -47.47
CA VAL G 60 -41.76 66.06 -46.32
C VAL G 60 -40.76 64.94 -46.61
N PHE G 61 -40.81 64.45 -47.85
CA PHE G 61 -39.94 63.39 -48.32
C PHE G 61 -38.47 63.75 -48.14
N LYS G 62 -38.04 64.80 -48.83
CA LYS G 62 -36.66 65.23 -48.73
C LYS G 62 -36.23 65.44 -47.29
N GLN G 63 -37.13 65.98 -46.48
CA GLN G 63 -36.82 66.21 -45.07
C GLN G 63 -36.49 64.87 -44.44
N ALA G 64 -37.33 63.87 -44.72
CA ALA G 64 -37.15 62.52 -44.20
C ALA G 64 -35.75 62.02 -44.53
N VAL G 65 -35.50 61.81 -45.82
CA VAL G 65 -34.20 61.34 -46.30
C VAL G 65 -33.09 61.98 -45.45
N GLU G 66 -33.18 63.30 -45.29
CA GLU G 66 -32.20 64.04 -44.52
C GLU G 66 -31.93 63.46 -43.12
N ASN G 67 -32.97 63.26 -42.33
CA ASN G 67 -32.79 62.75 -40.97
C ASN G 67 -32.32 61.29 -40.94
N VAL G 68 -32.57 60.56 -42.02
CA VAL G 68 -32.21 59.15 -42.11
C VAL G 68 -30.82 58.86 -42.69
N LYS G 69 -30.11 59.90 -43.14
CA LYS G 69 -28.77 59.69 -43.69
C LYS G 69 -27.75 59.61 -42.58
N PRO G 70 -27.05 58.47 -42.45
CA PRO G 70 -26.05 58.36 -41.40
C PRO G 70 -24.82 59.15 -41.85
N ARG G 71 -24.15 59.83 -40.93
CA ARG G 71 -22.97 60.60 -41.30
C ARG G 71 -21.68 59.89 -40.90
N MET G 72 -21.83 58.85 -40.07
CA MET G 72 -20.70 58.04 -39.62
C MET G 72 -21.20 56.61 -39.57
N GLU G 73 -20.38 55.66 -39.97
CA GLU G 73 -20.79 54.27 -39.94
C GLU G 73 -19.55 53.46 -39.62
N VAL G 74 -19.77 52.26 -39.11
CA VAL G 74 -18.66 51.39 -38.76
C VAL G 74 -18.41 50.34 -39.85
N ARG G 75 -17.15 50.18 -40.24
CA ARG G 75 -16.77 49.21 -41.26
C ARG G 75 -15.76 48.24 -40.63
N SER G 76 -16.05 46.95 -40.72
CA SER G 76 -15.16 45.95 -40.14
C SER G 76 -13.78 46.01 -40.79
N ARG G 77 -12.81 45.36 -40.15
CA ARG G 77 -11.44 45.34 -40.65
C ARG G 77 -10.57 44.44 -39.79
N ARG G 78 -9.72 43.65 -40.44
CA ARG G 78 -8.81 42.76 -39.74
C ARG G 78 -7.55 43.55 -39.43
N VAL G 79 -7.24 43.67 -38.14
CA VAL G 79 -6.04 44.38 -37.72
C VAL G 79 -5.41 43.56 -36.61
N GLY G 80 -4.27 42.95 -36.91
CA GLY G 80 -3.58 42.14 -35.94
C GLY G 80 -4.53 41.24 -35.18
N GLY G 81 -4.89 40.10 -35.76
CA GLY G 81 -5.79 39.18 -35.10
C GLY G 81 -7.26 39.52 -35.23
N ALA G 82 -7.81 40.11 -34.18
CA ALA G 82 -9.23 40.49 -34.14
C ALA G 82 -9.67 41.37 -35.30
N ASN G 83 -10.99 41.45 -35.49
CA ASN G 83 -11.58 42.26 -36.55
C ASN G 83 -12.23 43.51 -35.96
N TYR G 84 -11.41 44.52 -35.75
CA TYR G 84 -11.86 45.79 -35.18
C TYR G 84 -12.78 46.56 -36.12
N GLN G 85 -13.89 47.03 -35.58
CA GLN G 85 -14.90 47.78 -36.32
C GLN G 85 -14.48 49.25 -36.42
N VAL G 86 -13.85 49.64 -37.52
CA VAL G 86 -13.41 51.01 -37.68
C VAL G 86 -14.52 51.99 -38.09
N PRO G 87 -14.66 53.08 -37.34
CA PRO G 87 -15.65 54.13 -37.55
C PRO G 87 -15.15 55.07 -38.63
N MET G 88 -16.04 55.48 -39.52
CA MET G 88 -15.64 56.41 -40.58
C MET G 88 -16.80 57.10 -41.25
N GLU G 89 -16.49 58.20 -41.93
CA GLU G 89 -17.47 59.01 -42.63
C GLU G 89 -18.25 58.15 -43.61
N VAL G 90 -19.25 58.76 -44.24
CA VAL G 90 -20.05 58.05 -45.22
C VAL G 90 -20.13 58.95 -46.43
N SER G 91 -19.82 58.39 -47.59
CA SER G 91 -19.84 59.15 -48.84
C SER G 91 -21.21 59.76 -49.01
N PRO G 92 -21.29 60.86 -49.79
CA PRO G 92 -22.59 61.48 -50.00
C PRO G 92 -23.47 60.47 -50.74
N ARG G 93 -22.83 59.76 -51.67
CA ARG G 93 -23.50 58.75 -52.47
C ARG G 93 -24.11 57.65 -51.60
N ARG G 94 -23.28 57.06 -50.76
CA ARG G 94 -23.71 55.96 -49.88
C ARG G 94 -24.79 56.41 -48.89
N GLN G 95 -24.72 57.66 -48.44
CA GLN G 95 -25.71 58.19 -47.51
C GLN G 95 -27.11 58.05 -48.10
N GLN G 96 -27.25 58.43 -49.36
CA GLN G 96 -28.55 58.33 -50.00
C GLN G 96 -29.00 56.88 -50.07
N SER G 97 -28.20 56.05 -50.74
CA SER G 97 -28.52 54.63 -50.88
C SER G 97 -29.06 54.03 -49.58
N LEU G 98 -28.38 54.33 -48.49
CA LEU G 98 -28.77 53.82 -47.18
C LEU G 98 -30.07 54.46 -46.69
N ALA G 99 -30.16 55.78 -46.79
CA ALA G 99 -31.35 56.50 -46.35
C ALA G 99 -32.61 55.93 -47.00
N LEU G 100 -32.63 55.95 -48.33
CA LEU G 100 -33.77 55.44 -49.08
C LEU G 100 -34.04 53.97 -48.72
N ARG G 101 -33.00 53.16 -48.77
CA ARG G 101 -33.18 51.75 -48.45
C ARG G 101 -33.82 51.62 -47.07
N TRP G 102 -33.23 52.27 -46.08
CA TRP G 102 -33.76 52.18 -44.73
C TRP G 102 -35.22 52.60 -44.65
N LEU G 103 -35.57 53.69 -45.33
CA LEU G 103 -36.96 54.13 -45.28
C LEU G 103 -37.88 53.00 -45.74
N VAL G 104 -37.72 52.57 -46.98
CA VAL G 104 -38.55 51.48 -47.49
C VAL G 104 -38.58 50.28 -46.57
N GLN G 105 -37.44 49.94 -45.98
CA GLN G 105 -37.37 48.79 -45.09
C GLN G 105 -38.22 48.97 -43.84
N ALA G 106 -38.02 50.08 -43.14
CA ALA G 106 -38.76 50.38 -41.92
C ALA G 106 -40.24 50.56 -42.27
N ALA G 107 -40.48 51.14 -43.45
CA ALA G 107 -41.83 51.36 -43.91
C ALA G 107 -42.54 50.04 -44.04
N ASN G 108 -41.87 49.04 -44.60
CA ASN G 108 -42.47 47.74 -44.76
C ASN G 108 -42.42 46.97 -43.46
N GLN G 109 -41.95 47.64 -42.41
CA GLN G 109 -41.86 47.05 -41.09
C GLN G 109 -43.04 47.52 -40.25
N ARG G 110 -43.73 48.54 -40.74
CA ARG G 110 -44.89 49.07 -40.04
C ARG G 110 -46.06 48.09 -40.08
N PRO G 111 -47.11 48.37 -39.28
CA PRO G 111 -48.30 47.53 -39.22
C PRO G 111 -49.41 47.78 -40.25
N GLU G 112 -49.84 49.03 -40.40
CA GLU G 112 -50.91 49.36 -41.35
C GLU G 112 -50.92 48.46 -42.59
N ARG G 113 -52.01 47.73 -42.77
CA ARG G 113 -52.17 46.81 -43.89
C ARG G 113 -51.84 47.35 -45.29
N ARG G 114 -52.06 48.64 -45.54
CA ARG G 114 -51.80 49.23 -46.85
C ARG G 114 -50.38 49.72 -47.15
N ALA G 115 -49.78 49.13 -48.17
CA ALA G 115 -48.43 49.49 -48.59
C ALA G 115 -48.25 51.00 -48.70
N ALA G 116 -49.10 51.63 -49.51
CA ALA G 116 -49.03 53.07 -49.73
C ALA G 116 -49.05 53.89 -48.44
N VAL G 117 -49.70 53.37 -47.41
CA VAL G 117 -49.78 54.08 -46.14
C VAL G 117 -48.48 53.96 -45.36
N ARG G 118 -47.99 52.74 -45.23
CA ARG G 118 -46.75 52.50 -44.49
C ARG G 118 -45.70 53.48 -44.97
N ILE G 119 -45.68 53.73 -46.27
CA ILE G 119 -44.71 54.66 -46.82
C ILE G 119 -45.07 56.08 -46.39
N ALA G 120 -46.35 56.39 -46.50
CA ALA G 120 -46.85 57.71 -46.13
C ALA G 120 -46.47 58.02 -44.70
N HIS G 121 -46.91 57.18 -43.78
CA HIS G 121 -46.63 57.37 -42.37
C HIS G 121 -45.16 57.31 -41.99
N GLU G 122 -44.40 56.42 -42.64
CA GLU G 122 -42.98 56.29 -42.35
C GLU G 122 -42.27 57.60 -42.68
N LEU G 123 -42.53 58.12 -43.89
CA LEU G 123 -41.93 59.37 -44.31
C LEU G 123 -42.14 60.48 -43.30
N MET G 124 -43.39 60.67 -42.90
CA MET G 124 -43.76 61.69 -41.92
C MET G 124 -42.97 61.51 -40.63
N ASP G 125 -43.10 60.34 -40.02
CA ASP G 125 -42.39 60.03 -38.78
C ASP G 125 -40.91 60.38 -38.94
N ALA G 126 -40.36 60.03 -40.08
CA ALA G 126 -38.95 60.31 -40.36
C ALA G 126 -38.71 61.81 -40.32
N ALA G 127 -39.62 62.57 -40.92
CA ALA G 127 -39.49 64.02 -40.92
C ALA G 127 -39.43 64.54 -39.49
N GLU G 128 -40.35 64.09 -38.64
CA GLU G 128 -40.40 64.52 -37.24
C GLU G 128 -39.17 64.10 -36.45
N GLY G 129 -38.48 63.07 -36.93
CA GLY G 129 -37.30 62.61 -36.25
C GLY G 129 -37.53 61.30 -35.51
N LYS G 130 -38.69 60.70 -35.76
CA LYS G 130 -39.05 59.44 -35.11
C LYS G 130 -39.22 58.36 -36.18
N GLY G 131 -39.49 57.13 -35.75
CA GLY G 131 -39.70 56.05 -36.71
C GLY G 131 -38.55 55.09 -36.89
N GLY G 132 -38.88 53.87 -37.27
CA GLY G 132 -37.88 52.83 -37.48
C GLY G 132 -36.73 53.19 -38.40
N ALA G 133 -36.99 54.08 -39.35
CA ALA G 133 -35.95 54.51 -40.27
C ALA G 133 -34.87 55.24 -39.49
N VAL G 134 -35.24 56.33 -38.85
CA VAL G 134 -34.29 57.10 -38.09
C VAL G 134 -33.65 56.29 -36.96
N LYS G 135 -34.31 55.23 -36.52
CA LYS G 135 -33.71 54.42 -35.47
C LYS G 135 -32.38 53.93 -36.03
N LYS G 136 -32.44 53.05 -37.04
CA LYS G 136 -31.24 52.51 -37.66
C LYS G 136 -30.19 53.59 -37.87
N LYS G 137 -30.58 54.72 -38.44
CA LYS G 137 -29.63 55.78 -38.68
C LYS G 137 -28.89 56.19 -37.41
N GLU G 138 -29.63 56.47 -36.35
CA GLU G 138 -29.02 56.87 -35.09
C GLU G 138 -28.29 55.71 -34.43
N ASP G 139 -28.71 54.49 -34.73
CA ASP G 139 -28.08 53.27 -34.19
C ASP G 139 -26.68 53.13 -34.80
N VAL G 140 -26.58 53.45 -36.08
CA VAL G 140 -25.33 53.38 -36.80
C VAL G 140 -24.32 54.33 -36.18
N GLU G 141 -24.68 55.61 -36.14
CA GLU G 141 -23.79 56.61 -35.57
C GLU G 141 -23.37 56.20 -34.17
N ARG G 142 -24.32 55.66 -33.39
CA ARG G 142 -24.04 55.21 -32.03
C ARG G 142 -22.97 54.14 -32.09
N MET G 143 -23.14 53.18 -32.99
CA MET G 143 -22.18 52.10 -33.20
C MET G 143 -20.77 52.70 -33.40
N ALA G 144 -20.67 53.70 -34.27
CA ALA G 144 -19.40 54.37 -34.50
C ALA G 144 -19.38 55.28 -33.28
N GLU G 145 -18.31 56.02 -33.05
CA GLU G 145 -18.32 56.90 -31.89
C GLU G 145 -18.46 56.10 -30.58
N ALA G 146 -18.47 54.79 -30.70
CA ALA G 146 -18.57 53.88 -29.56
C ALA G 146 -17.45 52.89 -29.80
N ASN G 147 -16.84 53.05 -30.97
CA ASN G 147 -15.71 52.26 -31.41
C ASN G 147 -14.74 53.30 -31.94
N ARG G 148 -14.92 54.53 -31.47
CA ARG G 148 -14.08 55.64 -31.89
C ARG G 148 -12.67 55.56 -31.30
N ALA G 149 -12.31 54.39 -30.81
CA ALA G 149 -10.99 54.18 -30.24
C ALA G 149 -10.10 53.61 -31.34
N TYR G 150 -10.68 52.73 -32.15
CA TYR G 150 -9.98 52.09 -33.25
C TYR G 150 -10.03 52.97 -34.49
N ALA G 151 -10.42 54.23 -34.28
CA ALA G 151 -10.52 55.17 -35.39
C ALA G 151 -9.16 55.62 -35.91
N HIS G 152 -8.09 55.13 -35.29
CA HIS G 152 -6.76 55.51 -35.74
C HIS G 152 -6.33 54.49 -36.80
N TYR G 153 -7.29 53.71 -37.25
CA TYR G 153 -7.11 52.72 -38.30
C TYR G 153 -7.91 53.34 -39.45
N ARG G 154 -7.93 54.67 -39.42
CA ARG G 154 -8.64 55.52 -40.38
C ARG G 154 -9.17 54.86 -41.65
N TRP G 155 -8.35 54.08 -42.32
CA TRP G 155 -8.80 53.40 -43.53
C TRP G 155 -8.89 54.44 -44.65
N MET H 1 62.69 30.64 -43.28
CA MET H 1 63.95 30.83 -44.07
C MET H 1 63.75 30.34 -45.51
N LEU H 2 64.79 30.49 -46.35
CA LEU H 2 64.70 30.01 -47.72
C LEU H 2 65.15 28.55 -47.66
N THR H 3 64.18 27.67 -47.50
CA THR H 3 64.35 26.24 -47.39
C THR H 3 65.05 25.52 -48.57
N ASP H 4 64.66 25.85 -49.81
CA ASP H 4 65.27 25.21 -50.98
C ASP H 4 65.59 26.22 -52.07
N PRO H 5 66.84 26.72 -52.11
CA PRO H 5 67.27 27.69 -53.12
C PRO H 5 67.02 27.29 -54.57
N ILE H 6 67.33 26.03 -54.89
CA ILE H 6 67.15 25.51 -56.24
C ILE H 6 65.68 25.50 -56.63
N ALA H 7 64.85 25.02 -55.72
CA ALA H 7 63.44 24.96 -56.01
C ALA H 7 62.91 26.38 -56.07
N ASP H 8 63.49 27.27 -55.27
CA ASP H 8 63.04 28.64 -55.31
C ASP H 8 63.23 29.23 -56.70
N MET H 9 64.36 28.88 -57.31
CA MET H 9 64.67 29.40 -58.63
C MET H 9 63.80 28.84 -59.73
N LEU H 10 63.54 27.54 -59.71
CA LEU H 10 62.73 26.95 -60.77
C LEU H 10 61.34 27.57 -60.72
N THR H 11 60.90 27.88 -59.51
CA THR H 11 59.58 28.46 -59.32
C THR H 11 59.55 29.91 -59.79
N ARG H 12 60.55 30.69 -59.38
CA ARG H 12 60.61 32.09 -59.80
C ARG H 12 60.44 32.09 -61.31
N ILE H 13 61.16 31.19 -61.98
CA ILE H 13 61.14 31.03 -63.44
C ILE H 13 59.77 30.57 -63.92
N ARG H 14 59.22 29.53 -63.30
CA ARG H 14 57.91 29.07 -63.70
C ARG H 14 56.92 30.21 -63.53
N ASN H 15 57.01 30.91 -62.40
CA ASN H 15 56.10 32.02 -62.12
C ASN H 15 56.21 33.18 -63.11
N ALA H 16 57.43 33.63 -63.38
CA ALA H 16 57.65 34.76 -64.30
C ALA H 16 57.21 34.42 -65.71
N THR H 17 57.58 33.25 -66.19
CA THR H 17 57.18 32.89 -67.54
C THR H 17 55.67 32.88 -67.70
N ARG H 18 54.94 32.41 -66.69
CA ARG H 18 53.50 32.35 -66.81
C ARG H 18 52.86 33.70 -67.02
N VAL H 19 53.56 34.77 -66.67
CA VAL H 19 53.01 36.10 -66.90
C VAL H 19 53.82 36.79 -67.98
N TYR H 20 54.73 36.02 -68.58
CA TYR H 20 55.54 36.50 -69.67
C TYR H 20 56.51 37.61 -69.38
N LYS H 21 57.16 37.56 -68.23
CA LYS H 21 58.17 38.56 -67.91
C LYS H 21 59.33 38.42 -68.93
N GLU H 22 60.00 39.51 -69.24
CA GLU H 22 61.12 39.43 -70.15
C GLU H 22 62.30 38.85 -69.33
N SER H 23 62.67 39.56 -68.27
CA SER H 23 63.75 39.15 -67.39
C SER H 23 63.13 38.44 -66.17
N THR H 24 63.87 38.41 -65.06
CA THR H 24 63.47 37.81 -63.77
C THR H 24 64.73 37.50 -62.96
N ASP H 25 64.80 38.05 -61.74
CA ASP H 25 65.96 37.88 -60.88
C ASP H 25 65.83 36.78 -59.85
N VAL H 26 66.96 36.16 -59.53
CA VAL H 26 67.05 35.10 -58.52
C VAL H 26 68.41 35.25 -57.86
N PRO H 27 68.43 35.24 -56.53
CA PRO H 27 69.67 35.37 -55.76
C PRO H 27 70.68 34.39 -56.31
N ALA H 28 71.89 34.88 -56.55
CA ALA H 28 72.97 34.08 -57.13
C ALA H 28 73.64 33.11 -56.17
N SER H 29 73.98 31.95 -56.72
CA SER H 29 74.65 30.87 -56.00
C SER H 29 75.41 30.15 -57.09
N ARG H 30 76.65 29.75 -56.82
CA ARG H 30 77.46 29.02 -57.81
C ARG H 30 76.59 27.96 -58.48
N PHE H 31 76.05 27.07 -57.65
CA PHE H 31 75.20 25.98 -58.08
C PHE H 31 74.04 26.39 -59.00
N LYS H 32 73.31 27.43 -58.61
CA LYS H 32 72.19 27.91 -59.41
C LYS H 32 72.65 28.36 -60.77
N GLU H 33 73.83 28.98 -60.81
CA GLU H 33 74.42 29.45 -62.05
C GLU H 33 74.75 28.23 -62.90
N GLU H 34 75.23 27.17 -62.25
CA GLU H 34 75.57 25.96 -62.97
C GLU H 34 74.35 25.42 -63.69
N ILE H 35 73.20 25.47 -63.03
CA ILE H 35 71.96 24.97 -63.62
C ILE H 35 71.53 25.84 -64.81
N LEU H 36 71.51 27.15 -64.59
CA LEU H 36 71.14 28.08 -65.65
C LEU H 36 71.98 27.85 -66.91
N ARG H 37 73.25 27.47 -66.73
CA ARG H 37 74.15 27.20 -67.86
C ARG H 37 73.47 26.18 -68.78
N ILE H 38 72.91 25.12 -68.20
CA ILE H 38 72.24 24.09 -69.00
C ILE H 38 70.98 24.65 -69.61
N LEU H 39 70.20 25.35 -68.79
CA LEU H 39 68.94 25.91 -69.26
C LEU H 39 69.15 26.68 -70.55
N ALA H 40 70.24 27.43 -70.61
CA ALA H 40 70.53 28.21 -71.80
C ALA H 40 70.94 27.27 -72.93
N ARG H 41 72.01 26.51 -72.70
CA ARG H 41 72.50 25.58 -73.70
C ARG H 41 71.37 24.76 -74.29
N GLU H 42 70.51 24.18 -73.45
CA GLU H 42 69.42 23.39 -73.98
C GLU H 42 68.35 24.26 -74.64
N GLY H 43 68.62 25.55 -74.68
CA GLY H 43 67.72 26.49 -75.32
C GLY H 43 66.40 26.80 -74.65
N PHE H 44 66.33 26.66 -73.32
CA PHE H 44 65.11 26.94 -72.57
C PHE H 44 65.00 28.39 -72.16
N ILE H 45 66.12 29.09 -72.13
CA ILE H 45 66.12 30.48 -71.76
C ILE H 45 67.09 31.25 -72.62
N LYS H 46 66.70 32.46 -73.04
CA LYS H 46 67.57 33.27 -73.87
C LYS H 46 68.97 33.26 -73.29
N GLY H 47 69.06 33.18 -71.96
CA GLY H 47 70.35 33.18 -71.30
C GLY H 47 70.18 33.91 -69.98
N TYR H 48 71.26 34.16 -69.28
CA TYR H 48 71.16 34.84 -67.99
C TYR H 48 72.44 35.61 -67.74
N GLU H 49 72.47 36.49 -66.73
CA GLU H 49 73.68 37.24 -66.44
C GLU H 49 73.74 37.76 -65.01
N ARG H 50 74.95 37.77 -64.45
CA ARG H 50 75.16 38.24 -63.09
C ARG H 50 74.73 39.68 -63.03
N VAL H 51 74.19 40.10 -61.89
CA VAL H 51 73.70 41.46 -61.71
C VAL H 51 73.70 41.72 -60.22
N ASP H 52 73.69 43.00 -59.82
CA ASP H 52 73.67 43.36 -58.40
C ASP H 52 72.39 44.12 -58.03
N VAL H 53 71.58 43.52 -57.18
CA VAL H 53 70.33 44.13 -56.71
C VAL H 53 70.46 44.54 -55.24
N ASP H 54 70.35 45.84 -54.99
CA ASP H 54 70.45 46.37 -53.65
C ASP H 54 71.82 46.07 -53.05
N GLY H 55 72.78 45.76 -53.91
CA GLY H 55 74.11 45.47 -53.43
C GLY H 55 74.42 43.99 -53.40
N LYS H 56 73.39 43.17 -53.40
CA LYS H 56 73.62 41.74 -53.38
C LYS H 56 73.52 41.10 -54.77
N PRO H 57 74.30 40.03 -54.97
CA PRO H 57 74.39 39.26 -56.21
C PRO H 57 73.11 38.55 -56.62
N TYR H 58 72.76 38.66 -57.90
CA TYR H 58 71.59 38.03 -58.45
C TYR H 58 71.90 37.56 -59.84
N LEU H 59 71.02 36.74 -60.39
CA LEU H 59 71.20 36.24 -61.73
C LEU H 59 69.96 36.62 -62.53
N ARG H 60 70.12 37.50 -63.52
CA ARG H 60 69.00 37.85 -64.37
C ARG H 60 68.75 36.65 -65.24
N VAL H 61 67.51 36.21 -65.33
CA VAL H 61 67.25 35.10 -66.20
C VAL H 61 66.38 35.62 -67.33
N TYR H 62 66.92 35.60 -68.53
CA TYR H 62 66.18 36.09 -69.69
C TYR H 62 65.28 35.00 -70.28
N LEU H 63 64.00 35.19 -70.05
CA LEU H 63 62.98 34.26 -70.50
C LEU H 63 62.74 34.29 -72.00
N LYS H 64 62.26 33.15 -72.49
CA LYS H 64 62.01 32.92 -73.91
C LYS H 64 60.63 32.31 -74.15
N TYR H 65 59.94 32.75 -75.19
CA TYR H 65 58.60 32.25 -75.47
C TYR H 65 58.43 32.00 -76.94
N GLY H 66 57.34 31.33 -77.30
CA GLY H 66 57.07 31.05 -78.69
C GLY H 66 56.55 32.33 -79.31
N PRO H 67 56.01 32.27 -80.54
CA PRO H 67 55.51 33.51 -81.13
C PRO H 67 54.07 33.74 -80.71
N ARG H 68 53.55 34.92 -81.05
CA ARG H 68 52.17 35.29 -80.75
C ARG H 68 51.27 34.32 -81.49
N ARG H 69 50.05 34.12 -81.01
CA ARG H 69 49.14 33.18 -81.66
C ARG H 69 47.88 33.77 -82.29
N GLN H 70 47.11 32.90 -82.94
CA GLN H 70 45.87 33.27 -83.62
C GLN H 70 44.66 33.00 -82.73
N GLY H 71 43.51 33.48 -83.18
CA GLY H 71 42.27 33.29 -82.42
C GLY H 71 42.32 33.96 -81.08
N PRO H 72 41.35 33.68 -80.20
CA PRO H 72 41.34 34.29 -78.86
C PRO H 72 42.57 33.85 -78.07
N ASP H 73 42.99 34.69 -77.13
CA ASP H 73 44.17 34.40 -76.32
C ASP H 73 45.41 34.20 -77.19
N PRO H 74 45.99 35.31 -77.65
CA PRO H 74 47.17 35.32 -78.49
C PRO H 74 48.45 35.02 -77.70
N ARG H 75 48.30 34.66 -76.42
CA ARG H 75 49.46 34.38 -75.61
C ARG H 75 50.33 33.28 -76.18
N PRO H 76 51.62 33.58 -76.31
CA PRO H 76 52.65 32.69 -76.85
C PRO H 76 52.73 31.38 -76.09
N GLU H 77 53.06 30.31 -76.83
CA GLU H 77 53.26 29.00 -76.22
C GLU H 77 54.54 29.12 -75.43
N GLN H 78 54.62 28.48 -74.27
CA GLN H 78 55.83 28.57 -73.47
C GLN H 78 56.91 27.69 -74.09
N VAL H 79 58.17 28.02 -73.82
CA VAL H 79 59.27 27.22 -74.32
C VAL H 79 59.49 26.23 -73.19
N ILE H 80 59.23 26.69 -71.97
CA ILE H 80 59.34 25.87 -70.78
C ILE H 80 57.93 25.47 -70.37
N HIS H 81 57.40 24.41 -70.97
CA HIS H 81 56.07 23.97 -70.65
C HIS H 81 56.05 23.36 -69.26
N HIS H 82 57.21 22.90 -68.82
CA HIS H 82 57.30 22.23 -67.54
C HIS H 82 58.63 22.54 -66.90
N ILE H 83 58.77 22.21 -65.63
CA ILE H 83 60.00 22.43 -64.88
C ILE H 83 59.68 22.13 -63.42
N ARG H 84 59.88 20.88 -63.02
CA ARG H 84 59.56 20.41 -61.67
C ARG H 84 60.74 19.90 -60.82
N ARG H 85 60.84 20.35 -59.57
CA ARG H 85 61.91 19.89 -58.68
C ARG H 85 61.66 18.44 -58.32
N ILE H 86 62.73 17.68 -58.15
CA ILE H 86 62.60 16.28 -57.83
C ILE H 86 63.30 15.95 -56.53
N SER H 87 64.62 15.95 -56.56
CA SER H 87 65.33 15.70 -55.32
C SER H 87 64.93 16.94 -54.51
N LYS H 88 64.63 16.77 -53.23
CA LYS H 88 64.28 17.91 -52.38
C LYS H 88 64.78 17.53 -51.02
N PRO H 89 65.08 18.52 -50.18
CA PRO H 89 65.57 18.27 -48.82
C PRO H 89 64.58 17.34 -48.14
N GLY H 90 65.05 16.45 -47.29
CA GLY H 90 64.10 15.53 -46.68
C GLY H 90 63.30 14.80 -47.76
N ARG H 91 64.08 14.12 -48.61
CA ARG H 91 63.63 13.30 -49.73
C ARG H 91 64.54 13.50 -50.92
N ARG H 92 65.82 13.29 -50.65
CA ARG H 92 66.84 13.38 -51.65
C ARG H 92 66.64 12.24 -52.67
N VAL H 93 66.95 12.49 -53.92
CA VAL H 93 66.78 11.47 -54.93
C VAL H 93 68.00 11.28 -55.82
N TYR H 94 68.62 10.12 -55.70
CA TYR H 94 69.82 9.83 -56.49
C TYR H 94 69.57 8.64 -57.42
N VAL H 95 70.23 8.67 -58.58
CA VAL H 95 70.07 7.59 -59.55
C VAL H 95 71.38 7.08 -60.14
N GLY H 96 71.41 5.79 -60.43
CA GLY H 96 72.57 5.19 -61.05
C GLY H 96 72.49 5.55 -62.51
N VAL H 97 73.58 5.37 -63.25
CA VAL H 97 73.59 5.72 -64.65
C VAL H 97 72.60 4.88 -65.45
N LYS H 98 72.18 3.76 -64.89
CA LYS H 98 71.21 2.90 -65.55
C LYS H 98 69.77 3.32 -65.21
N GLU H 99 69.61 4.19 -64.23
CA GLU H 99 68.30 4.65 -63.78
C GLU H 99 67.97 6.10 -64.17
N ILE H 100 68.85 6.74 -64.92
CA ILE H 100 68.62 8.12 -65.35
C ILE H 100 67.41 8.14 -66.27
N PRO H 101 66.31 8.74 -65.81
CA PRO H 101 65.07 8.81 -66.61
C PRO H 101 65.20 9.36 -68.01
N ARG H 102 64.21 9.02 -68.85
CA ARG H 102 64.14 9.50 -70.22
C ARG H 102 62.91 10.41 -70.24
N VAL H 103 63.16 11.68 -69.98
CA VAL H 103 62.12 12.71 -69.93
C VAL H 103 61.39 12.98 -71.24
N ARG H 104 60.06 13.04 -71.14
CA ARG H 104 59.20 13.33 -72.28
C ARG H 104 59.67 12.63 -73.54
N ARG H 105 59.86 11.31 -73.46
CA ARG H 105 60.31 10.52 -74.60
C ARG H 105 61.48 11.16 -75.32
N GLY H 106 62.36 11.82 -74.57
CA GLY H 106 63.51 12.44 -75.21
C GLY H 106 63.36 13.90 -75.55
N LEU H 107 62.14 14.40 -75.68
CA LEU H 107 61.93 15.80 -76.02
C LEU H 107 62.14 16.75 -74.85
N GLY H 108 62.29 16.19 -73.66
CA GLY H 108 62.51 17.02 -72.49
C GLY H 108 63.81 16.59 -71.85
N ILE H 109 64.30 17.34 -70.88
CA ILE H 109 65.54 16.94 -70.25
C ILE H 109 65.39 16.69 -68.77
N ALA H 110 66.51 16.41 -68.13
CA ALA H 110 66.54 16.15 -66.72
C ALA H 110 67.90 16.59 -66.27
N ILE H 111 67.97 17.48 -65.31
CA ILE H 111 69.27 17.96 -64.86
C ILE H 111 69.77 17.20 -63.64
N LEU H 112 70.91 16.54 -63.78
CA LEU H 112 71.48 15.80 -62.67
C LEU H 112 72.67 16.53 -62.14
N SER H 113 73.10 16.16 -60.94
CA SER H 113 74.30 16.73 -60.34
C SER H 113 75.19 15.52 -60.06
N THR H 114 76.26 15.40 -60.83
CA THR H 114 77.19 14.28 -60.72
C THR H 114 78.55 14.70 -60.20
N SER H 115 79.36 13.74 -59.76
CA SER H 115 80.69 14.08 -59.27
C SER H 115 81.52 14.58 -60.44
N LYS H 116 80.90 14.59 -61.62
CA LYS H 116 81.53 15.08 -62.84
C LYS H 116 80.89 16.41 -63.22
N GLY H 117 80.12 17.00 -62.31
CA GLY H 117 79.46 18.28 -62.57
C GLY H 117 77.97 18.20 -62.88
N VAL H 118 77.36 19.35 -63.15
CA VAL H 118 75.93 19.37 -63.45
C VAL H 118 75.76 19.08 -64.93
N LEU H 119 75.08 17.98 -65.27
CA LEU H 119 74.87 17.63 -66.68
C LEU H 119 73.42 17.28 -66.92
N THR H 120 73.06 17.15 -68.19
CA THR H 120 71.71 16.80 -68.55
C THR H 120 71.70 15.28 -68.62
N ASP H 121 70.52 14.67 -68.69
CA ASP H 121 70.46 13.22 -68.73
C ASP H 121 71.30 12.64 -69.86
N ARG H 122 71.26 13.24 -71.04
CA ARG H 122 72.07 12.72 -72.12
C ARG H 122 73.56 12.84 -71.79
N GLU H 123 73.98 14.03 -71.35
CA GLU H 123 75.39 14.26 -71.01
C GLU H 123 75.87 13.23 -69.99
N ALA H 124 75.05 13.02 -68.96
CA ALA H 124 75.38 12.09 -67.90
C ALA H 124 75.57 10.68 -68.45
N ARG H 125 74.60 10.23 -69.23
CA ARG H 125 74.64 8.91 -69.81
C ARG H 125 75.93 8.76 -70.60
N LYS H 126 76.28 9.78 -71.38
CA LYS H 126 77.51 9.73 -72.15
C LYS H 126 78.65 9.47 -71.16
N LEU H 127 78.96 10.45 -70.32
CA LEU H 127 80.01 10.33 -69.32
C LEU H 127 79.79 9.12 -68.40
N GLY H 128 78.73 8.35 -68.67
CA GLY H 128 78.42 7.18 -67.86
C GLY H 128 78.42 7.36 -66.35
N VAL H 129 77.65 8.33 -65.85
CA VAL H 129 77.59 8.56 -64.41
C VAL H 129 76.19 8.87 -63.95
N GLY H 130 75.98 8.83 -62.64
CA GLY H 130 74.68 9.11 -62.08
C GLY H 130 74.82 10.16 -61.00
N GLY H 131 73.77 10.35 -60.19
CA GLY H 131 73.83 11.32 -59.11
C GLY H 131 72.50 11.96 -58.80
N GLU H 132 72.46 12.83 -57.78
CA GLU H 132 71.23 13.52 -57.37
C GLU H 132 70.47 14.04 -58.58
N LEU H 133 69.17 13.73 -58.61
CA LEU H 133 68.29 14.12 -59.73
C LEU H 133 67.63 15.47 -59.47
N ILE H 134 68.41 16.53 -59.62
CA ILE H 134 67.95 17.91 -59.40
C ILE H 134 66.56 18.28 -59.88
N CYS H 135 66.31 18.13 -61.17
CA CYS H 135 65.00 18.46 -61.69
C CYS H 135 64.67 17.85 -63.06
N GLU H 136 63.57 18.31 -63.65
CA GLU H 136 63.08 17.79 -64.90
C GLU H 136 62.48 18.96 -65.67
N VAL H 137 62.91 19.16 -66.91
CA VAL H 137 62.41 20.29 -67.70
C VAL H 137 61.98 19.83 -69.08
N TRP H 138 60.90 20.40 -69.60
CA TRP H 138 60.42 20.09 -70.95
C TRP H 138 59.35 21.01 -71.50
N GLU I 1 -47.53 69.82 -94.47
CA GLU I 1 -48.64 68.88 -94.83
C GLU I 1 -48.58 67.66 -93.91
N GLN I 2 -47.40 67.05 -93.80
CA GLN I 2 -47.22 65.87 -92.96
C GLN I 2 -45.75 65.59 -92.68
N TYR I 3 -45.48 64.87 -91.60
CA TYR I 3 -44.11 64.53 -91.23
C TYR I 3 -44.00 63.12 -90.67
N TYR I 4 -42.85 62.49 -90.94
CA TYR I 4 -42.60 61.12 -90.53
C TYR I 4 -41.32 60.87 -89.75
N GLY I 5 -41.35 59.78 -89.00
CA GLY I 5 -40.22 59.36 -88.19
C GLY I 5 -40.65 58.00 -87.68
N THR I 6 -39.81 56.98 -87.82
CA THR I 6 -40.20 55.66 -87.34
C THR I 6 -40.02 55.53 -85.84
N GLY I 7 -38.92 54.91 -85.41
CA GLY I 7 -38.70 54.74 -83.98
C GLY I 7 -38.86 53.30 -83.53
N ARG I 8 -37.75 52.70 -83.11
CA ARG I 8 -37.75 51.33 -82.63
C ARG I 8 -37.06 51.22 -81.27
N ARG I 9 -37.61 50.37 -80.40
CA ARG I 9 -37.07 50.17 -79.06
C ARG I 9 -37.36 48.78 -78.53
N LYS I 10 -36.33 48.14 -77.99
CA LYS I 10 -36.46 46.83 -77.39
C LYS I 10 -37.45 45.95 -78.15
N GLU I 11 -37.40 46.03 -79.48
CA GLU I 11 -38.28 45.26 -80.35
C GLU I 11 -39.71 45.78 -80.48
N ALA I 12 -39.80 47.06 -80.88
CA ALA I 12 -41.06 47.74 -81.08
C ALA I 12 -40.87 48.73 -82.22
N VAL I 13 -41.90 48.86 -83.06
CA VAL I 13 -41.87 49.79 -84.18
C VAL I 13 -43.05 50.74 -84.08
N ALA I 14 -42.77 52.03 -84.17
CA ALA I 14 -43.82 53.03 -84.06
C ALA I 14 -43.81 53.98 -85.24
N ARG I 15 -44.90 54.02 -86.01
CA ARG I 15 -44.98 54.93 -87.14
C ARG I 15 -45.50 56.25 -86.59
N VAL I 16 -44.66 57.28 -86.64
CA VAL I 16 -45.05 58.58 -86.12
C VAL I 16 -45.31 59.60 -87.22
N PHE I 17 -46.55 60.09 -87.27
CA PHE I 17 -46.97 61.07 -88.26
C PHE I 17 -47.42 62.36 -87.60
N LEU I 18 -46.57 63.38 -87.66
CA LEU I 18 -46.91 64.67 -87.09
C LEU I 18 -47.68 65.45 -88.16
N ARG I 19 -48.53 66.38 -87.74
CA ARG I 19 -49.33 67.18 -88.67
C ARG I 19 -49.78 68.43 -87.95
N PRO I 20 -49.36 69.61 -88.45
CA PRO I 20 -49.75 70.87 -87.80
C PRO I 20 -51.24 70.86 -87.42
N GLY I 21 -51.51 71.01 -86.13
CA GLY I 21 -52.89 71.00 -85.67
C GLY I 21 -53.08 71.34 -84.20
N ASN I 22 -54.00 70.64 -83.56
CA ASN I 22 -54.32 70.86 -82.14
C ASN I 22 -53.22 70.39 -81.19
N GLY I 23 -52.97 69.08 -81.19
CA GLY I 23 -51.95 68.51 -80.33
C GLY I 23 -52.36 67.15 -79.79
N LYS I 24 -53.41 66.60 -80.38
CA LYS I 24 -53.91 65.29 -79.96
C LYS I 24 -53.09 64.17 -80.58
N VAL I 25 -53.33 62.95 -80.11
CA VAL I 25 -52.61 61.78 -80.60
C VAL I 25 -53.48 60.54 -80.69
N THR I 26 -53.51 59.95 -81.88
CA THR I 26 -54.30 58.75 -82.10
C THR I 26 -53.36 57.57 -82.22
N VAL I 27 -53.17 56.86 -81.11
CA VAL I 27 -52.30 55.69 -81.13
C VAL I 27 -53.10 54.44 -81.46
N ASN I 28 -52.94 53.96 -82.69
CA ASN I 28 -53.63 52.76 -83.15
C ASN I 28 -55.14 52.91 -83.07
N GLY I 29 -55.59 54.16 -83.15
CA GLY I 29 -57.01 54.42 -83.07
C GLY I 29 -57.35 55.07 -81.75
N GLN I 30 -57.21 54.34 -80.66
CA GLN I 30 -57.52 54.88 -79.34
C GLN I 30 -56.77 56.18 -79.10
N ASP I 31 -57.24 56.97 -78.15
CA ASP I 31 -56.58 58.23 -77.84
C ASP I 31 -55.26 57.90 -77.14
N PHE I 32 -54.31 58.82 -77.19
CA PHE I 32 -53.01 58.60 -76.54
C PHE I 32 -53.25 58.06 -75.14
N ASN I 33 -54.15 58.74 -74.42
CA ASN I 33 -54.50 58.40 -73.05
C ASN I 33 -55.41 57.19 -72.99
N GLU I 34 -55.84 56.69 -74.13
CA GLU I 34 -56.73 55.55 -74.16
C GLU I 34 -55.99 54.23 -74.37
N TYR I 35 -54.93 54.25 -75.17
CA TYR I 35 -54.14 53.04 -75.43
C TYR I 35 -53.28 52.77 -74.19
N PHE I 36 -52.70 53.85 -73.65
CA PHE I 36 -51.85 53.80 -72.46
C PHE I 36 -52.70 54.15 -71.23
N GLN I 37 -53.87 53.54 -71.14
CA GLN I 37 -54.78 53.80 -70.04
C GLN I 37 -54.18 53.39 -68.70
N GLY I 38 -53.58 54.35 -68.00
CA GLY I 38 -53.00 54.08 -66.71
C GLY I 38 -51.60 53.47 -66.73
N LEU I 39 -50.63 54.28 -67.13
CA LEU I 39 -49.23 53.87 -67.20
C LEU I 39 -48.39 55.10 -66.90
N VAL I 40 -47.99 55.24 -65.64
CA VAL I 40 -47.21 56.38 -65.18
C VAL I 40 -46.05 56.83 -66.09
N ARG I 41 -45.72 56.00 -67.08
CA ARG I 41 -44.61 56.31 -67.99
C ARG I 41 -45.02 57.01 -69.27
N ALA I 42 -46.18 56.64 -69.80
CA ALA I 42 -46.74 57.19 -71.04
C ALA I 42 -46.25 58.59 -71.37
N VAL I 43 -46.41 59.50 -70.40
CA VAL I 43 -46.00 60.88 -70.53
C VAL I 43 -44.68 61.04 -71.27
N ALA I 44 -43.82 60.04 -71.15
CA ALA I 44 -42.50 60.05 -71.79
C ALA I 44 -42.54 60.27 -73.30
N ALA I 45 -43.23 59.39 -74.01
CA ALA I 45 -43.34 59.48 -75.48
C ALA I 45 -43.36 60.87 -76.09
N LEU I 46 -44.15 61.77 -75.50
CA LEU I 46 -44.29 63.14 -76.01
C LEU I 46 -43.22 64.10 -75.52
N GLU I 47 -42.29 63.61 -74.70
CA GLU I 47 -41.23 64.46 -74.18
C GLU I 47 -40.44 65.16 -75.29
N PRO I 48 -40.24 64.50 -76.44
CA PRO I 48 -39.48 65.17 -77.50
C PRO I 48 -40.21 66.40 -78.03
N LEU I 49 -41.51 66.47 -77.80
CA LEU I 49 -42.32 67.61 -78.24
C LEU I 49 -42.05 68.78 -77.31
N ARG I 50 -42.39 68.61 -76.04
CA ARG I 50 -42.18 69.65 -75.03
C ARG I 50 -40.73 70.13 -75.13
N ALA I 51 -39.91 69.28 -75.77
CA ALA I 51 -38.50 69.57 -75.96
C ALA I 51 -38.34 70.89 -76.69
N VAL I 52 -39.14 71.08 -77.74
CA VAL I 52 -39.09 72.30 -78.55
C VAL I 52 -40.41 73.06 -78.60
N ASP I 53 -41.17 72.99 -77.49
CA ASP I 53 -42.46 73.66 -77.39
C ASP I 53 -43.42 73.31 -78.52
N ALA I 54 -43.62 72.02 -78.74
CA ALA I 54 -44.53 71.55 -79.77
C ALA I 54 -45.81 71.11 -79.06
N LEU I 55 -46.32 69.93 -79.42
CA LEU I 55 -47.55 69.41 -78.85
C LEU I 55 -48.69 70.35 -79.23
N GLY I 56 -48.90 71.37 -78.40
CA GLY I 56 -49.93 72.35 -78.69
C GLY I 56 -49.47 73.19 -79.86
N ARG I 57 -49.33 72.54 -81.01
CA ARG I 57 -48.86 73.17 -82.23
C ARG I 57 -48.89 72.11 -83.32
N PHE I 58 -48.68 70.86 -82.93
CA PHE I 58 -48.70 69.75 -83.87
C PHE I 58 -49.91 68.85 -83.65
N ASP I 59 -49.74 67.59 -84.01
CA ASP I 59 -50.79 66.59 -83.87
C ASP I 59 -50.10 65.31 -84.31
N ALA I 60 -50.54 64.15 -83.82
CA ALA I 60 -49.87 62.92 -84.21
C ALA I 60 -50.73 61.67 -84.37
N TYR I 61 -50.59 61.05 -85.54
CA TYR I 61 -51.27 59.81 -85.84
C TYR I 61 -50.15 58.79 -85.68
N ILE I 62 -50.39 57.75 -84.90
CA ILE I 62 -49.35 56.77 -84.66
C ILE I 62 -49.76 55.30 -84.73
N THR I 63 -49.01 54.52 -85.48
CA THR I 63 -49.25 53.09 -85.60
C THR I 63 -48.16 52.45 -84.77
N VAL I 64 -48.54 51.52 -83.90
CA VAL I 64 -47.57 50.87 -83.05
C VAL I 64 -47.84 49.37 -82.95
N ARG I 65 -46.86 48.57 -83.32
CA ARG I 65 -46.98 47.12 -83.28
C ARG I 65 -45.65 46.48 -82.89
N GLY I 66 -45.67 45.60 -81.90
CA GLY I 66 -44.45 44.93 -81.48
C GLY I 66 -43.96 45.22 -80.07
N GLY I 67 -43.71 44.15 -79.33
CA GLY I 67 -43.23 44.27 -77.96
C GLY I 67 -44.26 44.44 -76.86
N GLY I 68 -44.09 45.50 -76.08
CA GLY I 68 -45.00 45.78 -74.97
C GLY I 68 -45.24 47.28 -74.89
N LYS I 69 -46.37 47.66 -74.30
CA LYS I 69 -46.72 49.07 -74.20
C LYS I 69 -45.62 49.94 -73.59
N SER I 70 -44.59 49.33 -73.02
CA SER I 70 -43.51 50.12 -72.46
C SER I 70 -42.50 50.37 -73.57
N GLY I 71 -42.20 49.32 -74.33
CA GLY I 71 -41.25 49.45 -75.43
C GLY I 71 -41.83 50.38 -76.48
N GLN I 72 -43.15 50.27 -76.67
CA GLN I 72 -43.83 51.09 -77.64
C GLN I 72 -43.69 52.54 -77.18
N ILE I 73 -43.84 52.79 -75.89
CA ILE I 73 -43.73 54.16 -75.38
C ILE I 73 -42.38 54.77 -75.73
N ASP I 74 -41.36 53.94 -75.88
CA ASP I 74 -40.03 54.48 -76.23
C ASP I 74 -39.83 54.56 -77.74
N ALA I 75 -40.48 53.67 -78.48
CA ALA I 75 -40.37 53.68 -79.94
C ALA I 75 -41.08 54.97 -80.41
N ILE I 76 -42.28 55.15 -79.88
CA ILE I 76 -43.10 56.31 -80.17
C ILE I 76 -42.35 57.58 -79.79
N LYS I 77 -41.66 57.54 -78.64
CA LYS I 77 -40.89 58.69 -78.20
C LYS I 77 -39.80 59.01 -79.22
N LEU I 78 -39.22 57.97 -79.82
CA LEU I 78 -38.16 58.16 -80.82
C LEU I 78 -38.79 58.61 -82.13
N GLY I 79 -39.97 58.06 -82.44
CA GLY I 79 -40.65 58.46 -83.65
C GLY I 79 -40.89 59.96 -83.65
N ILE I 80 -41.63 60.42 -82.64
CA ILE I 80 -41.95 61.82 -82.45
C ILE I 80 -40.68 62.66 -82.42
N ALA I 81 -39.55 62.03 -82.13
CA ALA I 81 -38.27 62.73 -82.09
C ALA I 81 -37.68 62.86 -83.50
N ARG I 82 -37.79 61.80 -84.29
CA ARG I 82 -37.29 61.79 -85.66
C ARG I 82 -38.15 62.70 -86.53
N ALA I 83 -39.43 62.37 -86.61
CA ALA I 83 -40.36 63.15 -87.42
C ALA I 83 -40.21 64.63 -87.13
N LEU I 84 -40.04 64.97 -85.86
CA LEU I 84 -39.89 66.36 -85.45
C LEU I 84 -38.64 67.00 -86.10
N VAL I 85 -37.85 66.19 -86.80
CA VAL I 85 -36.64 66.69 -87.45
C VAL I 85 -36.83 66.87 -88.96
N GLN I 86 -37.58 65.97 -89.60
CA GLN I 86 -37.84 66.11 -91.02
C GLN I 86 -38.53 67.46 -91.20
N TYR I 87 -39.35 67.79 -90.22
CA TYR I 87 -40.05 69.07 -90.19
C TYR I 87 -38.94 70.10 -90.18
N ASN I 88 -38.52 70.52 -88.98
CA ASN I 88 -37.43 71.48 -88.88
C ASN I 88 -36.16 70.72 -88.50
N PRO I 89 -35.22 70.60 -89.44
CA PRO I 89 -33.96 69.89 -89.20
C PRO I 89 -33.08 70.60 -88.19
N ASP I 90 -33.50 71.81 -87.80
CA ASP I 90 -32.76 72.62 -86.84
C ASP I 90 -32.98 72.19 -85.40
N TYR I 91 -33.96 71.32 -85.19
CA TYR I 91 -34.30 70.84 -83.84
C TYR I 91 -33.20 69.98 -83.22
N ARG I 92 -32.42 69.31 -84.05
CA ARG I 92 -31.34 68.47 -83.58
C ARG I 92 -30.54 69.15 -82.48
N ALA I 93 -30.09 70.37 -82.75
CA ALA I 93 -29.29 71.14 -81.79
C ALA I 93 -29.76 71.03 -80.34
N LYS I 94 -31.06 70.90 -80.12
CA LYS I 94 -31.60 70.79 -78.75
C LYS I 94 -32.24 69.45 -78.48
N LEU I 95 -32.72 68.81 -79.53
CA LEU I 95 -33.37 67.51 -79.42
C LEU I 95 -32.38 66.38 -79.14
N LYS I 96 -31.19 66.47 -79.73
CA LYS I 96 -30.16 65.46 -79.56
C LYS I 96 -29.46 65.45 -78.21
N PRO I 97 -29.00 66.61 -77.73
CA PRO I 97 -28.32 66.65 -76.43
C PRO I 97 -29.09 65.91 -75.34
N LEU I 98 -30.38 65.71 -75.54
CA LEU I 98 -31.22 64.99 -74.59
C LEU I 98 -31.09 63.49 -74.87
N GLY I 99 -30.67 63.19 -76.09
CA GLY I 99 -30.49 61.81 -76.49
C GLY I 99 -31.72 61.17 -77.09
N PHE I 100 -32.73 61.98 -77.38
CA PHE I 100 -33.96 61.45 -77.96
C PHE I 100 -33.74 60.83 -79.34
N LEU I 101 -32.69 61.26 -80.03
CA LEU I 101 -32.41 60.75 -81.36
C LEU I 101 -31.50 59.53 -81.38
N THR I 102 -31.49 58.80 -80.27
CA THR I 102 -30.69 57.58 -80.15
C THR I 102 -31.65 56.40 -80.17
N ARG I 103 -31.16 55.23 -80.54
CA ARG I 103 -32.01 54.05 -80.57
C ARG I 103 -31.51 53.06 -79.53
N ASP I 104 -32.02 53.19 -78.31
CA ASP I 104 -31.65 52.31 -77.21
C ASP I 104 -31.50 50.89 -77.75
N ALA I 105 -30.26 50.42 -77.83
CA ALA I 105 -29.98 49.08 -78.38
C ALA I 105 -30.05 47.92 -77.37
N ARG I 106 -30.56 48.21 -76.17
CA ARG I 106 -30.69 47.21 -75.12
C ARG I 106 -31.81 46.24 -75.48
N VAL I 107 -31.44 44.99 -75.74
CA VAL I 107 -32.37 43.94 -76.12
C VAL I 107 -32.21 42.74 -75.18
N VAL I 108 -33.18 41.83 -75.19
CA VAL I 108 -33.11 40.64 -74.34
C VAL I 108 -31.83 39.89 -74.68
N GLU I 109 -31.21 39.28 -73.68
CA GLU I 109 -29.99 38.51 -73.89
C GLU I 109 -30.34 37.05 -74.11
N ARG I 110 -29.71 36.47 -75.13
CA ARG I 110 -29.92 35.07 -75.48
C ARG I 110 -29.82 34.21 -74.24
N LYS I 111 -30.57 33.11 -74.22
CA LYS I 111 -30.57 32.17 -73.11
C LYS I 111 -29.52 31.10 -73.41
N LYS I 112 -28.33 31.21 -72.82
CA LYS I 112 -27.27 30.23 -73.07
C LYS I 112 -27.53 28.90 -72.38
N TYR I 113 -27.01 27.82 -72.95
CA TYR I 113 -27.24 26.51 -72.35
C TYR I 113 -26.36 26.39 -71.12
N GLY I 114 -26.63 25.36 -70.32
CA GLY I 114 -25.86 25.15 -69.10
C GLY I 114 -26.31 26.08 -67.99
N LYS I 115 -26.89 27.22 -68.37
CA LYS I 115 -27.36 28.19 -67.40
C LYS I 115 -28.87 28.33 -67.47
N HIS I 116 -29.46 28.77 -66.36
CA HIS I 116 -30.91 28.91 -66.26
C HIS I 116 -31.52 30.07 -67.02
N LYS I 117 -30.76 31.14 -67.21
CA LYS I 117 -31.34 32.30 -67.85
C LYS I 117 -30.37 33.22 -68.58
N ALA I 118 -29.37 32.67 -69.25
CA ALA I 118 -28.39 33.51 -69.96
C ALA I 118 -27.23 33.84 -69.04
N ARG I 119 -27.51 33.92 -67.76
CA ARG I 119 -26.50 34.21 -66.77
C ARG I 119 -26.79 33.45 -65.49
N ARG I 120 -28.00 33.62 -64.98
CA ARG I 120 -28.40 32.93 -63.76
C ARG I 120 -27.88 31.51 -63.88
N ALA I 121 -26.81 31.21 -63.15
CA ALA I 121 -26.19 29.90 -63.19
C ALA I 121 -26.76 29.00 -62.10
N PRO I 122 -26.95 27.71 -62.39
CA PRO I 122 -27.49 26.78 -61.40
C PRO I 122 -26.60 26.76 -60.16
N GLN I 123 -27.18 26.43 -59.01
CA GLN I 123 -26.45 26.41 -57.74
C GLN I 123 -26.03 25.03 -57.28
N TYR I 124 -24.94 25.00 -56.50
CA TYR I 124 -24.41 23.75 -55.96
C TYR I 124 -24.40 23.78 -54.43
N SER I 125 -24.16 22.62 -53.84
CA SER I 125 -24.14 22.49 -52.39
C SER I 125 -22.72 22.35 -51.86
N LYS I 126 -22.45 21.21 -51.23
CA LYS I 126 -21.14 20.93 -50.68
C LYS I 126 -20.10 20.70 -51.76
N ARG I 127 -19.96 21.67 -52.66
CA ARG I 127 -18.98 21.60 -53.73
C ARG I 127 -17.61 21.45 -53.08
N LYS J 1 -51.01 34.62 -115.29
CA LYS J 1 -51.10 34.48 -113.81
C LYS J 1 -50.55 33.13 -113.36
N ILE J 2 -49.27 32.90 -113.63
CA ILE J 2 -48.60 31.67 -113.23
C ILE J 2 -47.75 31.94 -112.00
N ARG J 3 -48.24 31.46 -110.85
CA ARG J 3 -47.55 31.64 -109.57
C ARG J 3 -46.47 30.59 -109.34
N ILE J 4 -45.23 31.06 -109.29
CA ILE J 4 -44.09 30.17 -109.07
C ILE J 4 -43.60 30.34 -107.64
N LYS J 5 -43.19 29.24 -107.01
CA LYS J 5 -42.68 29.30 -105.65
C LYS J 5 -41.40 28.48 -105.60
N LEU J 6 -40.28 29.17 -105.39
CA LEU J 6 -38.97 28.53 -105.34
C LEU J 6 -38.40 28.42 -103.94
N ARG J 7 -37.94 27.22 -103.59
CA ARG J 7 -37.35 26.99 -102.28
C ARG J 7 -36.00 26.31 -102.43
N GLY J 8 -35.03 26.77 -101.67
CA GLY J 8 -33.70 26.19 -101.72
C GLY J 8 -32.94 26.40 -100.43
N PHE J 9 -31.85 25.67 -100.28
CA PHE J 9 -31.02 25.77 -99.08
C PHE J 9 -29.99 26.87 -99.23
N ASP J 10 -29.52 27.06 -100.46
CA ASP J 10 -28.53 28.08 -100.76
C ASP J 10 -29.23 29.37 -101.20
N HIS J 11 -28.93 30.47 -100.53
CA HIS J 11 -29.56 31.73 -100.89
C HIS J 11 -29.00 32.29 -102.20
N LYS J 12 -28.18 31.51 -102.88
CA LYS J 12 -27.61 31.93 -104.16
C LYS J 12 -28.15 31.03 -105.26
N THR J 13 -28.30 29.76 -104.92
CA THR J 13 -28.80 28.76 -105.85
C THR J 13 -30.26 29.10 -106.19
N LEU J 14 -30.79 30.11 -105.51
CA LEU J 14 -32.15 30.56 -105.78
C LEU J 14 -32.10 31.90 -106.47
N ASP J 15 -31.44 32.87 -105.85
CA ASP J 15 -31.32 34.19 -106.47
C ASP J 15 -30.79 34.02 -107.89
N ALA J 16 -30.06 32.94 -108.13
CA ALA J 16 -29.55 32.64 -109.46
C ALA J 16 -30.75 32.05 -110.21
N SER J 17 -31.21 30.90 -109.70
CA SER J 17 -32.35 30.21 -110.26
C SER J 17 -33.53 31.14 -110.55
N ALA J 18 -34.26 31.53 -109.50
CA ALA J 18 -35.41 32.41 -109.66
C ALA J 18 -35.13 33.66 -110.49
N GLN J 19 -33.87 34.06 -110.61
CA GLN J 19 -33.58 35.24 -111.42
C GLN J 19 -33.58 34.91 -112.90
N LYS J 20 -33.22 33.66 -113.24
CA LYS J 20 -33.22 33.24 -114.64
C LYS J 20 -34.66 33.37 -115.10
N ILE J 21 -35.55 32.78 -114.30
CA ILE J 21 -36.98 32.78 -114.56
C ILE J 21 -37.54 34.18 -114.79
N VAL J 22 -36.88 35.19 -114.24
CA VAL J 22 -37.35 36.56 -114.42
C VAL J 22 -36.91 37.16 -115.75
N GLU J 23 -35.61 37.06 -116.06
CA GLU J 23 -35.07 37.59 -117.30
C GLU J 23 -35.64 36.85 -118.52
N ALA J 24 -35.85 35.56 -118.38
CA ALA J 24 -36.38 34.74 -119.46
C ALA J 24 -37.78 35.23 -119.88
N ALA J 25 -38.77 34.89 -119.08
CA ALA J 25 -40.16 35.27 -119.36
C ALA J 25 -40.40 36.77 -119.58
N ARG J 26 -39.41 37.61 -119.25
CA ARG J 26 -39.54 39.05 -119.44
C ARG J 26 -39.46 39.39 -120.92
N ARG J 27 -39.74 38.39 -121.76
CA ARG J 27 -39.68 38.57 -123.20
C ARG J 27 -40.70 37.65 -123.87
N SER J 28 -41.85 37.45 -123.20
CA SER J 28 -42.89 36.58 -123.74
C SER J 28 -44.17 36.56 -122.92
N GLY J 29 -44.25 37.44 -121.92
CA GLY J 29 -45.45 37.51 -121.09
C GLY J 29 -45.57 38.91 -120.51
N ALA J 30 -46.12 39.03 -119.30
CA ALA J 30 -46.24 40.34 -118.66
C ALA J 30 -44.84 40.85 -118.40
N GLN J 31 -44.60 41.41 -117.21
CA GLN J 31 -43.26 41.91 -116.90
C GLN J 31 -42.76 41.36 -115.57
N VAL J 32 -43.45 40.33 -115.08
CA VAL J 32 -43.08 39.65 -113.84
C VAL J 32 -43.15 40.57 -112.62
N SER J 33 -43.60 40.01 -111.49
CA SER J 33 -43.72 40.76 -110.23
C SER J 33 -42.37 40.83 -109.51
N GLY J 34 -41.29 40.58 -110.23
CA GLY J 34 -39.97 40.60 -109.62
C GLY J 34 -39.87 39.48 -108.60
N PRO J 35 -38.68 38.90 -108.40
CA PRO J 35 -38.57 37.82 -107.42
C PRO J 35 -38.74 38.31 -105.98
N ILE J 36 -39.95 38.20 -105.46
CA ILE J 36 -40.22 38.61 -104.08
C ILE J 36 -39.66 37.56 -103.13
N PRO J 37 -38.88 38.01 -102.13
CA PRO J 37 -38.24 37.18 -101.11
C PRO J 37 -39.09 36.12 -100.42
N LEU J 38 -39.60 36.46 -99.24
CA LEU J 38 -40.42 35.58 -98.40
C LEU J 38 -39.59 35.03 -97.25
N PRO J 39 -40.09 35.18 -96.01
CA PRO J 39 -39.40 34.72 -94.80
C PRO J 39 -38.78 33.33 -94.92
N THR J 40 -37.68 33.15 -94.20
CA THR J 40 -36.94 31.88 -94.18
C THR J 40 -37.31 31.08 -92.94
N ARG J 41 -37.46 29.76 -93.08
CA ARG J 41 -37.78 28.94 -91.90
C ARG J 41 -36.56 28.14 -91.46
N VAL J 42 -36.06 28.45 -90.25
CA VAL J 42 -34.88 27.78 -89.72
C VAL J 42 -35.19 26.64 -88.74
N ARG J 43 -34.47 25.53 -88.89
CA ARG J 43 -34.61 24.36 -88.04
C ARG J 43 -33.36 24.26 -87.19
N ARG J 44 -33.50 24.35 -85.87
CA ARG J 44 -32.33 24.24 -84.98
C ARG J 44 -32.24 22.82 -84.39
N PHE J 45 -31.01 22.34 -84.28
CA PHE J 45 -30.74 21.03 -83.70
C PHE J 45 -29.67 21.28 -82.67
N THR J 46 -30.06 21.32 -81.40
CA THR J 46 -29.09 21.56 -80.35
C THR J 46 -28.72 20.20 -79.80
N VAL J 47 -27.44 19.87 -79.98
CA VAL J 47 -26.92 18.58 -79.56
C VAL J 47 -25.76 18.65 -78.58
N ILE J 48 -25.72 17.70 -77.66
CA ILE J 48 -24.64 17.58 -76.68
C ILE J 48 -23.41 17.24 -77.51
N ARG J 49 -22.30 17.91 -77.27
CA ARG J 49 -21.09 17.65 -78.05
C ARG J 49 -20.54 16.24 -78.02
N GLY J 50 -20.22 15.73 -76.85
CA GLY J 50 -19.68 14.39 -76.82
C GLY J 50 -20.67 13.35 -76.39
N PRO J 51 -20.30 12.06 -76.41
CA PRO J 51 -21.25 11.03 -75.96
C PRO J 51 -21.13 11.05 -74.45
N PHE J 52 -21.75 10.10 -73.78
CA PHE J 52 -21.67 10.04 -72.32
C PHE J 52 -21.44 11.35 -71.54
N LYS J 53 -22.48 11.77 -70.81
CA LYS J 53 -22.51 12.98 -69.98
C LYS J 53 -22.03 14.29 -70.58
N HIS J 54 -21.55 15.20 -69.73
CA HIS J 54 -21.09 16.53 -70.17
C HIS J 54 -22.28 17.37 -70.63
N LYS J 55 -23.41 17.24 -69.93
CA LYS J 55 -24.65 17.96 -70.23
C LYS J 55 -24.52 19.36 -70.83
N ASP J 56 -23.42 20.05 -70.54
CA ASP J 56 -23.27 21.41 -71.05
C ASP J 56 -22.34 21.60 -72.20
N SER J 57 -22.20 20.58 -73.05
CA SER J 57 -21.32 20.66 -74.22
C SER J 57 -22.05 21.46 -75.29
N ARG J 58 -23.01 20.81 -75.93
CA ARG J 58 -23.84 21.42 -76.97
C ARG J 58 -23.31 21.63 -78.38
N GLU J 59 -23.38 22.86 -78.88
CA GLU J 59 -23.00 23.22 -80.26
C GLU J 59 -24.29 23.12 -81.13
N HIS J 60 -24.62 24.25 -81.77
CA HIS J 60 -25.83 24.39 -82.59
C HIS J 60 -25.72 24.17 -84.10
N PHE J 61 -26.74 23.51 -84.63
CA PHE J 61 -26.86 23.20 -86.06
C PHE J 61 -28.23 23.64 -86.55
N GLU J 62 -28.26 24.41 -87.63
CA GLU J 62 -29.55 24.86 -88.19
C GLU J 62 -29.64 24.55 -89.69
N LEU J 63 -30.85 24.24 -90.14
CA LEU J 63 -31.10 23.93 -91.55
C LEU J 63 -32.09 24.94 -92.13
N ARG J 64 -31.60 26.13 -92.45
CA ARG J 64 -32.47 27.19 -92.97
C ARG J 64 -32.96 27.01 -94.40
N THR J 65 -34.27 27.08 -94.57
CA THR J 65 -34.93 26.93 -95.87
C THR J 65 -35.35 28.29 -96.40
N HIS J 66 -34.95 28.61 -97.63
CA HIS J 66 -35.30 29.91 -98.20
C HIS J 66 -36.39 29.79 -99.26
N ASN J 67 -37.12 30.88 -99.46
CA ASN J 67 -38.21 30.90 -100.42
C ASN J 67 -38.17 32.11 -101.37
N ARG J 68 -38.76 31.93 -102.55
CA ARG J 68 -38.84 32.97 -103.58
C ARG J 68 -40.19 32.81 -104.27
N LEU J 69 -40.71 33.87 -104.86
CA LEU J 69 -42.02 33.79 -105.51
C LEU J 69 -42.06 34.14 -107.00
N VAL J 70 -41.86 35.42 -107.32
CA VAL J 70 -41.88 35.89 -108.71
C VAL J 70 -43.27 36.29 -109.21
N ASP J 71 -44.05 35.34 -109.71
CA ASP J 71 -45.41 35.61 -110.23
C ASP J 71 -45.45 36.25 -111.61
N ILE J 72 -45.88 35.47 -112.60
CA ILE J 72 -45.99 35.94 -113.99
C ILE J 72 -47.45 35.96 -114.44
N ILE J 73 -48.05 37.14 -114.48
CA ILE J 73 -49.42 37.25 -114.94
C ILE J 73 -49.31 37.44 -116.45
N ASN J 74 -50.39 37.18 -117.19
CA ASN J 74 -50.36 37.29 -118.64
C ASN J 74 -49.44 36.23 -119.23
N PRO J 75 -49.82 34.95 -119.10
CA PRO J 75 -49.04 33.83 -119.62
C PRO J 75 -49.17 33.81 -121.14
N ASN J 76 -48.05 33.73 -121.84
CA ASN J 76 -48.10 33.73 -123.31
C ASN J 76 -47.17 32.75 -124.01
N ARG J 77 -47.64 31.51 -124.17
CA ARG J 77 -46.90 30.45 -124.88
C ARG J 77 -45.37 30.55 -124.86
N LYS J 78 -44.82 31.59 -125.47
CA LYS J 78 -43.37 31.80 -125.53
C LYS J 78 -42.78 31.90 -124.12
N THR J 79 -43.60 32.35 -123.17
CA THR J 79 -43.15 32.45 -121.78
C THR J 79 -42.86 31.01 -121.37
N ILE J 80 -43.87 30.16 -121.58
CA ILE J 80 -43.76 28.74 -121.26
C ILE J 80 -42.83 28.07 -122.26
N GLU J 81 -42.01 28.90 -122.90
CA GLU J 81 -41.05 28.40 -123.89
C GLU J 81 -39.65 28.73 -123.36
N GLN J 82 -39.49 29.99 -122.94
CA GLN J 82 -38.23 30.45 -122.39
C GLN J 82 -37.99 29.85 -121.02
N LEU J 83 -39.05 29.33 -120.41
CA LEU J 83 -38.97 28.72 -119.08
C LEU J 83 -39.06 27.20 -119.18
N MET J 84 -40.19 26.71 -119.68
CA MET J 84 -40.49 25.29 -119.84
C MET J 84 -39.35 24.30 -119.68
N THR J 85 -38.23 24.53 -120.36
CA THR J 85 -37.10 23.60 -120.26
C THR J 85 -35.76 24.30 -120.45
N LEU J 86 -35.38 25.13 -119.48
CA LEU J 86 -34.12 25.86 -119.54
C LEU J 86 -33.56 26.24 -118.16
N ASP J 87 -33.75 25.37 -117.17
CA ASP J 87 -33.27 25.63 -115.82
C ASP J 87 -31.82 25.16 -115.67
N LEU J 88 -31.27 25.27 -114.46
CA LEU J 88 -29.88 24.85 -114.24
C LEU J 88 -29.50 24.33 -112.84
N PRO J 89 -29.82 25.07 -111.76
CA PRO J 89 -29.47 24.64 -110.40
C PRO J 89 -29.96 23.26 -109.96
N THR J 90 -29.16 22.63 -109.08
CA THR J 90 -29.45 21.30 -108.54
C THR J 90 -29.92 21.33 -107.10
N GLY J 91 -29.52 22.37 -106.38
CA GLY J 91 -29.92 22.51 -104.98
C GLY J 91 -31.24 23.24 -104.85
N VAL J 92 -32.03 23.20 -105.91
CA VAL J 92 -33.33 23.85 -105.93
C VAL J 92 -34.42 22.85 -106.28
N GLU J 93 -35.66 23.26 -106.02
CA GLU J 93 -36.83 22.43 -106.29
C GLU J 93 -38.03 23.37 -106.33
N ILE J 94 -38.72 23.39 -107.47
CA ILE J 94 -39.88 24.27 -107.64
C ILE J 94 -41.23 23.61 -107.47
N GLU J 95 -42.23 24.48 -107.42
CA GLU J 95 -43.63 24.13 -107.30
C GLU J 95 -44.32 25.33 -107.96
N ILE J 96 -45.15 25.05 -108.96
CA ILE J 96 -45.85 26.13 -109.65
C ILE J 96 -47.34 25.82 -109.70
N LYS J 97 -48.15 26.87 -109.56
CA LYS J 97 -49.59 26.74 -109.60
C LYS J 97 -50.18 27.96 -110.27
N THR J 98 -50.36 27.89 -111.58
CA THR J 98 -50.92 29.00 -112.35
C THR J 98 -52.37 29.24 -111.98
N LYS K 1 -8.56 75.41 -4.94
CA LYS K 1 -8.83 76.40 -3.86
C LYS K 1 -7.54 76.81 -3.15
N ARG K 2 -6.70 77.55 -3.86
CA ARG K 2 -5.41 78.05 -3.37
C ARG K 2 -5.07 79.20 -4.29
N GLN K 3 -5.39 79.01 -5.56
CA GLN K 3 -5.14 80.00 -6.62
C GLN K 3 -3.65 80.11 -6.92
N VAL K 4 -3.21 79.26 -7.85
CA VAL K 4 -1.83 79.17 -8.27
C VAL K 4 -1.54 80.04 -9.48
N ALA K 5 -2.15 79.67 -10.61
CA ALA K 5 -1.99 80.39 -11.87
C ALA K 5 -0.87 79.82 -12.74
N SER K 6 0.38 80.06 -12.34
CA SER K 6 1.55 79.57 -13.08
C SER K 6 2.01 78.22 -12.55
N GLY K 7 2.19 77.25 -13.45
CA GLY K 7 2.63 75.93 -13.02
C GLY K 7 3.15 75.00 -14.10
N ARG K 8 3.37 73.74 -13.74
CA ARG K 8 3.86 72.71 -14.64
C ARG K 8 2.84 71.64 -15.00
N ALA K 9 2.97 71.07 -16.19
CA ALA K 9 2.08 70.01 -16.63
C ALA K 9 2.93 68.85 -17.12
N TYR K 10 2.86 67.71 -16.43
CA TYR K 10 3.62 66.54 -16.80
C TYR K 10 2.78 65.58 -17.61
N ILE K 11 3.22 65.34 -18.84
CA ILE K 11 2.52 64.41 -19.70
C ILE K 11 3.36 63.15 -19.76
N HIS K 12 2.80 62.08 -19.20
CA HIS K 12 3.45 60.79 -19.15
C HIS K 12 2.81 59.79 -20.13
N ALA K 13 3.28 59.83 -21.38
CA ALA K 13 2.76 58.94 -22.42
C ALA K 13 3.32 57.53 -22.27
N SER K 14 2.63 56.56 -22.85
CA SER K 14 3.04 55.16 -22.81
C SER K 14 2.16 54.39 -23.77
N TYR K 15 2.62 53.23 -24.23
CA TYR K 15 1.80 52.49 -25.16
C TYR K 15 0.57 51.82 -24.57
N ASN K 16 0.29 52.11 -23.30
CA ASN K 16 -0.88 51.53 -22.65
C ASN K 16 -1.84 52.56 -22.07
N ASN K 17 -1.33 53.76 -21.82
CA ASN K 17 -2.15 54.82 -21.24
C ASN K 17 -1.40 56.15 -21.15
N THR K 18 -2.17 57.22 -20.99
CA THR K 18 -1.58 58.55 -20.87
C THR K 18 -2.08 59.13 -19.58
N ILE K 19 -1.20 59.75 -18.82
CA ILE K 19 -1.63 60.36 -17.57
C ILE K 19 -0.94 61.70 -17.35
N VAL K 20 -1.77 62.73 -17.24
CA VAL K 20 -1.30 64.10 -17.06
C VAL K 20 -1.44 64.54 -15.62
N THR K 21 -0.40 65.16 -15.11
CA THR K 21 -0.41 65.65 -13.73
C THR K 21 -0.04 67.11 -13.78
N ILE K 22 -0.87 67.98 -13.22
CA ILE K 22 -0.55 69.41 -13.21
C ILE K 22 0.07 69.76 -11.85
N THR K 23 1.03 70.68 -11.85
CA THR K 23 1.69 71.05 -10.62
C THR K 23 2.01 72.54 -10.48
N ASP K 24 2.38 72.92 -9.26
CA ASP K 24 2.72 74.30 -8.94
C ASP K 24 4.16 74.60 -9.39
N PRO K 25 4.53 75.89 -9.43
CA PRO K 25 5.87 76.34 -9.83
C PRO K 25 7.06 75.52 -9.36
N ASP K 26 6.86 74.60 -8.42
CA ASP K 26 7.98 73.79 -7.98
C ASP K 26 7.75 72.29 -7.76
N GLY K 27 6.81 71.72 -8.51
CA GLY K 27 6.62 70.29 -8.44
C GLY K 27 5.46 69.59 -7.76
N ASN K 28 4.92 70.16 -6.69
CA ASN K 28 3.81 69.49 -6.00
C ASN K 28 2.54 69.54 -6.84
N PRO K 29 1.97 68.35 -7.11
CA PRO K 29 0.76 68.27 -7.92
C PRO K 29 -0.48 68.97 -7.38
N ILE K 30 -1.25 69.53 -8.29
CA ILE K 30 -2.49 70.20 -7.95
C ILE K 30 -3.64 69.25 -8.27
N THR K 31 -3.59 68.66 -9.46
CA THR K 31 -4.60 67.71 -9.92
C THR K 31 -3.97 66.79 -10.94
N TRP K 32 -4.61 65.63 -11.17
CA TRP K 32 -4.12 64.67 -12.15
C TRP K 32 -5.24 63.93 -12.85
N SER K 33 -5.02 63.56 -14.11
CA SER K 33 -6.00 62.81 -14.89
C SER K 33 -5.33 61.69 -15.67
N SER K 34 -6.13 60.84 -16.30
CA SER K 34 -5.58 59.74 -17.07
C SER K 34 -6.65 59.14 -17.96
N GLY K 35 -6.30 58.04 -18.63
CA GLY K 35 -7.25 57.37 -19.49
C GLY K 35 -8.28 56.65 -18.64
N GLY K 36 -7.86 56.27 -17.44
CA GLY K 36 -8.76 55.58 -16.54
C GLY K 36 -9.62 56.57 -15.78
N VAL K 37 -9.02 57.66 -15.31
CA VAL K 37 -9.74 58.68 -14.57
C VAL K 37 -11.05 58.94 -15.29
N ILE K 38 -10.98 58.97 -16.61
CA ILE K 38 -12.17 59.18 -17.40
C ILE K 38 -12.64 57.81 -17.88
N GLY K 39 -13.82 57.78 -18.47
CA GLY K 39 -14.39 56.52 -18.95
C GLY K 39 -13.49 55.31 -19.12
N TYR K 40 -12.87 55.22 -20.28
CA TYR K 40 -11.97 54.14 -20.72
C TYR K 40 -11.31 53.26 -19.66
N LYS K 41 -11.37 51.94 -19.88
CA LYS K 41 -10.81 50.99 -18.94
C LYS K 41 -9.62 50.13 -19.36
N GLY K 42 -9.64 49.58 -20.58
CA GLY K 42 -8.52 48.72 -20.95
C GLY K 42 -7.62 49.25 -22.03
N SER K 43 -7.79 48.71 -23.22
CA SER K 43 -7.01 49.16 -24.34
C SER K 43 -7.34 50.64 -24.64
N ARG K 44 -8.63 50.94 -24.63
CA ARG K 44 -9.13 52.28 -24.92
C ARG K 44 -8.34 53.35 -24.17
N LYS K 45 -7.96 53.02 -22.95
CA LYS K 45 -7.23 53.93 -22.07
C LYS K 45 -6.01 54.60 -22.76
N GLY K 46 -5.32 53.86 -23.61
CA GLY K 46 -4.16 54.41 -24.28
C GLY K 46 -4.50 55.46 -25.31
N THR K 47 -5.14 55.02 -26.39
CA THR K 47 -5.58 55.86 -27.51
C THR K 47 -5.48 57.37 -27.34
N PRO K 48 -5.00 58.07 -28.38
CA PRO K 48 -4.84 59.53 -28.38
C PRO K 48 -6.08 60.28 -27.92
N TYR K 49 -7.26 59.76 -28.25
CA TYR K 49 -8.47 60.43 -27.82
C TYR K 49 -8.45 60.54 -26.32
N ALA K 50 -8.29 59.40 -25.65
CA ALA K 50 -8.22 59.39 -24.18
C ALA K 50 -7.18 60.42 -23.75
N ALA K 51 -5.97 60.30 -24.28
CA ALA K 51 -4.93 61.27 -23.95
C ALA K 51 -5.56 62.66 -24.01
N GLN K 52 -6.27 62.93 -25.10
CA GLN K 52 -6.90 64.24 -25.22
C GLN K 52 -7.81 64.53 -24.04
N LEU K 53 -8.86 63.74 -23.91
CA LEU K 53 -9.79 63.93 -22.80
C LEU K 53 -9.04 64.15 -21.48
N ALA K 54 -8.12 63.25 -21.17
CA ALA K 54 -7.36 63.35 -19.92
C ALA K 54 -6.62 64.67 -19.80
N ALA K 55 -6.05 65.16 -20.91
CA ALA K 55 -5.32 66.42 -20.89
C ALA K 55 -6.29 67.49 -20.43
N LEU K 56 -7.42 67.58 -21.14
CA LEU K 56 -8.46 68.55 -20.84
C LEU K 56 -8.89 68.46 -19.38
N ASP K 57 -9.34 67.27 -18.98
CA ASP K 57 -9.77 67.04 -17.60
C ASP K 57 -8.72 67.64 -16.67
N ALA K 58 -7.45 67.38 -16.97
CA ALA K 58 -6.36 67.89 -16.15
C ALA K 58 -6.41 69.41 -16.07
N ALA K 59 -6.50 70.07 -17.22
CA ALA K 59 -6.53 71.53 -17.23
C ALA K 59 -7.80 72.04 -16.54
N LYS K 60 -8.96 71.66 -17.05
CA LYS K 60 -10.24 72.08 -16.46
C LYS K 60 -10.13 72.05 -14.95
N LYS K 61 -9.89 70.88 -14.37
CA LYS K 61 -9.75 70.76 -12.91
C LYS K 61 -8.73 71.73 -12.33
N ALA K 62 -7.64 71.95 -13.07
CA ALA K 62 -6.60 72.86 -12.60
C ALA K 62 -7.02 74.31 -12.76
N MET K 63 -8.01 74.55 -13.63
CA MET K 63 -8.52 75.90 -13.86
C MET K 63 -9.13 76.37 -12.53
N ALA K 64 -9.67 75.41 -11.79
CA ALA K 64 -10.29 75.66 -10.49
C ALA K 64 -9.28 76.31 -9.55
N TYR K 65 -8.12 75.68 -9.37
CA TYR K 65 -7.09 76.25 -8.50
C TYR K 65 -6.58 77.54 -9.12
N GLY K 66 -7.31 78.04 -10.12
CA GLY K 66 -6.93 79.28 -10.77
C GLY K 66 -5.72 79.24 -11.68
N MET K 67 -5.39 78.07 -12.21
CA MET K 67 -4.26 77.94 -13.12
C MET K 67 -4.53 78.73 -14.39
N GLN K 68 -3.46 79.14 -15.07
CA GLN K 68 -3.60 79.89 -16.31
C GLN K 68 -2.47 79.54 -17.28
N SER K 69 -1.23 79.68 -16.82
CA SER K 69 -0.04 79.39 -17.61
C SER K 69 0.63 78.12 -17.10
N VAL K 70 1.15 77.31 -18.01
CA VAL K 70 1.81 76.06 -17.63
C VAL K 70 2.99 75.74 -18.53
N ASP K 71 3.93 74.97 -18.01
CA ASP K 71 5.10 74.52 -18.77
C ASP K 71 4.87 73.02 -18.93
N VAL K 72 4.84 72.56 -20.17
CA VAL K 72 4.59 71.15 -20.40
C VAL K 72 5.88 70.34 -20.43
N ILE K 73 5.81 69.15 -19.85
CA ILE K 73 6.95 68.25 -19.78
C ILE K 73 6.51 66.86 -20.21
N VAL K 74 7.02 66.44 -21.35
CA VAL K 74 6.67 65.15 -21.93
C VAL K 74 7.65 64.08 -21.50
N ARG K 75 7.12 62.97 -21.03
CA ARG K 75 7.95 61.86 -20.59
C ARG K 75 7.44 60.62 -21.30
N GLY K 76 8.33 59.93 -22.00
CA GLY K 76 7.96 58.71 -22.70
C GLY K 76 7.35 58.93 -24.05
N THR K 77 7.10 57.84 -24.76
CA THR K 77 6.51 57.89 -26.08
C THR K 77 5.33 56.96 -26.00
N GLY K 78 4.29 57.23 -26.78
CA GLY K 78 3.15 56.33 -26.72
C GLY K 78 1.89 56.71 -27.45
N ALA K 79 0.90 55.84 -27.34
CA ALA K 79 -0.40 56.03 -27.96
C ALA K 79 -0.89 57.45 -27.75
N GLY K 80 -0.61 58.32 -28.72
CA GLY K 80 -1.04 59.71 -28.63
C GLY K 80 -0.53 60.54 -27.46
N ARG K 81 0.70 61.04 -27.60
CA ARG K 81 1.30 61.87 -26.58
C ARG K 81 1.13 63.30 -27.10
N GLU K 82 1.17 63.44 -28.41
CA GLU K 82 1.04 64.75 -29.02
C GLU K 82 -0.36 65.32 -28.84
N GLN K 83 -1.36 64.45 -28.87
CA GLN K 83 -2.75 64.88 -28.69
C GLN K 83 -2.89 65.55 -27.34
N ALA K 84 -2.22 64.98 -26.34
CA ALA K 84 -2.25 65.52 -25.00
C ALA K 84 -1.59 66.90 -25.01
N ILE K 85 -0.45 67.00 -25.67
CA ILE K 85 0.25 68.28 -25.75
C ILE K 85 -0.59 69.30 -26.51
N ARG K 86 -1.60 68.82 -27.23
CA ARG K 86 -2.45 69.73 -27.99
C ARG K 86 -3.68 70.11 -27.17
N ALA K 87 -4.36 69.11 -26.62
CA ALA K 87 -5.53 69.36 -25.80
C ALA K 87 -5.19 70.40 -24.73
N LEU K 88 -3.92 70.46 -24.35
CA LEU K 88 -3.51 71.43 -23.35
C LEU K 88 -3.50 72.79 -24.00
N GLN K 89 -2.68 72.95 -25.02
CA GLN K 89 -2.59 74.23 -25.70
C GLN K 89 -3.96 74.85 -25.95
N ALA K 90 -4.95 73.99 -26.22
CA ALA K 90 -6.31 74.47 -26.47
C ALA K 90 -7.16 74.59 -25.20
N SER K 91 -6.96 73.66 -24.27
CA SER K 91 -7.71 73.64 -23.01
C SER K 91 -8.08 75.04 -22.54
N GLY K 92 -7.17 75.98 -22.74
CA GLY K 92 -7.43 77.34 -22.32
C GLY K 92 -6.15 77.87 -21.70
N LEU K 93 -5.43 76.98 -21.05
CA LEU K 93 -4.17 77.33 -20.42
C LEU K 93 -3.16 77.78 -21.47
N GLN K 94 -2.46 78.85 -21.17
CA GLN K 94 -1.45 79.32 -22.08
C GLN K 94 -0.27 78.41 -21.82
N VAL K 95 0.15 77.66 -22.83
CA VAL K 95 1.29 76.76 -22.71
C VAL K 95 2.57 77.56 -22.95
N LYS K 96 3.39 77.70 -21.92
CA LYS K 96 4.64 78.44 -22.01
C LYS K 96 5.73 77.71 -22.77
N SER K 97 5.74 76.38 -22.65
CA SER K 97 6.75 75.59 -23.33
C SER K 97 6.54 74.10 -23.20
N ILE K 98 6.91 73.38 -24.26
CA ILE K 98 6.81 71.93 -24.27
C ILE K 98 8.26 71.45 -24.21
N VAL K 99 8.51 70.41 -23.41
CA VAL K 99 9.86 69.90 -23.24
C VAL K 99 9.91 68.40 -23.02
N ASP K 100 10.72 67.72 -23.83
CA ASP K 100 10.88 66.28 -23.71
C ASP K 100 11.95 66.01 -22.66
N ASP K 101 11.58 65.30 -21.60
CA ASP K 101 12.50 64.96 -20.53
C ASP K 101 12.35 63.46 -20.25
N THR K 102 12.02 62.71 -21.28
CA THR K 102 11.86 61.26 -21.15
C THR K 102 13.17 60.68 -20.66
N PRO K 103 13.15 59.95 -19.54
CA PRO K 103 14.35 59.35 -18.97
C PRO K 103 14.97 58.26 -19.84
N VAL K 104 16.28 58.13 -19.75
CA VAL K 104 16.97 57.11 -20.51
C VAL K 104 18.21 56.72 -19.75
N PRO K 105 18.46 55.42 -19.58
CA PRO K 105 19.65 55.04 -18.83
C PRO K 105 20.86 55.18 -19.70
N HIS K 106 22.01 55.22 -19.07
CA HIS K 106 23.26 55.29 -19.80
C HIS K 106 23.73 53.83 -19.70
N ASN K 107 22.73 52.96 -19.87
CA ASN K 107 22.81 51.52 -19.83
C ASN K 107 23.06 51.02 -18.43
N GLY K 108 21.99 50.73 -17.70
CA GLY K 108 22.15 50.28 -16.33
C GLY K 108 21.53 48.94 -15.95
N CYS K 109 20.21 48.83 -16.09
CA CYS K 109 19.54 47.58 -15.73
C CYS K 109 19.13 46.75 -16.92
N ARG K 110 19.34 45.44 -16.85
CA ARG K 110 18.93 44.58 -17.96
C ARG K 110 17.44 44.75 -18.02
N PRO K 111 16.91 45.05 -19.19
CA PRO K 111 15.45 45.19 -19.28
C PRO K 111 14.81 43.82 -19.37
N LYS K 112 13.51 43.76 -19.10
CA LYS K 112 12.82 42.47 -19.17
C LYS K 112 12.83 41.99 -20.61
N LYS K 113 12.82 40.68 -20.77
CA LYS K 113 12.85 40.03 -22.08
C LYS K 113 12.10 40.83 -23.10
N LYS K 114 10.84 41.11 -22.82
CA LYS K 114 9.99 41.87 -23.72
C LYS K 114 10.69 43.08 -24.33
N PHE K 115 11.67 43.67 -23.63
CA PHE K 115 12.33 44.85 -24.18
C PHE K 115 13.81 44.66 -24.50
N ARG K 116 14.24 43.42 -24.64
CA ARG K 116 15.64 43.16 -24.94
C ARG K 116 15.97 43.12 -26.42
N LYS K 117 16.07 41.89 -26.96
CA LYS K 117 16.40 41.67 -28.37
C LYS K 117 16.81 42.93 -29.09
N ALA K 118 17.98 43.45 -28.73
CA ALA K 118 18.50 44.67 -29.31
C ALA K 118 20.01 44.61 -29.53
N SER K 119 20.71 45.63 -29.04
CA SER K 119 22.17 45.75 -29.16
C SER K 119 22.68 45.59 -30.59
N PRO L 1 49.89 13.62 -46.89
CA PRO L 1 50.85 13.31 -45.81
C PRO L 1 52.22 13.54 -46.40
N THR L 2 53.12 14.14 -45.62
CA THR L 2 54.49 14.40 -46.08
C THR L 2 55.24 13.10 -46.24
N ILE L 3 56.30 13.11 -47.04
CA ILE L 3 57.10 11.92 -47.23
C ILE L 3 57.62 11.45 -45.89
N ASN L 4 58.10 12.37 -45.07
CA ASN L 4 58.62 12.00 -43.77
C ASN L 4 57.51 11.40 -42.91
N GLN L 5 56.29 11.87 -43.10
CA GLN L 5 55.17 11.35 -42.34
C GLN L 5 54.94 9.92 -42.80
N LEU L 6 54.90 9.71 -44.12
CA LEU L 6 54.69 8.38 -44.66
C LEU L 6 55.72 7.46 -44.08
N VAL L 7 56.94 7.97 -43.91
CA VAL L 7 58.00 7.14 -43.36
C VAL L 7 57.70 6.77 -41.93
N ARG L 8 57.13 7.71 -41.20
CA ARG L 8 56.80 7.47 -39.79
C ARG L 8 55.62 6.57 -39.62
N LYS L 9 54.44 7.01 -40.05
CA LYS L 9 53.23 6.22 -39.89
C LYS L 9 52.96 5.28 -41.06
N GLY L 10 53.18 5.72 -42.28
CA GLY L 10 52.95 4.83 -43.41
C GLY L 10 51.50 4.49 -43.68
N ARG L 11 51.24 3.95 -44.87
CA ARG L 11 49.87 3.59 -45.25
C ARG L 11 49.38 2.34 -44.56
N GLU L 12 48.09 2.30 -44.26
CA GLU L 12 47.47 1.16 -43.58
C GLU L 12 46.75 0.35 -44.63
N LYS L 13 47.06 -0.94 -44.74
CA LYS L 13 46.42 -1.81 -45.73
C LYS L 13 45.00 -2.17 -45.36
N VAL L 14 44.10 -2.11 -46.33
CA VAL L 14 42.69 -2.41 -46.11
C VAL L 14 42.42 -3.88 -45.80
N ARG L 15 41.50 -4.13 -44.86
CA ARG L 15 41.14 -5.50 -44.46
C ARG L 15 39.71 -5.87 -44.85
N LYS L 16 38.94 -6.96 -46.35
CA LYS L 16 37.61 -7.41 -46.73
C LYS L 16 37.02 -8.31 -45.63
N LYS L 17 35.71 -8.22 -45.44
CA LYS L 17 35.04 -9.04 -44.42
C LYS L 17 34.17 -10.05 -45.12
N SER L 18 34.25 -11.32 -44.70
CA SER L 18 33.45 -12.36 -45.34
C SER L 18 31.97 -12.09 -45.27
N LYS L 19 31.22 -12.70 -46.18
CA LYS L 19 29.78 -12.55 -46.19
C LYS L 19 29.16 -13.92 -46.04
N VAL L 20 29.98 -14.91 -45.69
CA VAL L 20 29.51 -16.26 -45.56
C VAL L 20 30.27 -17.06 -44.52
N PRO L 21 30.00 -16.85 -43.22
CA PRO L 21 30.75 -17.68 -42.25
C PRO L 21 30.31 -19.14 -42.25
N ALA L 22 30.48 -19.76 -43.42
CA ALA L 22 30.19 -21.17 -43.65
C ALA L 22 31.41 -21.79 -43.00
N LEU L 23 32.00 -21.01 -42.10
CA LEU L 23 33.20 -21.34 -41.34
C LEU L 23 34.17 -22.05 -42.24
N LYS L 24 35.30 -22.47 -41.68
CA LYS L 24 36.33 -23.17 -42.43
C LYS L 24 36.49 -22.55 -43.80
N GLY L 25 35.87 -21.38 -44.02
CA GLY L 25 35.92 -20.75 -45.32
C GLY L 25 35.80 -21.86 -46.34
N ALA L 26 34.85 -22.77 -46.08
CA ALA L 26 34.61 -23.92 -46.93
C ALA L 26 33.70 -23.55 -48.06
N PRO L 27 33.66 -24.38 -49.11
CA PRO L 27 32.80 -24.17 -50.30
C PRO L 27 31.36 -24.52 -49.98
N PHE L 28 31.20 -25.52 -49.12
CA PHE L 28 29.88 -25.99 -48.71
C PHE L 28 29.95 -26.51 -47.28
N ARG L 29 28.80 -26.53 -46.64
CA ARG L 29 28.72 -27.04 -45.29
C ARG L 29 27.39 -27.76 -45.20
N ARG L 30 27.38 -28.89 -44.49
CA ARG L 30 26.13 -29.64 -44.32
C ARG L 30 25.60 -29.46 -42.90
N GLY L 31 24.28 -29.29 -42.83
CA GLY L 31 23.63 -29.10 -41.55
C GLY L 31 22.35 -29.89 -41.48
N VAL L 32 21.66 -29.75 -40.35
CA VAL L 32 20.41 -30.47 -40.16
C VAL L 32 19.29 -29.48 -40.04
N CYS L 33 18.18 -29.75 -40.71
CA CYS L 33 17.04 -28.86 -40.65
C CYS L 33 16.42 -28.81 -39.25
N THR L 34 15.85 -27.67 -38.92
CA THR L 34 15.24 -27.49 -37.61
C THR L 34 13.81 -27.05 -37.79
N VAL L 35 13.63 -26.07 -38.66
CA VAL L 35 12.34 -25.50 -38.93
C VAL L 35 12.21 -25.24 -40.42
N VAL L 36 11.16 -25.78 -41.04
CA VAL L 36 10.96 -25.55 -42.46
C VAL L 36 9.87 -24.49 -42.64
N ARG L 37 10.08 -23.32 -42.05
CA ARG L 37 9.13 -22.22 -42.11
C ARG L 37 8.89 -21.69 -43.53
N THR L 38 8.34 -20.48 -43.61
CA THR L 38 8.05 -19.81 -44.85
C THR L 38 7.86 -18.32 -44.60
N VAL L 39 8.94 -17.58 -44.86
CA VAL L 39 9.00 -16.14 -44.66
C VAL L 39 8.29 -15.36 -45.76
N THR L 40 8.11 -14.07 -45.52
CA THR L 40 7.48 -13.20 -46.49
C THR L 40 8.56 -12.21 -46.95
N PRO L 41 8.48 -11.75 -48.22
CA PRO L 41 9.42 -10.80 -48.83
C PRO L 41 9.50 -9.45 -48.11
N LYS L 42 10.33 -8.57 -48.67
CA LYS L 42 10.58 -7.24 -48.13
C LYS L 42 10.16 -6.08 -49.08
N LYS L 43 10.39 -4.85 -48.64
CA LYS L 43 10.05 -3.67 -49.40
C LYS L 43 8.87 -3.88 -50.37
N PRO L 44 9.12 -4.19 -51.66
CA PRO L 44 7.96 -4.38 -52.54
C PRO L 44 7.43 -5.80 -52.63
N ASN L 45 8.27 -6.69 -53.11
CA ASN L 45 7.95 -8.09 -53.27
C ASN L 45 7.03 -8.71 -52.24
N SER L 46 6.25 -9.70 -52.70
CA SER L 46 5.32 -10.43 -51.85
C SER L 46 5.21 -11.88 -52.34
N ALA L 47 5.16 -12.81 -51.38
CA ALA L 47 5.05 -14.25 -51.71
C ALA L 47 5.43 -15.06 -50.48
N LEU L 48 5.47 -16.38 -50.62
CA LEU L 48 5.82 -17.24 -49.49
C LEU L 48 7.14 -17.94 -49.73
N ARG L 49 8.24 -17.24 -49.46
CA ARG L 49 9.55 -17.83 -49.65
C ARG L 49 9.80 -19.02 -48.72
N LYS L 50 10.16 -20.17 -49.29
CA LYS L 50 10.43 -21.35 -48.48
C LYS L 50 11.84 -21.31 -47.89
N VAL L 51 11.92 -21.31 -46.57
CA VAL L 51 13.19 -21.23 -45.88
C VAL L 51 13.39 -22.38 -44.90
N ALA L 52 14.57 -22.45 -44.29
CA ALA L 52 14.87 -23.54 -43.34
C ALA L 52 15.99 -23.21 -42.35
N LYS L 53 15.74 -23.37 -41.07
CA LYS L 53 16.78 -23.12 -40.06
C LYS L 53 17.66 -24.36 -40.18
N VAL L 54 18.98 -24.18 -40.11
CA VAL L 54 19.90 -25.29 -40.24
C VAL L 54 20.97 -25.26 -39.17
N ARG L 55 21.27 -26.43 -38.61
CA ARG L 55 22.30 -26.57 -37.59
C ARG L 55 23.51 -27.10 -38.34
N LEU L 56 24.48 -26.24 -38.62
CA LEU L 56 25.67 -26.67 -39.36
C LEU L 56 26.67 -27.47 -38.54
N THR L 57 27.55 -28.16 -39.27
CA THR L 57 28.60 -28.96 -38.65
C THR L 57 29.69 -27.96 -38.30
N SER L 58 29.53 -26.73 -38.75
CA SER L 58 30.49 -25.67 -38.47
C SER L 58 30.16 -25.02 -37.14
N GLY L 59 29.15 -25.55 -36.46
CA GLY L 59 28.76 -25.04 -35.16
C GLY L 59 27.75 -23.91 -35.24
N TYR L 60 27.51 -23.39 -36.44
CA TYR L 60 26.55 -22.29 -36.63
C TYR L 60 25.14 -22.77 -36.96
N GLU L 61 24.16 -21.99 -36.51
CA GLU L 61 22.74 -22.26 -36.73
C GLU L 61 22.27 -21.16 -37.67
N VAL L 62 21.98 -21.53 -38.92
CA VAL L 62 21.56 -20.52 -39.91
C VAL L 62 20.25 -20.77 -40.66
N THR L 63 19.84 -19.75 -41.40
CA THR L 63 18.62 -19.78 -42.21
C THR L 63 19.06 -19.87 -43.68
N ALA L 64 18.44 -20.78 -44.43
CA ALA L 64 18.82 -20.96 -45.83
C ALA L 64 17.65 -21.03 -46.80
N TYR L 65 17.82 -20.43 -47.98
CA TYR L 65 16.76 -20.47 -48.98
C TYR L 65 16.67 -21.87 -49.58
N ILE L 66 15.48 -22.23 -50.05
CA ILE L 66 15.26 -23.54 -50.68
C ILE L 66 14.74 -23.26 -52.10
N PRO L 67 15.66 -23.15 -53.07
CA PRO L 67 15.28 -22.87 -54.47
C PRO L 67 14.42 -23.96 -55.07
N GLY L 68 13.70 -23.63 -56.12
CA GLY L 68 12.88 -24.64 -56.77
C GLY L 68 11.37 -24.52 -56.59
N GLU L 69 10.65 -24.98 -57.61
CA GLU L 69 9.19 -24.96 -57.61
C GLU L 69 8.61 -25.59 -56.36
N GLY L 70 9.08 -26.78 -56.00
CA GLY L 70 8.58 -27.43 -54.79
C GLY L 70 9.60 -28.35 -54.13
N HIS L 71 9.73 -28.28 -52.81
CA HIS L 71 10.69 -29.12 -52.08
C HIS L 71 10.09 -30.25 -51.26
N ASN L 72 10.96 -30.98 -50.54
CA ASN L 72 10.55 -32.13 -49.72
C ASN L 72 11.23 -32.13 -48.36
N LEU L 73 11.74 -30.98 -47.94
CA LEU L 73 12.46 -30.86 -46.67
C LEU L 73 11.55 -30.88 -45.44
N GLN L 74 12.02 -31.57 -44.39
CA GLN L 74 11.28 -31.72 -43.14
C GLN L 74 12.08 -31.29 -41.92
N GLU L 75 11.58 -31.67 -40.76
CA GLU L 75 12.21 -31.32 -39.50
C GLU L 75 13.67 -31.70 -39.36
N HIS L 76 14.00 -32.99 -39.40
CA HIS L 76 15.40 -33.38 -39.23
C HIS L 76 16.13 -33.83 -40.48
N SER L 77 15.80 -33.23 -41.61
CA SER L 77 16.45 -33.62 -42.86
C SER L 77 17.83 -33.02 -43.02
N VAL L 78 18.78 -33.88 -43.39
CA VAL L 78 20.16 -33.47 -43.62
C VAL L 78 20.23 -32.70 -44.92
N VAL L 79 21.00 -31.63 -44.94
CA VAL L 79 21.09 -30.79 -46.13
C VAL L 79 22.49 -30.21 -46.36
N LEU L 80 22.71 -29.66 -47.55
CA LEU L 80 23.99 -29.03 -47.89
C LEU L 80 23.74 -27.55 -48.20
N ILE L 81 24.53 -26.68 -47.59
CA ILE L 81 24.43 -25.23 -47.78
C ILE L 81 25.51 -24.69 -48.73
N ARG L 82 25.14 -23.81 -49.65
CA ARG L 82 26.13 -23.31 -50.58
C ARG L 82 26.47 -21.84 -50.57
N GLY L 83 25.86 -21.07 -49.68
CA GLY L 83 26.22 -19.66 -49.69
C GLY L 83 25.65 -18.90 -50.87
N GLY L 84 24.99 -17.79 -50.56
CA GLY L 84 24.36 -16.97 -51.56
C GLY L 84 23.15 -16.43 -50.84
N ARG L 85 23.10 -15.12 -50.67
CA ARG L 85 21.99 -14.51 -49.97
C ARG L 85 20.74 -14.45 -50.88
N VAL L 86 19.67 -13.86 -50.33
CA VAL L 86 18.42 -13.67 -51.06
C VAL L 86 18.01 -12.24 -50.77
N LYS L 87 18.07 -11.38 -51.78
CA LYS L 87 17.76 -9.97 -51.63
C LYS L 87 16.50 -9.61 -50.81
N ASP L 88 15.45 -10.42 -50.91
CA ASP L 88 14.20 -10.14 -50.20
C ASP L 88 14.05 -10.64 -48.80
N LEU L 89 14.80 -11.69 -48.46
CA LEU L 89 14.70 -12.27 -47.15
C LEU L 89 15.83 -11.86 -46.25
N PRO L 90 15.61 -10.79 -45.46
CA PRO L 90 16.67 -10.34 -44.58
C PRO L 90 16.99 -11.51 -43.65
N GLY L 91 18.26 -11.86 -43.53
CA GLY L 91 18.62 -12.94 -42.64
C GLY L 91 18.92 -14.27 -43.30
N VAL L 92 18.75 -14.35 -44.60
CA VAL L 92 19.04 -15.61 -45.27
C VAL L 92 20.30 -15.37 -46.09
N ARG L 93 21.38 -16.04 -45.70
CA ARG L 93 22.66 -15.87 -46.38
C ARG L 93 23.16 -17.02 -47.21
N TYR L 94 22.44 -18.14 -47.22
CA TYR L 94 22.91 -19.27 -48.00
C TYR L 94 21.72 -19.93 -48.67
N HIS L 95 22.00 -20.65 -49.75
CA HIS L 95 20.97 -21.38 -50.47
C HIS L 95 21.17 -22.84 -50.12
N ILE L 96 20.14 -23.65 -50.29
CA ILE L 96 20.28 -25.07 -50.03
C ILE L 96 20.52 -25.77 -51.36
N VAL L 97 21.49 -26.67 -51.37
CA VAL L 97 21.83 -27.40 -52.57
C VAL L 97 20.83 -28.51 -52.82
N ARG L 98 20.05 -28.37 -53.89
CA ARG L 98 19.07 -29.37 -54.22
C ARG L 98 19.70 -30.54 -54.96
N GLY L 99 19.36 -31.75 -54.53
CA GLY L 99 19.91 -32.93 -55.18
C GLY L 99 21.00 -33.57 -54.34
N VAL L 100 21.21 -33.02 -53.14
CA VAL L 100 22.22 -33.55 -52.24
C VAL L 100 21.60 -33.91 -50.89
N TYR L 101 22.02 -35.05 -50.35
CA TYR L 101 21.55 -35.54 -49.06
C TYR L 101 20.03 -35.81 -49.00
N ASP L 102 19.31 -35.04 -48.19
CA ASP L 102 17.87 -35.23 -48.06
C ASP L 102 17.04 -34.34 -48.96
N ALA L 103 17.62 -33.23 -49.41
CA ALA L 103 16.91 -32.32 -50.27
C ALA L 103 16.83 -32.93 -51.67
N ALA L 104 15.65 -33.36 -52.06
CA ALA L 104 15.47 -33.95 -53.37
C ALA L 104 15.53 -32.83 -54.41
N GLY L 105 15.79 -33.21 -55.66
CA GLY L 105 15.84 -32.24 -56.72
C GLY L 105 14.45 -31.79 -57.09
N VAL L 106 14.34 -30.83 -57.99
CA VAL L 106 13.03 -30.34 -58.40
C VAL L 106 12.44 -31.26 -59.45
N LYS L 107 11.20 -31.67 -59.25
CA LYS L 107 10.51 -32.54 -60.19
C LYS L 107 10.00 -31.74 -61.37
N ASP L 108 10.13 -32.32 -62.57
CA ASP L 108 9.65 -31.67 -63.79
C ASP L 108 10.48 -30.48 -64.23
N ARG L 109 11.75 -30.48 -63.84
CA ARG L 109 12.65 -29.39 -64.19
C ARG L 109 13.31 -29.76 -65.52
N LYS L 110 12.88 -29.10 -66.59
CA LYS L 110 13.41 -29.39 -67.91
C LYS L 110 14.43 -28.39 -68.43
N LYS L 111 14.89 -27.47 -67.58
CA LYS L 111 15.87 -26.49 -68.04
C LYS L 111 17.14 -26.44 -67.22
N SER L 112 17.32 -25.36 -66.48
CA SER L 112 18.52 -25.16 -65.68
C SER L 112 18.74 -26.23 -64.62
N ARG L 113 18.55 -27.49 -64.99
CA ARG L 113 18.69 -28.63 -64.08
C ARG L 113 20.00 -28.72 -63.32
N SER L 114 21.10 -28.22 -63.88
CA SER L 114 22.39 -28.29 -63.20
C SER L 114 22.14 -27.76 -61.78
N LYS L 115 21.32 -26.72 -61.69
CA LYS L 115 20.94 -26.14 -60.42
C LYS L 115 19.60 -26.85 -60.22
N TYR L 116 19.15 -27.06 -58.99
CA TYR L 116 17.89 -27.79 -58.77
C TYR L 116 18.16 -29.28 -58.96
N GLY L 117 19.43 -29.65 -58.90
CA GLY L 117 19.87 -31.02 -59.06
C GLY L 117 18.91 -32.10 -59.56
N THR L 118 18.47 -31.99 -60.81
CA THR L 118 17.57 -32.99 -61.41
C THR L 118 18.24 -33.70 -62.59
N LYS L 119 18.24 -35.03 -62.54
CA LYS L 119 18.86 -35.84 -63.60
C LYS L 119 18.23 -35.57 -64.96
N LYS L 120 18.93 -36.02 -66.00
CA LYS L 120 18.49 -35.84 -67.37
C LYS L 120 17.30 -36.73 -67.70
N PRO L 121 16.16 -36.10 -68.02
CA PRO L 121 14.96 -36.88 -68.36
C PRO L 121 15.18 -37.60 -69.69
N LYS L 122 14.81 -38.87 -69.72
CA LYS L 122 14.94 -39.70 -70.91
C LYS L 122 13.79 -39.43 -71.86
N GLU L 123 14.09 -38.75 -72.97
CA GLU L 123 13.10 -38.42 -73.96
C GLU L 123 12.53 -39.67 -74.61
N ALA L 124 11.25 -39.91 -74.36
CA ALA L 124 10.55 -41.08 -74.87
C ALA L 124 10.70 -41.21 -76.38
N ALA M 1 -75.25 29.81 -38.47
CA ALA M 1 -76.33 28.86 -38.08
C ALA M 1 -75.86 27.42 -38.18
N ARG M 2 -76.27 26.59 -37.22
CA ARG M 2 -75.90 25.18 -37.21
C ARG M 2 -76.56 24.44 -38.36
N ILE M 3 -75.78 23.73 -39.17
CA ILE M 3 -76.34 23.00 -40.29
C ILE M 3 -76.24 21.48 -40.17
N ALA M 4 -75.19 20.88 -40.71
CA ALA M 4 -75.08 19.42 -40.65
C ALA M 4 -74.56 18.91 -39.32
N GLY M 5 -74.50 17.59 -39.19
CA GLY M 5 -74.01 16.97 -37.97
C GLY M 5 -73.08 17.87 -37.17
N VAL M 6 -73.63 18.52 -36.16
CA VAL M 6 -72.88 19.42 -35.27
C VAL M 6 -72.12 20.53 -35.99
N GLU M 7 -72.69 21.04 -37.08
CA GLU M 7 -72.03 22.09 -37.86
C GLU M 7 -72.47 23.50 -37.44
N ILE M 8 -71.51 24.37 -37.19
CA ILE M 8 -71.81 25.73 -36.76
C ILE M 8 -70.86 26.76 -37.38
N PRO M 9 -70.91 26.96 -38.70
CA PRO M 9 -70.03 27.92 -39.36
C PRO M 9 -70.58 29.33 -39.16
N ARG M 10 -69.83 30.24 -38.55
CA ARG M 10 -70.40 31.58 -38.35
C ARG M 10 -69.49 32.79 -38.55
N ASN M 11 -70.13 33.94 -38.73
CA ASN M 11 -69.47 35.23 -38.91
C ASN M 11 -68.54 35.38 -40.12
N LYS M 12 -68.68 34.49 -41.10
CA LYS M 12 -67.88 34.54 -42.31
C LYS M 12 -68.83 34.39 -43.46
N ARG M 13 -68.34 34.59 -44.68
CA ARG M 13 -69.19 34.41 -45.85
C ARG M 13 -69.78 33.00 -45.78
N VAL M 14 -71.04 32.85 -46.19
CA VAL M 14 -71.70 31.55 -46.14
C VAL M 14 -70.94 30.46 -46.88
N ASP M 15 -70.45 30.77 -48.07
CA ASP M 15 -69.69 29.78 -48.83
C ASP M 15 -68.53 29.32 -47.94
N VAL M 16 -67.59 30.23 -47.70
CA VAL M 16 -66.43 29.99 -46.84
C VAL M 16 -66.83 29.13 -45.66
N ALA M 17 -67.86 29.60 -44.96
CA ALA M 17 -68.41 28.97 -43.78
C ALA M 17 -68.87 27.52 -44.00
N LEU M 18 -69.57 27.27 -45.09
CA LEU M 18 -70.03 25.92 -45.35
C LEU M 18 -68.83 24.99 -45.53
N THR M 19 -67.71 25.58 -45.94
CA THR M 19 -66.47 24.86 -46.16
C THR M 19 -66.06 24.16 -44.87
N TYR M 20 -66.37 24.82 -43.76
CA TYR M 20 -66.06 24.29 -42.42
C TYR M 20 -66.77 22.99 -42.07
N ILE M 21 -67.51 22.44 -43.03
CA ILE M 21 -68.21 21.18 -42.84
C ILE M 21 -67.33 20.07 -43.43
N TYR M 22 -67.45 18.87 -42.88
CA TYR M 22 -66.63 17.76 -43.36
C TYR M 22 -66.70 17.47 -44.84
N GLY M 23 -67.90 17.28 -45.37
CA GLY M 23 -68.02 16.96 -46.78
C GLY M 23 -68.22 18.13 -47.72
N ILE M 24 -67.98 19.35 -47.28
CA ILE M 24 -68.18 20.48 -48.17
C ILE M 24 -66.89 21.22 -48.48
N GLY M 25 -66.68 21.47 -49.77
CA GLY M 25 -65.50 22.17 -50.23
C GLY M 25 -65.92 23.43 -50.96
N LYS M 26 -64.95 24.22 -51.44
CA LYS M 26 -65.24 25.46 -52.15
C LYS M 26 -66.16 25.20 -53.34
N ALA M 27 -66.27 23.94 -53.74
CA ALA M 27 -67.11 23.58 -54.87
C ALA M 27 -68.58 23.49 -54.44
N ARG M 28 -68.89 22.55 -53.56
CA ARG M 28 -70.25 22.39 -53.08
C ARG M 28 -70.77 23.69 -52.45
N ALA M 29 -69.83 24.56 -52.06
CA ALA M 29 -70.18 25.83 -51.45
C ALA M 29 -71.02 26.69 -52.40
N LYS M 30 -70.43 27.09 -53.52
CA LYS M 30 -71.12 27.91 -54.52
C LYS M 30 -72.37 27.22 -55.08
N GLU M 31 -72.39 25.90 -55.04
CA GLU M 31 -73.55 25.18 -55.54
C GLU M 31 -74.70 25.25 -54.53
N ALA M 32 -74.48 24.72 -53.34
CA ALA M 32 -75.51 24.75 -52.31
C ALA M 32 -76.11 26.15 -52.17
N LEU M 33 -75.31 27.17 -52.47
CA LEU M 33 -75.78 28.54 -52.39
C LEU M 33 -76.45 28.87 -53.72
N GLU M 34 -75.91 28.30 -54.79
CA GLU M 34 -76.44 28.48 -56.14
C GLU M 34 -77.91 28.05 -56.15
N LYS M 35 -78.12 26.74 -55.97
CA LYS M 35 -79.46 26.16 -55.95
C LYS M 35 -80.40 26.83 -54.95
N THR M 36 -80.01 26.83 -53.70
CA THR M 36 -80.81 27.42 -52.63
C THR M 36 -80.93 28.94 -52.81
N GLY M 37 -80.37 29.44 -53.90
CA GLY M 37 -80.43 30.86 -54.20
C GLY M 37 -80.22 31.78 -53.02
N ILE M 38 -78.97 31.89 -52.58
CA ILE M 38 -78.60 32.77 -51.47
C ILE M 38 -77.32 33.45 -51.87
N ASN M 39 -77.16 34.71 -51.50
CA ASN M 39 -75.93 35.40 -51.84
C ASN M 39 -74.85 34.64 -51.09
N PRO M 40 -73.72 34.37 -51.75
CA PRO M 40 -72.67 33.64 -51.05
C PRO M 40 -71.94 34.57 -50.11
N ALA M 41 -71.90 35.84 -50.50
CA ALA M 41 -71.22 36.87 -49.74
C ALA M 41 -71.86 37.25 -48.41
N THR M 42 -73.12 36.93 -48.21
CA THR M 42 -73.78 37.27 -46.97
C THR M 42 -73.03 36.66 -45.78
N ARG M 43 -72.81 37.46 -44.74
CA ARG M 43 -72.12 36.98 -43.54
C ARG M 43 -73.09 36.00 -42.88
N VAL M 44 -72.60 34.83 -42.49
CA VAL M 44 -73.47 33.83 -41.87
C VAL M 44 -74.41 34.43 -40.83
N LYS M 45 -73.92 35.40 -40.07
CA LYS M 45 -74.75 36.02 -39.05
C LYS M 45 -75.92 36.80 -39.68
N ASP M 46 -75.63 37.51 -40.77
CA ASP M 46 -76.64 38.30 -41.47
C ASP M 46 -77.62 37.45 -42.29
N LEU M 47 -77.48 36.13 -42.25
CA LEU M 47 -78.39 35.27 -43.00
C LEU M 47 -79.83 35.39 -42.53
N THR M 48 -80.74 34.71 -43.23
CA THR M 48 -82.16 34.71 -42.89
C THR M 48 -82.57 33.32 -42.42
N GLU M 49 -83.56 33.27 -41.54
CA GLU M 49 -84.03 31.99 -41.01
C GLU M 49 -84.63 31.16 -42.13
N ALA M 50 -85.08 31.86 -43.17
CA ALA M 50 -85.67 31.20 -44.32
C ALA M 50 -84.56 30.55 -45.15
N GLU M 51 -83.46 31.29 -45.31
CA GLU M 51 -82.31 30.81 -46.08
C GLU M 51 -81.60 29.70 -45.32
N VAL M 52 -81.51 29.84 -44.01
CA VAL M 52 -80.85 28.85 -43.18
C VAL M 52 -81.63 27.54 -43.17
N VAL M 53 -82.89 27.59 -43.57
CA VAL M 53 -83.70 26.37 -43.60
C VAL M 53 -83.56 25.69 -44.96
N ARG M 54 -83.51 26.47 -46.03
CA ARG M 54 -83.36 25.92 -47.37
C ARG M 54 -81.97 25.32 -47.51
N LEU M 55 -80.99 25.97 -46.87
CA LEU M 55 -79.60 25.51 -46.88
C LEU M 55 -79.51 24.27 -46.01
N ARG M 56 -79.96 24.40 -44.77
CA ARG M 56 -79.95 23.31 -43.83
C ARG M 56 -80.60 22.07 -44.43
N GLU M 57 -81.68 22.27 -45.17
CA GLU M 57 -82.38 21.14 -45.77
C GLU M 57 -81.78 20.68 -47.09
N TYR M 58 -81.44 21.63 -47.97
CA TYR M 58 -80.84 21.25 -49.25
C TYR M 58 -79.52 20.49 -49.06
N VAL M 59 -78.64 21.02 -48.23
CA VAL M 59 -77.35 20.41 -47.98
C VAL M 59 -77.45 19.08 -47.25
N GLU M 60 -78.01 19.09 -46.04
CA GLU M 60 -78.13 17.87 -45.26
C GLU M 60 -78.74 16.76 -46.08
N ASN M 61 -79.62 17.13 -47.00
CA ASN M 61 -80.28 16.17 -47.88
C ASN M 61 -79.92 16.48 -49.34
N THR M 62 -78.80 15.92 -49.78
CA THR M 62 -78.29 16.10 -51.13
C THR M 62 -76.89 15.50 -51.18
N TRP M 63 -76.19 15.56 -50.05
CA TRP M 63 -74.83 15.03 -49.92
C TRP M 63 -74.66 14.26 -48.62
N LYS M 64 -73.73 13.31 -48.64
CA LYS M 64 -73.41 12.49 -47.47
C LYS M 64 -72.29 13.26 -46.78
N LEU M 65 -72.59 13.84 -45.63
CA LEU M 65 -71.59 14.64 -44.90
C LEU M 65 -71.21 14.13 -43.53
N GLU M 66 -70.37 14.92 -42.86
CA GLU M 66 -69.87 14.63 -41.51
C GLU M 66 -69.72 13.16 -41.11
N GLY M 67 -69.86 12.91 -39.81
CA GLY M 67 -69.73 11.57 -39.26
C GLY M 67 -70.11 10.42 -40.17
N GLU M 68 -71.30 10.46 -40.75
CA GLU M 68 -71.79 9.40 -41.63
C GLU M 68 -70.80 9.15 -42.77
N LEU M 69 -70.12 10.21 -43.20
CA LEU M 69 -69.13 10.14 -44.27
C LEU M 69 -67.86 9.48 -43.77
N ARG M 70 -67.28 10.01 -42.69
CA ARG M 70 -66.07 9.44 -42.12
C ARG M 70 -66.33 7.97 -41.86
N ALA M 71 -67.60 7.65 -41.65
CA ALA M 71 -68.00 6.28 -41.38
C ALA M 71 -67.79 5.48 -42.67
N GLU M 72 -68.23 6.05 -43.78
CA GLU M 72 -68.09 5.41 -45.08
C GLU M 72 -66.61 5.20 -45.39
N VAL M 73 -65.88 6.29 -45.56
CA VAL M 73 -64.46 6.23 -45.84
C VAL M 73 -63.77 5.17 -44.97
N ALA M 74 -63.94 5.28 -43.67
CA ALA M 74 -63.33 4.31 -42.77
C ALA M 74 -63.77 2.92 -43.20
N ALA M 75 -65.07 2.80 -43.51
CA ALA M 75 -65.64 1.54 -43.94
C ALA M 75 -64.91 1.03 -45.17
N ASN M 76 -64.71 1.90 -46.16
CA ASN M 76 -64.00 1.51 -47.38
C ASN M 76 -62.67 0.89 -47.04
N ILE M 77 -61.74 1.72 -46.57
CA ILE M 77 -60.40 1.28 -46.17
C ILE M 77 -60.41 -0.09 -45.48
N LYS M 78 -61.30 -0.24 -44.51
CA LYS M 78 -61.43 -1.47 -43.76
C LYS M 78 -61.61 -2.64 -44.72
N ARG M 79 -62.37 -2.42 -45.79
CA ARG M 79 -62.65 -3.44 -46.79
C ARG M 79 -61.42 -3.92 -47.59
N LEU M 80 -60.83 -3.02 -48.38
CA LEU M 80 -59.67 -3.38 -49.17
C LEU M 80 -58.54 -3.80 -48.25
N MET M 81 -58.78 -3.65 -46.96
CA MET M 81 -57.81 -4.02 -45.95
C MET M 81 -58.09 -5.44 -45.47
N ASP M 82 -59.36 -5.84 -45.49
CA ASP M 82 -59.74 -7.17 -45.05
C ASP M 82 -59.42 -8.20 -46.12
N ILE M 83 -59.59 -7.82 -47.37
CA ILE M 83 -59.26 -8.71 -48.47
C ILE M 83 -57.77 -8.51 -48.77
N GLY M 84 -57.10 -9.59 -49.17
CA GLY M 84 -55.67 -9.53 -49.45
C GLY M 84 -55.20 -8.36 -50.30
N CYS M 85 -56.12 -7.49 -50.65
CA CYS M 85 -55.85 -6.31 -51.46
C CYS M 85 -54.54 -5.63 -51.10
N TYR M 86 -54.24 -4.02 -52.60
CA TYR M 86 -52.92 -3.40 -52.44
C TYR M 86 -53.12 -2.01 -51.87
N ARG M 87 -53.93 -1.24 -52.58
CA ARG M 87 -54.27 0.12 -52.20
C ARG M 87 -54.68 0.14 -50.73
N GLY M 88 -55.29 -0.95 -50.28
CA GLY M 88 -55.72 -1.04 -48.90
C GLY M 88 -54.54 -1.29 -47.96
N LEU M 89 -53.57 -2.06 -48.46
CA LEU M 89 -52.38 -2.36 -47.69
C LEU M 89 -51.58 -1.09 -47.51
N ARG M 90 -51.60 -0.22 -48.52
CA ARG M 90 -50.87 1.04 -48.43
C ARG M 90 -51.44 1.88 -47.31
N HIS M 91 -52.69 1.64 -46.96
CA HIS M 91 -53.31 2.37 -45.87
C HIS M 91 -52.80 1.79 -44.56
N ARG M 92 -52.83 0.47 -44.45
CA ARG M 92 -52.35 -0.22 -43.25
C ARG M 92 -50.91 0.19 -43.00
N ARG M 93 -50.04 -0.10 -43.96
CA ARG M 93 -48.62 0.23 -43.86
C ARG M 93 -48.38 1.70 -43.66
N GLY M 94 -49.41 2.51 -43.90
CA GLY M 94 -49.28 3.94 -43.72
C GLY M 94 -48.42 4.65 -44.76
N LEU M 95 -48.21 4.04 -45.92
CA LEU M 95 -47.41 4.66 -46.97
C LEU M 95 -48.29 5.28 -48.06
N PRO M 96 -47.73 6.19 -48.87
CA PRO M 96 -48.58 6.79 -49.90
C PRO M 96 -49.26 5.77 -50.81
N VAL M 97 -50.52 6.05 -51.11
CA VAL M 97 -51.35 5.15 -51.91
C VAL M 97 -51.34 5.40 -53.41
N ARG M 98 -51.37 6.66 -53.81
CA ARG M 98 -51.40 7.01 -55.22
C ARG M 98 -50.09 6.86 -56.00
N GLY M 99 -49.41 5.75 -55.74
CA GLY M 99 -48.16 5.44 -56.41
C GLY M 99 -47.13 6.54 -56.54
N GLN M 100 -46.54 6.93 -55.41
CA GLN M 100 -45.51 7.96 -55.44
C GLN M 100 -44.24 7.28 -54.95
N ARG M 101 -43.13 8.03 -54.95
CA ARG M 101 -41.86 7.47 -54.52
C ARG M 101 -41.77 7.43 -53.01
N THR M 102 -41.30 6.32 -52.45
CA THR M 102 -41.18 6.23 -51.00
C THR M 102 -39.73 6.12 -50.54
N ARG M 103 -38.80 6.53 -51.41
CA ARG M 103 -37.39 6.50 -51.09
C ARG M 103 -37.05 7.86 -50.51
N THR M 104 -37.81 8.86 -50.92
CA THR M 104 -37.61 10.22 -50.42
C THR M 104 -38.93 10.92 -50.66
N ASN M 105 -39.23 11.95 -49.87
CA ASN M 105 -40.48 12.70 -50.00
C ASN M 105 -41.75 11.88 -49.79
N ALA M 106 -42.12 11.68 -48.53
CA ALA M 106 -43.34 10.93 -48.21
C ALA M 106 -43.65 11.29 -46.79
N ARG M 107 -43.06 12.39 -46.35
CA ARG M 107 -43.19 12.87 -45.00
C ARG M 107 -44.62 13.23 -44.63
N THR M 108 -45.37 13.72 -45.60
CA THR M 108 -46.75 14.11 -45.36
C THR M 108 -47.58 12.87 -44.99
N ARG M 109 -47.07 11.69 -45.36
CA ARG M 109 -47.76 10.44 -45.10
C ARG M 109 -47.08 9.60 -44.04
N LYS M 110 -45.77 9.82 -43.88
CA LYS M 110 -44.98 9.06 -42.89
C LYS M 110 -44.90 9.75 -41.54
N GLY M 111 -44.85 11.08 -41.55
CA GLY M 111 -44.75 11.83 -40.31
C GLY M 111 -43.37 12.45 -40.26
N PRO M 112 -42.81 12.66 -39.06
CA PRO M 112 -41.48 13.25 -38.92
C PRO M 112 -40.40 12.25 -39.29
N ARG M 113 -39.26 12.74 -39.78
CA ARG M 113 -38.18 11.81 -40.13
C ARG M 113 -37.79 11.00 -38.92
N LYS M 114 -37.48 9.74 -39.13
CA LYS M 114 -37.11 8.85 -38.05
C LYS M 114 -35.67 8.38 -38.22
N THR M 115 -34.76 9.34 -38.22
CA THR M 115 -33.33 9.11 -38.40
C THR M 115 -32.75 7.86 -37.71
N VAL M 116 -31.85 7.18 -38.42
CA VAL M 116 -31.20 5.96 -37.92
C VAL M 116 -29.71 6.12 -38.15
N ALA M 117 -28.91 5.18 -37.68
CA ALA M 117 -27.46 5.24 -37.88
C ALA M 117 -27.23 4.90 -39.36
N GLY M 118 -26.06 5.22 -39.90
CA GLY M 118 -25.82 4.93 -41.31
C GLY M 118 -24.39 4.69 -41.77
N LYS M 119 -24.20 4.72 -43.08
CA LYS M 119 -22.90 4.49 -43.71
C LYS M 119 -22.31 5.78 -44.31
N LYS M 120 -21.24 6.27 -43.67
CA LYS M 120 -20.57 7.50 -44.08
C LYS M 120 -19.85 7.43 -45.43
N LYS M 121 -18.53 7.27 -45.39
CA LYS M 121 -17.70 7.20 -46.60
C LYS M 121 -18.26 6.25 -47.65
N ALA M 122 -19.08 6.83 -48.53
CA ALA M 122 -19.75 6.17 -49.63
C ALA M 122 -20.63 7.29 -50.16
N PRO M 123 -20.00 8.42 -50.54
CA PRO M 123 -20.67 9.62 -51.06
C PRO M 123 -22.17 9.53 -51.25
N ARG M 124 -22.89 9.59 -50.14
CA ARG M 124 -24.35 9.53 -50.14
C ARG M 124 -24.89 10.92 -50.48
N LYS M 125 -23.99 11.80 -50.94
CA LYS M 125 -24.36 13.16 -51.30
C LYS M 125 -25.42 13.14 -52.39
N ALA N 1 -27.66 -1.63 -78.44
CA ALA N 1 -27.52 -1.58 -79.91
C ALA N 1 -26.93 -2.89 -80.39
N ARG N 2 -27.72 -3.95 -80.21
CA ARG N 2 -27.35 -5.28 -80.63
C ARG N 2 -28.20 -5.61 -81.85
N LYS N 3 -27.58 -6.18 -82.88
CA LYS N 3 -28.32 -6.53 -84.08
C LYS N 3 -29.68 -7.05 -83.62
N ALA N 4 -29.61 -8.05 -82.75
CA ALA N 4 -30.80 -8.68 -82.19
C ALA N 4 -31.87 -7.68 -81.78
N LEU N 5 -31.47 -6.60 -81.13
CA LEU N 5 -32.40 -5.58 -80.67
C LEU N 5 -32.75 -4.54 -81.71
N ILE N 6 -32.41 -4.81 -82.97
CA ILE N 6 -32.78 -3.90 -84.02
C ILE N 6 -33.84 -4.65 -84.82
N GLU N 7 -34.88 -5.02 -84.08
CA GLU N 7 -36.05 -5.73 -84.56
C GLU N 7 -37.06 -4.61 -84.69
N LYS N 8 -36.59 -3.39 -84.41
CA LYS N 8 -37.43 -2.20 -84.49
C LYS N 8 -37.90 -2.03 -85.92
N ALA N 9 -37.05 -2.40 -86.87
CA ALA N 9 -37.38 -2.29 -88.27
C ALA N 9 -38.45 -3.31 -88.66
N LYS N 10 -38.75 -4.22 -87.74
CA LYS N 10 -39.74 -5.27 -87.99
C LYS N 10 -41.18 -4.82 -88.19
N ARG N 11 -41.45 -3.52 -88.13
CA ARG N 11 -42.84 -3.06 -88.28
C ARG N 11 -43.62 -3.80 -87.21
N THR N 12 -44.15 -4.97 -87.60
CA THR N 12 -44.92 -5.87 -86.75
C THR N 12 -44.89 -5.44 -85.30
N PRO N 13 -45.56 -4.33 -85.00
CA PRO N 13 -45.56 -3.87 -83.61
C PRO N 13 -46.60 -4.62 -82.81
N LYS N 14 -47.45 -5.38 -83.51
CA LYS N 14 -48.53 -6.13 -82.88
C LYS N 14 -49.50 -5.05 -82.42
N PHE N 15 -48.95 -3.91 -82.05
CA PHE N 15 -49.69 -2.72 -81.62
C PHE N 15 -48.67 -1.60 -81.92
N LYS N 16 -49.10 -0.56 -82.63
CA LYS N 16 -48.17 0.50 -83.02
C LYS N 16 -47.53 1.37 -81.94
N VAL N 17 -47.79 1.06 -80.68
CA VAL N 17 -47.18 1.84 -79.60
C VAL N 17 -45.81 1.29 -79.23
N ARG N 18 -45.52 0.09 -79.70
CA ARG N 18 -44.22 -0.54 -79.44
C ARG N 18 -43.14 -0.12 -80.44
N ALA N 19 -43.47 0.85 -81.29
CA ALA N 19 -42.54 1.37 -82.30
C ALA N 19 -41.56 2.37 -81.70
N TYR N 20 -40.30 2.38 -82.16
CA TYR N 20 -39.33 3.32 -81.62
C TYR N 20 -38.12 3.75 -82.45
N THR N 21 -38.11 5.02 -82.81
CA THR N 21 -37.05 5.67 -83.58
C THR N 21 -35.76 4.94 -83.97
N ARG N 22 -34.83 4.79 -83.01
CA ARG N 22 -33.53 4.13 -83.27
C ARG N 22 -32.67 4.91 -84.26
N CYS N 23 -31.37 4.94 -84.02
CA CYS N 23 -30.48 5.66 -84.92
C CYS N 23 -30.34 4.90 -86.21
N VAL N 24 -30.37 5.64 -87.30
CA VAL N 24 -30.26 5.04 -88.62
C VAL N 24 -28.79 4.98 -89.03
N ARG N 25 -27.92 4.79 -88.03
CA ARG N 25 -26.49 4.72 -88.30
C ARG N 25 -25.68 4.03 -87.21
N CYS N 26 -26.14 4.15 -85.97
CA CYS N 26 -25.45 3.51 -84.83
C CYS N 26 -26.44 2.75 -83.96
N GLY N 27 -27.72 3.01 -84.18
CA GLY N 27 -28.76 2.35 -83.42
C GLY N 27 -29.05 3.05 -82.11
N ARG N 28 -28.31 4.14 -81.87
CA ARG N 28 -28.47 4.91 -80.65
C ARG N 28 -29.92 5.32 -80.42
N ALA N 29 -30.69 4.40 -79.86
CA ALA N 29 -32.10 4.63 -79.56
C ALA N 29 -32.37 5.83 -78.63
N ARG N 30 -31.46 6.05 -77.70
CA ARG N 30 -31.58 7.08 -76.67
C ARG N 30 -31.82 8.55 -76.97
N SER N 31 -31.37 9.08 -78.10
CA SER N 31 -31.64 10.50 -78.32
C SER N 31 -31.65 10.83 -79.79
N VAL N 32 -32.43 10.03 -80.52
CA VAL N 32 -32.58 10.14 -81.96
C VAL N 32 -33.48 11.27 -82.42
N TYR N 33 -32.94 12.16 -83.25
CA TYR N 33 -33.73 13.26 -83.77
C TYR N 33 -34.56 12.71 -84.93
N ARG N 34 -35.76 13.25 -85.13
CA ARG N 34 -36.66 12.79 -86.20
C ARG N 34 -36.21 13.26 -87.58
N PHE N 35 -36.10 14.57 -87.72
CA PHE N 35 -35.71 15.24 -88.95
C PHE N 35 -34.47 14.66 -89.60
N PHE N 36 -33.73 13.81 -88.88
CA PHE N 36 -32.53 13.21 -89.44
C PHE N 36 -32.45 11.70 -89.38
N GLY N 37 -33.14 11.10 -88.42
CA GLY N 37 -33.08 9.65 -88.28
C GLY N 37 -31.81 9.31 -87.51
N LEU N 38 -31.02 10.35 -87.25
CA LEU N 38 -29.76 10.24 -86.54
C LEU N 38 -29.87 10.62 -85.06
N CYS N 39 -28.96 10.07 -84.25
CA CYS N 39 -28.89 10.35 -82.80
C CYS N 39 -28.04 11.60 -82.59
N ARG N 40 -28.18 12.21 -81.41
CA ARG N 40 -27.45 13.43 -81.07
C ARG N 40 -25.96 13.41 -81.43
N ILE N 41 -25.35 12.22 -81.37
CA ILE N 41 -23.93 12.09 -81.68
C ILE N 41 -23.65 12.19 -83.19
N CYS N 42 -24.18 11.22 -83.93
CA CYS N 42 -24.01 11.15 -85.37
C CYS N 42 -24.40 12.46 -86.02
N LEU N 43 -25.51 13.04 -85.56
CA LEU N 43 -25.95 14.34 -86.06
C LEU N 43 -24.78 15.33 -85.95
N ARG N 44 -24.10 15.32 -84.80
CA ARG N 44 -22.97 16.22 -84.56
C ARG N 44 -21.76 15.82 -85.41
N GLU N 45 -21.51 14.52 -85.55
CA GLU N 45 -20.36 14.04 -86.33
C GLU N 45 -20.50 14.49 -87.78
N LEU N 46 -21.66 14.17 -88.37
CA LEU N 46 -21.93 14.54 -89.76
C LEU N 46 -22.00 16.05 -90.00
N ALA N 47 -22.56 16.79 -89.06
CA ALA N 47 -22.64 18.23 -89.23
C ALA N 47 -21.24 18.79 -89.39
N HIS N 48 -20.27 18.13 -88.75
CA HIS N 48 -18.88 18.56 -88.80
C HIS N 48 -18.22 18.27 -90.14
N LYS N 49 -18.65 17.20 -90.78
CA LYS N 49 -18.11 16.82 -92.07
C LYS N 49 -18.69 17.65 -93.22
N GLY N 50 -19.97 17.98 -93.10
CA GLY N 50 -20.64 18.76 -94.13
C GLY N 50 -21.62 17.91 -94.89
N GLN N 51 -21.79 16.68 -94.42
CA GLN N 51 -22.70 15.75 -95.04
C GLN N 51 -24.15 16.00 -94.67
N LEU N 52 -24.38 17.05 -93.89
CA LEU N 52 -25.73 17.42 -93.52
C LEU N 52 -26.00 18.71 -94.27
N PRO N 53 -26.58 18.59 -95.48
CA PRO N 53 -26.94 19.68 -96.40
C PRO N 53 -27.54 20.90 -95.74
N GLY N 54 -26.83 22.02 -95.85
CA GLY N 54 -27.31 23.26 -95.27
C GLY N 54 -27.48 23.23 -93.75
N VAL N 55 -26.64 22.45 -93.08
CA VAL N 55 -26.69 22.36 -91.62
C VAL N 55 -25.40 22.97 -91.06
N ARG N 56 -25.35 24.29 -91.03
CA ARG N 56 -24.19 25.02 -90.55
C ARG N 56 -24.17 25.06 -89.01
N LYS N 57 -23.15 25.71 -88.46
CA LYS N 57 -23.05 25.85 -87.00
C LYS N 57 -23.80 27.09 -86.59
N ALA N 58 -24.66 26.96 -85.59
CA ALA N 58 -25.44 28.08 -85.09
C ALA N 58 -24.59 29.01 -84.23
N SER N 59 -25.10 30.21 -84.00
CA SER N 59 -24.41 31.21 -83.19
C SER N 59 -25.17 32.51 -83.27
N TRP N 60 -25.33 33.19 -82.15
CA TRP N 60 -26.06 34.45 -82.13
C TRP N 60 -25.97 35.13 -80.76
N PRO O 1 60.01 50.09 -14.94
CA PRO O 1 60.61 49.98 -16.29
C PRO O 1 62.13 50.05 -16.20
N ILE O 2 62.80 49.92 -17.35
CA ILE O 2 64.25 49.96 -17.38
C ILE O 2 64.71 51.21 -18.12
N THR O 3 65.29 52.16 -17.36
CA THR O 3 65.77 53.41 -17.95
C THR O 3 66.84 53.19 -19.02
N LYS O 4 67.07 54.20 -19.86
CA LYS O 4 68.09 54.08 -20.90
C LYS O 4 69.38 53.83 -20.16
N GLU O 5 69.52 54.50 -19.01
CA GLU O 5 70.69 54.36 -18.15
C GLU O 5 70.78 52.90 -17.75
N GLU O 6 69.77 52.44 -17.03
CA GLU O 6 69.70 51.05 -16.59
C GLU O 6 70.11 50.12 -17.72
N LYS O 7 69.67 50.45 -18.93
CA LYS O 7 69.97 49.66 -20.12
C LYS O 7 71.41 49.73 -20.56
N GLN O 8 71.82 50.89 -21.05
CA GLN O 8 73.18 51.06 -21.53
C GLN O 8 74.21 50.57 -20.50
N LYS O 9 73.91 50.75 -19.22
CA LYS O 9 74.81 50.28 -18.17
C LYS O 9 75.13 48.81 -18.43
N VAL O 10 74.10 48.03 -18.74
CA VAL O 10 74.28 46.61 -19.00
C VAL O 10 74.95 46.37 -20.34
N ILE O 11 74.55 47.15 -21.34
CA ILE O 11 75.13 47.02 -22.65
C ILE O 11 76.64 47.25 -22.61
N GLN O 12 77.07 48.29 -21.93
CA GLN O 12 78.51 48.55 -21.85
C GLN O 12 79.18 47.53 -20.95
N GLU O 13 78.48 47.07 -19.93
CA GLU O 13 79.01 46.10 -18.99
C GLU O 13 79.20 44.71 -19.60
N PHE O 14 78.67 44.49 -20.80
CA PHE O 14 78.81 43.18 -21.43
C PHE O 14 79.47 43.22 -22.78
N ALA O 15 79.27 44.31 -23.51
CA ALA O 15 79.86 44.48 -24.83
C ALA O 15 81.23 43.82 -24.97
N ARG O 16 81.51 43.23 -26.14
CA ARG O 16 82.77 42.56 -26.37
C ARG O 16 83.87 43.59 -26.61
N PHE O 17 83.46 44.77 -27.09
CA PHE O 17 84.40 45.83 -27.40
C PHE O 17 83.67 47.16 -27.59
N PRO O 18 84.39 48.28 -27.45
CA PRO O 18 83.83 49.62 -27.58
C PRO O 18 82.86 49.74 -28.75
N GLY O 19 81.57 49.86 -28.42
CA GLY O 19 80.56 49.99 -29.46
C GLY O 19 79.80 48.73 -29.76
N ASP O 20 80.07 47.67 -29.01
CA ASP O 20 79.37 46.40 -29.23
C ASP O 20 77.94 46.48 -28.70
N THR O 21 76.96 46.44 -29.60
CA THR O 21 75.58 46.52 -29.17
C THR O 21 74.79 45.23 -29.35
N GLY O 22 75.23 44.35 -30.25
CA GLY O 22 74.49 43.12 -30.49
C GLY O 22 75.23 41.81 -30.37
N SER O 23 76.21 41.73 -29.48
CA SER O 23 76.93 40.48 -29.31
C SER O 23 75.99 39.58 -28.54
N THR O 24 76.13 38.28 -28.75
CA THR O 24 75.29 37.35 -28.02
C THR O 24 75.35 37.67 -26.55
N GLU O 25 76.55 37.90 -26.03
CA GLU O 25 76.69 38.22 -24.62
C GLU O 25 75.74 39.34 -24.24
N VAL O 26 75.80 40.46 -24.98
CA VAL O 26 74.93 41.60 -24.68
C VAL O 26 73.47 41.19 -24.69
N GLN O 27 72.99 40.75 -25.84
CA GLN O 27 71.62 40.33 -25.97
C GLN O 27 71.21 39.50 -24.77
N VAL O 28 71.90 38.40 -24.54
CA VAL O 28 71.57 37.56 -23.40
C VAL O 28 71.47 38.37 -22.13
N ALA O 29 72.39 39.31 -21.94
CA ALA O 29 72.37 40.14 -20.74
C ALA O 29 71.07 40.93 -20.65
N LEU O 30 70.76 41.68 -21.71
CA LEU O 30 69.54 42.49 -21.78
C LEU O 30 68.27 41.65 -21.54
N LEU O 31 68.26 40.44 -22.08
CA LEU O 31 67.11 39.55 -21.92
C LEU O 31 67.02 39.06 -20.49
N THR O 32 68.17 38.82 -19.88
CA THR O 32 68.18 38.35 -18.51
C THR O 32 67.61 39.47 -17.67
N LEU O 33 67.91 40.71 -18.07
CA LEU O 33 67.41 41.86 -17.34
C LEU O 33 65.90 41.95 -17.47
N ARG O 34 65.39 41.91 -18.70
CA ARG O 34 63.96 42.00 -18.90
C ARG O 34 63.23 40.87 -18.18
N ILE O 35 63.77 39.66 -18.31
CA ILE O 35 63.17 38.49 -17.69
C ILE O 35 62.98 38.72 -16.20
N ASN O 36 64.08 39.01 -15.51
CA ASN O 36 64.01 39.23 -14.09
C ASN O 36 62.95 40.23 -13.70
N ARG O 37 62.92 41.39 -14.35
CA ARG O 37 61.90 42.37 -14.04
C ARG O 37 60.53 41.71 -14.18
N LEU O 38 60.31 41.04 -15.31
CA LEU O 38 59.03 40.39 -15.58
C LEU O 38 58.77 39.30 -14.55
N SER O 39 59.74 38.43 -14.33
CA SER O 39 59.58 37.36 -13.34
C SER O 39 59.13 37.99 -12.03
N GLU O 40 59.66 39.19 -11.78
CA GLU O 40 59.36 39.97 -10.59
C GLU O 40 57.90 40.41 -10.66
N HIS O 41 57.60 41.28 -11.61
CA HIS O 41 56.24 41.76 -11.81
C HIS O 41 55.27 40.62 -11.58
N LEU O 42 55.60 39.46 -12.14
CA LEU O 42 54.76 38.28 -12.04
C LEU O 42 54.72 37.55 -10.70
N LYS O 43 55.64 37.85 -9.78
CA LYS O 43 55.58 37.18 -8.48
C LYS O 43 54.33 37.70 -7.82
N VAL O 44 53.97 38.90 -8.23
CA VAL O 44 52.74 39.57 -7.80
C VAL O 44 52.01 39.45 -9.13
N HIS O 45 50.74 39.78 -9.20
CA HIS O 45 50.05 39.68 -10.49
C HIS O 45 50.15 38.28 -11.12
N LYS O 46 49.85 37.27 -10.32
CA LYS O 46 49.91 35.91 -10.80
C LYS O 46 48.80 35.67 -11.82
N LYS O 47 47.91 36.65 -11.97
CA LYS O 47 46.80 36.54 -12.92
C LYS O 47 47.13 37.12 -14.30
N ASP O 48 48.07 38.06 -14.35
CA ASP O 48 48.46 38.67 -15.61
C ASP O 48 49.13 37.63 -16.50
N HIS O 49 48.32 36.70 -17.01
CA HIS O 49 48.81 35.63 -17.87
C HIS O 49 49.32 36.19 -19.19
N HIS O 50 48.65 37.21 -19.69
CA HIS O 50 49.04 37.81 -20.94
C HIS O 50 50.49 38.19 -20.95
N SER O 51 50.97 38.77 -19.85
CA SER O 51 52.37 39.16 -19.77
C SER O 51 53.26 37.92 -19.66
N HIS O 52 52.75 36.90 -18.99
CA HIS O 52 53.48 35.67 -18.81
C HIS O 52 53.93 35.03 -20.12
N ARG O 53 53.09 35.13 -21.16
CA ARG O 53 53.46 34.59 -22.45
C ARG O 53 54.71 35.36 -22.90
N GLY O 54 54.68 36.67 -22.67
CA GLY O 54 55.81 37.48 -23.05
C GLY O 54 57.07 36.92 -22.41
N LEU O 55 56.96 36.44 -21.18
CA LEU O 55 58.11 35.88 -20.48
C LEU O 55 58.54 34.58 -21.14
N LEU O 56 57.57 33.70 -21.38
CA LEU O 56 57.85 32.41 -22.01
C LEU O 56 58.68 32.60 -23.25
N MET O 57 58.42 33.70 -23.93
CA MET O 57 59.14 34.02 -25.15
C MET O 57 60.54 34.56 -24.86
N MET O 58 60.66 35.48 -23.90
CA MET O 58 61.97 36.03 -23.56
C MET O 58 62.86 34.87 -23.18
N VAL O 59 62.40 34.10 -22.20
CA VAL O 59 63.15 32.94 -21.75
C VAL O 59 63.47 32.08 -22.95
N GLY O 60 62.51 31.99 -23.87
CA GLY O 60 62.74 31.18 -25.05
C GLY O 60 63.89 31.69 -25.88
N GLN O 61 63.76 32.92 -26.39
CA GLN O 61 64.80 33.53 -27.22
C GLN O 61 66.14 33.52 -26.53
N ARG O 62 66.15 33.52 -25.21
CA ARG O 62 67.43 33.52 -24.52
C ARG O 62 68.04 32.15 -24.54
N ARG O 63 67.33 31.15 -24.03
CA ARG O 63 67.88 29.81 -24.00
C ARG O 63 68.28 29.37 -25.39
N ARG O 64 67.76 30.05 -26.40
CA ARG O 64 68.09 29.70 -27.76
C ARG O 64 69.37 30.39 -28.26
N LEU O 65 69.65 31.58 -27.74
CA LEU O 65 70.87 32.30 -28.11
C LEU O 65 72.03 31.61 -27.38
N LEU O 66 71.80 31.26 -26.12
CA LEU O 66 72.81 30.58 -25.32
C LEU O 66 73.17 29.27 -25.99
N ARG O 67 72.16 28.55 -26.45
CA ARG O 67 72.40 27.27 -27.11
C ARG O 67 73.42 27.50 -28.22
N TYR O 68 73.28 28.64 -28.88
CA TYR O 68 74.16 29.03 -29.99
C TYR O 68 75.58 29.34 -29.53
N LEU O 69 75.70 29.84 -28.29
CA LEU O 69 77.00 30.18 -27.74
C LEU O 69 77.85 28.93 -27.52
N GLN O 70 77.33 27.94 -26.80
CA GLN O 70 78.08 26.70 -26.57
C GLN O 70 78.61 26.26 -27.91
N ARG O 71 77.69 25.83 -28.76
CA ARG O 71 78.02 25.36 -30.10
C ARG O 71 79.23 26.10 -30.67
N GLU O 72 79.21 27.44 -30.63
CA GLU O 72 80.34 28.20 -31.15
C GLU O 72 81.50 28.27 -30.18
N ASP O 73 81.49 29.24 -29.27
CA ASP O 73 82.57 29.34 -28.30
C ASP O 73 82.12 28.80 -26.95
N PRO O 74 82.44 27.52 -26.64
CA PRO O 74 82.06 26.92 -25.36
C PRO O 74 82.64 27.64 -24.13
N GLU O 75 83.62 28.52 -24.36
CA GLU O 75 84.24 29.25 -23.28
C GLU O 75 83.42 30.50 -22.89
N ARG O 76 83.19 31.38 -23.86
CA ARG O 76 82.42 32.60 -23.63
C ARG O 76 81.12 32.21 -22.96
N TYR O 77 80.62 31.05 -23.33
CA TYR O 77 79.39 30.50 -22.79
C TYR O 77 79.45 30.37 -21.27
N ARG O 78 80.30 29.47 -20.80
CA ARG O 78 80.48 29.25 -19.36
C ARG O 78 80.75 30.59 -18.71
N ALA O 79 81.40 31.46 -19.47
CA ALA O 79 81.75 32.80 -19.00
C ALA O 79 80.50 33.65 -18.79
N LEU O 80 79.65 33.69 -19.80
CA LEU O 80 78.42 34.48 -19.75
C LEU O 80 77.53 34.02 -18.61
N ILE O 81 77.28 32.71 -18.55
CA ILE O 81 76.45 32.14 -17.50
C ILE O 81 76.92 32.61 -16.14
N GLU O 82 78.06 32.08 -15.70
CA GLU O 82 78.65 32.43 -14.41
C GLU O 82 78.39 33.89 -14.08
N LYS O 83 78.74 34.76 -15.03
CA LYS O 83 78.57 36.19 -14.86
C LYS O 83 77.08 36.52 -14.64
N LEU O 84 76.29 36.50 -15.70
CA LEU O 84 74.86 36.76 -15.57
C LEU O 84 74.24 36.02 -14.41
N GLY O 85 74.74 34.81 -14.15
CA GLY O 85 74.20 34.00 -13.08
C GLY O 85 73.01 33.19 -13.54
N ILE O 86 73.05 32.71 -14.78
CA ILE O 86 71.96 31.92 -15.37
C ILE O 86 72.05 30.43 -15.05
N ARG O 87 70.90 29.76 -15.08
CA ARG O 87 70.72 28.33 -14.80
C ARG O 87 69.88 28.24 -13.52
N GLY O 88 70.34 27.42 -12.57
CA GLY O 88 69.64 27.27 -11.32
C GLY O 88 68.78 26.01 -11.24
N MET P 1 80.28 -38.62 -48.42
CA MET P 1 81.41 -38.74 -49.39
C MET P 1 80.98 -38.18 -50.74
N VAL P 2 81.76 -37.22 -51.25
CA VAL P 2 81.43 -36.58 -52.52
C VAL P 2 81.47 -37.52 -53.71
N LYS P 3 80.39 -37.51 -54.48
CA LYS P 3 80.29 -38.37 -55.65
C LYS P 3 80.04 -37.67 -56.99
N ILE P 4 80.23 -38.45 -58.06
CA ILE P 4 79.98 -37.97 -59.42
C ILE P 4 78.93 -38.96 -59.87
N ARG P 5 77.68 -38.51 -60.01
CA ARG P 5 76.62 -39.43 -60.40
C ARG P 5 75.56 -38.78 -61.25
N LEU P 6 74.57 -39.58 -61.63
CA LEU P 6 73.45 -39.10 -62.43
C LEU P 6 72.32 -38.54 -61.57
N ALA P 7 71.54 -37.63 -62.15
CA ALA P 7 70.42 -36.99 -61.46
C ALA P 7 69.22 -36.97 -62.41
N ARG P 8 68.17 -37.68 -62.05
CA ARG P 8 66.99 -37.76 -62.89
C ARG P 8 66.40 -36.39 -63.10
N PHE P 9 66.33 -35.97 -64.36
CA PHE P 9 65.75 -34.67 -64.68
C PHE P 9 64.81 -34.75 -65.86
N GLY P 10 64.62 -35.94 -66.40
CA GLY P 10 63.74 -36.05 -67.55
C GLY P 10 62.29 -35.74 -67.27
N SER P 11 61.48 -36.78 -67.40
CA SER P 11 60.04 -36.74 -67.19
C SER P 11 59.63 -38.17 -67.45
N LYS P 12 58.35 -38.47 -67.23
CA LYS P 12 57.91 -39.85 -67.41
C LYS P 12 58.24 -40.39 -68.79
N HIS P 13 58.99 -41.49 -68.77
CA HIS P 13 59.43 -42.16 -69.99
C HIS P 13 60.35 -41.34 -70.84
N ASN P 14 60.72 -40.17 -70.34
CA ASN P 14 61.62 -39.28 -71.08
C ASN P 14 62.72 -38.82 -70.15
N PRO P 15 63.42 -39.78 -69.54
CA PRO P 15 64.52 -39.56 -68.60
C PRO P 15 65.66 -38.80 -69.23
N HIS P 16 66.27 -37.91 -68.45
CA HIS P 16 67.42 -37.11 -68.89
C HIS P 16 68.23 -36.86 -67.64
N TYR P 17 69.40 -37.48 -67.54
CA TYR P 17 70.21 -37.31 -66.34
C TYR P 17 71.18 -36.14 -66.41
N ARG P 18 71.74 -35.77 -65.26
CA ARG P 18 72.71 -34.69 -65.21
C ARG P 18 73.93 -35.17 -64.45
N ILE P 19 75.00 -35.50 -65.16
CA ILE P 19 76.23 -35.94 -64.49
C ILE P 19 76.59 -34.83 -63.51
N VAL P 20 76.49 -35.16 -62.23
CA VAL P 20 76.68 -34.20 -61.17
C VAL P 20 77.68 -34.52 -60.09
N VAL P 21 78.20 -33.49 -59.42
CA VAL P 21 79.14 -33.67 -58.30
C VAL P 21 78.38 -33.26 -57.05
N THR P 22 77.86 -34.24 -56.31
CA THR P 22 77.11 -33.96 -55.09
C THR P 22 77.66 -34.72 -53.90
N ASP P 23 77.06 -34.53 -52.73
CA ASP P 23 77.49 -35.26 -51.54
C ASP P 23 76.66 -36.56 -51.54
N ALA P 24 77.29 -37.69 -51.24
CA ALA P 24 76.61 -38.99 -51.25
C ALA P 24 75.25 -38.99 -50.57
N ARG P 25 75.13 -38.20 -49.52
CA ARG P 25 73.90 -38.12 -48.74
C ARG P 25 72.68 -37.35 -49.29
N ARG P 26 72.80 -36.60 -50.38
CA ARG P 26 71.64 -35.85 -50.85
C ARG P 26 70.60 -36.67 -51.57
N LYS P 27 69.43 -36.08 -51.80
CA LYS P 27 68.40 -36.76 -52.58
C LYS P 27 69.13 -36.95 -53.90
N ARG P 28 68.72 -37.88 -54.73
CA ARG P 28 69.43 -38.03 -55.99
C ARG P 28 69.14 -36.82 -56.83
N ASP P 29 67.93 -36.27 -56.65
CA ASP P 29 67.51 -35.11 -57.41
C ASP P 29 67.65 -33.83 -56.60
N GLY P 30 68.44 -33.89 -55.54
CA GLY P 30 68.63 -32.74 -54.68
C GLY P 30 69.67 -31.78 -55.18
N LYS P 31 70.05 -30.84 -54.31
CA LYS P 31 71.05 -29.83 -54.66
C LYS P 31 72.45 -30.37 -54.82
N TYR P 32 73.00 -30.25 -56.03
CA TYR P 32 74.36 -30.73 -56.24
C TYR P 32 75.40 -29.64 -56.00
N ILE P 33 76.67 -30.02 -56.07
CA ILE P 33 77.78 -29.09 -55.85
C ILE P 33 78.17 -28.42 -57.16
N GLU P 34 78.02 -29.15 -58.25
CA GLU P 34 78.34 -28.64 -59.58
C GLU P 34 77.84 -29.60 -60.64
N LYS P 35 77.53 -29.06 -61.81
CA LYS P 35 77.08 -29.89 -62.92
C LYS P 35 78.33 -30.05 -63.76
N ILE P 36 78.51 -31.22 -64.37
CA ILE P 36 79.70 -31.40 -65.20
C ILE P 36 79.37 -32.16 -66.46
N GLY P 37 78.10 -32.47 -66.66
CA GLY P 37 77.72 -33.17 -67.86
C GLY P 37 76.26 -33.53 -67.85
N TYR P 38 75.81 -34.16 -68.91
CA TYR P 38 74.44 -34.61 -68.99
C TYR P 38 74.41 -35.84 -69.88
N TYR P 39 73.35 -36.63 -69.75
CA TYR P 39 73.25 -37.86 -70.50
C TYR P 39 71.81 -38.19 -70.89
N ASP P 40 71.62 -38.45 -72.18
CA ASP P 40 70.30 -38.81 -72.73
C ASP P 40 70.32 -40.32 -72.99
N PRO P 41 69.76 -41.11 -72.07
CA PRO P 41 69.69 -42.57 -72.17
C PRO P 41 69.26 -43.09 -73.52
N ARG P 42 68.29 -42.41 -74.12
CA ARG P 42 67.75 -42.86 -75.39
C ARG P 42 68.33 -42.21 -76.63
N LYS P 43 69.45 -41.53 -76.48
CA LYS P 43 70.10 -40.88 -77.60
C LYS P 43 69.05 -40.35 -78.58
N THR P 44 68.13 -39.52 -78.09
CA THR P 44 67.07 -38.97 -78.93
C THR P 44 67.59 -37.89 -79.87
N THR P 45 68.84 -37.50 -79.67
CA THR P 45 69.48 -36.49 -80.48
C THR P 45 70.95 -36.88 -80.67
N PRO P 46 71.59 -36.36 -81.73
CA PRO P 46 73.00 -36.66 -82.04
C PRO P 46 73.92 -36.26 -80.91
N ASP P 47 73.42 -35.38 -80.05
CA ASP P 47 74.21 -34.90 -78.93
C ASP P 47 73.63 -35.45 -77.64
N TRP P 48 73.78 -36.75 -77.42
CA TRP P 48 73.24 -37.36 -76.20
C TRP P 48 74.19 -37.57 -75.05
N LEU P 49 75.34 -36.91 -75.07
CA LEU P 49 76.28 -37.10 -73.96
C LEU P 49 77.46 -36.14 -73.93
N LYS P 50 77.35 -35.08 -73.16
CA LYS P 50 78.43 -34.10 -73.05
C LYS P 50 79.09 -34.42 -71.71
N VAL P 51 80.37 -34.11 -71.54
CA VAL P 51 80.98 -34.44 -70.26
C VAL P 51 81.98 -33.47 -69.65
N ASP P 52 82.46 -32.49 -70.39
CA ASP P 52 83.40 -31.54 -69.78
C ASP P 52 84.46 -32.25 -68.94
N VAL P 53 85.22 -33.11 -69.61
CA VAL P 53 86.25 -33.90 -68.95
C VAL P 53 87.22 -33.08 -68.12
N GLU P 54 87.39 -31.81 -68.48
CA GLU P 54 88.29 -30.97 -67.72
C GLU P 54 87.91 -31.00 -66.24
N ARG P 55 86.68 -30.61 -65.95
CA ARG P 55 86.18 -30.55 -64.58
C ARG P 55 86.14 -31.88 -63.85
N ALA P 56 85.62 -32.92 -64.51
CA ALA P 56 85.56 -34.24 -63.89
C ALA P 56 86.91 -34.53 -63.25
N ARG P 57 87.93 -34.62 -64.07
CA ARG P 57 89.29 -34.89 -63.62
C ARG P 57 89.60 -34.06 -62.40
N TYR P 58 89.06 -32.85 -62.32
CA TYR P 58 89.33 -32.05 -61.15
C TYR P 58 88.69 -32.70 -59.94
N TRP P 59 87.41 -33.03 -60.05
CA TRP P 59 86.71 -33.63 -58.93
C TRP P 59 87.35 -34.93 -58.49
N LEU P 60 87.66 -35.80 -59.45
CA LEU P 60 88.34 -37.05 -59.12
C LEU P 60 89.65 -36.67 -58.44
N SER P 61 90.24 -35.57 -58.88
CA SER P 61 91.47 -35.08 -58.29
C SER P 61 91.33 -34.99 -56.78
N VAL P 62 90.11 -34.93 -56.27
CA VAL P 62 89.93 -34.83 -54.83
C VAL P 62 88.85 -35.67 -54.15
N GLY P 63 88.85 -36.96 -54.44
CA GLY P 63 87.89 -37.84 -53.80
C GLY P 63 86.55 -38.09 -54.46
N ALA P 64 86.24 -37.39 -55.55
CA ALA P 64 84.97 -37.64 -56.20
C ALA P 64 84.95 -39.13 -56.56
N GLN P 65 83.92 -39.83 -56.15
CA GLN P 65 83.81 -41.25 -56.41
C GLN P 65 82.60 -41.44 -57.30
N PRO P 66 82.82 -41.79 -58.56
CA PRO P 66 81.73 -41.99 -59.51
C PRO P 66 80.88 -43.24 -59.38
N THR P 67 79.57 -43.06 -59.57
CA THR P 67 78.63 -44.19 -59.56
C THR P 67 79.18 -45.06 -60.67
N ASP P 68 78.77 -46.31 -60.73
CA ASP P 68 79.30 -47.11 -61.82
C ASP P 68 78.86 -46.47 -63.14
N THR P 69 77.56 -46.42 -63.39
CA THR P 69 77.04 -45.82 -64.62
C THR P 69 77.63 -44.45 -64.93
N ALA P 70 77.93 -43.66 -63.91
CA ALA P 70 78.51 -42.35 -64.16
C ALA P 70 79.91 -42.53 -64.74
N ARG P 71 80.67 -43.45 -64.15
CA ARG P 71 82.03 -43.72 -64.61
C ARG P 71 82.05 -44.20 -66.06
N ARG P 72 81.11 -45.07 -66.39
CA ARG P 72 81.00 -45.64 -67.73
C ARG P 72 80.75 -44.56 -68.79
N LEU P 73 80.11 -43.47 -68.39
CA LEU P 73 79.83 -42.37 -69.30
C LEU P 73 81.05 -41.49 -69.32
N LEU P 74 81.67 -41.32 -68.15
CA LEU P 74 82.86 -40.52 -68.09
C LEU P 74 83.93 -41.20 -68.93
N ARG P 75 83.95 -42.53 -68.96
CA ARG P 75 84.95 -43.22 -69.75
C ARG P 75 84.70 -42.91 -71.22
N GLN P 76 83.44 -43.02 -71.65
CA GLN P 76 83.07 -42.75 -73.03
C GLN P 76 83.61 -41.41 -73.53
N ALA P 77 83.58 -40.39 -72.67
CA ALA P 77 84.09 -39.08 -73.06
C ALA P 77 85.55 -39.05 -72.68
N GLY P 78 86.15 -40.24 -72.66
CA GLY P 78 87.55 -40.38 -72.33
C GLY P 78 88.05 -39.50 -71.21
N VAL P 79 87.53 -39.70 -70.00
CA VAL P 79 87.99 -38.90 -68.89
C VAL P 79 89.18 -39.65 -68.32
N PHE P 80 89.23 -40.94 -68.64
CA PHE P 80 90.31 -41.77 -68.13
C PHE P 80 91.43 -42.06 -69.13
N ARG P 81 91.08 -42.15 -70.41
CA ARG P 81 92.08 -42.40 -71.45
C ARG P 81 93.31 -41.54 -71.15
N GLN P 82 94.41 -42.21 -70.80
CA GLN P 82 95.63 -41.48 -70.45
C GLN P 82 96.73 -41.46 -71.49
N GLU P 83 96.40 -41.92 -72.70
CA GLU P 83 97.35 -41.97 -73.83
C GLU P 83 98.58 -41.09 -73.68
N PRO Q 1 85.92 -9.79 -44.68
CA PRO Q 1 86.54 -8.72 -43.91
C PRO Q 1 85.77 -8.52 -42.62
N LYS Q 2 86.48 -8.56 -41.51
CA LYS Q 2 85.83 -8.32 -40.25
C LYS Q 2 85.29 -6.91 -40.39
N LYS Q 3 83.97 -6.78 -40.27
CA LYS Q 3 83.24 -5.52 -40.39
C LYS Q 3 83.76 -4.46 -39.43
N VAL Q 4 84.01 -3.26 -39.95
CA VAL Q 4 84.49 -2.15 -39.13
C VAL Q 4 83.43 -1.05 -39.13
N LEU Q 5 83.14 -0.50 -37.96
CA LEU Q 5 82.13 0.54 -37.84
C LEU Q 5 82.63 1.74 -37.04
N THR Q 6 81.96 2.89 -37.22
CA THR Q 6 82.33 4.10 -36.51
C THR Q 6 81.11 4.67 -35.79
N GLY Q 7 81.30 5.03 -34.54
CA GLY Q 7 80.20 5.57 -33.76
C GLY Q 7 80.72 6.36 -32.59
N VAL Q 8 79.83 6.70 -31.66
CA VAL Q 8 80.22 7.47 -30.50
C VAL Q 8 79.98 6.66 -29.27
N VAL Q 9 80.80 6.90 -28.26
CA VAL Q 9 80.67 6.22 -26.98
C VAL Q 9 79.61 6.98 -26.21
N VAL Q 10 78.43 6.42 -26.09
CA VAL Q 10 77.38 7.08 -25.36
C VAL Q 10 77.30 6.59 -23.93
N SER Q 11 78.11 5.59 -23.60
CA SER Q 11 78.11 5.05 -22.25
C SER Q 11 79.41 4.40 -21.82
N ASP Q 12 79.90 4.82 -20.65
CA ASP Q 12 81.13 4.30 -20.08
C ASP Q 12 80.81 3.73 -18.70
N LYS Q 13 79.55 3.38 -18.50
CA LYS Q 13 79.09 2.84 -17.23
C LYS Q 13 79.43 1.40 -16.88
N MET Q 14 80.08 0.67 -17.79
CA MET Q 14 80.43 -0.71 -17.50
C MET Q 14 81.91 -0.92 -17.40
N GLN Q 15 82.30 -2.09 -16.90
CA GLN Q 15 83.71 -2.47 -16.75
C GLN Q 15 84.25 -3.05 -18.05
N LYS Q 16 85.38 -2.52 -18.51
CA LYS Q 16 86.03 -2.95 -19.75
C LYS Q 16 85.10 -2.99 -20.97
N THR Q 17 83.96 -2.32 -20.88
CA THR Q 17 83.00 -2.30 -21.98
C THR Q 17 82.47 -0.88 -22.20
N VAL Q 18 82.13 -0.56 -23.44
CA VAL Q 18 81.55 0.76 -23.75
C VAL Q 18 80.42 0.61 -24.75
N THR Q 19 79.49 1.56 -24.74
CA THR Q 19 78.37 1.52 -25.65
C THR Q 19 78.60 2.49 -26.79
N VAL Q 20 78.85 1.94 -27.97
CA VAL Q 20 79.08 2.76 -29.15
C VAL Q 20 77.79 2.87 -29.96
N LEU Q 21 77.44 4.10 -30.29
CA LEU Q 21 76.22 4.37 -31.05
C LEU Q 21 76.52 4.64 -32.51
N VAL Q 22 76.51 3.58 -33.30
CA VAL Q 22 76.81 3.62 -34.73
C VAL Q 22 75.63 4.12 -35.57
N GLU Q 23 75.82 5.22 -36.30
CA GLU Q 23 74.74 5.75 -37.14
C GLU Q 23 74.82 5.14 -38.55
N ARG Q 24 73.69 5.09 -39.26
CA ARG Q 24 73.65 4.48 -40.58
C ARG Q 24 72.64 5.19 -41.47
N GLN Q 25 72.87 5.19 -42.79
CA GLN Q 25 71.94 5.83 -43.70
C GLN Q 25 71.64 4.94 -44.88
N PHE Q 26 70.58 5.23 -45.61
CA PHE Q 26 70.21 4.43 -46.77
C PHE Q 26 68.89 4.87 -47.33
N PRO Q 27 68.59 4.45 -48.55
CA PRO Q 27 67.35 4.79 -49.23
C PRO Q 27 66.23 3.87 -48.86
N HIS Q 28 65.12 4.46 -48.50
CA HIS Q 28 63.95 3.70 -48.14
C HIS Q 28 63.62 2.80 -49.33
N PRO Q 29 63.45 1.49 -49.08
CA PRO Q 29 63.14 0.56 -50.15
C PRO Q 29 61.95 0.91 -51.04
N LEU Q 30 60.95 1.64 -50.54
CA LEU Q 30 59.84 1.98 -51.42
C LEU Q 30 59.67 3.47 -51.72
N TYR Q 31 59.92 4.32 -50.73
CA TYR Q 31 59.77 5.76 -50.91
C TYR Q 31 61.07 6.47 -51.26
N GLY Q 32 62.12 5.68 -51.39
CA GLY Q 32 63.40 6.22 -51.77
C GLY Q 32 64.15 7.28 -50.98
N LYS Q 33 63.48 8.14 -50.23
CA LYS Q 33 64.24 9.16 -49.50
C LYS Q 33 65.30 8.52 -48.61
N VAL Q 34 66.39 9.23 -48.38
CA VAL Q 34 67.44 8.70 -47.53
C VAL Q 34 67.05 8.86 -46.08
N ILE Q 35 66.79 7.75 -45.42
CA ILE Q 35 66.40 7.79 -44.02
C ILE Q 35 67.64 7.47 -43.24
N LYS Q 36 67.60 7.65 -41.93
CA LYS Q 36 68.78 7.41 -41.12
C LYS Q 36 68.46 6.77 -39.78
N ARG Q 37 68.80 5.50 -39.64
CA ARG Q 37 68.55 4.77 -38.42
C ARG Q 37 69.86 4.67 -37.61
N SER Q 38 69.83 4.01 -36.47
CA SER Q 38 71.05 3.89 -35.67
C SER Q 38 70.93 2.74 -34.66
N LYS Q 39 72.07 2.15 -34.33
CA LYS Q 39 72.13 1.01 -33.43
C LYS Q 39 73.27 1.13 -32.43
N LYS Q 40 73.08 0.57 -31.23
CA LYS Q 40 74.10 0.62 -30.19
C LYS Q 40 74.81 -0.70 -30.08
N TYR Q 41 76.14 -0.66 -30.08
CA TYR Q 41 76.96 -1.86 -29.94
C TYR Q 41 77.76 -1.79 -28.63
N LEU Q 42 77.88 -2.91 -27.94
CA LEU Q 42 78.70 -2.92 -26.73
C LEU Q 42 80.06 -3.40 -27.20
N ALA Q 43 81.06 -2.54 -27.06
CA ALA Q 43 82.40 -2.86 -27.49
C ALA Q 43 83.35 -3.07 -26.31
N HIS Q 44 84.30 -3.95 -26.53
CA HIS Q 44 85.26 -4.28 -25.49
C HIS Q 44 86.36 -3.24 -25.35
N ASP Q 45 86.49 -2.71 -24.12
CA ASP Q 45 87.49 -1.69 -23.81
C ASP Q 45 88.30 -2.15 -22.60
N PRO Q 46 89.28 -3.05 -22.82
CA PRO Q 46 90.16 -3.60 -21.78
C PRO Q 46 90.88 -2.56 -20.95
N GLU Q 47 91.64 -1.71 -21.63
CA GLU Q 47 92.40 -0.67 -20.98
C GLU Q 47 91.52 0.39 -20.32
N GLU Q 48 90.19 0.29 -20.51
CA GLU Q 48 89.26 1.26 -19.96
C GLU Q 48 89.65 2.62 -20.52
N LYS Q 49 90.34 2.55 -21.66
CA LYS Q 49 90.85 3.69 -22.39
C LYS Q 49 89.78 4.72 -22.83
N TYR Q 50 88.94 4.31 -23.77
CA TYR Q 50 87.91 5.16 -24.34
C TYR Q 50 86.92 5.73 -23.34
N LYS Q 51 86.71 7.04 -23.47
CA LYS Q 51 85.81 7.78 -22.58
C LYS Q 51 84.56 8.32 -23.26
N LEU Q 52 83.57 8.65 -22.44
CA LEU Q 52 82.29 9.17 -22.90
C LEU Q 52 82.43 10.40 -23.79
N GLY Q 53 82.07 10.25 -25.07
CA GLY Q 53 82.17 11.36 -25.99
C GLY Q 53 83.10 11.08 -27.15
N ASP Q 54 83.90 10.02 -27.02
CA ASP Q 54 84.86 9.62 -28.06
C ASP Q 54 84.21 9.01 -29.30
N VAL Q 55 84.79 9.30 -30.45
CA VAL Q 55 84.31 8.70 -31.68
C VAL Q 55 85.29 7.57 -31.90
N VAL Q 56 84.79 6.35 -32.08
CA VAL Q 56 85.67 5.21 -32.25
C VAL Q 56 85.32 4.33 -33.44
N GLU Q 57 86.28 3.48 -33.80
CA GLU Q 57 86.07 2.50 -34.86
C GLU Q 57 85.93 1.15 -34.17
N ILE Q 58 84.81 0.50 -34.44
CA ILE Q 58 84.48 -0.79 -33.88
C ILE Q 58 84.88 -1.84 -34.91
N ILE Q 59 85.28 -3.01 -34.43
CA ILE Q 59 85.72 -4.06 -35.33
C ILE Q 59 85.10 -5.40 -34.95
N GLU Q 60 84.57 -6.11 -35.94
CA GLU Q 60 83.94 -7.42 -35.70
C GLU Q 60 84.95 -8.31 -35.02
N SER Q 61 84.57 -8.88 -33.89
CA SER Q 61 85.50 -9.74 -33.16
C SER Q 61 84.86 -11.05 -32.74
N ARG Q 62 85.63 -11.84 -32.01
CA ARG Q 62 85.16 -13.12 -31.49
C ARG Q 62 84.36 -12.76 -30.24
N PRO Q 63 83.24 -13.46 -30.01
CA PRO Q 63 82.44 -13.13 -28.84
C PRO Q 63 83.27 -12.95 -27.57
N ILE Q 64 82.90 -11.94 -26.80
CA ILE Q 64 83.58 -11.60 -25.56
C ILE Q 64 82.63 -11.86 -24.41
N SER Q 65 81.35 -11.65 -24.69
CA SER Q 65 80.28 -11.88 -23.73
C SER Q 65 79.03 -12.05 -24.57
N LYS Q 66 77.90 -12.26 -23.92
CA LYS Q 66 76.63 -12.40 -24.63
C LYS Q 66 76.30 -11.00 -25.06
N ARG Q 67 75.84 -10.79 -26.27
CA ARG Q 67 75.54 -9.40 -26.62
C ARG Q 67 76.83 -8.58 -26.47
N LYS Q 68 77.83 -8.87 -27.31
CA LYS Q 68 79.13 -8.20 -27.29
C LYS Q 68 80.06 -8.97 -28.23
N ARG Q 69 80.14 -8.49 -29.46
CA ARG Q 69 80.93 -9.08 -30.52
C ARG Q 69 81.75 -8.01 -31.25
N PHE Q 70 82.18 -6.98 -30.53
CA PHE Q 70 82.97 -5.92 -31.15
C PHE Q 70 84.03 -5.36 -30.20
N ARG Q 71 85.17 -5.01 -30.78
CA ARG Q 71 86.27 -4.46 -30.00
C ARG Q 71 86.60 -3.07 -30.55
N VAL Q 72 86.96 -2.16 -29.65
CA VAL Q 72 87.27 -0.81 -30.06
C VAL Q 72 88.56 -0.82 -30.83
N LEU Q 73 88.46 -0.77 -32.14
CA LEU Q 73 89.65 -0.78 -33.00
C LEU Q 73 90.51 0.42 -32.66
N ARG Q 74 89.94 1.62 -32.74
CA ARG Q 74 90.70 2.83 -32.47
C ARG Q 74 89.87 4.10 -32.31
N LEU Q 75 90.57 5.16 -31.92
CA LEU Q 75 89.93 6.45 -31.70
C LEU Q 75 90.04 7.32 -32.94
N VAL Q 76 88.92 7.90 -33.37
CA VAL Q 76 88.89 8.74 -34.56
C VAL Q 76 88.97 10.23 -34.22
N GLU Q 77 88.27 10.63 -33.18
CA GLU Q 77 88.30 12.01 -32.73
C GLU Q 77 87.75 12.03 -31.32
N SER Q 78 88.51 12.61 -30.40
CA SER Q 78 88.12 12.67 -29.00
C SER Q 78 87.07 13.73 -28.74
N GLY Q 79 86.56 13.71 -27.51
CA GLY Q 79 85.55 14.65 -27.05
C GLY Q 79 84.63 15.32 -28.04
N ARG Q 80 83.34 15.21 -27.78
CA ARG Q 80 82.29 15.82 -28.58
C ARG Q 80 80.92 15.30 -28.14
N MET Q 81 80.51 15.84 -27.00
CA MET Q 81 79.26 15.52 -26.34
C MET Q 81 78.05 15.99 -27.12
N ASP Q 82 78.27 16.84 -28.11
CA ASP Q 82 77.16 17.34 -28.91
C ASP Q 82 76.33 16.16 -29.40
N LEU Q 83 76.99 15.01 -29.57
CA LEU Q 83 76.34 13.79 -30.03
C LEU Q 83 75.71 13.01 -28.88
N VAL Q 84 76.48 12.84 -27.83
CA VAL Q 84 75.99 12.15 -26.65
C VAL Q 84 74.67 12.81 -26.25
N GLU Q 85 74.64 14.14 -26.36
CA GLU Q 85 73.45 14.93 -26.01
C GLU Q 85 72.19 14.43 -26.71
N LYS Q 86 72.23 14.40 -28.03
CA LYS Q 86 71.09 13.93 -28.81
C LYS Q 86 70.61 12.65 -28.18
N TYR Q 87 71.50 11.66 -28.13
CA TYR Q 87 71.19 10.37 -27.56
C TYR Q 87 70.54 10.45 -26.16
N LEU Q 88 71.13 11.23 -25.27
CA LEU Q 88 70.59 11.36 -23.91
C LEU Q 88 69.25 12.07 -23.88
N ILE Q 89 69.17 13.19 -24.59
CA ILE Q 89 67.96 13.96 -24.67
C ILE Q 89 66.84 13.10 -25.18
N ARG Q 90 67.16 12.22 -26.12
CA ARG Q 90 66.14 11.34 -26.68
C ARG Q 90 65.71 10.32 -25.64
N ARG Q 91 66.67 9.87 -24.84
CA ARG Q 91 66.34 8.90 -23.80
C ARG Q 91 65.44 9.59 -22.78
N GLN Q 92 65.65 10.89 -22.61
CA GLN Q 92 64.88 11.70 -21.67
C GLN Q 92 63.41 11.84 -22.03
N ASN Q 93 63.09 11.96 -23.32
CA ASN Q 93 61.69 12.08 -23.74
C ASN Q 93 60.97 10.79 -23.40
N TYR Q 94 61.69 9.68 -23.44
CA TYR Q 94 61.10 8.39 -23.11
C TYR Q 94 60.54 8.47 -21.70
N GLN Q 95 61.26 9.19 -20.85
CA GLN Q 95 60.92 9.39 -19.44
C GLN Q 95 59.49 9.88 -19.32
N SER Q 96 58.70 9.64 -20.35
CA SER Q 96 57.34 10.11 -20.35
C SER Q 96 56.50 9.40 -21.40
N LEU Q 97 55.91 10.17 -22.33
CA LEU Q 97 55.05 9.61 -23.37
C LEU Q 97 54.48 8.22 -23.05
N SER Q 98 53.91 8.06 -21.85
CA SER Q 98 53.34 6.79 -21.40
C SER Q 98 51.96 6.92 -20.74
N LYS Q 99 51.94 7.59 -19.59
CA LYS Q 99 50.72 7.86 -18.82
C LYS Q 99 50.80 9.33 -18.44
N ARG Q 100 51.97 9.92 -18.68
CA ARG Q 100 52.24 11.34 -18.40
C ARG Q 100 52.49 12.10 -19.71
N GLY Q 101 53.75 12.13 -20.14
CA GLY Q 101 54.10 12.82 -21.38
C GLY Q 101 55.48 13.47 -21.39
N GLY Q 102 56.17 13.39 -22.53
CA GLY Q 102 57.51 13.94 -22.65
C GLY Q 102 57.65 15.44 -22.82
N LYS Q 103 58.41 16.10 -21.94
CA LYS Q 103 58.62 17.56 -21.97
C LYS Q 103 58.72 18.24 -23.34
N ALA Q 104 59.74 19.09 -23.51
CA ALA Q 104 59.96 19.83 -24.75
C ALA Q 104 60.88 21.02 -24.52
N PRO R 1 23.65 65.50 -46.18
CA PRO R 1 24.84 66.00 -46.91
C PRO R 1 26.01 66.25 -45.98
N SER R 2 25.76 67.03 -44.92
CA SER R 2 26.77 67.38 -43.93
C SER R 2 27.86 68.28 -44.52
N ARG R 3 27.43 69.25 -45.34
CA ARG R 3 28.36 70.18 -45.98
C ARG R 3 28.07 71.61 -45.53
N LYS R 4 28.06 71.81 -44.23
CA LYS R 4 27.79 73.11 -43.64
C LYS R 4 29.08 73.88 -43.43
N ALA R 5 30.08 73.20 -42.87
CA ALA R 5 31.39 73.79 -42.62
C ALA R 5 32.19 72.87 -41.70
N LYS R 6 33.44 72.60 -42.07
CA LYS R 6 34.30 71.74 -41.24
C LYS R 6 34.76 72.53 -40.02
N VAL R 7 34.50 71.99 -38.83
CA VAL R 7 34.89 72.66 -37.59
C VAL R 7 36.36 73.07 -37.58
N LYS R 8 37.18 72.27 -38.27
CA LYS R 8 38.62 72.52 -38.36
C LYS R 8 38.91 73.83 -39.12
N ALA R 9 38.40 73.92 -40.34
CA ALA R 9 38.59 75.10 -41.17
C ALA R 9 38.09 76.35 -40.47
N THR R 10 36.90 76.25 -39.89
CA THR R 10 36.29 77.36 -39.17
C THR R 10 37.01 77.48 -37.83
N LEU R 11 38.31 77.76 -37.88
CA LEU R 11 39.11 77.86 -36.66
C LEU R 11 40.61 78.06 -36.93
N GLY R 12 41.37 78.33 -35.86
CA GLY R 12 42.80 78.54 -36.01
C GLY R 12 43.69 77.35 -35.76
N GLU R 13 44.97 77.62 -35.52
CA GLU R 13 45.96 76.58 -35.26
C GLU R 13 45.96 76.28 -33.78
N PHE R 14 45.31 75.19 -33.38
CA PHE R 14 45.22 74.82 -31.97
C PHE R 14 45.97 73.56 -31.63
N ASP R 15 46.28 73.43 -30.34
CA ASP R 15 47.00 72.27 -29.83
C ASP R 15 46.01 71.21 -29.44
N LEU R 16 45.73 70.29 -30.36
CA LEU R 16 44.78 69.21 -30.12
C LEU R 16 45.01 68.46 -28.81
N ARG R 17 46.19 68.63 -28.22
CA ARG R 17 46.54 67.94 -26.99
C ARG R 17 46.10 68.68 -25.73
N ASP R 18 45.84 69.98 -25.87
CA ASP R 18 45.42 70.84 -24.76
C ASP R 18 44.01 70.55 -24.25
N TYR R 19 43.93 70.00 -23.05
CA TYR R 19 42.65 69.66 -22.46
C TYR R 19 41.97 70.74 -21.63
N ARG R 20 42.38 71.99 -21.79
CA ARG R 20 41.78 73.07 -21.02
C ARG R 20 41.21 74.19 -21.87
N ASN R 21 41.46 74.13 -23.19
CA ASN R 21 40.97 75.17 -24.08
C ASN R 21 39.47 75.01 -24.36
N VAL R 22 38.68 75.14 -23.30
CA VAL R 22 37.24 75.01 -23.39
C VAL R 22 36.75 75.83 -24.57
N GLU R 23 37.43 76.94 -24.80
CA GLU R 23 37.09 77.85 -25.87
C GLU R 23 37.01 77.12 -27.20
N VAL R 24 38.10 76.45 -27.57
CA VAL R 24 38.15 75.74 -28.83
C VAL R 24 37.53 74.34 -28.78
N LEU R 25 37.89 73.55 -27.77
CA LEU R 25 37.36 72.19 -27.64
C LEU R 25 35.84 72.15 -27.82
N LYS R 26 35.14 73.00 -27.08
CA LYS R 26 33.67 73.12 -27.13
C LYS R 26 33.15 73.16 -28.57
N ARG R 27 34.03 73.53 -29.50
CA ARG R 27 33.70 73.62 -30.91
C ARG R 27 33.41 72.27 -31.57
N PHE R 28 34.06 71.22 -31.08
CA PHE R 28 33.90 69.89 -31.65
C PHE R 28 32.79 69.07 -31.02
N LEU R 29 31.92 69.71 -30.26
CA LEU R 29 30.83 68.99 -29.63
C LEU R 29 29.50 69.22 -30.32
N SER R 30 28.69 68.17 -30.40
CA SER R 30 27.39 68.27 -31.03
C SER R 30 26.57 69.25 -30.23
N GLU R 31 25.29 69.37 -30.60
CA GLU R 31 24.37 70.25 -29.89
C GLU R 31 24.10 69.55 -28.55
N THR R 32 24.94 68.55 -28.27
CA THR R 32 24.90 67.74 -27.07
C THR R 32 26.38 67.52 -26.70
N GLY R 33 26.65 66.95 -25.54
CA GLY R 33 28.04 66.74 -25.16
C GLY R 33 28.78 65.81 -26.09
N LYS R 34 28.08 65.27 -27.07
CA LYS R 34 28.65 64.32 -28.01
C LYS R 34 29.76 64.89 -28.87
N ILE R 35 30.78 64.06 -29.10
CA ILE R 35 31.92 64.42 -29.92
C ILE R 35 31.51 64.22 -31.36
N LEU R 36 31.75 65.22 -32.18
CA LEU R 36 31.37 65.14 -33.58
C LEU R 36 32.24 64.18 -34.38
N PRO R 37 31.66 63.58 -35.43
CA PRO R 37 32.32 62.62 -36.33
C PRO R 37 33.30 63.40 -37.19
N ARG R 38 34.25 62.71 -37.81
CA ARG R 38 35.20 63.40 -38.66
C ARG R 38 34.49 64.12 -39.79
N ARG R 39 33.35 63.57 -40.20
CA ARG R 39 32.56 64.17 -41.27
C ARG R 39 32.37 65.66 -40.99
N ARG R 40 32.16 65.98 -39.72
CA ARG R 40 31.91 67.36 -39.29
C ARG R 40 33.09 68.02 -38.60
N THR R 41 33.99 67.24 -38.01
CA THR R 41 35.13 67.86 -37.36
C THR R 41 36.23 68.17 -38.36
N GLY R 42 36.11 67.64 -39.57
CA GLY R 42 37.12 67.89 -40.58
C GLY R 42 38.53 67.49 -40.15
N LEU R 43 38.64 66.78 -39.04
CA LEU R 43 39.93 66.32 -38.57
C LEU R 43 40.26 65.03 -39.30
N SER R 44 41.44 64.50 -39.05
CA SER R 44 41.88 63.26 -39.69
C SER R 44 41.82 62.15 -38.66
N GLY R 45 42.00 60.91 -39.14
CA GLY R 45 41.95 59.77 -38.24
C GLY R 45 42.83 60.00 -37.03
N LYS R 46 44.07 60.41 -37.26
CA LYS R 46 44.99 60.63 -36.15
C LYS R 46 44.60 61.83 -35.30
N GLU R 47 44.37 62.98 -35.92
CA GLU R 47 43.98 64.17 -35.18
C GLU R 47 42.75 63.86 -34.34
N GLN R 48 41.68 63.42 -35.01
CA GLN R 48 40.41 63.07 -34.40
C GLN R 48 40.54 62.09 -33.25
N ARG R 49 41.56 61.26 -33.31
CA ARG R 49 41.77 60.28 -32.27
C ARG R 49 42.36 60.91 -31.02
N ILE R 50 43.10 62.01 -31.20
CA ILE R 50 43.74 62.71 -30.11
C ILE R 50 42.73 63.64 -29.46
N LEU R 51 41.81 64.15 -30.27
CA LEU R 51 40.79 65.06 -29.79
C LEU R 51 40.00 64.36 -28.72
N ALA R 52 39.49 63.18 -29.06
CA ALA R 52 38.69 62.38 -28.14
C ALA R 52 39.26 62.33 -26.73
N LYS R 53 40.53 61.97 -26.60
CA LYS R 53 41.16 61.90 -25.29
C LYS R 53 41.12 63.23 -24.59
N THR R 54 41.37 64.28 -25.36
CA THR R 54 41.36 65.65 -24.84
C THR R 54 39.94 66.05 -24.41
N ILE R 55 38.97 65.85 -25.29
CA ILE R 55 37.60 66.18 -24.96
C ILE R 55 37.10 65.36 -23.77
N LYS R 56 37.63 64.16 -23.60
CA LYS R 56 37.23 63.32 -22.47
C LYS R 56 37.89 63.82 -21.21
N ARG R 57 39.17 64.15 -21.28
CA ARG R 57 39.92 64.67 -20.14
C ARG R 57 39.21 65.92 -19.63
N ALA R 58 38.82 66.78 -20.57
CA ALA R 58 38.15 68.02 -20.25
C ALA R 58 36.81 67.78 -19.59
N ARG R 59 36.20 66.64 -19.88
CA ARG R 59 34.91 66.31 -19.29
C ARG R 59 35.09 66.00 -17.81
N ILE R 60 36.07 65.18 -17.48
CA ILE R 60 36.31 64.85 -16.09
C ILE R 60 36.53 66.13 -15.27
N LEU R 61 37.44 67.00 -15.73
CA LEU R 61 37.74 68.24 -15.02
C LEU R 61 36.51 69.12 -14.83
N GLY R 62 35.43 68.81 -15.55
CA GLY R 62 34.21 69.58 -15.43
C GLY R 62 34.10 70.75 -16.40
N LEU R 63 35.10 70.94 -17.24
CA LEU R 63 35.10 72.03 -18.20
C LEU R 63 34.14 71.76 -19.35
N LEU R 64 34.10 70.50 -19.81
CA LEU R 64 33.23 70.10 -20.91
C LEU R 64 32.17 69.14 -20.42
N PRO R 65 30.98 69.19 -21.03
CA PRO R 65 29.85 68.33 -20.68
C PRO R 65 29.99 66.91 -21.18
N PHE R 66 29.16 66.02 -20.65
CA PHE R 66 29.16 64.66 -21.10
C PHE R 66 27.98 64.55 -22.05
N THR R 67 26.92 65.29 -21.72
CA THR R 67 25.72 65.27 -22.54
C THR R 67 24.77 66.42 -22.23
N GLU R 68 24.17 67.00 -23.27
CA GLU R 68 23.24 68.11 -23.13
C GLU R 68 21.85 67.77 -23.66
N LYS R 69 20.82 68.48 -23.20
CA LYS R 69 19.45 68.24 -23.61
C LYS R 69 19.17 68.87 -24.99
N LEU R 70 18.27 68.26 -25.75
CA LEU R 70 17.93 68.78 -27.08
C LEU R 70 16.74 69.73 -27.03
N VAL R 71 16.88 70.87 -27.71
CA VAL R 71 15.82 71.87 -27.75
C VAL R 71 15.12 71.95 -29.10
N ARG R 72 13.79 71.95 -29.06
CA ARG R 72 12.89 71.97 -30.22
C ARG R 72 12.04 70.71 -30.13
N LYS R 73 12.20 69.81 -31.10
CA LYS R 73 11.47 68.54 -31.13
C LYS R 73 9.95 68.71 -31.24
N PRO S 1 -59.72 7.95 -57.42
CA PRO S 1 -60.19 8.68 -58.62
C PRO S 1 -59.67 8.04 -59.91
N ARG S 2 -59.73 6.71 -59.98
CA ARG S 2 -59.26 5.93 -61.14
C ARG S 2 -60.13 6.16 -62.38
N SER S 3 -59.73 5.60 -63.52
CA SER S 3 -60.51 5.79 -64.75
C SER S 3 -59.98 5.16 -66.05
N LEU S 4 -60.88 4.45 -66.73
CA LEU S 4 -60.56 3.81 -67.99
C LEU S 4 -61.36 4.45 -69.12
N LYS S 5 -62.65 4.70 -68.89
CA LYS S 5 -63.58 5.33 -69.84
C LYS S 5 -64.83 4.52 -70.13
N LYS S 6 -64.91 4.05 -71.38
CA LYS S 6 -66.01 3.26 -71.90
C LYS S 6 -65.49 1.94 -72.50
N GLY S 7 -65.56 0.87 -71.70
CA GLY S 7 -65.10 -0.43 -72.15
C GLY S 7 -64.24 -1.18 -71.16
N VAL S 8 -64.71 -1.32 -69.91
CA VAL S 8 -63.98 -2.03 -68.85
C VAL S 8 -63.11 -3.16 -69.40
N PHE S 9 -61.81 -2.94 -69.42
CA PHE S 9 -60.90 -3.95 -69.96
C PHE S 9 -60.65 -5.17 -69.07
N VAL S 10 -60.60 -6.33 -69.71
CA VAL S 10 -60.34 -7.62 -69.06
C VAL S 10 -59.77 -8.57 -70.11
N ASP S 11 -58.52 -9.00 -69.92
CA ASP S 11 -57.92 -9.93 -70.88
C ASP S 11 -58.80 -11.16 -70.93
N ASP S 12 -59.02 -11.68 -72.14
CA ASP S 12 -59.86 -12.86 -72.31
C ASP S 12 -59.12 -14.18 -72.23
N HIS S 13 -58.04 -14.23 -71.46
CA HIS S 13 -57.30 -15.48 -71.28
C HIS S 13 -58.10 -16.17 -70.21
N LEU S 14 -58.29 -15.44 -69.12
CA LEU S 14 -59.03 -15.89 -67.95
C LEU S 14 -60.52 -15.64 -68.09
N LEU S 15 -60.89 -14.63 -68.87
CA LEU S 15 -62.30 -14.32 -69.06
C LEU S 15 -63.01 -15.50 -69.67
N GLU S 16 -62.78 -15.73 -70.96
CA GLU S 16 -63.42 -16.84 -71.64
C GLU S 16 -63.01 -18.17 -71.00
N LYS S 17 -62.09 -18.13 -70.05
CA LYS S 17 -61.64 -19.35 -69.37
C LYS S 17 -62.32 -19.44 -68.00
N VAL S 18 -62.84 -18.32 -67.51
CA VAL S 18 -63.50 -18.30 -66.21
C VAL S 18 -64.99 -18.60 -66.39
N LEU S 19 -65.59 -18.05 -67.44
CA LEU S 19 -67.00 -18.28 -67.70
C LEU S 19 -67.25 -19.70 -68.23
N GLU S 20 -66.23 -20.29 -68.84
CA GLU S 20 -66.39 -21.65 -69.35
C GLU S 20 -66.61 -22.52 -68.13
N LEU S 21 -66.02 -22.11 -67.01
CA LEU S 21 -66.14 -22.83 -65.75
C LEU S 21 -67.46 -22.48 -65.10
N ASN S 22 -68.12 -21.43 -65.60
CA ASN S 22 -69.41 -21.00 -65.08
C ASN S 22 -70.48 -21.95 -65.58
N ALA S 23 -70.15 -22.69 -66.65
CA ALA S 23 -71.07 -23.66 -67.23
C ALA S 23 -71.20 -24.87 -66.31
N LYS S 24 -70.07 -25.34 -65.76
CA LYS S 24 -70.07 -26.49 -64.86
C LYS S 24 -70.06 -25.98 -63.41
N GLY S 25 -70.47 -24.73 -63.24
CA GLY S 25 -70.49 -24.14 -61.91
C GLY S 25 -69.26 -23.27 -61.72
N GLU S 26 -68.22 -23.84 -61.13
CA GLU S 26 -66.97 -23.12 -60.88
C GLU S 26 -65.81 -24.02 -61.28
N LYS S 27 -64.90 -24.24 -60.34
CA LYS S 27 -63.74 -25.09 -60.55
C LYS S 27 -62.87 -25.03 -59.30
N ARG S 28 -61.60 -25.42 -59.44
CA ARG S 28 -60.66 -25.41 -58.34
C ARG S 28 -59.33 -24.83 -58.81
N LEU S 29 -59.27 -23.50 -58.82
CA LEU S 29 -58.10 -22.73 -59.23
C LEU S 29 -58.07 -22.24 -60.65
N ILE S 30 -57.13 -21.33 -60.89
CA ILE S 30 -56.88 -20.69 -62.16
C ILE S 30 -55.47 -20.18 -61.94
N LYS S 31 -54.96 -19.37 -62.87
CA LYS S 31 -53.64 -18.77 -62.77
C LYS S 31 -53.36 -18.02 -64.05
N THR S 32 -53.33 -16.70 -63.96
CA THR S 32 -53.09 -15.88 -65.14
C THR S 32 -52.02 -14.84 -64.85
N TRP S 33 -51.34 -14.41 -65.89
CA TRP S 33 -50.31 -13.39 -65.77
C TRP S 33 -50.99 -12.07 -66.08
N SER S 34 -52.29 -12.14 -66.36
CA SER S 34 -53.06 -10.95 -66.70
C SER S 34 -53.53 -10.18 -65.47
N ARG S 35 -52.60 -9.63 -64.70
CA ARG S 35 -52.96 -8.86 -63.52
C ARG S 35 -53.43 -7.50 -64.04
N ARG S 36 -53.33 -7.32 -65.36
CA ARG S 36 -53.72 -6.11 -66.07
C ARG S 36 -55.24 -5.99 -66.20
N SER S 37 -55.94 -7.09 -65.97
CA SER S 37 -57.39 -7.12 -66.14
C SER S 37 -58.26 -6.71 -64.96
N THR S 38 -59.36 -6.03 -65.28
CA THR S 38 -60.34 -5.57 -64.31
C THR S 38 -61.13 -6.80 -63.88
N ILE S 39 -61.84 -6.73 -62.76
CA ILE S 39 -62.61 -7.87 -62.31
C ILE S 39 -64.10 -7.65 -62.54
N VAL S 40 -64.72 -8.65 -63.17
CA VAL S 40 -66.13 -8.62 -63.47
C VAL S 40 -66.85 -9.64 -62.59
N PRO S 41 -68.15 -9.42 -62.32
CA PRO S 41 -68.98 -10.30 -61.49
C PRO S 41 -68.71 -11.79 -61.68
N GLU S 42 -68.76 -12.23 -62.93
CA GLU S 42 -68.54 -13.64 -63.26
C GLU S 42 -67.31 -14.23 -62.56
N MET S 43 -66.41 -13.36 -62.12
CA MET S 43 -65.21 -13.81 -61.43
C MET S 43 -65.51 -14.13 -59.98
N VAL S 44 -66.47 -13.40 -59.40
CA VAL S 44 -66.86 -13.61 -58.02
C VAL S 44 -66.90 -15.10 -57.68
N GLY S 45 -66.77 -15.41 -56.39
CA GLY S 45 -66.79 -16.79 -55.96
C GLY S 45 -65.56 -17.56 -56.37
N HIS S 46 -65.06 -17.29 -57.56
CA HIS S 46 -63.86 -17.97 -58.07
C HIS S 46 -62.61 -17.73 -57.26
N THR S 47 -61.52 -18.37 -57.66
CA THR S 47 -60.25 -18.23 -56.96
C THR S 47 -59.11 -18.20 -57.95
N ILE S 48 -58.82 -17.01 -58.48
CA ILE S 48 -57.75 -16.85 -59.45
C ILE S 48 -56.41 -16.60 -58.75
N ALA S 49 -55.37 -17.29 -59.20
CA ALA S 49 -54.05 -17.11 -58.62
C ALA S 49 -53.22 -16.21 -59.53
N VAL S 50 -52.93 -15.00 -59.04
CA VAL S 50 -52.16 -14.00 -59.80
C VAL S 50 -50.65 -14.17 -59.63
N TYR S 51 -49.90 -13.57 -60.56
CA TYR S 51 -48.45 -13.65 -60.59
C TYR S 51 -47.72 -12.43 -59.96
N ASN S 52 -46.88 -12.70 -58.97
CA ASN S 52 -46.10 -11.67 -58.30
C ASN S 52 -45.15 -11.07 -59.33
N GLY S 53 -44.63 -11.97 -60.16
CA GLY S 53 -43.66 -11.64 -61.17
C GLY S 53 -42.62 -12.68 -60.82
N LYS S 54 -43.03 -13.55 -59.89
CA LYS S 54 -42.22 -14.62 -59.35
C LYS S 54 -43.08 -15.79 -58.84
N GLN S 55 -44.24 -15.48 -58.28
CA GLN S 55 -45.13 -16.50 -57.73
C GLN S 55 -46.56 -16.40 -58.24
N HIS S 56 -47.34 -17.44 -57.96
CA HIS S 56 -48.74 -17.48 -58.34
C HIS S 56 -49.54 -17.52 -57.05
N VAL S 57 -49.95 -16.35 -56.58
CA VAL S 57 -50.71 -16.25 -55.34
C VAL S 57 -52.20 -16.43 -55.49
N PRO S 58 -52.81 -17.28 -54.65
CA PRO S 58 -54.24 -17.59 -54.64
C PRO S 58 -55.07 -16.42 -54.10
N VAL S 59 -55.91 -15.84 -54.96
CA VAL S 59 -56.75 -14.71 -54.58
C VAL S 59 -58.24 -15.05 -54.69
N TYR S 60 -58.93 -15.16 -53.56
CA TYR S 60 -60.36 -15.45 -53.56
C TYR S 60 -61.08 -14.14 -53.92
N ILE S 61 -61.77 -14.15 -55.06
CA ILE S 61 -62.49 -12.98 -55.54
C ILE S 61 -63.93 -12.87 -55.03
N THR S 62 -64.16 -11.91 -54.13
CA THR S 62 -65.48 -11.68 -53.56
C THR S 62 -66.11 -10.45 -54.18
N GLU S 63 -67.39 -10.24 -53.89
CA GLU S 63 -68.12 -9.10 -54.44
C GLU S 63 -67.45 -7.76 -54.08
N ASN S 64 -67.23 -7.54 -52.79
CA ASN S 64 -66.62 -6.32 -52.28
C ASN S 64 -65.40 -5.85 -53.08
N MET S 65 -64.75 -6.76 -53.79
CA MET S 65 -63.56 -6.43 -54.57
C MET S 65 -63.73 -6.58 -56.07
N VAL S 66 -64.91 -6.31 -56.59
CA VAL S 66 -65.13 -6.45 -58.02
C VAL S 66 -64.37 -5.44 -58.86
N GLY S 67 -64.90 -4.24 -58.98
CA GLY S 67 -64.25 -3.21 -59.78
C GLY S 67 -62.73 -3.12 -59.83
N HIS S 68 -62.04 -3.68 -58.83
CA HIS S 68 -60.58 -3.61 -58.78
C HIS S 68 -59.88 -4.39 -59.89
N LYS S 69 -58.56 -4.55 -59.80
CA LYS S 69 -57.81 -5.25 -60.85
C LYS S 69 -56.82 -6.33 -60.47
N LEU S 70 -57.32 -7.46 -59.97
CA LEU S 70 -56.49 -8.61 -59.61
C LEU S 70 -55.12 -8.30 -59.02
N GLY S 71 -54.25 -7.71 -59.82
CA GLY S 71 -52.92 -7.36 -59.34
C GLY S 71 -52.96 -6.61 -58.02
N GLU S 72 -54.02 -5.84 -57.81
CA GLU S 72 -54.16 -5.08 -56.58
C GLU S 72 -54.27 -6.02 -55.38
N PHE S 73 -54.25 -7.33 -55.64
CA PHE S 73 -54.39 -8.33 -54.58
C PHE S 73 -53.23 -9.32 -54.57
N ALA S 74 -52.22 -9.00 -55.38
CA ALA S 74 -51.03 -9.81 -55.49
C ALA S 74 -49.85 -8.88 -55.38
N PRO S 75 -49.39 -8.60 -54.15
CA PRO S 75 -48.26 -7.72 -53.87
C PRO S 75 -46.97 -8.10 -54.63
N THR S 76 -46.27 -7.09 -55.12
CA THR S 76 -45.04 -7.28 -55.88
C THR S 76 -43.78 -7.33 -55.03
N ARG S 77 -43.46 -6.18 -54.44
CA ARG S 77 -42.26 -6.05 -53.63
C ARG S 77 -42.35 -6.66 -52.25
N THR S 78 -41.20 -6.91 -51.66
CA THR S 78 -41.12 -7.48 -50.33
C THR S 78 -40.41 -6.46 -49.43
N TYR S 79 -41.08 -6.04 -48.35
CA TYR S 79 -40.52 -5.04 -47.44
C TYR S 79 -40.65 -5.41 -45.96
N ARG S 80 -39.75 -4.85 -45.13
CA ARG S 80 -39.76 -5.12 -43.69
C ARG S 80 -39.90 -6.61 -43.45
N ARG T 1 58.01 -56.73 -35.27
CA ARG T 1 58.98 -56.49 -34.17
C ARG T 1 60.39 -56.95 -34.56
N ASN T 2 61.29 -56.89 -33.61
CA ASN T 2 62.67 -57.32 -33.81
C ASN T 2 63.42 -56.75 -35.00
N LEU T 3 64.19 -55.69 -34.74
CA LEU T 3 65.03 -55.07 -35.75
C LEU T 3 66.41 -55.41 -35.22
N SER T 4 66.83 -56.65 -35.42
CA SER T 4 68.10 -57.17 -34.93
C SER T 4 69.25 -56.18 -34.72
N ALA T 5 69.14 -54.99 -35.29
CA ALA T 5 70.16 -53.96 -35.07
C ALA T 5 69.93 -53.33 -33.68
N LEU T 6 69.37 -54.11 -32.75
CA LEU T 6 69.15 -53.67 -31.36
C LEU T 6 70.56 -53.74 -30.84
N LYS T 7 71.29 -54.67 -31.44
CA LYS T 7 72.70 -54.94 -31.18
C LYS T 7 73.44 -53.63 -30.92
N ARG T 8 73.06 -52.60 -31.68
CA ARG T 8 73.65 -51.28 -31.55
C ARG T 8 73.47 -50.75 -30.12
N HIS T 9 72.25 -50.82 -29.62
CA HIS T 9 72.01 -50.38 -28.28
C HIS T 9 72.84 -51.23 -27.35
N ARG T 10 72.76 -52.53 -27.59
CA ARG T 10 73.49 -53.56 -26.86
C ARG T 10 74.96 -53.15 -26.67
N GLN T 11 75.55 -52.63 -27.75
CA GLN T 11 76.94 -52.22 -27.75
C GLN T 11 77.14 -50.85 -27.17
N SER T 12 76.14 -49.98 -27.35
CA SER T 12 76.23 -48.61 -26.84
C SER T 12 76.49 -48.68 -25.34
N LEU T 13 75.73 -49.54 -24.68
CA LEU T 13 75.85 -49.72 -23.26
C LEU T 13 77.26 -50.10 -22.83
N LYS T 14 77.89 -50.97 -23.60
CA LYS T 14 79.25 -51.38 -23.24
C LYS T 14 80.17 -50.18 -23.32
N ARG T 15 80.22 -49.61 -24.53
CA ARG T 15 81.05 -48.44 -24.82
C ARG T 15 80.80 -47.37 -23.76
N ARG T 16 79.53 -47.17 -23.44
CA ARG T 16 79.18 -46.20 -22.42
C ARG T 16 79.97 -46.53 -21.17
N LEU T 17 79.88 -47.78 -20.75
CA LEU T 17 80.58 -48.20 -19.56
C LEU T 17 82.10 -48.10 -19.70
N ARG T 18 82.61 -48.46 -20.86
CA ARG T 18 84.05 -48.41 -21.07
C ARG T 18 84.57 -46.98 -20.97
N ASN T 19 83.83 -46.04 -21.56
CA ASN T 19 84.21 -44.62 -21.55
C ASN T 19 84.13 -44.08 -20.14
N LYS T 20 82.92 -44.15 -19.60
CA LYS T 20 82.66 -43.69 -18.25
C LYS T 20 83.82 -44.04 -17.30
N ALA T 21 84.33 -45.25 -17.46
CA ALA T 21 85.42 -45.77 -16.62
C ALA T 21 86.75 -45.09 -16.88
N LYS T 22 87.00 -44.70 -18.13
CA LYS T 22 88.26 -44.04 -18.44
C LYS T 22 88.29 -42.67 -17.83
N LYS T 23 87.20 -41.93 -18.06
CA LYS T 23 87.08 -40.57 -17.55
C LYS T 23 87.18 -40.45 -16.04
N SER T 24 86.44 -41.28 -15.30
CA SER T 24 86.52 -41.17 -13.86
C SER T 24 87.96 -41.34 -13.35
N ALA T 25 88.71 -42.21 -14.00
CA ALA T 25 90.11 -42.44 -13.63
C ALA T 25 90.84 -41.13 -13.87
N ILE T 26 90.57 -40.56 -15.03
CA ILE T 26 91.17 -39.30 -15.45
C ILE T 26 90.94 -38.21 -14.41
N LYS T 27 89.68 -37.94 -14.09
CA LYS T 27 89.35 -36.90 -13.12
C LYS T 27 90.06 -37.17 -11.79
N THR T 28 89.92 -38.37 -11.28
CA THR T 28 90.55 -38.72 -10.02
C THR T 28 92.02 -38.36 -9.96
N LEU T 29 92.77 -38.79 -10.97
CA LEU T 29 94.18 -38.50 -11.04
C LEU T 29 94.44 -37.01 -11.19
N SER T 30 93.64 -36.35 -12.01
CA SER T 30 93.79 -34.92 -12.24
C SER T 30 93.77 -34.16 -10.91
N LYS T 31 92.71 -34.35 -10.14
CA LYS T 31 92.61 -33.68 -8.84
C LYS T 31 93.85 -34.14 -8.07
N LYS T 32 93.89 -35.45 -7.82
CA LYS T 32 94.97 -36.11 -7.11
C LYS T 32 96.25 -35.29 -7.30
N ALA T 33 96.58 -35.00 -8.55
CA ALA T 33 97.77 -34.24 -8.88
C ALA T 33 97.64 -32.80 -8.45
N VAL T 34 96.61 -32.11 -8.96
CA VAL T 34 96.37 -30.71 -8.63
C VAL T 34 96.45 -30.49 -7.13
N GLN T 35 95.86 -31.41 -6.39
CA GLN T 35 95.87 -31.32 -4.94
C GLN T 35 97.28 -31.52 -4.35
N LEU T 36 98.13 -32.28 -5.03
CA LEU T 36 99.49 -32.48 -4.53
C LEU T 36 100.31 -31.24 -4.76
N ALA T 37 100.16 -30.66 -5.96
CA ALA T 37 100.85 -29.43 -6.33
C ALA T 37 100.34 -28.41 -5.34
N GLN T 38 99.03 -28.48 -5.14
CA GLN T 38 98.29 -27.61 -4.23
C GLN T 38 99.09 -27.49 -2.93
N GLU T 39 99.26 -28.62 -2.24
CA GLU T 39 100.00 -28.70 -0.98
C GLU T 39 101.50 -28.43 -1.14
N GLY T 40 101.91 -28.06 -2.34
CA GLY T 40 103.32 -27.78 -2.58
C GLY T 40 104.30 -28.94 -2.81
N LYS T 41 103.85 -30.19 -2.66
CA LYS T 41 104.74 -31.34 -2.86
C LYS T 41 105.09 -31.55 -4.33
N ALA T 42 106.25 -31.03 -4.72
CA ALA T 42 106.74 -31.10 -6.10
C ALA T 42 106.70 -32.49 -6.74
N GLU T 43 107.70 -33.31 -6.43
CA GLU T 43 107.81 -34.65 -6.99
C GLU T 43 106.52 -35.42 -7.27
N GLU T 44 105.88 -35.93 -6.22
CA GLU T 44 104.66 -36.70 -6.41
C GLU T 44 103.54 -35.96 -7.15
N ALA T 45 103.53 -34.63 -7.07
CA ALA T 45 102.51 -33.86 -7.77
C ALA T 45 102.72 -34.05 -9.27
N LEU T 46 103.96 -33.96 -9.72
CA LEU T 46 104.26 -34.14 -11.14
C LEU T 46 104.08 -35.61 -11.53
N LYS T 47 104.68 -36.51 -10.75
CA LYS T 47 104.60 -37.95 -11.00
C LYS T 47 103.19 -38.33 -11.36
N ILE T 48 102.23 -37.91 -10.54
CA ILE T 48 100.84 -38.20 -10.79
C ILE T 48 100.38 -37.46 -12.05
N MET T 49 100.75 -36.19 -12.16
CA MET T 49 100.36 -35.41 -13.32
C MET T 49 100.66 -36.19 -14.61
N ARG T 50 101.88 -36.71 -14.74
CA ARG T 50 102.27 -37.48 -15.92
C ARG T 50 101.27 -38.61 -16.21
N LYS T 51 100.80 -39.30 -15.18
CA LYS T 51 99.83 -40.38 -15.39
C LYS T 51 98.58 -39.75 -16.00
N ALA T 52 98.11 -38.69 -15.35
CA ALA T 52 96.94 -37.99 -15.83
C ALA T 52 97.15 -37.67 -17.31
N GLU T 53 98.27 -37.01 -17.61
CA GLU T 53 98.57 -36.67 -18.99
C GLU T 53 98.42 -37.88 -19.89
N SER T 54 98.99 -39.00 -19.45
CA SER T 54 98.95 -40.24 -20.21
C SER T 54 97.53 -40.77 -20.45
N LEU T 55 96.81 -41.00 -19.36
CA LEU T 55 95.45 -41.50 -19.46
C LEU T 55 94.63 -40.64 -20.42
N ILE T 56 94.81 -39.34 -20.31
CA ILE T 56 94.10 -38.41 -21.17
C ILE T 56 94.41 -38.67 -22.64
N ASP T 57 95.69 -38.64 -23.00
CA ASP T 57 96.02 -38.86 -24.41
C ASP T 57 95.58 -40.23 -24.92
N LYS T 58 95.50 -41.21 -24.03
CA LYS T 58 95.06 -42.54 -24.42
C LYS T 58 93.56 -42.50 -24.55
N ALA T 59 92.91 -41.71 -23.71
CA ALA T 59 91.46 -41.60 -23.78
C ALA T 59 91.12 -41.05 -25.16
N ALA T 60 91.98 -40.16 -25.66
CA ALA T 60 91.77 -39.55 -26.97
C ALA T 60 92.21 -40.47 -28.09
N LYS T 61 92.85 -41.58 -27.71
CA LYS T 61 93.34 -42.58 -28.65
C LYS T 61 92.09 -43.16 -29.32
N GLY T 62 91.23 -43.78 -28.52
CA GLY T 62 90.00 -44.32 -29.04
C GLY T 62 89.03 -43.15 -28.96
N SER T 63 87.74 -43.39 -29.10
CA SER T 63 86.79 -42.28 -29.05
C SER T 63 86.22 -41.93 -27.68
N THR T 64 87.04 -41.85 -26.64
CA THR T 64 86.49 -41.49 -25.34
C THR T 64 86.54 -39.99 -25.26
N LEU T 65 87.69 -39.44 -24.88
CA LEU T 65 87.84 -38.00 -24.81
C LEU T 65 87.86 -37.47 -26.22
N HIS T 66 88.81 -37.96 -26.99
CA HIS T 66 88.96 -37.57 -28.38
C HIS T 66 88.96 -36.06 -28.70
N LYS T 67 89.79 -35.70 -29.68
CA LYS T 67 89.96 -34.34 -30.20
C LYS T 67 90.83 -33.45 -29.30
N ASN T 68 90.37 -32.20 -29.22
CA ASN T 68 90.98 -31.14 -28.45
C ASN T 68 90.49 -31.28 -27.03
N ALA T 69 89.57 -32.23 -26.84
CA ALA T 69 89.03 -32.53 -25.52
C ALA T 69 90.23 -32.90 -24.68
N ALA T 70 91.11 -33.70 -25.28
CA ALA T 70 92.32 -34.14 -24.62
C ALA T 70 93.23 -32.94 -24.35
N ALA T 71 93.42 -32.12 -25.39
CA ALA T 71 94.25 -30.94 -25.28
C ALA T 71 93.80 -30.04 -24.14
N ARG T 72 92.51 -29.71 -24.10
CA ARG T 72 91.97 -28.86 -23.03
C ARG T 72 92.35 -29.41 -21.67
N ARG T 73 92.09 -30.71 -21.48
CA ARG T 73 92.38 -31.36 -20.22
C ARG T 73 93.82 -31.19 -19.79
N LYS T 74 94.74 -31.49 -20.69
CA LYS T 74 96.16 -31.38 -20.38
C LYS T 74 96.55 -29.96 -19.98
N SER T 75 96.22 -28.99 -20.82
CA SER T 75 96.56 -27.60 -20.50
C SER T 75 95.98 -27.13 -19.17
N ARG T 76 94.67 -27.28 -18.98
CA ARG T 76 94.02 -26.88 -17.73
C ARG T 76 94.70 -27.57 -16.54
N LEU T 77 95.32 -28.72 -16.82
CA LEU T 77 96.00 -29.52 -15.79
C LEU T 77 97.42 -29.03 -15.49
N MET T 78 98.27 -29.02 -16.51
CA MET T 78 99.66 -28.58 -16.38
C MET T 78 99.70 -27.13 -15.88
N ARG T 79 98.67 -26.37 -16.25
CA ARG T 79 98.56 -24.99 -15.83
C ARG T 79 98.33 -25.02 -14.32
N LYS T 80 97.12 -25.41 -13.91
CA LYS T 80 96.79 -25.50 -12.50
C LYS T 80 97.95 -26.02 -11.66
N VAL T 81 98.60 -27.09 -12.13
CA VAL T 81 99.70 -27.69 -11.38
C VAL T 81 100.94 -26.83 -11.21
N ARG T 82 101.43 -26.26 -12.31
CA ARG T 82 102.63 -25.42 -12.22
C ARG T 82 102.40 -24.19 -11.36
N GLN T 83 101.21 -23.60 -11.47
CA GLN T 83 100.88 -22.41 -10.71
C GLN T 83 100.81 -22.73 -9.21
N LEU T 84 99.99 -23.70 -8.85
CA LEU T 84 99.87 -24.10 -7.45
C LEU T 84 101.24 -24.43 -6.88
N LEU T 85 102.14 -24.82 -7.78
CA LEU T 85 103.49 -25.16 -7.38
C LEU T 85 104.30 -23.91 -7.04
N GLU T 86 103.71 -22.74 -7.26
CA GLU T 86 104.34 -21.46 -6.91
C GLU T 86 103.97 -21.27 -5.46
N ALA T 87 104.77 -21.91 -4.61
CA ALA T 87 104.60 -21.89 -3.16
C ALA T 87 105.93 -22.40 -2.65
N ALA T 88 106.97 -22.19 -3.46
CA ALA T 88 108.35 -22.61 -3.18
C ALA T 88 108.51 -23.99 -3.83
N GLY T 89 107.78 -24.18 -4.93
CA GLY T 89 107.79 -25.45 -5.64
C GLY T 89 109.12 -25.95 -6.17
N ALA T 90 109.54 -25.42 -7.30
CA ALA T 90 110.79 -25.87 -7.92
C ALA T 90 110.44 -27.26 -8.46
N PRO T 91 109.89 -27.32 -9.69
CA PRO T 91 109.52 -28.59 -10.30
C PRO T 91 110.68 -29.58 -10.43
N LEU T 92 110.80 -30.44 -9.42
CA LEU T 92 111.84 -31.45 -9.39
C LEU T 92 111.75 -32.32 -10.64
N ILE T 93 110.93 -33.35 -10.55
CA ILE T 93 110.72 -34.30 -11.64
C ILE T 93 110.47 -33.58 -12.98
N GLY T 94 109.97 -32.36 -12.88
CA GLY T 94 109.68 -31.57 -14.08
C GLY T 94 109.07 -32.41 -15.18
N GLY T 95 108.43 -33.51 -14.79
CA GLY T 95 107.81 -34.39 -15.77
C GLY T 95 107.05 -33.61 -16.83
N GLY T 96 105.73 -33.59 -16.71
CA GLY T 96 104.95 -32.86 -17.68
C GLY T 96 105.11 -31.37 -17.47
N LEU T 97 106.35 -30.89 -17.53
CA LEU T 97 106.62 -29.47 -17.35
C LEU T 97 107.94 -29.01 -17.94
N SER T 98 107.85 -28.36 -19.09
CA SER T 98 109.03 -27.83 -19.76
C SER T 98 109.55 -26.69 -18.90
N ALA T 99 110.56 -26.98 -18.08
CA ALA T 99 111.13 -25.96 -17.21
C ALA T 99 111.94 -24.98 -18.03
CA LYS W 1 40.48 34.96 2.90
CA LYS W 2 43.38 32.51 2.56
CA TYR W 3 45.24 34.09 -0.35
CA ARG W 4 47.46 37.03 0.59
CA PRO W 5 45.69 38.68 3.53
CA TYR W 6 46.00 35.54 5.65
CA THR W 7 49.03 34.40 7.63
CA PRO W 8 52.31 32.74 6.66
CA SER W 9 50.56 29.39 6.18
CA ARG W 10 47.62 27.62 4.52
CA ARG W 11 45.02 24.89 4.97
CA GLN W 12 47.23 22.36 6.77
CA MET W 13 45.17 19.22 6.15
CA THR W 14 46.31 16.19 8.14
CA THR W 15 47.19 12.92 6.41
CA ALA W 16 44.41 10.73 5.00
CA ASP W 17 44.96 8.46 8.00
CA PHE W 18 42.14 6.93 10.06
CA SER W 19 39.54 9.71 9.91
CA GLY W 20 42.42 12.13 9.50
CA LEU W 21 41.41 15.70 8.65
CA THR W 22 41.19 18.64 11.06
CA LYS W 23 42.83 21.95 10.16
CA LYS W 24 46.07 23.08 11.81
CA ARG W 25 46.55 26.83 12.27
CA PRO W 26 49.50 28.97 11.18
CA GLU W 27 53.04 28.75 12.54
CA LYS W 28 54.23 30.91 15.43
CA ALA W 29 56.63 31.14 18.38
CA LEU W 30 56.12 30.61 22.11
CA THR W 31 56.25 33.96 23.90
CA GLU W 32 54.44 34.97 27.09
CA ALA W 33 54.36 38.04 29.32
CA LEU W 34 51.61 38.28 31.94
CA PRO W 35 49.32 35.31 32.57
CA LYS W 36 46.50 34.82 35.07
CA THR W 37 43.88 32.37 36.32
CA GLY W 38 41.21 30.74 34.18
CA GLY W 39 37.56 29.95 34.80
CA ARG W 40 35.04 27.34 35.88
CA ASN W 41 31.89 25.84 34.34
CA ASN W 42 29.74 25.98 37.47
CA ARG W 43 26.84 28.44 37.64
CA GLY W 44 27.08 29.54 41.26
CA ARG W 45 24.84 27.42 43.48
CA ILE W 46 23.13 25.78 40.50
CA THR W 47 24.73 24.83 37.18
CA SER W 48 22.68 26.22 34.30
CA ARG W 49 25.16 25.93 31.43
CA PHE W 50 25.23 22.88 29.16
CA ILE W 51 28.59 23.20 27.43
CA GLY W 52 31.94 23.88 29.07
CA GLY W 53 34.47 21.12 28.62
CA GLY W 54 37.31 20.25 30.97
CA HIS W 55 40.47 21.77 29.50
CA LYS W 56 42.84 24.60 30.40
CA ARG W 57 42.23 28.31 29.82
CA LEU W 58 44.21 31.47 30.53
CA TYR W 59 42.64 34.86 31.25
CA ARG W 60 44.45 37.71 29.48
CA ILE W 61 43.83 41.37 30.34
CA ILE W 62 43.66 43.23 27.03
CA ASP W 63 43.64 47.01 26.73
CA PHE W 64 41.34 47.41 23.72
CA LYS W 65 41.22 51.07 24.74
CA ARG W 66 43.05 54.01 23.15
CA ARG W 67 42.69 56.93 25.54
CA ASP W 68 44.96 56.20 28.52
CA LYS W 69 47.96 56.13 26.18
CA SER W 70 47.25 59.70 25.10
CA GLY W 71 48.73 61.03 21.87
CA VAL W 72 51.74 58.71 21.83
CA ASN W 73 53.22 56.41 19.18
CA ALA W 74 53.79 52.66 19.39
CA LYS W 75 55.24 49.68 17.52
CA VAL W 76 55.01 45.92 17.01
CA ALA W 77 57.25 43.21 18.47
CA ALA W 78 55.68 39.75 18.44
CA ILE W 79 52.28 38.07 18.11
CA GLU W 80 50.02 36.85 20.91
CA TYR W 81 48.52 33.35 21.07
CA ASP W 82 44.86 32.45 21.56
CA PRO W 83 44.69 31.80 25.30
CA ASN W 84 40.92 31.46 25.69
CA ARG W 85 39.22 33.77 23.20
CA SER W 86 39.57 33.72 19.41
CA ALA W 87 40.72 36.47 17.04
CA ARG W 88 44.42 37.12 16.43
CA ILE W 89 46.07 39.35 19.03
CA ALA W 90 49.70 40.50 18.97
CA LEU W 91 51.97 40.93 21.98
CA LEU W 92 53.48 44.08 20.49
CA HIS W 93 56.02 45.59 22.89
CA TYR W 94 54.79 49.19 22.86
CA ALA W 95 56.82 52.07 24.28
CA ASP W 96 56.12 54.03 27.46
CA GLY W 97 57.28 50.91 29.27
CA GLU W 98 53.85 49.39 28.74
CA LYS W 99 53.15 45.77 27.82
CA ARG W 100 49.44 46.14 27.12
CA TYR W 101 47.94 43.59 24.73
CA ILE W 102 45.65 44.34 21.79
CA LEU W 103 44.19 42.86 18.60
CA ALA W 104 46.12 42.80 15.32
CA PRO W 105 44.61 43.53 11.90
CA GLU W 106 45.13 41.23 8.91
CA GLY W 107 47.37 43.88 7.39
CA LEU W 108 50.07 44.20 10.05
CA THR W 109 53.33 42.25 9.98
CA VAL W 110 55.95 41.00 12.44
CA GLY W 111 57.22 44.56 12.76
CA ALA W 112 54.36 46.88 11.88
CA THR W 113 53.74 50.38 13.23
CA VAL W 114 51.15 51.40 15.82
CA ASN W 115 49.88 54.58 17.47
CA ALA W 116 47.39 56.00 19.97
CA GLY W 117 45.47 59.17 20.80
CA PRO W 118 42.20 60.92 19.96
CA GLU W 119 44.01 62.95 17.32
CA ALA W 120 45.45 59.86 15.64
CA GLU W 121 45.80 60.25 11.87
CA PRO W 122 47.06 56.75 11.09
CA LYS W 123 44.54 54.08 10.11
CA LEU W 124 46.71 51.01 10.64
CA GLY W 125 45.77 50.11 14.20
CA ASN W 126 45.02 53.57 15.56
CA ALA W 127 41.65 54.05 17.25
CA LEU W 128 39.92 57.40 16.64
CA PRO W 129 36.45 58.93 16.47
CA LEU W 130 34.40 58.59 13.28
CA ARG W 131 34.66 62.36 12.88
CA PHE W 132 38.45 62.17 12.64
CA VAL W 133 38.15 59.25 10.23
CA PRO W 134 35.85 60.08 7.30
CA VAL W 135 37.51 57.38 5.20
CA GLY W 136 34.54 55.09 5.75
CA ALA W 137 36.86 52.08 5.48
CA VAL W 138 36.79 48.89 7.57
CA VAL W 139 36.46 49.47 11.31
CA HIS W 140 38.03 47.54 14.19
CA ALA W 141 35.70 47.55 17.20
CA LEU W 142 33.21 49.79 19.03
CA GLU W 143 31.90 50.50 22.52
CA LEU W 144 28.46 51.20 23.98
CA VAL W 145 30.02 53.41 26.65
CA PRO W 146 32.03 56.65 26.49
CA GLY W 147 35.33 55.07 25.51
CA LYS W 148 35.71 52.06 27.80
CA GLY W 149 37.62 50.03 25.24
CA ALA W 150 36.80 47.72 22.35
CA GLN W 151 33.75 45.46 22.11
CA LEU W 152 33.34 44.46 18.45
CA ALA W 153 36.35 42.56 17.13
CA ARG W 154 37.07 38.91 16.34
CA SER W 155 38.50 36.50 13.76
CA ALA W 156 37.25 35.55 10.30
CA GLY W 157 36.29 38.98 9.00
CA THR W 158 34.50 41.11 11.60
CA SER W 159 34.59 44.64 10.16
CA VAL W 160 32.31 47.52 9.21
CA GLN W 161 31.76 50.27 6.64
CA VAL W 162 30.84 53.15 8.97
CA GLN W 163 29.06 55.63 6.69
CA GLY W 164 27.17 58.09 8.88
CA LYS W 165 27.37 61.72 9.97
CA GLU W 166 25.06 63.81 12.16
CA SER W 167 24.73 65.59 15.50
CA ASP W 168 25.89 62.35 17.13
CA TYR W 169 27.08 59.91 14.46
CA VAL W 170 24.68 57.42 12.89
CA ILE W 171 25.11 53.99 11.29
CA VAL W 172 28.06 51.78 12.21
CA ARG W 173 27.53 48.79 9.91
CA LEU W 174 29.47 46.45 12.21
CA PRO W 175 29.62 42.68 11.70
CA SER W 176 25.97 41.74 11.17
CA GLY W 177 25.23 44.71 8.94
CA GLU W 178 21.92 46.00 10.27
CA LEU W 179 23.12 49.58 10.74
CA ARG W 180 23.80 50.09 14.46
CA ARG W 181 22.81 53.62 15.48
CA VAL W 182 25.00 54.48 18.48
CA HIS W 183 27.00 57.37 19.91
CA SER W 184 30.30 56.32 18.32
CA GLU W 185 31.95 58.87 20.60
CA CYS W 186 34.61 56.30 21.50
CA TYR W 187 37.79 55.48 19.58
CA ALA W 188 37.12 53.21 16.60
CA THR W 189 40.21 51.93 14.78
CA ILE W 190 40.43 50.55 11.24
CA GLY W 191 41.14 47.22 9.56
CA ALA W 192 39.95 43.70 10.34
CA VAL W 193 41.65 41.30 12.74
CA GLY W 194 41.87 37.59 11.97
CA ASN W 195 44.23 34.82 10.88
CA ALA W 196 42.39 33.08 8.05
CA GLU W 197 38.83 31.74 8.24
CA HIS W 198 36.65 29.32 10.20
CA LYS W 199 35.06 28.01 7.01
CA ASN W 200 38.34 26.52 5.77
CA ILE W 201 38.68 24.55 9.02
CA VAL W 202 36.96 21.32 10.03
CA LEU W 203 37.65 22.33 13.64
CA GLY W 204 39.33 18.97 14.09
CA LYS W 205 37.62 15.66 14.75
CA ALA W 206 35.59 14.57 17.77
CA GLY W 207 37.09 15.30 21.17
CA ARG W 208 39.49 17.90 19.81
CA SER W 209 36.57 20.32 19.70
CA ARG W 210 35.18 19.09 23.03
CA TRP W 211 37.96 21.09 24.69
CA LEU W 212 35.96 24.31 24.34
CA GLY W 213 32.60 22.66 24.95
CA ARG W 214 31.21 19.96 27.24
CA LYS W 215 30.22 16.57 25.81
CA PRO W 216 26.62 17.55 26.56
CA HIS W 217 25.77 18.73 23.06
CA GLN W 218 22.80 16.52 22.20
CA ARG W 219 19.35 17.83 21.26
CA GLY W 220 16.02 16.04 21.55
CA SER W 221 17.01 12.45 20.85
CA ALA W 222 17.27 12.12 24.63
CA MET W 223 13.58 11.30 25.10
CA ASN W 224 12.31 11.38 28.69
CA PRO W 225 9.18 13.49 29.14
CA VAL W 226 10.90 14.88 32.25
CA ASP W 227 13.83 16.61 30.54
CA HIS W 228 13.01 18.70 27.47
CA PRO W 229 9.32 18.39 26.62
CA HIS W 230 9.74 16.81 23.19
CA GLY W 231 8.71 13.71 21.29
CA GLY W 232 9.75 11.22 23.95
CA GLY W 233 7.99 8.17 22.58
CA GLU W 234 8.86 4.65 21.43
CA GLY W 235 9.67 5.92 17.95
CA ARG W 236 11.70 8.85 16.66
CA THR W 237 9.02 11.51 16.25
CA GLY W 238 8.83 15.01 17.70
CA ALA W 239 6.31 17.84 17.49
CA GLY W 240 5.65 21.35 18.76
CA ARG W 241 9.26 22.29 18.06
CA VAL W 242 9.83 22.84 21.77
CA PRO W 243 13.15 24.29 22.91
CA VAL W 244 15.05 24.20 26.21
CA THR W 245 12.30 23.30 28.68
CA PRO W 246 9.85 26.11 27.90
CA TRP W 247 9.57 28.64 25.07
CA GLY W 248 10.45 27.66 21.52
CA LYS W 249 13.21 27.54 18.92
CA PRO W 250 11.05 28.16 15.86
CA THR W 251 11.34 31.94 15.49
CA LYS W 252 10.98 33.10 19.11
CA GLY W 253 11.79 36.80 18.85
CA LEU W 254 11.85 37.18 22.61
CA LYS W 255 12.51 40.91 22.97
CA THR W 256 10.98 43.71 25.06
CA ARG W 257 9.87 46.99 23.52
CA ARG W 258 12.38 48.85 25.67
CA LYS W 259 14.95 51.50 24.74
CA ARG W 260 18.50 50.82 23.52
CA LYS W 261 17.47 48.44 20.74
CA THR W 262 14.59 50.77 19.93
CA SER W 263 17.01 53.65 19.38
CA ASP W 264 19.03 51.82 16.72
CA ARG W 265 16.31 51.11 14.16
CA PHE W 266 16.72 49.20 10.89
CA ILE W 267 18.31 46.53 13.08
CA VAL W 268 15.50 44.07 12.33
CA THR W 269 16.07 40.94 10.24
CA ARG W 270 19.01 40.89 7.83
CA MET X 1 22.90 -81.45 32.79
CA LYS X 2 26.42 -80.97 31.43
CA GLY X 3 28.21 -80.19 34.68
CA ILE X 4 30.04 -77.14 36.04
CA LEU X 5 33.33 -75.58 34.95
CA GLY X 6 35.52 -72.60 35.78
CA THR X 7 36.22 -69.93 33.19
CA LYS X 8 39.98 -69.34 32.95
CA ILE X 9 41.03 -67.19 29.99
CA GLY X 10 39.89 -66.98 26.38
CA MET X 11 42.29 -67.35 23.46
CA THR X 12 42.44 -67.60 19.67
CA GLN X 13 42.39 -71.16 18.35
CA ILE X 14 42.71 -72.12 14.68
CA TRP X 15 39.90 -74.42 13.54
CA LYS X 16 39.03 -75.51 10.01
CA ASN X 17 41.61 -73.09 8.63
CA ASP X 18 39.81 -70.21 10.33
CA ARG X 19 40.40 -68.07 13.42
CA ALA X 20 37.49 -68.68 15.80
CA ILE X 21 36.86 -67.56 19.38
CA PRO X 22 37.47 -69.86 22.34
CA VAL X 23 36.79 -69.87 26.09
CA THR X 24 38.85 -72.11 28.37
CA VAL X 25 36.45 -73.87 30.73
CA VAL X 26 38.39 -76.10 33.13
CA LEU X 27 35.98 -78.58 34.70
CA ALA X 28 36.79 -80.74 37.72
CA GLY X 29 36.20 -84.48 37.97
CA PRO X 30 32.97 -83.69 39.82
CA CYS X 31 31.15 -86.11 42.12
CA PRO X 32 27.72 -87.21 43.33
CA ILE X 33 27.12 -84.90 46.28
CA VAL X 34 23.44 -85.79 46.54
CA GLN X 35 20.87 -87.72 44.51
CA ARG X 36 17.31 -86.43 44.07
CA LYS X 37 14.52 -88.95 43.54
CA THR X 38 10.95 -88.45 42.31
CA ALA X 39 9.62 -90.13 45.46
CA GLN X 40 11.81 -88.93 48.34
CA THR X 41 12.81 -85.43 47.26
CA ASP X 42 9.87 -85.33 44.85
CA GLY X 43 11.62 -84.23 41.66
CA TYR X 44 14.33 -85.20 39.18
CA GLU X 45 17.69 -83.57 39.89
CA ALA X 46 21.40 -84.28 40.33
CA VAL X 47 23.78 -82.52 42.73
CA GLN X 48 27.45 -82.22 41.75
CA ILE X 49 30.53 -80.66 43.31
CA GLY X 50 33.27 -79.38 41.02
CA TYR X 51 35.66 -77.71 43.44
CA ALA X 52 38.59 -78.33 45.78
CA PRO X 53 38.92 -77.56 49.50
CA LYS X 54 40.26 -78.92 52.79
CA ALA X 55 38.72 -80.99 55.58
CA GLU X 56 39.93 -78.66 58.33
CA ARG X 57 38.43 -75.76 56.38
CA LYS X 58 35.06 -77.40 55.75
CA VAL X 59 32.11 -77.29 58.15
CA ASN X 60 30.97 -80.42 60.01
CA LYS X 61 27.41 -80.35 58.65
CA PRO X 62 28.92 -79.84 55.20
CA MET X 63 31.60 -82.53 55.40
CA GLN X 64 29.43 -85.21 57.01
CA GLY X 65 26.66 -84.49 54.52
CA HIS X 66 28.72 -86.37 51.94
CA PHE X 67 29.46 -89.56 53.86
CA ALA X 68 27.28 -91.69 51.59
CA LYS X 69 28.33 -92.12 47.96
CA ALA X 70 30.06 -88.81 47.30
CA GLY X 71 33.41 -87.15 46.77
CA VAL X 72 36.21 -85.84 48.99
CA ALA X 73 35.62 -82.26 50.17
CA PRO X 74 33.72 -79.63 48.20
CA THR X 75 33.59 -75.82 48.08
CA ARG X 76 30.87 -75.40 45.45
CA ILE X 77 27.74 -77.39 44.60
CA LEU X 78 25.11 -77.12 41.87
CA ARG X 79 21.98 -79.10 41.01
CA GLU X 80 20.81 -80.09 37.53
CA PHE X 81 17.24 -81.19 36.88
CA ARG X 82 16.65 -84.23 34.66
CA GLY X 83 20.29 -85.12 35.17
CA PHE X 84 21.21 -88.79 34.85
CA ALA X 85 24.72 -89.57 36.09
CA PRO X 86 26.51 -92.46 34.37
CA ASP X 87 28.94 -92.97 37.26
CA GLY X 88 30.47 -91.36 40.32
CA ASP X 89 32.27 -88.93 38.02
CA SER X 90 30.35 -86.70 35.62
CA VAL X 91 33.37 -85.22 33.85
CA ASN X 92 32.99 -84.08 30.24
CA VAL X 93 34.63 -86.87 28.25
CA ASP X 94 31.35 -88.67 27.60
CA ILE X 95 29.24 -85.50 27.54
CA PHE X 96 29.28 -82.43 25.28
CA ALA X 97 31.50 -83.47 22.36
CA GLU X 98 33.43 -81.17 20.02
CA GLY X 99 30.63 -81.44 17.48
CA GLU X 100 27.52 -80.53 19.47
CA LYS X 101 26.17 -77.25 20.85
CA ILE X 102 25.92 -76.17 24.48
CA ASP X 103 25.49 -73.12 26.72
CA ALA X 104 26.88 -71.25 29.73
CA THR X 105 25.68 -69.34 32.79
CA GLY X 106 27.56 -67.20 35.30
CA THR X 107 27.69 -63.91 37.18
CA SER X 108 28.26 -60.41 35.77
CA LYS X 109 31.48 -58.41 35.40
CA GLY X 110 33.19 -56.39 38.12
CA LYS X 111 30.78 -53.53 37.47
CA GLY X 112 29.15 -52.18 40.62
CA THR X 113 26.75 -49.24 40.78
CA GLN X 114 25.92 -47.18 37.69
CA GLY X 115 23.34 -44.84 36.19
CA VAL X 116 21.12 -44.67 33.12
CA MET X 117 24.31 -44.81 31.06
CA LYS X 118 24.52 -48.54 31.70
CA ARG X 119 20.92 -49.70 31.31
CA TRP X 120 19.91 -47.20 28.63
CA ASN X 121 22.55 -47.21 25.88
CA PHE X 122 20.76 -44.16 24.47
CA ALA X 123 20.49 -41.87 27.49
CA GLY X 124 21.96 -38.53 26.43
CA GLY X 125 21.76 -34.80 27.03
CA PRO X 126 23.37 -31.45 26.25
CA ALA X 127 27.17 -31.25 26.30
CA SER X 128 27.54 -27.88 24.56
CA HIS X 129 24.12 -26.25 24.91
CA GLY X 130 23.44 -25.56 28.58
CA SER X 131 25.95 -27.87 30.24
CA LYS X 132 23.39 -28.17 33.03
CA LYS X 133 23.25 -31.87 32.20
CA TRP X 134 26.09 -33.79 30.54
CA HIS X 135 24.42 -37.07 29.56
CA ARG X 136 23.12 -38.44 32.85
CA ARG X 137 19.96 -36.33 32.73
CA PRO X 138 17.41 -38.99 33.70
CA GLY X 139 14.25 -38.45 31.70
CA SER X 140 10.80 -38.02 33.21
CA ILE X 141 9.45 -41.25 34.70
CA GLY X 142 5.72 -40.65 34.35
CA GLN X 143 3.25 -37.89 33.53
CA ARG X 144 1.90 -35.30 35.98
CA LYS X 145 -0.84 -35.74 38.57
CA THR X 146 -2.81 -38.42 36.74
CA PRO X 147 -0.83 -41.67 36.77
CA GLY X 148 2.04 -40.05 38.65
CA ARG X 149 3.14 -43.41 40.02
CA VAL X 150 6.41 -44.32 38.32
CA TYR X 151 6.59 -47.63 36.44
CA LYS X 152 8.69 -50.50 37.79
CA GLY X 153 12.09 -50.30 36.11
CA LYS X 154 11.84 -46.83 34.58
CA ARG X 155 15.62 -46.55 34.15
CA MET X 156 17.15 -45.91 37.57
CA ALA X 157 20.62 -45.91 39.13
CA GLY X 158 20.47 -49.54 40.20
CA HIS X 159 23.34 -52.03 40.05
CA MET X 160 23.49 -53.55 36.57
CA GLY X 161 26.17 -55.90 37.87
CA MET X 162 26.18 -59.28 39.61
CA GLU X 163 23.57 -60.25 37.03
CA ARG X 164 23.51 -64.00 36.42
CA VAL X 165 23.26 -63.78 32.63
CA THR X 166 23.46 -66.82 30.36
CA VAL X 167 24.51 -67.15 26.73
CA GLN X 168 22.10 -69.59 25.05
CA ASN X 169 23.54 -71.91 22.38
CA LEU X 170 27.22 -72.19 21.48
CA GLU X 171 29.82 -73.84 19.25
CA VAL X 172 32.40 -76.42 20.34
CA VAL X 173 35.55 -76.71 18.25
CA GLU X 174 37.69 -78.81 20.59
CA ILE X 175 37.16 -81.02 23.64
CA ARG X 176 40.10 -82.67 25.38
CA ALA X 177 39.64 -85.12 28.26
CA GLY X 178 42.76 -83.80 29.96
CA GLU X 179 41.61 -81.51 32.78
CA ASN X 180 38.44 -81.09 30.70
CA LEU X 181 39.88 -78.19 28.71
CA ILE X 182 36.66 -76.96 27.09
CA LEU X 183 36.35 -74.31 24.38
CA VAL X 184 33.49 -72.01 23.38
CA LYS X 185 32.95 -69.66 20.42
CA GLY X 186 32.98 -66.24 22.04
CA ALA X 187 31.78 -64.73 25.32
CA ILE X 188 31.40 -67.57 27.83
CA PRO X 189 29.38 -66.14 30.72
CA GLY X 190 31.41 -64.51 33.47
CA ALA X 191 34.65 -62.52 33.54
CA ASN X 192 37.83 -64.28 34.69
CA GLY X 193 37.47 -67.16 37.12
CA GLY X 194 33.89 -67.86 38.10
CA LEU X 195 31.03 -70.35 38.21
CA VAL X 196 30.54 -71.12 34.51
CA VAL X 197 27.61 -73.54 34.45
CA LEU X 198 27.31 -75.45 31.19
CA ARG X 199 23.96 -76.90 30.12
CA SER X 200 22.75 -78.88 27.10
CA ALA X 201 19.42 -78.98 25.27
CA ALA X 202 18.84 -75.29 26.02
CA LYS X 203 17.48 -74.48 22.57
CA ALA X 204 16.08 -77.15 20.26
CA SER X 205 16.30 -75.72 16.74
CA ALA Y 1 -38.16 7.76 119.03
CA GLN Y 2 -34.83 7.46 120.87
CA ILE Y 3 -33.91 9.60 123.88
CA ASN Y 4 -30.92 11.65 125.00
CA VAL Y 5 -28.17 10.60 127.41
CA ILE Y 6 -26.61 13.23 129.67
CA GLY Y 7 -27.98 16.77 129.69
CA GLN Y 8 -31.71 16.86 128.97
CA ASN Y 9 -34.03 13.87 128.64
CA GLY Y 10 -36.24 14.35 125.60
CA GLY Y 11 -36.33 12.85 122.13
CA ARG Y 12 -39.58 13.10 120.18
CA THR Y 13 -39.18 15.77 117.49
CA ILE Y 14 -37.88 14.61 114.11
CA GLU Y 15 -39.43 14.25 110.65
CA LEU Y 16 -36.92 11.65 109.49
CA PRO Y 17 -37.79 9.27 106.65
CA LEU Y 18 -39.63 6.52 108.52
CA PRO Y 19 -40.27 4.41 105.41
CA GLU Y 20 -40.30 0.62 105.19
CA VAL Y 21 -36.49 0.70 105.17
CA ASN Y 22 -36.08 0.38 101.39
CA SER Y 23 -32.84 -0.87 99.85
CA GLY Y 24 -33.20 0.80 96.46
CA VAL Y 25 -33.20 4.43 97.57
CA LEU Y 26 -30.54 3.52 100.11
CA HIS Y 27 -28.08 1.78 97.79
CA GLU Y 28 -28.68 4.49 95.19
CA VAL Y 29 -26.99 6.93 97.57
CA VAL Y 30 -24.18 4.65 98.73
CA THR Y 31 -23.22 3.66 95.20
CA TRP Y 32 -23.50 7.27 94.00
CA GLN Y 33 -21.59 8.85 96.88
CA LEU Y 34 -18.85 6.24 96.50
CA ALA Y 35 -18.68 6.62 92.72
CA SER Y 36 -17.89 10.30 93.31
CA ARG Y 37 -15.36 9.41 96.01
CA ARG Y 38 -13.11 7.89 93.34
CA ARG Y 39 -10.21 9.58 91.54
CA GLY Y 40 -10.03 9.00 87.79
CA THR Y 41 -6.27 8.96 87.21
CA ALA Y 42 -4.05 6.20 85.84
CA SER Y 43 -1.59 5.25 83.09
CA THR Y 44 -3.70 3.33 80.57
CA ARG Y 45 -1.85 2.60 77.32
CA THR Y 46 -4.99 3.47 75.36
CA ARG Y 47 -2.92 5.53 72.92
CA ALA Y 48 -0.37 2.91 71.89
CA GLN Y 49 0.45 5.21 68.98
CA VAL Y 50 0.74 8.50 70.88
CA SER Y 51 3.52 6.74 72.78
CA LYS Y 52 7.27 6.78 72.15
CA THR Y 53 7.21 4.47 69.13
CA GLY Y 54 7.92 4.46 65.40
CA ARG Y 55 5.71 4.87 62.35
CA LYS Y 56 7.59 3.24 59.47
CA MET Y 57 9.03 -0.27 59.55
CA TYR Y 58 10.09 -3.06 57.19
CA GLY Y 59 8.50 -3.91 53.86
CA GLN Y 60 4.78 -4.53 53.39
CA LYS Y 61 4.02 -6.78 50.42
CA GLY Y 62 6.78 -9.26 49.64
CA THR Y 63 8.90 -8.76 52.74
CA GLY Y 64 8.91 -10.80 55.94
CA ASN Y 65 5.47 -12.18 55.13
CA ALA Y 66 3.73 -9.97 57.69
CA ARG Y 67 1.27 -7.12 57.16
CA HIS Y 68 2.53 -4.87 59.94
CA GLY Y 69 4.60 -1.75 59.30
CA ASP Y 70 4.34 -0.17 62.75
CA ARG Y 71 5.85 -1.18 66.09
CA SER Y 72 3.01 0.28 68.17
CA VAL Y 73 0.02 -1.89 67.27
CA PRO Y 74 -2.06 -3.41 70.07
CA THR Y 75 -1.37 -6.81 68.49
CA PHE Y 76 2.30 -6.49 69.43
CA VAL Y 77 4.57 -6.52 72.49
CA GLY Y 78 5.82 -3.33 74.12
CA GLY Y 79 3.51 -0.95 72.29
CA GLY Y 80 0.43 -0.35 74.41
CA VAL Y 81 -3.21 -1.32 74.88
CA ALA Y 82 -6.26 -0.25 72.89
CA PHE Y 83 -9.10 0.90 75.15
CA GLY Y 84 -7.10 1.69 78.28
CA PRO Y 85 -8.54 3.36 81.37
CA LYS Y 86 -8.37 6.93 80.08
CA PRO Y 87 -8.56 9.73 82.65
CA ARG Y 88 -12.23 10.24 83.51
CA SER Y 89 -14.21 12.32 86.01
CA TYR Y 90 -16.70 9.61 87.02
CA ASP Y 91 -19.31 11.91 88.57
CA TYR Y 92 -23.00 11.23 89.23
CA THR Y 93 -24.81 14.18 90.81
CA LEU Y 94 -28.10 12.64 91.91
CA PRO Y 95 -31.19 14.53 93.10
CA ARG Y 96 -31.21 16.41 96.40
CA GLN Y 97 -34.47 14.64 97.26
CA VAL Y 98 -32.86 11.20 97.09
CA ARG Y 99 -29.94 12.57 99.11
CA GLN Y 100 -32.16 13.64 102.01
CA LEU Y 101 -34.52 10.67 101.74
CA GLY Y 102 -31.52 8.35 101.59
CA LEU Y 103 -29.59 9.89 104.46
CA ALA Y 104 -32.63 9.85 106.74
CA MET Y 105 -33.21 6.21 105.78
CA ALA Y 106 -29.93 5.26 107.46
CA ILE Y 107 -30.72 7.17 110.65
CA ALA Y 108 -34.22 5.68 110.77
CA SER Y 109 -32.93 2.15 110.20
CA ARG Y 110 -30.57 2.63 113.14
CA GLN Y 111 -33.35 3.88 115.40
CA GLU Y 112 -34.53 0.29 115.79
CA GLY Y 113 -31.32 -1.66 116.26
CA GLY Y 114 -29.54 0.75 118.57
CA LYS Y 115 -29.44 4.55 118.51
CA LEU Y 116 -27.76 6.77 121.10
CA VAL Y 117 -27.78 10.51 121.73
CA ALA Y 118 -25.86 13.16 123.68
CA VAL Y 119 -27.49 16.46 124.66
CA ASP Y 120 -24.49 17.76 126.60
CA GLY Y 121 -22.11 14.81 126.82
CA PHE Y 122 -20.36 16.18 129.88
CA ASP Y 123 -17.83 13.37 130.34
CA ILE Y 124 -14.26 14.23 129.37
CA ALA Y 125 -11.17 14.99 131.46
CA ASP Y 126 -9.58 17.68 129.27
CA ALA Y 127 -9.64 15.25 126.34
CA LYS Y 128 -7.76 12.22 127.64
CA THR Y 129 -9.45 9.64 125.41
CA LYS Y 130 -10.23 7.79 128.64
CA ASN Y 131 -13.48 9.37 129.84
CA PHE Y 132 -14.94 8.83 126.37
CA ILE Y 133 -14.14 5.11 126.44
CA SER Y 134 -15.48 4.70 129.97
CA TRP Y 135 -18.77 6.42 129.14
CA ALA Y 136 -19.33 3.83 126.41
CA LYS Y 137 -19.81 1.11 129.03
CA GLN Y 138 -22.44 3.31 130.67
CA ASN Y 139 -24.81 2.61 127.79
CA GLY Y 140 -24.18 -0.51 125.75
CA LEU Y 141 -20.84 -0.27 123.95
CA ASP Y 142 -18.76 -3.23 125.14
CA GLY Y 143 -16.68 -3.92 122.04
CA THR Y 144 -18.52 -5.47 119.11
CA GLU Y 145 -20.12 -2.51 117.36
CA LYS Y 146 -18.59 0.41 115.45
CA VAL Y 147 -19.93 3.56 117.10
CA LEU Y 148 -20.18 6.78 115.09
CA LEU Y 149 -19.79 10.05 117.01
CA VAL Y 150 -21.01 12.53 114.39
CA THR Y 151 -21.09 15.72 116.46
CA ASP Y 152 -19.48 19.11 117.04
CA ASP Y 153 -17.31 20.42 119.88
CA GLU Y 154 -13.62 20.00 119.10
CA ASN Y 155 -13.19 19.08 122.76
CA THR Y 156 -15.47 16.05 122.48
CA ARG Y 157 -14.21 15.12 119.02
CA ARG Y 158 -10.78 14.91 120.63
CA ALA Y 159 -11.38 11.89 122.87
CA ALA Y 160 -11.65 9.44 119.97
CA ARG Y 161 -9.17 7.29 118.05
CA ASN Y 162 -10.53 3.76 118.22
CA VAL Y 163 -10.29 2.39 114.67
CA SER Y 164 -12.77 -0.39 115.44
CA TRP Y 165 -14.97 1.26 118.07
CA VAL Y 166 -14.99 5.05 117.92
CA SER Y 167 -15.60 7.34 114.94
CA VAL Y 168 -15.33 11.11 115.31
CA LEU Y 169 -17.10 13.34 112.79
CA PRO Y 170 -17.24 17.12 113.16
CA VAL Y 171 -18.42 19.86 110.81
CA ALA Y 172 -21.76 18.04 110.88
CA GLY Y 173 -21.11 15.71 107.96
CA VAL Y 174 -23.24 12.70 108.90
CA ASN Y 175 -23.66 11.11 105.47
CA VAL Y 176 -25.59 7.94 104.61
CA TYR Y 177 -22.42 6.14 103.52
CA ASP Y 178 -20.35 7.03 106.58
CA ILE Y 179 -23.09 6.01 109.01
CA LEU Y 180 -23.54 2.70 107.19
CA ARG Y 181 -19.80 2.04 107.30
CA HIS Y 182 -20.20 1.65 111.06
CA ASP Y 183 -22.62 -0.24 113.31
CA ARG Y 184 -24.15 2.13 115.85
CA LEU Y 185 -24.60 5.91 115.97
CA VAL Y 186 -23.85 8.17 118.94
CA ILE Y 187 -24.95 11.52 117.50
CA ASP Y 188 -24.92 14.32 120.08
CA ALA Y 189 -27.36 17.24 120.08
CA ALA Y 190 -29.73 17.09 117.11
CA ALA Y 191 -28.63 20.29 115.38
CA LEU Y 192 -29.78 18.93 112.03
CA GLU Y 193 -32.53 16.57 113.20
CA ILE Y 194 -34.57 18.28 115.92
CA VAL Y 195 -34.01 21.73 114.43
CA GLU Y 196 -35.95 21.59 111.16
CA GLU Y 197 -37.18 24.34 108.83
CA GLN Z 1 -93.77 23.12 -18.27
CA GLN Z 2 -97.17 22.50 -19.83
CA LEU Z 3 -95.76 19.54 -21.75
CA LYS Z 4 -94.75 17.46 -18.73
CA THR Z 5 -97.92 18.13 -16.73
CA LYS Z 6 -99.72 15.32 -18.57
CA TYR Z 7 -96.71 13.00 -18.37
CA ASN Z 8 -98.00 11.62 -15.06
CA ASP Z 9 -101.76 12.14 -15.29
CA GLN Z 10 -102.64 10.55 -18.63
CA VAL Z 11 -99.44 9.14 -20.13
CA ARG Z 12 -98.29 7.01 -17.19
CA PRO Z 13 -101.93 6.04 -16.57
CA ALA Z 14 -102.35 4.69 -20.10
CA LEU Z 15 -98.91 3.07 -20.02
CA MET Z 16 -99.93 1.12 -16.93
CA GLN Z 17 -102.90 -0.61 -18.54
CA GLN Z 18 -100.85 -1.82 -21.51
CA PHE Z 19 -98.00 -3.61 -19.74
CA GLY Z 20 -98.90 -4.86 -16.28
CA TYR Z 21 -102.01 -4.44 -14.14
CA SER Z 22 -101.60 -3.55 -10.46
CA SER Z 23 -102.77 -0.19 -9.13
CA VAL Z 24 -102.65 3.59 -9.61
CA MET Z 25 -99.36 3.56 -7.71
CA ALA Z 26 -96.19 1.49 -8.15
CA VAL Z 27 -95.26 3.70 -11.11
CA PRO Z 28 -91.99 5.24 -12.28
CA ARG Z 29 -91.57 7.99 -9.69
CA ILE Z 30 -88.48 10.15 -10.23
CA GLU Z 31 -87.08 10.91 -6.78
CA LYS Z 32 -84.08 13.05 -7.70
CA ILE Z 33 -81.75 13.81 -10.61
CA VAL Z 34 -77.99 13.61 -10.09
CA VAL Z 35 -75.84 15.99 -12.14
CA ASN Z 36 -72.05 15.94 -11.81
CA GLU Z 37 -69.48 17.89 -13.83
CA GLY Z 38 -66.03 16.99 -15.14
CA LEU Z 39 -62.73 17.43 -13.31
CA GLY Z 40 -61.07 20.83 -13.04
CA SER Z 41 -58.02 20.49 -10.81
CA SER Z 42 -55.37 20.09 -13.51
CA LYS Z 43 -57.07 22.80 -15.59
CA GLU Z 44 -55.89 25.96 -13.86
CA ASP Z 45 -55.19 27.58 -10.48
CA SER Z 46 -57.93 28.97 -8.25
CA LYS Z 47 -59.43 30.78 -11.24
CA ALA Z 48 -60.84 27.48 -12.51
CA ILE Z 49 -63.23 27.10 -9.57
CA ASP Z 50 -64.86 30.52 -9.83
CA LYS Z 51 -65.30 29.95 -13.56
CA ALA Z 52 -67.36 26.77 -13.22
CA ALA Z 53 -69.39 28.41 -10.44
CA LYS Z 54 -71.00 31.00 -12.72
CA GLU Z 55 -71.58 28.64 -15.65
CA LEU Z 56 -73.59 26.03 -13.75
CA ALA Z 57 -75.66 28.81 -12.20
CA LEU Z 58 -76.92 29.96 -15.60
CA ILE Z 59 -77.78 26.35 -16.40
CA THR Z 60 -79.76 25.40 -13.29
CA LEU Z 61 -81.04 28.14 -10.98
CA GLN Z 62 -78.94 27.98 -7.81
CA LYS Z 63 -75.22 28.10 -7.03
CA PRO Z 64 -72.96 25.09 -7.54
CA ILE Z 65 -71.42 22.89 -4.85
CA ILE Z 66 -67.86 22.27 -3.66
CA THR Z 67 -67.28 18.55 -3.08
CA LYS Z 68 -63.88 17.04 -2.31
CA ALA Z 69 -61.97 13.82 -2.96
CA LYS Z 70 -62.65 10.48 -1.27
CA LYS Z 71 -59.57 10.89 0.93
CA SER Z 72 -57.75 8.57 -1.47
CA ILE Z 73 -54.02 9.21 -1.85
CA SER Z 74 -52.20 7.41 -4.66
CA ASN Z 75 -48.65 7.45 -6.04
CA PHE Z 76 -48.95 9.99 -8.85
CA LYS Z 77 -50.56 13.39 -8.22
CA LEU Z 78 -53.22 13.82 -5.55
CA ARG Z 79 -53.85 15.38 -2.14
CA GLN Z 80 -56.45 15.43 0.63
CA GLY Z 81 -58.46 18.63 0.93
CA MET Z 82 -58.66 19.67 -2.72
CA PRO Z 83 -61.74 20.29 -4.85
CA VAL Z 84 -62.20 17.93 -7.79
CA GLY Z 85 -65.41 19.40 -9.15
CA ILE Z 86 -68.96 20.53 -8.40
CA LYS Z 87 -72.09 18.38 -8.19
CA VAL Z 88 -75.64 19.71 -8.51
CA THR Z 89 -79.05 18.03 -8.34
CA LEU Z 90 -82.68 18.83 -9.14
CA ARG Z 91 -85.76 17.85 -7.13
CA GLY Z 92 -89.36 19.00 -6.94
CA GLU Z 93 -90.75 21.62 -9.32
CA ARG Z 94 -87.20 22.25 -10.54
CA MET Z 95 -87.04 18.70 -11.89
CA TYR Z 96 -89.64 19.21 -14.62
CA VAL Z 97 -87.79 22.15 -16.17
CA PHE Z 98 -84.41 20.49 -16.74
CA LEU Z 99 -85.71 17.84 -19.13
CA GLU Z 100 -87.60 20.08 -21.54
CA LYS Z 101 -85.04 22.74 -22.44
CA LEU Z 102 -82.00 20.55 -23.07
CA ILE Z 103 -83.72 17.65 -24.84
CA ASN Z 104 -86.02 19.02 -27.53
CA ILE Z 105 -84.10 22.25 -28.10
CA GLY Z 106 -80.34 21.82 -27.94
CA LEU Z 107 -79.73 18.34 -29.32
CA PRO Z 108 -80.82 19.07 -32.88
CA ARG Z 109 -78.32 21.92 -33.10
CA ILE Z 110 -75.17 20.06 -32.07
CA ARG Z 111 -72.52 18.85 -34.52
CA ASP Z 112 -72.01 15.11 -34.99
CA PHE Z 113 -74.96 13.61 -33.13
CA ARG Z 114 -76.06 10.00 -33.60
CA GLY Z 115 -78.94 8.29 -31.81
CA ILE Z 116 -77.34 4.91 -31.18
CA ASN Z 117 -77.54 3.35 -27.72
CA PRO Z 118 -75.03 0.63 -26.84
CA ASN Z 119 -77.26 -0.87 -24.15
CA ALA Z 120 -77.18 1.37 -21.09
CA PHE Z 121 -78.15 0.08 -17.64
CA ASP Z 122 -79.00 -3.62 -17.39
CA GLY Z 123 -79.80 -4.39 -13.76
CA ARG Z 124 -81.30 -1.34 -12.08
CA GLY Z 125 -82.83 1.54 -14.02
CA ASN Z 126 -80.09 4.11 -13.48
CA TYR Z 127 -79.65 5.25 -17.09
CA ASN Z 128 -76.01 6.36 -17.18
CA LEU Z 129 -75.31 8.66 -20.12
CA GLY Z 130 -72.18 10.62 -20.96
CA ILE Z 131 -72.05 13.59 -23.32
CA LYS Z 132 -68.94 15.01 -25.00
CA GLU Z 133 -67.28 18.38 -24.47
CA GLN Z 134 -68.74 19.82 -27.67
CA LEU Z 135 -72.20 21.16 -26.83
CA ILE Z 136 -74.36 23.89 -28.33
CA PHE Z 137 -77.07 25.15 -25.98
CA PRO Z 138 -79.43 28.06 -26.59
CA GLU Z 139 -78.92 29.18 -22.98
CA ILE Z 140 -75.15 29.22 -23.33
CA THR Z 141 -73.34 31.83 -25.44
CA TYR Z 142 -70.95 30.93 -28.26
CA ASP Z 143 -69.13 34.25 -28.57
CA MET Z 144 -67.80 34.70 -25.03
CA VAL Z 145 -66.78 31.22 -23.89
CA ASP Z 146 -63.78 29.59 -22.24
CA LYS Z 147 -63.00 25.86 -22.25
CA THR Z 148 -65.66 23.37 -23.34
CA ARG Z 149 -67.99 21.76 -20.79
CA GLY Z 150 -68.20 18.13 -19.73
CA MET Z 151 -71.11 17.05 -17.53
CA ASP Z 152 -72.63 13.61 -17.01
CA ILE Z 153 -76.38 13.04 -17.01
CA THR Z 154 -77.58 10.40 -14.54
CA ILE Z 155 -81.13 9.94 -13.26
CA VAL Z 156 -82.54 7.64 -10.59
CA THR Z 157 -85.83 5.79 -11.05
CA THR Z 158 -87.40 3.39 -8.54
CA ALA Z 159 -88.46 0.61 -10.91
CA LYS Z 160 -88.06 -3.17 -10.77
CA THR Z 161 -88.51 -3.88 -14.48
CA ASP Z 162 -85.93 -2.61 -16.97
CA GLU Z 163 -88.22 -3.16 -19.97
CA GLU Z 164 -90.83 -0.94 -18.31
CA ALA Z 165 -88.43 1.85 -17.35
CA ARG Z 166 -87.36 2.21 -20.97
CA ALA Z 167 -90.70 3.29 -22.42
CA LEU Z 168 -90.55 6.51 -20.38
CA LEU Z 169 -87.34 7.67 -22.04
CA GLN Z 170 -88.84 7.02 -25.47
CA SER Z 171 -91.63 9.45 -24.64
CA MET Z 172 -89.56 12.62 -24.30
CA GLY Z 173 -86.63 11.25 -26.29
CA LEU Z 174 -86.18 9.25 -29.49
CA PRO Z 175 -82.46 8.53 -29.73
CA PHE Z 176 -82.28 4.75 -29.33
CA ARG Z 177 -80.58 1.97 -31.27
CA LYS Z 178 -82.99 -0.54 -32.82
CA GLY AA 1 -40.54 -84.55 11.52
CA LYS AA 2 -38.75 -87.89 11.75
CA GLN AA 3 -40.62 -90.39 13.91
CA PRO AA 4 -39.79 -93.68 12.22
CA ILE AA 5 -36.45 -95.19 11.19
CA ALA AA 6 -35.53 -98.40 9.37
CA VAL AA 7 -33.31 -101.04 10.97
CA PRO AA 8 -32.68 -104.37 9.23
CA SER AA 9 -29.75 -106.68 9.96
CA GLY AA 10 -28.87 -107.92 13.43
CA VAL AA 11 -27.42 -104.85 15.16
CA THR AA 12 -29.05 -104.96 18.60
CA VAL AA 13 -29.81 -101.30 19.27
CA ASN AA 14 -30.30 -101.49 23.05
CA ALA AA 15 -31.22 -98.17 24.68
CA GLN AA 16 -29.84 -98.64 28.19
CA ASP AA 17 -29.02 -95.81 30.60
CA GLY AA 18 -30.48 -93.53 27.95
CA VAL AA 19 -27.33 -93.70 25.85
CA PHE AA 20 -27.94 -95.72 22.70
CA LYS AA 21 -25.51 -98.13 21.03
CA VAL AA 22 -25.06 -100.56 18.13
CA LYS AA 23 -23.40 -103.90 17.39
CA GLY AA 24 -23.86 -105.32 13.90
CA PRO AA 25 -21.11 -107.14 12.02
CA LYS AA 26 -18.52 -105.00 13.80
CA GLY AA 27 -20.00 -102.93 16.61
CA GLU AA 28 -18.04 -99.68 16.86
CA LEU AA 29 -20.40 -96.71 17.21
CA THR AA 30 -21.63 -94.98 20.36
CA VAL AA 31 -24.45 -92.43 20.59
CA PRO AA 32 -25.48 -89.89 23.22
CA TYR AA 33 -28.89 -89.14 24.72
CA ASN AA 34 -31.09 -86.26 25.89
CA THR AA 35 -32.03 -87.96 29.16
CA GLU AA 36 -35.72 -87.02 29.07
CA LEU AA 37 -35.76 -88.36 25.51
CA THR AA 38 -36.80 -92.00 25.15
CA VAL AA 39 -36.51 -94.66 22.45
CA ARG AA 40 -38.72 -97.66 21.72
CA GLN AA 41 -37.98 -100.34 19.13
CA ASP AA 42 -39.71 -103.65 18.44
CA GLY AA 43 -40.26 -106.07 15.57
CA ASP AA 44 -38.17 -105.13 12.54
CA GLN AA 45 -38.30 -101.35 12.83
CA LEU AA 46 -37.44 -98.63 15.35
CA LEU AA 47 -39.55 -95.64 16.36
CA VAL AA 48 -38.99 -92.58 18.57
CA GLU AA 49 -41.27 -90.53 20.82
CA ARG AA 50 -41.00 -87.32 22.83
CA PRO AA 51 -42.87 -85.35 25.49
CA SER AA 52 -44.65 -82.49 23.73
CA ASP AA 53 -43.99 -79.19 21.94
CA ALA AA 54 -41.52 -76.61 23.28
CA GLN AA 55 -38.32 -75.75 21.42
CA LYS AA 56 -36.51 -77.37 24.34
CA HIS AA 57 -37.59 -80.82 23.13
CA ARG AA 58 -38.50 -80.02 19.53
CA ALA AA 59 -34.83 -79.48 18.68
CA LEU AA 60 -32.81 -82.01 20.66
CA HIS AA 61 -35.05 -84.95 19.78
CA GLY AA 62 -34.90 -83.83 16.16
CA LEU AA 63 -31.13 -84.16 15.84
CA THR AA 64 -31.24 -87.30 17.99
CA ARG AA 65 -33.60 -89.20 15.69
CA THR AA 66 -31.42 -88.45 12.68
CA LEU AA 67 -28.31 -89.42 14.64
CA VAL AA 68 -29.72 -92.95 14.72
CA ALA AA 69 -28.77 -93.42 11.07
CA ASN AA 70 -25.19 -92.48 11.90
CA ALA AA 71 -24.96 -95.72 13.88
CA VAL AA 72 -27.61 -98.07 12.50
CA LYS AA 73 -27.65 -97.11 8.82
CA GLY AA 74 -23.87 -96.86 9.03
CA VAL AA 75 -23.13 -100.25 10.57
CA SER AA 76 -25.65 -102.11 8.43
CA ASP AA 77 -24.35 -101.13 4.99
CA GLY AA 78 -21.33 -99.21 3.74
CA TYR AA 79 -20.59 -95.50 4.18
CA THR AA 80 -17.64 -94.54 1.99
CA ILE AA 81 -17.00 -91.13 0.45
CA ASN AA 82 -15.91 -90.69 -3.17
CA LEU AA 83 -13.64 -87.65 -3.48
CA GLU AA 84 -12.07 -86.62 -6.79
CA LEU AA 85 -8.84 -84.75 -7.54
CA ARG AA 86 -8.74 -82.91 -10.88
CA GLY AA 87 -5.88 -80.76 -12.11
CA VAL AA 88 -2.35 -81.58 -13.25
CA GLY AA 89 -0.83 -82.80 -10.00
CA PHE AA 90 -3.14 -85.73 -9.24
CA ARG AA 91 -1.40 -88.51 -7.31
CA ALA AA 92 -2.20 -90.75 -4.34
CA LYS AA 93 -0.34 -93.59 -2.63
CA LEU AA 94 -1.43 -96.13 -0.02
CA THR AA 95 1.96 -96.15 1.72
CA GLY AA 96 1.48 -95.99 5.47
CA LYS AA 97 -2.26 -95.39 5.06
CA ALA AA 98 -2.09 -91.59 5.12
CA LEU AA 99 -3.17 -90.67 1.59
CA GLU AA 100 0.16 -89.69 0.01
CA MET AA 101 -0.97 -86.89 -2.29
CA ASN AA 102 1.17 -84.76 -4.59
CA ILE AA 103 -1.08 -81.79 -5.38
CA GLY AA 104 1.50 -79.52 -3.80
CA TYR AA 105 4.92 -78.05 -4.58
CA SER AA 106 6.78 -79.06 -1.41
CA HIS AA 107 5.55 -82.66 -1.44
CA PRO AA 108 4.09 -81.93 1.99
CA VAL AA 109 0.84 -83.89 1.75
CA ILE AA 110 -0.39 -86.04 4.63
CA ILE AA 111 -3.85 -86.82 5.99
CA GLU AA 112 -4.01 -87.10 9.78
CA PRO AA 113 -5.66 -90.42 10.64
CA PRO AA 114 -8.20 -90.33 13.46
CA ALA AA 115 -9.75 -93.45 15.00
CA GLY AA 116 -10.63 -96.68 13.21
CA VAL AA 117 -10.75 -95.56 9.58
CA THR AA 118 -9.30 -96.62 6.24
CA PHE AA 119 -8.56 -94.72 3.02
CA ALA AA 120 -8.07 -95.65 -0.63
CA VAL AA 121 -6.46 -94.47 -3.86
CA PRO AA 122 -7.90 -95.45 -7.25
CA GLU AA 123 -5.69 -94.52 -10.20
CA PRO AA 124 -4.33 -91.83 -7.89
CA THR AA 125 -7.12 -89.64 -9.25
CA ARG AA 126 -10.04 -90.52 -6.98
CA ILE AA 127 -8.90 -90.87 -3.37
CA ASP AA 128 -11.86 -92.21 -1.39
CA VAL AA 129 -12.24 -92.91 2.33
CA SER AA 130 -13.99 -95.96 3.80
CA GLY AA 131 -14.29 -95.03 7.46
CA ILE AA 132 -16.35 -96.63 10.22
CA ASP AA 133 -18.97 -94.24 11.58
CA LYS AA 134 -20.98 -91.53 9.85
CA GLN AA 135 -20.09 -89.21 12.72
CA LEU AA 136 -16.35 -89.54 12.10
CA VAL AA 137 -15.85 -90.42 8.44
CA GLY AA 138 -17.48 -87.20 7.32
CA GLN AA 139 -15.22 -85.11 9.55
CA VAL AA 140 -12.13 -87.11 8.58
CA ALA AA 141 -12.84 -86.69 4.86
CA ALA AA 142 -13.28 -82.95 5.42
CA ASN AA 143 -9.55 -82.64 6.08
CA VAL AA 144 -8.76 -83.96 2.60
CA ARG AA 145 -11.13 -81.46 0.99
CA LYS AA 146 -9.66 -78.63 3.07
CA VAL AA 147 -6.45 -78.99 1.05
CA ARG AA 148 -7.38 -76.35 -1.54
CA LYS AA 149 -10.64 -76.98 -3.39
CA PRO AA 150 -11.66 -73.50 -4.52
CA ASP AA 151 -10.06 -72.63 -7.86
CA ALA AA 152 -12.28 -69.92 -9.33
CA TYR AA 153 -10.16 -69.75 -12.49
CA HIS AA 154 -9.53 -73.41 -13.26
CA GLY AA 155 -10.37 -76.96 -12.24
CA LYS AA 156 -8.27 -78.48 -9.46
CA GLY AA 157 -8.26 -79.55 -5.83
CA VAL AA 158 -10.87 -81.89 -4.37
CA ARG AA 159 -14.34 -82.33 -5.90
CA PHE AA 160 -17.36 -84.55 -5.31
CA VAL AA 161 -18.72 -86.54 -8.27
CA GLY AA 162 -18.11 -83.53 -10.50
CA GLU AA 163 -19.35 -80.34 -8.85
CA GLN AA 164 -18.78 -76.94 -10.45
CA ILE AA 165 -18.80 -73.95 -8.10
CA ALA AA 166 -18.39 -70.74 -10.10
CA LEU AA 167 -15.33 -70.92 -12.36
CA LYS AA 168 -15.14 -67.21 -13.20
CA ALA AA 169 -13.32 -65.85 -16.26
CA GLY AA 170 -9.58 -65.33 -16.01
CA LYS AA 171 -7.58 -63.71 -18.81
CA ALA AA 172 -8.80 -63.08 -22.35
CA GLY AA 173 -10.06 -66.65 -22.55
CA ALA AA 174 -8.24 -69.68 -23.94
CA THR AA 175 -8.36 -69.05 -27.69
CA GLY AA 176 -7.89 -65.29 -27.44
CA GLY AA 177 -4.54 -64.11 -28.72
CA MET BA 1 2.64 71.19 47.19
CA GLN BA 2 2.71 74.70 48.68
CA VAL BA 3 6.20 75.77 47.58
CA ILE BA 4 6.63 79.54 47.84
CA LEU BA 5 9.69 81.21 46.31
CA LEU BA 6 11.04 84.58 45.21
CA GLU BA 7 13.91 83.75 42.86
CA PRO BA 8 12.31 81.39 40.34
CA SER BA 9 11.78 82.65 36.78
CA ARG BA 10 9.15 80.54 35.01
CA LEU BA 11 5.64 81.58 36.04
CA GLY BA 12 5.80 83.25 39.44
CA LYS BA 13 8.58 85.39 40.88
CA THR BA 14 7.95 86.48 44.47
CA GLY BA 15 5.15 84.89 46.47
CA GLU BA 16 4.54 82.09 43.98
CA VAL BA 17 2.68 79.41 45.95
CA VAL BA 18 0.86 78.18 42.86
CA SER BA 19 1.34 74.83 41.14
CA VAL BA 20 4.80 73.25 41.41
CA LYS BA 21 6.73 69.98 41.29
CA ASP BA 22 5.64 67.14 43.58
CA GLY BA 23 8.52 65.35 45.26
CA TYR BA 24 10.90 66.13 42.42
CA ALA BA 25 10.93 69.73 43.66
CA ARG BA 26 13.06 68.82 46.68
CA ASN BA 27 15.59 67.29 44.28
CA TRP BA 28 16.43 70.30 42.11
CA LEU BA 29 13.90 73.12 42.42
CA ILE BA 30 14.48 73.57 46.16
CA PRO BA 31 17.82 71.76 46.07
CA GLN BA 32 19.91 73.36 43.32
CA GLY BA 33 19.18 77.07 43.58
CA LEU BA 34 15.94 78.74 44.64
CA ALA BA 35 16.00 78.55 48.44
CA VAL BA 36 12.87 76.88 49.81
CA SER BA 37 11.70 75.03 52.91
CA ALA BA 38 9.17 72.29 53.67
CA THR BA 39 8.53 72.73 57.39
CA ARG BA 40 5.69 74.68 59.01
CA THR BA 41 7.93 77.75 58.76
CA ASN BA 42 6.49 78.34 55.29
CA MET BA 43 3.18 79.47 56.77
CA LYS BA 44 5.04 82.02 58.90
CA THR BA 45 7.11 83.30 55.97
CA LEU BA 46 3.92 84.05 54.03
CA GLU BA 47 2.75 86.21 56.93
CA ALA BA 48 5.68 88.61 56.66
CA GLN BA 49 4.99 88.85 52.94
CA LEU BA 50 1.90 91.06 53.18
CA ARG BA 51 3.22 92.52 56.44
CA SER BA 52 6.09 94.21 54.60
CA MET CA 1 -23.67 -84.48 -39.41
CA LYS CA 2 -21.83 -85.55 -36.27
CA LYS CA 3 -22.64 -84.51 -32.69
CA VAL CA 4 -20.98 -81.12 -33.06
CA ALA CA 5 -23.33 -79.12 -35.28
CA GLY CA 6 -23.77 -75.39 -34.72
CA ILE CA 7 -27.25 -73.89 -34.93
CA VAL CA 8 -27.46 -70.41 -36.44
CA LYS CA 9 -30.34 -68.21 -37.61
CA LEU CA 10 -30.48 -64.66 -38.97
CA GLN CA 11 -32.53 -62.37 -41.20
CA LEU CA 12 -30.11 -61.45 -43.99
CA PRO CA 13 -30.98 -59.59 -47.19
CA ALA CA 14 -32.21 -61.23 -50.40
CA GLY CA 15 -28.98 -61.05 -52.38
CA LYS CA 16 -26.34 -59.33 -50.25
CA ALA CA 17 -24.15 -61.43 -47.98
CA THR CA 18 -20.39 -61.75 -48.51
CA PRO CA 19 -18.88 -59.06 -46.27
CA ALA CA 20 -16.43 -60.30 -43.63
CA PRO CA 21 -17.61 -57.51 -41.32
CA PRO CA 22 -21.32 -58.36 -41.10
CA VAL CA 23 -20.76 -62.08 -41.67
CA GLY CA 24 -17.53 -64.00 -42.24
CA PRO CA 25 -16.61 -64.88 -38.67
CA ALA CA 26 -20.32 -64.80 -37.85
CA LEU CA 27 -21.18 -68.18 -39.38
CA GLY CA 28 -17.59 -69.16 -40.12
CA GLN CA 29 -16.84 -69.56 -36.41
CA TYR CA 30 -19.25 -72.50 -36.41
CA GLY CA 31 -17.63 -74.08 -39.45
CA ALA CA 32 -20.02 -72.75 -42.09
CA ASN CA 33 -18.68 -71.30 -45.35
CA ILE CA 34 -19.67 -67.69 -45.90
CA MET CA 35 -18.60 -67.72 -49.56
CA GLU CA 36 -20.59 -70.90 -50.20
CA PHE CA 37 -23.73 -69.69 -48.42
CA THR CA 38 -23.32 -66.41 -50.30
CA LYS CA 39 -24.23 -67.48 -53.84
CA ALA CA 40 -26.39 -70.27 -52.41
CA PHE CA 41 -28.71 -67.98 -50.45
CA ASN CA 42 -28.58 -65.40 -53.25
CA ALA CA 43 -29.79 -68.13 -55.62
CA GLN CA 44 -33.07 -69.24 -54.05
CA THR CA 45 -33.75 -65.62 -53.10
CA ALA CA 46 -34.06 -64.75 -56.79
CA ASP CA 47 -37.87 -64.87 -56.73
CA LYS CA 48 -37.96 -62.16 -54.06
CA GLY CA 49 -35.10 -59.68 -54.30
CA ASP CA 50 -36.71 -56.72 -52.54
CA ALA CA 51 -37.54 -58.08 -49.08
CA ILE CA 52 -35.34 -59.39 -46.27
CA ILE CA 53 -36.27 -63.01 -45.62
CA PRO CA 54 -34.91 -64.98 -42.68
CA VAL CA 55 -33.08 -68.30 -43.06
CA GLU CA 56 -32.27 -71.05 -40.57
CA ILE CA 57 -28.74 -72.22 -41.39
CA THR CA 58 -27.91 -75.67 -40.02
CA ILE CA 59 -24.12 -75.85 -39.77
CA TYR CA 60 -22.99 -79.46 -39.54
CA ALA CA 61 -19.83 -80.89 -37.98
CA ASP CA 62 -18.57 -81.85 -41.43
CA ARG CA 63 -17.95 -78.23 -42.45
CA SER CA 64 -21.02 -78.54 -44.68
CA PHE CA 65 -24.27 -76.73 -43.87
CA THR CA 66 -27.82 -76.18 -45.10
CA PHE CA 67 -30.46 -73.44 -45.09
CA ILE CA 68 -34.25 -73.11 -45.23
CA THR CA 69 -35.70 -69.91 -46.68
CA LYS CA 70 -38.60 -68.89 -44.45
CA THR CA 71 -41.69 -66.91 -45.46
CA PRO CA 72 -41.21 -63.21 -44.78
CA PRO CA 73 -43.73 -62.06 -47.38
CA MET CA 74 -46.16 -61.40 -44.52
CA SER CA 75 -43.70 -59.49 -42.35
CA TYR CA 76 -42.53 -57.29 -45.22
CA LEU CA 77 -46.07 -56.60 -46.44
CA ILE CA 78 -47.21 -55.72 -42.93
CA ARG CA 79 -44.25 -53.37 -42.52
CA LYS CA 80 -44.78 -51.81 -45.95
CA ALA CA 81 -48.54 -51.31 -45.61
CA ALA CA 82 -47.87 -49.46 -42.35
CA GLY CA 83 -44.83 -47.47 -43.45
CA ILE CA 84 -41.52 -48.86 -42.22
CA GLY CA 85 -39.84 -45.60 -43.18
CA LYS CA 86 -41.03 -43.90 -40.00
CA GLY CA 87 -42.51 -45.95 -37.18
CA SER CA 88 -44.19 -44.21 -34.26
CA SER CA 89 -41.92 -44.45 -31.22
CA THR CA 90 -45.10 -44.44 -29.15
CA PRO CA 91 -47.53 -47.15 -30.27
CA ASN CA 92 -51.26 -46.58 -29.74
CA LYS CA 93 -50.48 -42.85 -29.65
CA ALA CA 94 -49.73 -42.01 -33.28
CA LYS CA 95 -50.86 -43.77 -36.46
CA VAL CA 96 -48.26 -44.01 -39.23
CA GLY CA 97 -50.32 -46.13 -41.59
CA LYS CA 98 -53.51 -48.10 -42.21
CA LEU CA 99 -54.76 -51.27 -43.89
CA ASN CA 100 -58.10 -52.50 -45.21
CA TRP CA 101 -59.99 -55.64 -44.16
CA ASP CA 102 -58.90 -57.48 -47.30
CA GLN CA 103 -55.29 -56.55 -46.53
CA VAL CA 104 -55.39 -58.26 -43.14
CA LEU CA 105 -56.86 -61.40 -44.72
CA GLU CA 106 -54.20 -61.43 -47.43
CA ILE CA 107 -51.32 -61.22 -44.94
CA ALA CA 108 -52.98 -63.94 -42.85
CA LYS CA 109 -53.30 -66.29 -45.82
CA THR CA 110 -49.63 -65.81 -46.74
CA LYS CA 111 -48.61 -66.54 -43.14
CA MET CA 112 -51.16 -69.34 -42.78
CA PRO CA 113 -48.42 -71.93 -43.23
CA ASP CA 114 -46.79 -70.59 -40.06
CA LEU CA 115 -49.94 -69.66 -38.15
CA ASN CA 116 -51.32 -72.27 -35.75
CA ALA CA 117 -54.89 -70.96 -35.97
CA GLY CA 118 -57.59 -73.34 -37.14
CA SER CA 119 -59.63 -70.70 -38.96
CA VAL CA 120 -59.19 -67.73 -41.29
CA GLU CA 121 -60.85 -65.49 -38.71
CA ALA CA 122 -58.47 -66.60 -35.96
CA ALA CA 123 -55.44 -66.44 -38.25
CA ALA CA 124 -56.29 -62.90 -39.32
CA ASN CA 125 -57.20 -61.95 -35.75
CA THR CA 126 -53.56 -62.29 -34.67
CA VAL CA 127 -52.40 -60.21 -37.63
CA ALA CA 128 -54.47 -57.31 -36.27
CA GLY CA 129 -52.61 -57.59 -32.97
CA THR CA 130 -49.26 -56.71 -34.54
CA ALA CA 131 -50.62 -53.86 -36.65
CA ARG CA 132 -52.11 -52.38 -33.48
CA SER CA 133 -48.66 -52.59 -31.89
CA MET CA 134 -46.84 -51.11 -34.90
CA GLY CA 135 -48.91 -47.94 -35.08
CA VAL CA 136 -50.86 -49.31 -38.04
CA THR CA 137 -54.52 -48.30 -37.95
CA VAL CA 138 -56.62 -51.47 -37.98
CA GLU CA 139 -59.54 -49.93 -39.86
CA GLY CA 140 -60.25 -53.30 -41.44
CA GLY CA 141 -61.48 -56.44 -39.71
CA PRO CA 142 -59.97 -59.93 -39.65
CA ASN CA 143 -62.24 -62.33 -41.52
CA VAL DA 1 -24.88 -57.73 80.42
CA LYS DA 2 -23.23 -59.49 77.48
CA THR DA 3 -22.52 -63.04 76.31
CA TYR DA 4 -19.22 -64.47 77.54
CA ILE DA 5 -17.12 -67.30 76.12
CA PRO DA 6 -14.15 -69.30 77.51
CA LYS DA 7 -11.76 -67.67 75.03
CA ASN DA 8 -13.32 -70.09 72.54
CA ASP DA 9 -11.97 -73.58 73.22
CA GLU DA 10 -12.48 -76.74 71.17
CA GLN DA 11 -14.24 -75.52 68.03
CA ASN DA 12 -16.48 -77.57 65.73
CA TRP DA 13 -15.31 -78.79 62.32
CA VAL DA 14 -17.89 -78.98 59.54
CA VAL DA 15 -17.03 -80.40 56.12
CA VAL DA 16 -19.07 -80.00 52.93
CA ASP DA 17 -19.07 -82.18 49.82
CA ALA DA 18 -17.93 -79.73 47.15
CA SER DA 19 -18.23 -82.58 44.66
CA GLY DA 20 -21.61 -81.18 43.68
CA VAL DA 21 -22.64 -78.68 41.00
CA PRO DA 22 -23.90 -75.48 42.68
CA LEU DA 23 -21.11 -72.89 42.70
CA GLY DA 24 -23.02 -69.91 44.08
CA ARG DA 25 -25.06 -71.74 46.70
CA LEU DA 26 -21.75 -73.08 48.03
CA ALA DA 27 -20.20 -69.62 48.34
CA THR DA 28 -22.93 -68.70 50.82
CA LEU DA 29 -22.68 -71.56 53.32
CA ILE DA 30 -18.89 -71.86 53.43
CA ALA DA 31 -18.73 -68.31 54.77
CA SER DA 32 -21.89 -68.17 56.89
CA ARG DA 33 -20.23 -70.82 59.05
CA ILE DA 34 -17.56 -68.40 60.30
CA ARG DA 35 -18.74 -65.14 61.88
CA GLY DA 36 -21.89 -66.66 63.33
CA LYS DA 37 -21.54 -70.31 62.34
CA HIS DA 38 -25.14 -70.44 63.59
CA ARG DA 39 -24.18 -70.58 67.26
CA PRO DA 40 -25.43 -68.40 70.16
CA ASP DA 41 -21.77 -68.03 71.15
CA PHE DA 42 -20.60 -65.78 68.32
CA THR DA 43 -19.29 -62.95 70.52
CA PRO DA 44 -18.43 -60.11 68.08
CA ASN DA 45 -14.94 -58.59 67.89
CA MET DA 46 -13.59 -62.04 68.73
CA ILE DA 47 -12.43 -64.56 66.13
CA GLN DA 48 -14.57 -67.67 65.61
CA GLY DA 49 -13.50 -68.90 62.19
CA ASP DA 50 -14.27 -72.59 61.72
CA PHE DA 51 -12.51 -75.02 59.38
CA VAL DA 52 -14.05 -75.90 56.02
CA VAL DA 53 -12.43 -78.56 53.83
CA VAL DA 54 -13.05 -78.77 50.08
CA ILE DA 55 -13.90 -82.21 48.72
CA ASN DA 56 -13.23 -82.71 45.01
CA ALA DA 57 -12.82 -79.24 43.52
CA ALA DA 58 -11.97 -80.58 40.06
CA GLN DA 59 -15.46 -81.49 38.87
CA VAL DA 60 -17.40 -78.33 39.75
CA ALA DA 61 -19.53 -78.32 36.60
CA LEU DA 62 -20.49 -74.65 36.38
CA THR DA 63 -23.16 -73.13 34.13
CA GLY DA 64 -23.82 -74.29 30.58
CA LYS DA 65 -23.72 -71.06 28.59
CA LYS DA 66 -20.98 -69.17 30.44
CA LEU DA 67 -17.39 -70.24 29.81
CA ASP DA 68 -15.51 -67.28 28.32
CA ASP DA 69 -17.89 -64.52 29.44
CA LYS DA 70 -16.56 -64.20 32.98
CA VAL DA 71 -13.06 -62.72 33.12
CA TYR DA 72 -10.42 -62.99 35.85
CA THR DA 73 -8.08 -60.03 35.42
CA ARG DA 74 -4.99 -60.73 37.52
CA TYR DA 75 -4.55 -57.66 39.72
CA THR DA 76 -1.18 -55.99 40.40
CA GLY DA 77 0.26 -52.51 40.81
CA TYR DA 78 2.42 -50.47 38.43
CA GLN DA 79 1.26 -50.17 34.82
CA GLY DA 80 2.94 -51.60 31.74
CA GLY DA 81 0.90 -54.43 30.29
CA LEU DA 82 -0.38 -55.20 33.78
CA LYS DA 83 -3.34 -57.07 32.32
CA THR DA 84 -3.57 -60.85 31.83
CA GLU DA 85 -7.07 -61.89 30.79
CA THR DA 86 -7.24 -65.52 31.93
CA ALA DA 87 -10.22 -67.72 31.11
CA ARG DA 88 -12.03 -69.66 33.83
CA GLU DA 89 -11.56 -72.98 32.03
CA ALA DA 90 -7.84 -72.25 31.71
CA LEU DA 91 -7.82 -71.50 35.44
CA SER DA 92 -9.44 -74.84 36.24
CA LYS DA 93 -5.92 -76.26 36.10
CA HIS DA 94 -5.52 -75.19 39.73
CA PRO DA 95 -8.66 -76.24 41.67
CA GLU DA 96 -7.04 -74.82 44.80
CA ARG DA 97 -7.00 -71.40 43.14
CA VAL DA 98 -10.67 -70.99 42.24
CA ILE DA 99 -12.55 -71.89 45.42
CA GLU DA 100 -10.46 -69.80 47.81
CA HIS DA 101 -10.96 -66.86 45.46
CA ALA DA 102 -14.74 -67.25 45.66
CA VAL DA 103 -14.46 -66.91 49.44
CA PHE DA 104 -11.53 -64.51 49.83
CA GLY DA 105 -13.89 -61.79 48.64
CA MET DA 106 -16.04 -62.26 51.73
CA LEU DA 107 -13.65 -60.07 53.70
CA PRO DA 108 -15.00 -56.71 54.98
CA LYS DA 109 -12.06 -54.29 54.82
CA GLY DA 110 -10.18 -54.66 58.09
CA ARG DA 111 -8.60 -58.10 58.40
CA GLN DA 112 -11.21 -60.31 60.06
CA GLY DA 113 -12.00 -61.59 56.59
CA ARG DA 114 -8.35 -62.02 55.68
CA ALA DA 115 -7.43 -64.31 58.58
CA MET DA 116 -10.66 -66.05 57.61
CA HIS DA 117 -8.92 -67.60 54.62
CA THR DA 118 -6.27 -69.31 56.75
CA ARG DA 119 -9.16 -71.15 58.41
CA LEU DA 120 -10.25 -72.40 54.99
CA LYS DA 121 -8.60 -75.42 53.38
CA VAL DA 122 -8.95 -75.62 49.60
CA TYR DA 123 -8.41 -79.15 48.31
CA ALA DA 124 -8.90 -81.04 45.04
CA GLY DA 125 -9.06 -84.54 46.45
CA GLU DA 126 -11.88 -86.85 47.54
CA THR DA 127 -11.92 -88.55 50.94
CA HIS DA 128 -8.13 -88.62 50.76
CA PRO DA 129 -8.01 -84.82 50.86
CA HIS DA 130 -9.71 -84.56 54.26
CA SER DA 131 -7.19 -87.12 55.51
CA ALA DA 132 -4.54 -84.41 55.26
CA GLN DA 133 -6.16 -82.69 58.24
CA LYS DA 134 -6.81 -84.86 61.29
CA PRO DA 135 -10.16 -83.67 62.64
CA GLN DA 136 -13.70 -84.84 63.42
CA VAL DA 137 -15.53 -85.29 60.12
CA LEU DA 138 -19.19 -84.32 59.77
CA LYS DA 139 -20.85 -85.04 56.42
CA THR DA 140 -23.35 -82.29 55.63
CA GLN DA 141 -25.43 -81.91 52.46
CA PRO DA 142 -26.35 -78.41 51.21
CA LEU DA 143 -29.94 -77.17 51.48
CA ILE EA 1 31.60 -46.37 7.07
CA MET EA 2 30.96 -42.69 6.37
CA PRO EA 3 28.29 -40.56 8.06
CA GLN EA 4 28.76 -37.32 6.13
CA SER EA 5 30.51 -39.31 3.40
CA ARG EA 6 33.89 -38.39 1.89
CA LEU EA 7 35.06 -41.52 0.09
CA ASP EA 8 37.68 -40.92 -2.60
CA VAL EA 9 37.05 -41.28 -6.34
CA ALA EA 10 37.51 -44.57 -8.21
CA ASP EA 11 37.85 -45.27 -11.94
CA ASN EA 12 36.58 -42.79 -14.52
CA SER EA 13 33.83 -41.14 -12.47
CA GLY EA 14 34.25 -37.47 -13.32
CA ALA EA 15 35.11 -35.56 -10.15
CA ARG EA 16 36.99 -36.09 -6.88
CA GLU EA 17 34.08 -35.23 -4.58
CA ILE EA 18 31.67 -38.17 -4.56
CA MET EA 19 29.89 -38.08 -1.20
CA CYS EA 20 26.94 -40.30 -0.23
CA ILE EA 21 23.51 -40.41 1.39
CA ARG EA 22 21.48 -42.98 3.35
CA VAL EA 23 23.76 -45.95 4.05
CA LEU EA 24 22.08 -48.90 2.34
CA ASN EA 25 22.96 -52.60 2.19
CA SER EA 26 21.28 -53.55 -1.08
CA GLY EA 27 24.09 -55.12 -3.09
CA ILE EA 28 23.56 -58.75 -4.06
CA GLY EA 29 24.08 -60.64 -7.31
CA GLY EA 30 21.31 -60.88 -9.88
CA LYS EA 31 18.84 -58.12 -10.80
CA GLY EA 32 20.48 -54.71 -10.74
CA LEU EA 33 19.66 -52.76 -7.58
CA THR EA 34 17.89 -55.13 -5.19
CA THR EA 35 15.87 -52.12 -4.03
CA GLY EA 36 15.37 -53.80 -0.67
CA GLY EA 37 16.96 -55.18 2.47
CA GLY EA 38 16.19 -52.69 5.23
CA GLY EA 39 17.24 -49.30 6.53
CA ASN EA 40 18.17 -47.84 9.91
CA LYS EA 41 21.75 -48.60 8.83
CA ARG EA 42 24.61 -46.13 9.23
CA TYR EA 43 27.87 -48.07 9.05
CA ALA EA 44 28.27 -49.76 5.68
CA HIS EA 45 31.57 -51.58 5.13
CA VAL EA 46 33.09 -52.57 1.79
CA GLY EA 47 30.42 -54.33 -0.22
CA ASP EA 48 27.22 -52.37 0.40
CA ILE EA 49 25.87 -49.88 -2.14
CA ILE EA 50 25.66 -46.26 -0.99
CA VAL EA 51 24.05 -43.59 -3.17
CA ALA EA 52 26.96 -41.22 -3.76
CA SER EA 53 26.67 -37.60 -4.89
CA VAL EA 54 29.24 -35.35 -6.55
CA LYS EA 55 29.85 -31.92 -5.03
CA ASP EA 56 32.64 -29.90 -6.66
CA ALA EA 57 32.63 -30.43 -10.43
CA ALA EA 58 35.85 -30.69 -12.44
CA PRO EA 59 37.17 -29.55 -15.81
CA ARG EA 60 35.53 -31.93 -18.29
CA GLY EA 61 35.56 -35.68 -17.71
CA ALA EA 62 32.96 -37.53 -19.76
CA VAL EA 63 30.59 -34.81 -18.50
CA LYS EA 64 29.01 -35.56 -15.12
CA ALA EA 65 26.95 -33.07 -13.11
CA GLY EA 66 26.53 -33.24 -9.34
CA ASP EA 67 23.43 -35.40 -9.01
CA VAL EA 68 22.38 -38.66 -7.36
CA VAL EA 69 24.85 -41.33 -8.44
CA LYS EA 70 24.91 -44.64 -6.56
CA ALA EA 71 28.29 -46.11 -5.61
CA VAL EA 72 30.06 -48.55 -3.29
CA VAL EA 73 32.74 -48.09 -0.64
CA VAL EA 74 36.08 -49.79 -1.31
CA ARG EA 75 38.71 -48.76 1.23
CA THR EA 76 37.82 -48.95 4.93
CA SER EA 77 39.50 -46.75 7.53
CA HIS EA 78 37.88 -48.71 10.36
CA ALA EA 79 39.87 -51.74 9.19
CA ILE EA 80 38.32 -55.10 8.32
CA LYS EA 81 38.97 -58.66 9.48
CA ARG EA 82 38.82 -61.86 7.43
CA ALA EA 83 37.98 -65.55 7.78
CA ASP EA 84 41.53 -66.51 8.81
CA GLY EA 85 41.55 -63.62 11.25
CA SER EA 86 43.86 -61.57 9.04
CA THR EA 87 42.83 -57.93 9.42
CA ILE EA 88 43.73 -55.08 7.08
CA ARG EA 89 43.33 -51.34 6.48
CA PHE EA 90 44.17 -48.43 4.18
CA ASP EA 91 44.64 -44.65 4.19
CA ARG EA 92 42.05 -42.34 2.65
CA ASN EA 93 38.95 -44.44 2.00
CA ALA EA 94 37.30 -44.48 -1.43
CA ALA EA 95 34.17 -45.55 -3.29
CA VAL EA 96 33.75 -46.73 -6.88
CA ILE EA 97 30.85 -45.20 -8.80
CA ILE EA 98 28.15 -47.48 -10.20
CA ASN EA 99 25.17 -47.27 -12.55
CA ASN EA 100 22.17 -49.32 -11.40
CA GLN EA 101 22.75 -52.80 -12.83
CA GLY EA 102 26.00 -53.39 -10.95
CA GLU EA 103 27.96 -51.94 -13.86
CA PRO EA 104 30.63 -49.35 -13.09
CA ARG EA 105 30.53 -46.13 -15.11
CA GLY EA 106 34.29 -46.31 -15.50
CA THR EA 107 36.96 -48.47 -17.12
CA ARG EA 108 40.41 -47.98 -15.59
CA VAL EA 109 41.42 -48.09 -11.93
CA PHE EA 110 43.01 -45.43 -9.70
CA GLY EA 111 44.20 -47.10 -6.52
CA PRO EA 112 44.15 -50.60 -5.05
CA VAL EA 113 40.88 -52.46 -4.48
CA ALA EA 114 39.50 -54.52 -1.59
CA ARG EA 115 38.96 -58.29 -1.47
CA GLU EA 116 35.44 -58.17 -0.03
CA LEU EA 117 34.03 -57.24 -3.44
CA ARG EA 118 34.66 -60.76 -4.74
CA ASP EA 119 32.23 -62.03 -2.10
CA ARG EA 120 29.72 -59.35 -3.05
CA ARG EA 121 28.98 -61.19 -6.30
CA PHE EA 122 31.09 -58.73 -8.28
CA MET EA 123 33.02 -59.18 -11.53
CA LYS EA 124 33.36 -55.77 -13.16
CA ILE EA 125 35.01 -54.10 -10.17
CA VAL EA 126 37.12 -57.21 -9.62
CA SER EA 127 38.46 -57.56 -13.17
CA LEU EA 128 39.06 -53.81 -13.47
CA ALA EA 129 41.49 -53.17 -10.63
CA PRO EA 130 45.16 -52.43 -9.91
CA GLU EA 131 46.34 -55.99 -9.26
CA VAL EA 132 43.60 -56.20 -6.63
CA HIS FA 1 -20.13 -13.36 118.24
CA ASP FA 2 -17.31 -15.65 117.11
CA LEU FA 3 -19.37 -18.43 115.53
CA LYS FA 4 -20.86 -19.07 112.10
CA PRO FA 5 -22.32 -15.87 110.65
CA THR FA 6 -23.54 -14.69 107.25
CA PRO FA 7 -23.92 -11.35 105.45
CA GLY FA 8 -25.68 -8.91 107.75
CA SER FA 9 -23.59 -5.75 107.49
CA ARG FA 10 -24.07 -2.79 105.15
CA LYS FA 11 -23.57 -5.26 102.30
CA ASP FA 12 -27.19 -6.38 102.67
CA ARG FA 13 -28.19 -3.51 100.38
CA LYS FA 14 -28.39 -4.41 96.69
CA ARG FA 15 -29.87 -3.09 93.45
CA VAL FA 16 -33.56 -2.49 92.81
CA GLY FA 17 -33.72 -5.90 91.17
CA ARG FA 18 -33.73 -4.58 87.61
CA GLY FA 19 -30.91 -2.07 87.30
CA PRO FA 20 -28.23 -4.74 87.55
CA GLY FA 21 -28.12 -5.65 83.87
CA GLY FA 22 -24.45 -5.85 82.99
CA THR FA 23 -23.18 -4.36 79.73
CA ASP FA 24 -22.86 -6.52 76.62
CA LYS FA 25 -19.83 -8.81 76.65
CA THR FA 26 -19.12 -7.50 73.16
CA ALA FA 27 -19.67 -10.59 71.00
CA GLY FA 28 -19.42 -12.86 74.01
CA ARG FA 29 -18.87 -16.61 73.63
CA GLY FA 30 -17.88 -18.13 70.30
CA HIS FA 31 -19.55 -18.22 66.89
CA LYS FA 32 -20.96 -14.70 67.25
CA GLY FA 33 -18.67 -12.21 65.54
CA GLN FA 34 -20.83 -9.12 65.95
CA LYS FA 35 -21.40 -6.53 63.22
CA SER FA 36 -22.52 -7.57 59.74
CA ARG FA 37 -20.57 -9.13 56.87
CA SER FA 38 -17.40 -7.45 55.63
CA GLY FA 39 -19.05 -4.16 54.73
CA ALA FA 40 -18.42 -2.98 58.29
CA GLY FA 41 -14.94 -1.79 59.20
CA LYS FA 42 -12.84 0.74 61.10
CA GLY FA 43 -14.07 4.26 60.40
CA ALA FA 44 -17.85 4.12 60.20
CA PHE FA 45 -18.84 7.61 59.08
CA PHE FA 46 -22.11 6.56 57.46
CA GLU FA 47 -24.89 8.44 59.23
CA GLY FA 48 -28.61 7.72 59.16
CA GLY FA 49 -29.39 11.10 57.65
CA ARG FA 50 -28.20 11.01 54.04
CA SER FA 51 -27.16 14.20 52.25
CA ARG FA 52 -29.34 14.00 49.13
CA LEU FA 53 -32.33 11.65 49.22
CA ILE FA 54 -35.57 13.33 50.33
CA ALA FA 55 -33.48 15.86 52.25
CA ARG FA 56 -32.17 17.62 49.14
CA LEU FA 57 -35.45 17.16 47.27
CA PRO FA 58 -37.89 18.64 49.78
CA LYS FA 59 -39.98 21.82 49.66
CA ARG FA 60 -37.43 23.89 51.58
CA GLY FA 61 -37.68 27.63 52.15
CA PHE FA 62 -36.42 30.55 54.24
CA ASN FA 63 -37.52 33.34 56.58
CA ASN FA 64 -36.96 31.83 60.04
CA VAL FA 65 -37.69 34.64 62.50
CA GLY FA 66 -38.82 34.21 66.09
CA THR FA 67 -39.66 37.82 66.95
CA THR FA 68 -41.08 37.36 70.45
CA TYR FA 69 -42.33 34.37 72.44
CA GLU FA 70 -45.35 34.01 74.71
CA VAL FA 71 -46.28 31.69 77.58
CA VAL FA 72 -49.58 29.95 78.35
CA LYS FA 73 -51.86 31.56 80.93
CA LEU FA 74 -54.88 29.27 81.20
CA SER FA 75 -57.87 30.88 82.92
CA GLN FA 76 -58.77 27.43 84.23
CA LEU FA 77 -55.51 27.12 86.17
CA GLN FA 78 -55.65 30.52 87.87
CA ASP FA 79 -59.30 30.06 88.81
CA LEU FA 80 -59.18 26.74 90.67
CA GLU FA 81 -56.10 27.77 92.65
CA ASP FA 82 -55.71 31.32 94.00
CA THR FA 83 -58.14 34.24 94.07
CA THR FA 84 -57.57 37.88 93.13
CA PHE FA 85 -54.14 39.48 92.86
CA ASP FA 86 -52.94 37.38 89.92
CA ARG FA 87 -50.96 40.12 88.18
CA ASP FA 88 -47.18 40.34 88.01
CA THR FA 89 -44.94 38.92 90.74
CA LEU FA 90 -47.70 36.60 91.95
CA GLU FA 91 -47.27 34.47 88.83
CA ALA FA 92 -44.03 32.63 89.58
CA TYR FA 93 -46.00 30.40 91.95
CA ARG FA 94 -48.29 29.21 89.15
CA LEU FA 95 -45.29 28.23 87.02
CA VAL FA 96 -46.12 31.20 84.76
CA ARG FA 97 -42.47 32.24 84.61
CA ARG FA 98 -40.45 32.01 81.40
CA LYS FA 99 -37.74 34.60 82.04
CA ASN FA 100 -38.18 37.52 79.65
CA ARG FA 101 -41.42 36.60 77.85
CA PRO FA 102 -45.13 37.35 77.54
CA VAL FA 103 -48.31 35.68 78.78
CA LYS FA 104 -51.38 34.98 76.65
CA LEU FA 105 -54.66 34.03 78.31
CA LEU FA 106 -55.56 30.52 77.15
CA ALA FA 107 -59.07 29.76 78.43
CA SER FA 108 -59.19 25.96 78.67
CA GLY FA 109 -62.00 25.61 81.19
CA GLU FA 110 -64.54 28.29 82.09
CA ILE FA 111 -65.06 28.02 85.84
CA SER FA 112 -66.66 31.45 86.21
CA ARG FA 113 -64.57 33.19 88.86
CA ALA FA 114 -63.74 36.85 89.52
CA VAL FA 115 -60.09 37.42 88.59
CA THR FA 116 -57.80 40.20 87.38
CA VAL FA 117 -54.87 39.10 85.22
CA HIS FA 118 -52.79 41.99 83.87
CA VAL FA 119 -50.85 39.82 81.41
CA ASP FA 120 -48.81 41.27 78.55
CA ALA FA 121 -50.96 39.51 75.96
CA ALA FA 122 -54.68 38.76 75.55
CA SER FA 123 -57.08 37.04 73.16
CA ALA FA 124 -60.76 37.39 72.22
CA ALA FA 125 -61.91 35.10 75.02
CA ALA FA 126 -59.51 36.96 77.31
CA ILE FA 127 -61.46 40.20 76.97
CA LYS FA 128 -64.82 38.44 77.18
CA ALA FA 129 -64.09 36.38 80.29
CA VAL FA 130 -62.68 39.52 81.89
CA GLU FA 131 -65.80 41.66 81.44
CA ALA FA 132 -67.91 38.68 82.50
CA ALA FA 133 -66.57 38.21 86.03
CA GLY FA 134 -65.24 41.74 86.38
CA GLY FA 135 -61.80 43.33 86.51
CA ARG FA 136 -59.46 45.12 84.13
CA VAL FA 137 -56.95 43.51 81.77
CA VAL FA 138 -54.59 46.47 82.08
CA LEU FA 139 -53.08 46.57 78.59
CA PRO FA 140 -49.38 47.44 78.40
CA GLU FA 141 -48.16 50.72 76.89
CA THR GA 1 -40.22 -22.91 0.59
CA LYS GA 2 -40.89 -20.89 3.75
CA PHE GA 3 -42.78 -17.59 3.46
CA ARG GA 4 -42.09 -14.17 1.96
CA LYS GA 5 -43.39 -11.73 4.57
CA GLN GA 6 -43.07 -13.72 7.80
CA PHE GA 7 -41.78 -12.60 11.20
CA ARG GA 8 -38.50 -13.93 12.59
CA GLY GA 9 -38.49 -15.62 15.98
CA ARG GA 10 -40.98 -18.47 16.31
CA MET GA 11 -41.50 -20.49 19.49
CA THR GA 12 -40.71 -24.04 20.59
CA GLY GA 13 -42.54 -26.95 22.19
CA ASP GA 14 -43.90 -30.10 20.52
CA ALA GA 15 -47.47 -30.86 21.61
CA LYS GA 16 -50.16 -33.21 20.33
CA GLY GA 17 -52.52 -31.87 17.68
CA GLY GA 18 -55.75 -33.68 16.86
CA ASP GA 19 -55.52 -33.89 13.07
CA TYR GA 20 -56.11 -37.22 11.35
CA VAL GA 21 -56.62 -37.01 7.58
CA ALA GA 22 -56.28 -39.59 4.81
CA PHE GA 23 -57.45 -37.66 1.75
CA GLY GA 24 -57.11 -39.16 -1.72
CA ASP GA 25 -53.78 -40.73 -0.78
CA TYR GA 26 -52.47 -43.94 0.77
CA GLY GA 27 -50.67 -43.04 3.98
CA LEU GA 28 -47.19 -41.83 4.96
CA ILE GA 29 -48.11 -40.25 8.29
CA ALA GA 30 -46.27 -39.59 11.56
CA MET GA 31 -46.37 -41.43 14.89
CA GLU GA 32 -44.72 -39.25 17.53
CA PRO GA 33 -44.17 -35.51 17.94
CA ALA GA 34 -41.18 -34.38 15.88
CA TRP GA 35 -40.02 -31.39 13.83
CA ILE GA 36 -39.74 -31.06 10.06
CA LYS GA 37 -36.89 -28.96 8.66
CA SER GA 38 -37.41 -27.20 5.33
CA ASN GA 39 -34.16 -28.63 3.97
CA GLN GA 40 -35.36 -32.15 4.79
CA ILE GA 41 -38.91 -31.53 3.58
CA GLU GA 42 -37.84 -30.40 0.11
CA ALA GA 43 -35.46 -33.35 0.09
CA CYS GA 44 -37.88 -36.11 1.06
CA ARG GA 45 -40.45 -34.71 -1.36
CA ILE GA 46 -37.94 -34.51 -4.21
CA VAL GA 47 -36.62 -38.02 -3.55
CA MET GA 48 -40.20 -39.27 -3.79
CA SER GA 49 -41.89 -37.16 -6.48
CA ARG GA 50 -39.04 -38.25 -8.75
CA HIS GA 51 -38.52 -41.77 -7.41
CA PHE GA 52 -41.95 -43.39 -7.21
CA ARG GA 53 -43.93 -42.88 -10.43
CA ARG GA 54 -43.33 -42.01 -14.09
CA GLY GA 55 -45.70 -39.06 -13.84
CA GLY GA 56 -48.12 -38.78 -10.95
CA LYS GA 57 -49.38 -36.19 -8.48
CA ILE GA 58 -47.81 -35.57 -5.08
CA TYR GA 59 -48.90 -33.30 -2.21
CA ILE GA 60 -47.32 -32.20 1.07
CA ARG GA 61 -49.65 -31.17 3.89
CA ILE GA 62 -46.62 -30.10 5.93
CA PHE GA 63 -44.47 -27.06 5.17
CA PRO GA 64 -42.13 -24.56 6.83
CA ASP GA 65 -44.57 -23.15 9.39
CA LYS GA 66 -42.26 -22.43 12.31
CA PRO GA 67 -38.65 -21.24 12.22
CA VAL GA 68 -35.33 -21.78 14.00
CA THR GA 69 -32.38 -19.39 13.85
CA LYS GA 70 -28.80 -20.53 14.45
CA LYS GA 71 -25.91 -18.75 16.15
CA PRO GA 72 -23.33 -16.86 14.10
CA ALA GA 73 -19.81 -18.06 13.31
CA GLU GA 74 -18.73 -16.63 16.66
CA THR GA 75 -20.29 -18.07 19.82
CA ARG GA 76 -21.20 -15.86 22.78
CA MET GA 77 -22.18 -12.55 21.18
CA GLY GA 78 -25.81 -11.66 20.62
CA LYS GA 79 -29.20 -13.31 21.00
CA GLY GA 80 -31.32 -14.27 18.01
CA LYS GA 81 -29.55 -14.38 14.65
CA GLY GA 82 -30.59 -15.11 11.08
CA ALA GA 83 -32.85 -18.10 10.51
CA VAL GA 84 -31.14 -20.60 8.23
CA GLU GA 85 -33.66 -23.37 8.92
CA TYR GA 86 -37.46 -23.39 9.10
CA TRP GA 87 -38.84 -26.19 11.28
CA VAL GA 88 -42.48 -27.14 11.84
CA SER GA 89 -44.86 -28.85 14.26
CA VAL GA 90 -46.40 -32.30 13.83
CA VAL GA 91 -48.15 -34.99 15.88
CA LYS GA 92 -50.01 -37.61 13.84
CA PRO GA 93 -51.01 -35.61 10.77
CA GLY GA 94 -50.02 -36.87 7.35
CA ARG GA 95 -46.57 -35.60 6.40
CA VAL GA 96 -46.73 -36.89 2.83
CA MET GA 97 -49.59 -37.57 0.41
CA PHE GA 98 -49.28 -39.40 -2.92
CA GLU GA 99 -52.08 -41.00 -4.94
CA VAL GA 100 -50.20 -43.34 -7.27
CA ALA GA 101 -51.35 -46.97 -7.40
CA GLY GA 102 -49.32 -49.89 -6.07
CA VAL GA 103 -46.02 -48.29 -5.09
CA THR GA 104 -46.85 -46.38 -1.91
CA GLU GA 105 -45.13 -49.00 0.25
CA GLU GA 106 -41.90 -48.45 -1.68
CA GLN GA 107 -42.15 -44.66 -1.74
CA ALA GA 108 -42.57 -44.69 2.04
CA LYS GA 109 -39.23 -46.46 2.46
CA GLU GA 110 -37.49 -43.52 0.78
CA ALA GA 111 -39.27 -40.83 2.77
CA PHE GA 112 -38.50 -42.82 5.91
CA ARG GA 113 -34.78 -42.31 5.29
CA LEU GA 114 -35.40 -38.55 5.34
CA ALA GA 115 -37.82 -38.33 8.27
CA GLY GA 116 -35.90 -37.88 11.52
CA HIS GA 117 -37.86 -39.50 14.35
CA LYS GA 118 -40.97 -41.56 13.62
CA LEU GA 119 -42.39 -42.63 10.25
CA PRO GA 120 -45.25 -45.01 9.50
CA ILE GA 121 -47.18 -45.63 6.27
CA GLN GA 122 -50.86 -46.56 6.43
CA THR GA 123 -53.29 -47.92 3.84
CA LYS GA 124 -56.34 -45.88 2.82
CA HIS HA 1 37.02 -49.13 37.91
CA GLY HA 2 38.68 -50.93 40.81
CA LYS HA 3 40.65 -53.73 39.19
CA ALA HA 4 43.67 -51.41 39.29
CA GLY HA 5 46.61 -51.54 41.67
CA ARG HA 6 47.26 -48.08 43.07
CA LYS HA 7 46.22 -45.82 45.94
CA LEU HA 8 46.79 -42.17 45.01
CA ASN HA 9 45.13 -40.79 48.16
CA ARG HA 10 46.12 -37.14 47.78
CA ASN HA 11 46.95 -36.32 44.16
CA SER HA 12 49.08 -37.52 41.25
CA SER HA 13 52.14 -35.48 42.25
CA ALA HA 14 51.48 -35.90 45.97
CA ARG HA 15 51.45 -39.66 45.39
CA VAL HA 16 55.08 -40.24 44.43
CA ALA HA 17 56.06 -37.29 46.63
CA LEU HA 18 54.49 -38.80 49.74
CA ALA HA 19 56.27 -42.11 49.15
CA ARG HA 20 59.60 -40.28 49.02
CA ALA HA 21 58.90 -38.46 52.28
CA GLN HA 22 57.67 -41.66 53.93
CA ALA HA 23 60.53 -43.86 52.74
CA THR HA 24 62.95 -41.16 53.87
CA ALA HA 25 61.98 -41.28 57.55
CA LEU HA 26 61.62 -45.05 57.20
CA LEU HA 27 65.33 -45.29 56.39
CA ARG HA 28 66.50 -42.41 58.57
CA GLU HA 29 65.17 -42.94 62.10
CA GLY HA 30 63.87 -46.49 61.90
CA ARG HA 31 60.27 -46.08 63.04
CA ILE HA 32 57.36 -44.16 61.52
CA GLN HA 33 53.80 -43.87 62.82
CA THR HA 34 51.24 -42.86 60.21
CA THR HA 35 47.89 -43.92 58.74
CA LEU HA 36 47.18 -47.57 57.95
CA THR HA 37 47.12 -46.85 54.22
CA LYS HA 38 50.03 -44.40 54.33
CA ALA HA 39 52.09 -47.13 56.00
CA LYS HA 40 51.10 -49.70 53.37
CA GLU HA 41 52.05 -47.40 50.49
CA LEU HA 42 55.31 -46.54 52.24
CA ARG HA 43 56.24 -50.20 52.72
CA PRO HA 44 55.71 -50.72 48.99
CA PHE HA 45 57.98 -47.85 47.92
CA VAL HA 46 60.66 -48.74 50.47
CA GLU HA 47 60.70 -52.39 49.43
CA GLN HA 48 60.95 -51.30 45.80
CA LEU HA 49 64.03 -49.21 46.56
CA ILE HA 50 65.73 -51.94 48.61
CA THR HA 51 65.75 -54.14 45.51
CA THR HA 52 67.74 -51.74 43.33
CA ALA HA 53 70.11 -51.14 46.24
CA LYS HA 54 70.73 -54.89 46.45
CA GLY HA 55 74.12 -55.13 44.75
CA GLY HA 56 76.36 -52.07 44.76
CA ASP HA 57 76.38 -50.71 41.22
CA LEU HA 58 76.85 -47.08 40.17
CA HIS HA 59 73.49 -47.11 38.39
CA SER HA 60 71.88 -48.59 41.50
CA ARG HA 61 72.90 -45.73 43.79
CA ARG HA 62 71.74 -43.29 41.11
CA LEU HA 63 68.22 -44.74 40.93
CA VAL HA 64 68.03 -44.92 44.73
CA ALA HA 65 68.91 -41.24 45.10
CA GLN HA 66 66.24 -40.47 42.49
CA ASP HA 67 63.42 -41.86 44.63
CA ILE HA 68 64.92 -40.67 47.91
CA HIS HA 69 66.44 -37.18 48.00
CA ASP HA 70 68.92 -37.90 50.79
CA LYS HA 71 72.63 -38.67 50.40
CA ASP HA 72 72.68 -39.66 54.08
CA VAL HA 73 69.87 -42.18 53.73
CA VAL HA 74 70.98 -43.48 50.33
CA ARG HA 75 74.47 -44.22 51.68
CA LYS HA 76 73.02 -45.71 54.87
CA VAL HA 77 70.81 -48.20 53.02
CA MET HA 78 73.76 -49.25 50.88
CA ASP HA 79 76.47 -49.88 53.48
CA GLU HA 80 74.39 -51.08 56.42
CA VAL HA 81 70.80 -52.02 55.55
CA ALA HA 82 71.86 -53.64 52.28
CA PRO HA 83 74.56 -55.72 53.97
CA LYS HA 84 72.08 -56.68 56.68
CA TYR HA 85 69.63 -58.05 54.10
CA ALA HA 86 72.30 -60.03 52.24
CA GLU HA 87 70.63 -63.20 53.49
CA ARG HA 88 66.95 -62.40 53.94
CA PRO HA 89 64.93 -62.00 50.73
CA GLY HA 90 62.53 -59.08 50.94
CA GLY HA 91 60.46 -58.09 53.95
CA TYR HA 92 63.18 -55.70 55.10
CA THR HA 93 60.42 -53.46 56.45
CA ARG HA 94 57.78 -54.61 58.93
CA ILE HA 95 54.51 -52.82 59.70
CA LEU HA 96 52.47 -53.10 62.89
CA ARG HA 97 49.01 -51.62 63.44
CA VAL HA 98 48.44 -49.40 66.46
CA GLY HA 99 45.58 -47.80 68.37
CA THR HA 100 43.33 -44.98 67.20
CA ARG HA 101 44.29 -41.31 66.92
CA ARG HA 102 42.83 -38.22 68.59
CA GLY HA 103 41.12 -36.23 65.86
CA ASP HA 104 40.67 -37.80 62.43
CA GLY HA 105 40.39 -41.21 64.05
CA VAL HA 106 42.70 -42.78 61.48
CA THR HA 107 44.43 -45.91 62.78
CA MET HA 108 48.17 -45.60 63.34
CA ALA HA 109 50.92 -48.00 62.23
CA LEU HA 110 54.57 -48.32 63.23
CA ILE HA 111 56.90 -49.24 60.37
CA GLU HA 112 60.35 -50.39 61.48
CA LEU HA 113 63.19 -52.39 59.93
CA VAL HA 114 63.24 -56.16 60.42
CA ALA IA 1 -81.41 5.97 7.35
CA THR IA 2 -82.66 8.42 9.97
CA THR IA 3 -84.28 5.61 11.96
CA ILE IA 4 -81.22 5.57 14.22
CA ARG IA 5 -81.41 9.33 14.76
CA ARG IA 6 -84.27 8.84 17.22
CA LYS IA 7 -82.01 6.62 19.31
CA LEU IA 8 -79.68 9.58 19.85
CA ARG IA 9 -82.43 11.67 21.44
CA THR IA 10 -83.92 8.69 23.28
CA ARG IA 11 -80.63 7.64 24.86
CA ARG IA 12 -79.86 11.26 25.71
CA LYS IA 13 -83.10 11.59 27.66
CA VAL IA 14 -82.46 8.30 29.45
CA ARG IA 15 -79.06 9.52 30.65
CA THR IA 16 -80.73 12.54 32.26
CA THR IA 17 -83.18 10.21 34.00
CA THR IA 18 -80.27 8.77 35.99
CA ALA IA 19 -79.88 11.75 38.32
CA ALA IA 20 -83.61 11.62 39.00
CA SER IA 21 -85.59 8.38 39.25
CA GLY IA 22 -88.78 10.39 38.84
CA ARG IA 23 -87.75 11.83 35.48
CA LEU IA 24 -90.89 11.66 33.35
CA ARG IA 25 -90.83 11.83 29.55
CA LEU IA 26 -93.18 12.62 26.66
CA SER IA 27 -92.57 10.93 23.31
CA VAL IA 28 -94.31 13.00 20.64
CA TYR IA 29 -94.59 11.77 17.05
CA ARG IA 30 -94.93 14.03 14.01
CA SER IA 31 -97.30 11.45 12.55
CA SER IA 32 -101.05 12.10 12.36
CA LYS IA 33 -103.29 9.76 14.36
CA HIS IA 34 -100.41 8.72 16.60
CA ILE IA 35 -100.03 12.30 17.81
CA TYR IA 36 -99.63 11.62 21.53
CA ALA IA 37 -97.12 11.56 24.38
CA GLN IA 38 -97.20 8.79 27.00
CA ILE IA 39 -95.88 10.30 30.24
CA ILE IA 40 -93.21 7.75 31.17
CA ASP IA 41 -91.99 8.51 34.70
CA ASP IA 42 -89.45 6.01 36.03
CA SER IA 43 -87.59 3.71 33.64
CA ARG IA 44 -88.91 0.64 35.46
CA GLY IA 45 -92.70 0.48 35.23
CA GLN IA 46 -93.30 3.62 33.18
CA THR IA 47 -96.52 4.51 31.34
CA LEU IA 48 -98.55 6.44 33.92
CA ALA IA 49 -100.26 9.49 32.43
CA ALA IA 50 -101.52 9.86 28.87
CA ALA IA 51 -101.64 12.81 26.47
CA SER IA 52 -104.27 14.05 24.02
CA SER IA 53 -104.68 12.90 20.41
CA ALA IA 54 -105.63 14.39 17.05
CA ALA IA 55 -109.39 14.80 17.42
CA LEU IA 56 -109.74 17.54 14.81
CA LYS IA 57 -109.37 20.67 16.94
CA SER IA 58 -109.24 23.33 14.23
CA GLY IA 59 -108.49 21.15 11.23
CA ASN IA 60 -104.92 22.44 11.14
CA LYS IA 61 -101.73 20.96 12.61
CA THR IA 62 -100.31 23.99 14.41
CA ASP IA 63 -103.61 24.36 16.26
CA THR IA 64 -103.99 20.62 16.80
CA ALA IA 65 -100.56 20.40 18.41
CA ALA IA 66 -101.44 23.20 20.82
CA ALA IA 67 -104.77 21.60 21.72
CA VAL IA 68 -103.09 18.22 22.21
CA GLY IA 69 -100.67 19.79 24.67
CA LYS IA 70 -103.45 21.55 26.56
CA ALA IA 71 -105.13 18.30 27.60
CA LEU IA 72 -101.72 16.70 28.15
CA ALA IA 73 -100.79 19.31 30.76
CA ALA IA 74 -104.19 19.01 32.44
CA ALA IA 75 -103.89 15.22 32.70
CA ALA IA 76 -100.42 15.61 34.22
CA ALA IA 77 -101.79 18.09 36.76
CA GLU IA 78 -104.41 15.61 37.99
CA LYS IA 79 -102.59 12.29 37.60
CA GLY IA 80 -99.39 13.65 39.14
CA ILE IA 81 -98.08 15.34 42.27
CA LYS IA 82 -96.46 18.32 40.54
CA GLN IA 83 -93.69 16.55 38.64
CA VAL IA 84 -91.30 17.96 36.03
CA VAL IA 85 -88.63 16.45 33.78
CA PHE IA 86 -87.53 16.12 30.16
CA ASP IA 87 -89.44 14.98 27.07
CA ARG IA 88 -88.63 12.68 24.14
CA GLY IA 89 -88.42 15.19 21.32
CA SER IA 90 -87.44 14.81 17.67
CA TYR IA 91 -85.56 17.03 15.22
CA LYS IA 92 -85.71 20.80 15.72
CA TYR IA 93 -88.37 22.63 17.75
CA HIS IA 94 -90.75 24.72 15.64
CA GLY IA 95 -94.47 24.48 14.90
CA ARG IA 96 -94.61 20.96 16.32
CA VAL IA 97 -92.42 20.86 19.43
CA LYS IA 98 -92.74 24.44 20.70
CA ALA IA 99 -96.51 24.04 20.45
CA LEU IA 100 -96.44 21.70 23.45
CA ALA IA 101 -94.05 24.04 25.23
CA ASP IA 102 -96.49 26.95 25.05
CA ALA IA 103 -98.91 25.02 27.26
CA ALA IA 104 -96.14 23.69 29.52
CA ARG IA 105 -94.83 27.08 30.64
CA GLU IA 106 -98.31 28.29 31.57
CA GLY IA 107 -99.94 25.61 33.69
CA GLY IA 108 -97.35 22.87 34.01
CA LEU IA 109 -95.30 22.02 37.08
CA ASP IA 110 -92.26 24.03 36.00
CA PHE IA 111 -91.11 21.54 33.37
CA GLN JA 1 34.44 -66.85 42.48
CA THR JA 2 35.88 -70.37 42.49
CA HIS JA 3 38.87 -70.92 44.78
CA ILE JA 4 40.02 -73.84 42.64
CA LYS JA 5 43.75 -73.30 42.18
CA ILE JA 6 44.12 -74.04 38.47
CA ASN JA 7 47.12 -73.20 36.28
CA ARG JA 8 45.87 -70.32 34.13
CA GLY JA 9 49.19 -70.13 32.30
CA GLU JA 10 48.65 -73.70 31.12
CA LEU JA 11 44.87 -73.72 30.66
CA LEU JA 12 44.82 -70.68 28.36
CA ARG JA 13 48.38 -70.72 27.05
CA GLY JA 14 48.68 -74.50 26.99
CA ILE JA 15 46.11 -75.14 24.28
CA GLU JA 16 47.29 -72.02 22.44
CA GLN JA 17 50.80 -73.48 22.30
CA ASP JA 18 49.75 -76.21 19.88
CA HIS JA 19 47.75 -74.15 17.40
CA THR JA 20 49.73 -71.43 15.62
CA ARG JA 21 53.11 -72.66 16.89
CA GLN JA 22 54.96 -71.52 13.77
CA LEU JA 23 58.15 -69.77 14.87
CA PRO JA 24 58.63 -66.16 13.79
CA ASP JA 25 60.93 -65.11 10.95
CA PHE JA 26 63.31 -63.78 13.60
CA ARG JA 27 63.46 -60.50 11.68
CA PRO JA 28 60.20 -58.75 12.55
CA GLY JA 29 62.13 -55.71 13.73
CA ASP JA 30 61.39 -52.05 13.00
CA THR JA 31 62.11 -50.07 9.84
CA VAL JA 32 62.26 -53.35 7.92
CA ARG JA 33 61.12 -54.18 4.39
CA VAL JA 34 59.98 -57.81 4.42
CA ASP JA 35 57.66 -59.52 1.94
CA THR JA 36 55.02 -61.92 3.23
CA LYS JA 37 53.26 -64.46 0.99
CA VAL JA 38 49.71 -65.56 1.79
CA ARG JA 39 47.42 -67.91 -0.13
CA GLU JA 40 44.08 -66.11 0.24
CA GLY JA 41 41.66 -68.31 -1.66
CA ASN JA 42 38.77 -65.97 -2.42
CA ARG JA 43 38.53 -66.85 -6.11
CA THR JA 44 37.97 -70.53 -5.33
CA ARG JA 45 41.47 -71.77 -4.57
CA SER JA 46 42.81 -69.84 -7.60
CA GLN JA 47 45.27 -68.73 -4.92
CA ALA JA 48 47.98 -66.46 -6.32
CA PHE JA 49 51.08 -65.88 -4.20
CA GLU JA 50 52.05 -62.21 -4.00
CA GLY JA 51 54.52 -60.24 -1.91
CA VAL JA 52 53.76 -56.74 -0.64
CA VAL JA 53 56.06 -54.18 0.98
CA ILE JA 54 56.10 -53.16 4.64
CA ALA JA 55 57.26 -50.36 6.93
CA ILE JA 56 57.63 -52.32 10.16
CA ASN JA 57 56.17 -49.98 12.77
CA GLY JA 58 54.78 -52.59 15.15
CA SER JA 59 54.63 -56.24 16.17
CA GLY JA 60 52.57 -58.73 18.15
CA SER JA 61 53.28 -60.67 21.33
CA ARG JA 62 51.88 -63.64 23.26
CA LYS JA 63 50.73 -66.75 21.38
CA SER JA 64 48.79 -64.45 19.06
CA PHE JA 65 51.29 -62.26 17.21
CA THR JA 66 50.47 -60.32 14.04
CA VAL JA 67 52.64 -58.73 11.36
CA ARG JA 68 50.68 -55.48 11.36
CA LYS JA 69 52.04 -51.98 10.70
CA ILE JA 70 52.38 -53.02 7.06
CA SER JA 71 52.34 -49.59 5.41
CA PHE JA 72 52.28 -50.76 1.80
CA GLY JA 73 52.66 -47.84 -0.58
CA GLU JA 74 51.08 -49.70 -3.47
CA GLY JA 75 49.16 -46.94 -5.22
CA VAL JA 76 46.99 -45.20 -2.63
CA GLU JA 77 48.96 -46.74 0.23
CA ARG JA 78 47.50 -49.14 2.80
CA VAL JA 79 48.04 -50.86 6.16
CA PHE JA 80 47.78 -54.64 6.35
CA PRO JA 81 47.36 -56.36 9.72
CA PHE JA 82 47.60 -60.05 8.87
CA ALA JA 83 48.58 -62.50 11.60
CA SER JA 84 52.16 -63.78 11.63
CA PRO JA 85 50.79 -67.29 12.14
CA LEU JA 86 47.45 -68.23 10.59
CA VAL JA 87 45.76 -70.39 7.95
CA ASN JA 88 46.49 -67.74 5.33
CA GLN JA 89 50.28 -67.67 5.63
CA VAL JA 90 53.25 -69.50 4.10
CA THR JA 91 56.61 -67.87 4.87
CA ILE JA 92 58.48 -64.56 4.95
CA VAL JA 93 62.02 -63.24 4.56
CA GLU JA 94 63.87 -59.94 4.86
CA ARG JA 95 65.45 -57.32 2.59
CA GLY JA 96 65.84 -54.02 4.41
CA LYS JA 97 68.15 -53.91 7.42
CA VAL JA 98 66.88 -52.60 10.76
CA ARG JA 99 67.53 -48.90 11.41
CA ARG JA 100 64.94 -47.56 13.86
CA ALA JA 101 64.92 -46.17 17.40
CA LYS JA 102 61.40 -47.12 18.48
CA LEU JA 103 60.20 -50.68 17.82
CA TYR JA 104 56.41 -51.05 17.73
CA TYR JA 105 55.96 -47.29 18.06
CA LEU JA 106 57.11 -45.90 14.70
CA ARG JA 107 53.66 -44.44 14.00
CA GLU JA 108 55.42 -41.47 12.41
CA LEU JA 109 55.68 -43.23 9.05
CA ARG JA 110 52.01 -42.66 8.23
CA GLY JA 111 52.54 -38.91 8.27
CA LYS JA 112 55.83 -38.33 6.45
CA ALA JA 113 56.49 -40.07 3.13
CA ALA JA 114 58.45 -37.57 1.06
CA ARG JA 115 60.99 -40.09 -0.23
CA ILE JA 116 63.86 -39.29 2.14
CA LYS JA 117 61.19 -38.78 4.81
CA SER JA 118 59.76 -42.26 4.25
CA ASP JA 119 62.48 -44.91 4.25
CA ARG JA 120 64.43 -42.92 6.85
CA SER JA 121 63.31 -41.98 10.36
CA ARG JA 122 66.27 -39.84 11.40
CA VAL JA 123 66.38 -37.24 8.63
CA MET JA 124 66.29 -33.46 9.07
CA LYS JA 125 63.62 -30.75 8.77
CA PRO KA 1 -7.31 -1.64 87.23
CA ARG KA 2 -5.85 -4.68 85.48
CA ALA KA 3 -7.25 -7.97 84.16
CA LYS KA 4 -4.40 -10.34 83.28
CA THR KA 5 -5.20 -13.88 82.15
CA GLY KA 6 -3.02 -15.21 84.95
CA ILE KA 7 -4.10 -18.66 86.11
CA VAL KA 8 -7.01 -18.30 83.67
CA ARG KA 9 -5.79 -19.58 80.30
CA ARG KA 10 -3.65 -22.21 82.03
CA ARG KA 11 -6.62 -23.67 83.91
CA ARG KA 12 -8.59 -23.99 80.66
CA HIS KA 13 -5.62 -25.59 78.88
CA LYS KA 14 -5.07 -27.99 81.77
CA LYS KA 15 -8.72 -29.05 81.66
CA VAL KA 16 -8.43 -30.05 78.00
CA LEU KA 17 -5.09 -31.71 78.74
CA LYS KA 18 -6.45 -33.70 81.68
CA ARG KA 19 -7.95 -36.19 79.23
CA ALA KA 20 -4.60 -37.18 77.75
CA LYS KA 21 -5.61 -40.82 78.17
CA GLY KA 22 -5.07 -42.06 74.63
CA PHE KA 23 -4.49 -38.82 72.75
CA TRP KA 24 -1.69 -38.46 70.19
CA GLY KA 25 1.91 -37.39 69.69
CA SER KA 26 1.04 -33.70 69.64
CA ARG KA 27 -2.71 -33.50 70.29
CA SER KA 28 -2.47 -33.58 74.08
CA LYS KA 29 0.77 -31.62 73.79
CA GLN KA 30 -1.09 -28.74 72.14
CA TYR KA 31 -4.10 -26.77 73.35
CA ARG KA 32 -4.85 -26.17 69.67
CA ASN KA 33 -4.70 -29.80 68.55
CA ALA KA 34 -6.40 -30.97 71.74
CA PHE KA 35 -9.45 -28.74 71.36
CA GLN KA 36 -9.66 -29.80 67.72
CA THR KA 37 -9.33 -33.47 68.63
CA LEU KA 38 -12.18 -33.40 71.15
CA LEU KA 39 -14.21 -31.39 68.64
CA ASN KA 40 -14.46 -34.39 66.33
CA ALA KA 41 -14.32 -36.99 69.09
CA ALA KA 42 -17.33 -35.58 70.95
CA THR KA 43 -19.25 -35.26 67.69
CA TYR KA 44 -18.79 -38.96 66.93
CA GLU KA 45 -19.68 -39.89 70.51
CA TYR KA 46 -22.90 -37.89 70.24
CA ARG KA 47 -24.10 -39.98 67.29
CA ASP KA 48 -22.60 -43.11 68.85
CA ARG KA 49 -25.13 -43.04 71.69
CA ARG KA 50 -27.88 -43.20 69.07
CA ASN KA 51 -26.14 -45.77 66.87
CA LYS KA 52 -25.35 -47.95 69.89
CA LYS KA 53 -28.80 -49.48 70.31
CA ARG KA 54 -28.90 -49.83 66.54
CA ASP KA 55 -25.78 -51.97 66.18
CA PHE KA 56 -26.32 -53.85 69.44
CA ARG KA 57 -29.78 -54.80 68.20
CA ARG KA 58 -28.35 -56.59 65.17
CA LEU KA 59 -26.50 -58.97 67.50
CA TRP KA 60 -29.75 -60.02 69.16
CA ILE KA 61 -31.43 -60.68 65.82
CA GLN KA 62 -28.44 -62.76 64.72
CA ARG KA 63 -28.45 -64.81 67.93
CA ILE KA 64 -32.19 -65.49 67.73
CA ASN KA 65 -31.90 -66.49 64.07
CA ALA KA 66 -28.89 -68.74 64.68
CA GLY KA 67 -30.57 -70.42 67.63
CA ALA KA 68 -33.65 -71.14 65.52
CA ARG KA 69 -31.56 -72.54 62.67
CA LEU KA 70 -30.55 -75.46 64.89
CA HIS KA 71 -34.23 -76.38 65.18
CA GLY KA 72 -35.09 -75.80 61.54
CA MET KA 73 -36.53 -72.29 61.38
CA ASN KA 74 -35.58 -68.67 60.67
CA TYR KA 75 -36.05 -65.38 62.52
CA SER KA 76 -38.83 -64.48 60.07
CA THR KA 77 -40.81 -67.62 60.94
CA PHE KA 78 -40.04 -67.14 64.64
CA ILE KA 79 -40.80 -63.44 65.13
CA ASN KA 80 -44.18 -63.89 63.44
CA GLY KA 81 -44.97 -66.88 65.62
CA LEU KA 82 -44.65 -64.78 68.76
CA LYS KA 83 -47.23 -62.29 67.50
CA ARG KA 84 -49.61 -65.21 67.00
CA ALA KA 85 -49.50 -66.43 70.60
CA ASN KA 86 -50.22 -62.88 71.76
CA ILE KA 87 -48.67 -63.56 75.18
CA ASP KA 88 -45.31 -63.81 73.42
CA LEU KA 89 -44.35 -60.14 73.32
CA ASN KA 90 -40.99 -60.30 75.09
CA ARG KA 91 -37.71 -59.61 73.30
CA LYS KA 92 -34.21 -58.20 73.77
CA VAL KA 93 -33.17 -60.42 76.69
CA LEU KA 94 -34.98 -63.22 74.86
CA ALA KA 95 -32.08 -63.39 72.39
CA ASP KA 96 -29.61 -64.03 75.22
CA ILE KA 97 -31.90 -66.74 76.61
CA ALA KA 98 -31.32 -68.70 73.39
CA ALA KA 99 -27.58 -68.61 74.09
CA ARG KA 100 -27.14 -69.23 77.81
CA GLU KA 101 -30.20 -71.42 78.39
CA PRO KA 102 -30.10 -74.48 76.13
CA GLU KA 103 -33.48 -75.90 77.19
CA ALA KA 104 -35.48 -72.71 76.62
CA PHE KA 105 -35.07 -71.56 73.01
CA LYS KA 106 -36.60 -74.85 71.85
CA ALA KA 107 -39.75 -74.16 73.89
CA LEU KA 108 -40.34 -70.84 72.12
CA VAL KA 109 -39.79 -72.47 68.72
CA ASP KA 110 -42.32 -75.19 69.53
CA ALA KA 111 -44.95 -72.51 70.21
CA SER KA 112 -44.15 -70.53 67.05
CA ARG KA 113 -44.39 -73.63 64.87
CA ASN KA 114 -47.67 -74.64 66.52
CA ALA KA 115 -49.03 -71.15 65.86
CA ARG KA 116 -48.02 -71.18 62.19
CA GLN KA 117 -49.10 -74.72 61.30
CA MET LA 1 -34.81 -68.31 91.43
CA PHE LA 2 -33.48 -66.85 88.19
CA ALA LA 3 -36.34 -65.72 85.96
CA ILE LA 4 -37.09 -63.13 83.29
CA ILE LA 5 -38.55 -60.01 84.91
CA GLN LA 6 -40.20 -56.85 83.57
CA THR LA 7 -39.52 -53.39 85.00
CA GLY LA 8 -39.73 -50.10 83.12
CA GLY LA 9 -38.25 -50.60 79.67
CA LYS LA 10 -36.95 -54.13 79.17
CA GLN LA 11 -35.08 -54.78 82.42
CA TYR LA 12 -35.12 -58.59 82.46
CA ARG LA 13 -32.83 -61.28 83.86
CA VAL LA 14 -33.22 -60.81 87.61
CA SER LA 15 -32.06 -63.54 90.00
CA GLU LA 16 -31.19 -61.93 93.35
CA GLY LA 17 -28.90 -59.03 92.53
CA ASP LA 18 -29.82 -55.35 92.27
CA VAL LA 19 -31.69 -54.44 89.07
CA ILE LA 20 -32.13 -50.72 88.40
CA ARG LA 21 -35.09 -49.81 86.19
CA VAL LA 22 -36.42 -46.28 85.68
CA GLU LA 23 -37.34 -44.16 88.69
CA SER LA 24 -40.01 -45.53 91.04
CA LEU LA 25 -42.18 -42.68 92.33
CA GLN LA 26 -45.45 -44.44 93.13
CA GLY LA 27 -44.04 -47.91 93.75
CA GLU LA 28 -40.66 -47.97 95.47
CA ALA LA 29 -40.82 -44.86 97.66
CA GLY LA 30 -38.75 -45.91 100.68
CA ASP LA 31 -36.46 -48.69 101.86
CA LYS LA 32 -38.28 -52.03 101.61
CA VAL LA 33 -41.60 -50.78 100.22
CA GLU LA 34 -42.33 -54.01 98.36
CA LEU LA 35 -43.30 -54.14 94.69
CA LYS LA 36 -44.92 -56.43 92.12
CA ALA LA 37 -44.44 -56.77 88.36
CA LEU LA 38 -45.91 -59.14 85.78
CA PHE LA 39 -43.03 -61.34 84.61
CA VAL LA 40 -42.81 -62.09 80.89
CA GLY LA 41 -40.91 -65.35 81.36
CA GLY LA 42 -40.00 -67.87 84.03
CA GLU LA 43 -36.82 -69.94 84.18
CA GLN LA 44 -37.23 -70.94 87.83
CA THR LA 45 -35.93 -74.50 88.20
CA VAL LA 46 -35.96 -74.80 84.41
CA PHE LA 47 -39.61 -74.17 83.55
CA GLY LA 48 -39.83 -72.10 80.39
CA GLU LA 49 -43.42 -71.05 80.98
CA ASP LA 50 -45.03 -68.67 78.49
CA ALA LA 51 -46.12 -65.13 79.34
CA GLY LA 52 -49.62 -66.52 79.78
CA LYS LA 53 -48.46 -69.19 82.21
CA TYR LA 54 -46.48 -66.83 84.46
CA THR LA 55 -48.85 -63.86 84.33
CA VAL LA 56 -50.60 -65.01 87.50
CA GLN LA 57 -47.30 -65.75 89.24
CA ALA LA 58 -46.05 -62.29 90.19
CA GLU LA 59 -42.37 -62.08 91.15
CA VAL LA 60 -41.83 -60.42 94.54
CA VAL LA 61 -39.32 -57.55 94.54
CA GLU LA 62 -38.17 -55.24 97.32
CA HIS LA 63 -37.58 -51.50 96.93
CA GLY LA 64 -33.81 -51.61 97.35
CA ARG LA 65 -31.57 -48.55 97.64
CA GLY LA 66 -32.12 -45.49 95.47
CA LYS LA 67 -29.21 -44.85 93.13
CA LYS LA 68 -27.77 -41.42 92.34
CA ILE LA 69 -26.94 -40.77 88.68
CA TYR LA 70 -24.61 -42.00 85.96
CA ILE LA 71 -21.49 -39.99 85.13
CA ARG LA 72 -21.80 -39.40 81.39
CA LYS LA 73 -21.46 -35.85 80.07
CA TYR LA 74 -22.66 -35.86 76.46
CA LYS LA 75 -21.69 -33.24 73.87
CA SER LA 76 -22.21 -32.20 70.25
CA GLY LA 77 -20.33 -30.16 67.66
CA VAL LA 78 -20.84 -28.80 64.15
CA GLN LA 79 -19.08 -27.02 61.30
CA TYR LA 80 -21.27 -23.93 61.72
CA ARG LA 81 -19.45 -22.58 64.78
CA ARG LA 82 -21.88 -24.58 66.91
CA ARG LA 83 -21.00 -26.14 70.27
CA THR LA 84 -23.16 -28.04 72.75
CA GLY LA 85 -22.73 -29.96 75.99
CA HIS LA 86 -25.30 -31.24 78.47
CA ARG LA 87 -25.00 -33.62 81.41
CA GLN LA 88 -27.05 -36.78 81.99
CA ASN LA 89 -29.16 -37.04 85.15
CA PHE LA 90 -30.60 -40.57 85.07
CA THR LA 91 -31.81 -40.53 88.68
CA ALA LA 92 -32.51 -44.25 88.50
CA ILE LA 93 -33.49 -46.42 91.48
CA LYS LA 94 -32.14 -49.91 92.19
CA ILE LA 95 -34.20 -52.78 93.57
CA LEU LA 96 -34.05 -56.44 94.59
CA GLY LA 97 -35.62 -59.46 92.89
CA ILE LA 98 -37.12 -62.79 93.91
CA GLN LA 99 -39.57 -65.48 92.79
CA GLY LA 100 -43.09 -66.27 93.97
CA GLU MA 1 7.67 -46.73 108.86
CA GLN MA 2 9.06 -43.28 109.68
CA THR MA 3 6.20 -41.39 111.33
CA PHE MA 4 6.89 -37.75 110.50
CA ARG MA 5 5.29 -34.55 111.79
CA ASN MA 6 5.49 -31.52 109.50
CA LYS MA 7 6.93 -30.80 106.05
CA LYS MA 8 10.10 -29.19 107.40
CA GLN MA 9 10.12 -31.52 110.41
CA ARG MA 10 11.56 -34.26 108.21
CA LYS MA 11 13.84 -31.85 106.33
CA GLN MA 12 15.80 -31.36 109.55
CA GLN MA 13 16.19 -34.99 110.59
CA VAL MA 14 17.04 -35.93 107.00
CA LYS MA 15 19.56 -34.06 104.85
CA LEU MA 16 18.03 -35.79 101.83
CA ARG MA 17 21.27 -36.30 99.91
CA LYS MA 18 21.35 -39.08 97.33
CA PRO MA 19 24.77 -40.75 97.30
CA GLY MA 20 26.41 -42.85 94.59
CA PHE MA 21 25.81 -40.36 91.80
CA ALA MA 22 27.78 -37.74 89.86
CA VAL MA 23 26.81 -34.93 87.50
CA ALA MA 24 28.76 -32.89 84.95
CA LYS MA 25 26.97 -29.83 83.58
CA TYR MA 26 28.33 -26.95 81.50
CA VAL MA 27 29.36 -29.54 78.92
CA ARG MA 28 30.28 -28.02 75.55
CA MET MA 29 29.23 -31.32 73.98
CA SER MA 30 25.93 -32.12 72.26
CA PRO MA 31 23.43 -34.05 74.39
CA ARG MA 32 22.30 -36.00 71.33
CA LYS MA 33 25.90 -37.12 70.75
CA VAL MA 34 26.90 -37.59 74.39
CA ARG MA 35 23.93 -39.95 74.81
CA LEU MA 36 25.52 -42.24 72.23
CA VAL MA 37 28.61 -42.94 74.33
CA VAL MA 38 26.68 -43.09 77.60
CA ASP MA 39 24.33 -45.60 75.98
CA VAL MA 40 27.02 -48.27 76.21
CA ILE MA 41 28.20 -47.12 79.64
CA ARG MA 42 24.84 -47.86 81.29
CA GLY MA 43 25.00 -51.61 81.84
CA LYS MA 44 26.94 -53.53 84.48
CA SER MA 45 30.38 -53.76 86.09
CA VAL MA 46 31.97 -50.32 86.50
CA GLN MA 47 35.21 -51.93 85.30
CA ASP MA 48 33.60 -52.78 81.97
CA ALA MA 49 32.64 -49.13 81.54
CA GLU MA 50 36.33 -48.27 81.74
CA ASP MA 51 37.72 -50.77 79.22
CA LEU MA 52 35.17 -49.57 76.67
CA LEU MA 53 36.01 -45.96 77.51
CA ARG MA 54 39.72 -46.25 76.72
CA PHE MA 55 38.94 -46.40 73.00
CA ILE MA 56 35.77 -45.07 71.36
CA PRO MA 57 36.55 -42.78 68.43
CA ARG MA 58 33.86 -40.52 69.90
CA SER MA 59 35.36 -37.57 71.78
CA ALA MA 60 32.25 -37.59 73.97
CA SER MA 61 33.68 -40.71 75.62
CA GLU MA 62 36.28 -38.48 77.28
CA PRO MA 63 33.95 -36.12 79.13
CA VAL MA 64 31.66 -39.02 80.00
CA ALA MA 65 34.49 -41.14 81.42
CA LYS MA 66 35.69 -38.23 83.56
CA VAL MA 67 32.29 -38.22 85.28
CA LEU MA 68 32.07 -42.01 85.45
CA ASN MA 69 35.24 -42.35 87.53
CA SER MA 70 34.03 -39.53 89.79
CA ALA MA 71 30.79 -41.39 90.50
CA LYS MA 72 32.54 -44.64 91.40
CA ALA MA 73 34.84 -42.63 93.67
CA ASN MA 74 32.08 -40.93 95.67
CA ALA MA 75 30.26 -44.27 95.76
CA LEU MA 76 33.13 -45.99 97.56
CA HIS MA 77 34.01 -42.97 99.71
CA ASN MA 78 30.87 -41.00 100.53
CA ASP MA 79 28.37 -43.80 99.90
CA GLU MA 80 30.93 -46.24 101.32
CA MET MA 81 30.70 -49.28 99.04
CA LEU MA 82 32.83 -51.93 97.34
CA GLU MA 83 34.29 -51.28 93.88
CA ASP MA 84 34.25 -55.05 93.30
CA ARG MA 85 30.45 -54.84 93.13
CA LEU MA 86 30.20 -51.34 91.69
CA PHE MA 87 28.09 -51.29 88.52
CA VAL MA 88 26.30 -48.78 86.30
CA LYS MA 89 22.63 -48.62 87.30
CA GLU MA 90 21.66 -45.20 85.94
CA ALA MA 91 23.25 -43.12 83.19
CA TYR MA 92 21.51 -40.40 81.19
CA VAL MA 93 22.27 -36.95 79.77
CA ASP MA 94 19.87 -34.02 80.10
CA ALA MA 95 20.57 -30.81 78.19
CA GLY MA 96 22.58 -27.65 78.78
CA PRO MA 97 22.05 -24.04 77.76
CA THR MA 98 22.63 -22.60 74.28
CA LEU MA 99 24.76 -19.83 72.77
CA LYS MA 100 24.16 -17.47 69.85
CA ARG MA 101 26.97 -17.77 67.31
CA LEU MA 102 25.44 -15.77 64.45
CA ILE MA 103 26.89 -17.68 61.50
CA PRO MA 104 26.74 -15.25 58.57
CA ARG MA 105 24.98 -17.40 55.97
CA ALA MA 106 24.19 -15.99 52.53
CA ARG MA 107 21.87 -13.47 50.88
CA GLY MA 108 22.35 -11.24 53.91
CA SER MA 109 20.26 -13.79 55.77
CA ALA MA 110 21.58 -14.37 59.29
CA ASN MA 111 21.79 -17.71 61.11
CA ILE MA 112 21.75 -18.90 64.72
CA ILE MA 113 24.25 -21.67 65.48
CA LYS MA 114 22.32 -23.45 68.24
CA LYS MA 115 25.06 -24.50 70.65
CA ARG MA 116 23.21 -27.30 72.42
CA THR MA 117 25.03 -28.51 75.54
CA SER MA 118 24.66 -31.59 77.74
CA HIS MA 119 24.78 -32.85 81.32
CA ILE MA 120 26.47 -36.23 81.83
CA THR MA 121 24.99 -37.83 84.95
CA ILE MA 122 25.86 -41.36 86.08
CA ILE MA 123 24.97 -43.20 89.29
CA VAL MA 124 27.19 -46.10 90.35
CA ALA MA 125 26.06 -48.58 93.01
CA GLU MA 126 26.50 -52.18 94.16
CA LYS MA 127 24.45 -54.51 91.96
CA GLY MA 128 23.51 -58.18 92.25
CA ASN MA 129 20.64 -60.58 92.84
CA LYS MA 130 20.97 -60.01 96.58
CA SER NA 1 57.40 25.31 88.04
CA HIS NA 2 59.43 22.55 89.70
CA TYR NA 3 57.11 20.23 91.62
CA ASP NA 4 54.01 20.37 89.42
CA ILE NA 5 54.65 18.72 86.04
CA LEU NA 6 56.53 15.79 87.58
CA GLN NA 7 53.82 13.20 88.21
CA ALA NA 8 55.79 10.00 88.79
CA PRO NA 9 59.04 8.30 87.79
CA VAL NA 10 58.94 5.39 85.34
CA ILE NA 11 60.18 2.21 87.05
CA SER NA 12 60.49 -0.32 84.23
CA GLU NA 13 63.23 -2.34 82.52
CA LYS NA 14 64.16 -0.01 79.66
CA ALA NA 15 63.63 2.90 82.06
CA TYR NA 16 66.09 1.54 84.61
CA SER NA 17 68.56 0.46 81.93
CA ALA NA 18 68.68 4.01 80.58
CA MET NA 19 69.32 5.34 84.09
CA GLU NA 20 72.72 3.63 84.16
CA ARG NA 21 73.99 5.56 81.15
CA GLY NA 22 73.09 9.22 81.53
CA VAL NA 23 69.43 9.70 80.64
CA TYR NA 24 66.45 9.67 83.00
CA SER NA 25 62.91 8.50 82.27
CA PHE NA 26 59.98 10.32 83.89
CA TRP NA 27 56.24 10.82 83.37
CA VAL NA 28 55.19 14.41 82.72
CA SER NA 29 51.99 16.19 81.67
CA PRO NA 30 50.48 16.31 78.17
CA LYS NA 31 50.18 20.08 78.66
CA ALA NA 32 53.83 20.37 79.66
CA THR NA 33 56.24 21.87 77.14
CA LYS NA 34 59.98 21.39 76.60
CA THR NA 35 60.99 24.69 78.22
CA GLU NA 36 58.97 24.00 81.37
CA ILE NA 37 60.31 20.45 81.73
CA LYS NA 38 63.89 21.69 81.38
CA ASP NA 39 63.32 23.85 84.46
CA ALA NA 40 61.45 21.30 86.56
CA ILE NA 41 64.01 18.53 86.06
CA GLN NA 42 66.87 20.95 86.75
CA GLN NA 43 65.57 22.75 89.83
CA ALA NA 44 63.78 19.97 91.70
CA PHE NA 45 66.12 17.20 90.54
CA GLY NA 46 69.21 19.24 91.30
CA VAL NA 47 70.93 18.32 88.04
CA ARG NA 48 71.41 20.21 84.78
CA VAL NA 49 69.98 18.93 81.51
CA ILE NA 50 70.89 19.23 77.83
CA GLY NA 51 68.76 16.89 75.72
CA ILE NA 52 64.98 17.23 75.80
CA SER NA 53 62.38 14.61 74.83
CA THR NA 54 58.59 14.53 75.12
CA MET NA 55 56.60 11.40 74.27
CA ASN NA 56 52.83 10.98 74.05
CA VAL NA 57 50.64 7.89 74.38
CA PRO NA 58 47.59 6.39 76.09
CA GLY NA 59 46.16 3.17 77.51
CA LYS NA 60 42.90 1.28 77.08
CA ARG NA 61 41.45 -1.01 79.74
CA LYS NA 62 38.33 -3.14 79.28
CA ARG NA 63 38.38 -4.43 82.86
CA VAL NA 64 35.20 -5.93 84.33
CA GLY NA 65 32.05 -6.19 82.22
CA ARG NA 66 30.22 -2.87 82.43
CA PHE NA 67 30.39 -2.46 78.64
CA ILE NA 68 32.70 0.47 79.30
CA GLY NA 69 36.27 0.75 78.05
CA GLN NA 70 37.70 4.25 78.33
CA ARG NA 71 41.33 5.35 78.00
CA ASN NA 72 44.17 6.95 79.96
CA ASP NA 73 46.31 9.29 77.88
CA ARG NA 74 49.80 9.57 79.36
CA LYS NA 75 52.84 11.67 78.45
CA LYS NA 76 56.27 10.28 79.33
CA ALA NA 77 59.24 12.62 78.97
CA ILE NA 78 62.78 11.30 79.30
CA VAL NA 79 65.54 13.92 79.52
CA ARG NA 80 69.32 13.56 79.42
CA LEU NA 81 71.35 15.11 82.24
CA ALA NA 82 74.76 16.66 81.57
CA GLU NA 83 78.16 15.31 82.61
CA GLY NA 84 77.65 14.50 86.28
CA GLN NA 85 74.85 14.08 88.81
CA SER NA 86 72.19 11.37 88.44
CA ILE NA 87 69.13 12.59 90.32
CA GLU NA 88 70.74 12.01 93.72
CA ALA NA 89 70.73 8.33 94.67
CA LEU NA 90 67.57 7.58 92.68
CA ALA NA 91 69.59 5.65 90.08
CA GLY NA 92 71.08 2.86 92.17
CA GLN NA 93 67.68 1.17 92.34
CA PRO OA 1 21.34 -1.25 94.38
CA ARG OA 2 20.33 -2.76 97.72
CA PRO OA 3 16.61 -2.19 98.47
CA SER OA 4 17.44 -2.90 102.12
CA ALA OA 5 20.03 -0.20 102.83
CA GLY OA 6 18.21 1.93 105.39
CA SER OA 7 16.05 4.94 104.54
CA HIS OA 8 13.20 3.21 106.40
CA HIS OA 9 14.64 4.59 109.65
CA ASN OA 10 16.52 7.65 110.88
CA ASP OA 11 20.15 8.15 109.85
CA LYS OA 12 20.94 8.47 113.57
CA LEU OA 13 22.32 5.48 115.47
CA HIS OA 14 20.61 4.09 118.58
CA PHE OA 15 23.73 2.82 120.35
CA LYS OA 16 26.56 4.58 122.20
CA LYS OA 17 30.18 3.45 122.46
CA GLY OA 18 30.21 1.78 125.87
CA ASP OA 19 26.81 0.38 126.80
CA THR OA 20 25.42 -3.06 127.62
CA VAL OA 21 23.06 -4.80 125.20
CA ILE OA 22 20.33 -7.45 125.44
CA VAL OA 23 19.64 -9.93 122.66
CA LEU OA 24 15.83 -9.97 122.59
CA SER OA 25 13.46 -11.38 119.97
CA GLY OA 26 16.27 -13.63 118.81
CA LYS OA 27 18.73 -16.40 119.66
CA HIS OA 28 20.11 -16.77 123.18
CA LYS OA 29 17.26 -15.03 125.01
CA GLY OA 30 18.04 -13.65 128.46
CA GLN OA 31 21.79 -13.43 127.92
CA THR OA 32 23.43 -10.01 128.15
CA GLY OA 33 26.18 -8.28 126.19
CA LYS OA 34 28.92 -5.66 126.28
CA VAL OA 35 30.25 -2.74 124.22
CA LEU OA 36 30.02 -3.20 120.45
CA LEU OA 37 30.10 -1.42 117.09
CA ALA OA 38 27.04 -0.19 115.21
CA LEU OA 39 26.44 1.70 111.96
CA PRO OA 40 23.41 4.03 111.64
CA ARG OA 41 23.64 3.40 107.89
CA ASP OA 42 23.25 -0.34 107.28
CA GLN OA 43 22.24 -0.76 110.93
CA LYS OA 44 25.01 -3.35 111.26
CA VAL OA 45 25.68 -4.81 114.71
CA VAL OA 46 28.80 -6.26 116.31
CA VAL OA 47 27.41 -8.08 119.35
CA GLU OA 48 29.68 -10.39 121.35
CA GLY OA 49 26.80 -12.48 122.65
CA VAL OA 50 25.62 -14.16 119.45
CA ASN OA 51 28.74 -15.68 117.90
CA VAL OA 52 28.29 -18.29 115.18
CA ILE OA 53 30.93 -20.53 113.61
CA THR OA 54 33.06 -18.51 111.19
CA LYS OA 55 35.11 -19.66 108.22
CA ASN OA 56 37.74 -17.80 106.18
CA VAL OA 57 39.10 -18.60 102.72
CA LYS OA 58 42.61 -19.13 101.36
CA PRO OA 59 43.85 -15.64 100.36
CA SER OA 60 47.35 -17.16 100.32
CA MET OA 61 48.10 -14.58 103.01
CA THR OA 62 49.91 -15.61 106.20
CA ASN OA 63 48.12 -18.68 107.59
CA PRO OA 64 47.43 -20.89 104.54
CA GLN OA 65 44.71 -22.62 106.56
CA GLY OA 66 41.50 -21.01 107.77
CA GLY OA 67 39.87 -21.47 111.15
CA GLN OA 68 36.46 -21.43 112.81
CA GLU OA 69 36.88 -18.99 115.71
CA GLN OA 70 35.98 -15.36 116.40
CA ARG OA 71 33.34 -13.70 114.22
CA GLU OA 72 30.62 -11.03 114.20
CA LEU OA 73 27.02 -11.14 112.95
CA ALA OA 74 24.92 -8.18 111.80
CA LEU OA 75 21.57 -8.14 113.61
CA HIS OA 76 20.02 -4.72 112.95
CA ALA OA 77 17.45 -3.63 115.54
CA SER OA 78 15.50 -6.25 117.47
CA LYS OA 79 17.28 -5.25 120.68
CA VAL OA 80 17.49 -2.56 123.37
CA ALA OA 81 20.68 -0.66 124.19
CA LEU OA 82 19.88 1.16 127.43
CA VAL OA 83 19.08 -1.50 130.03
CA ASP OA 84 19.84 -2.06 133.72
CA PRO OA 85 16.67 -2.64 135.82
CA GLU OA 86 16.15 -6.21 134.60
CA THR OA 87 14.49 -5.05 131.37
CA GLY OA 88 15.26 -2.22 128.98
CA LYS OA 89 13.58 1.17 128.59
CA ALA OA 90 13.81 4.30 126.44
CA THR OA 91 15.35 7.78 126.49
CA ARG OA 92 14.03 10.81 128.35
CA VAL OA 93 15.07 13.74 130.57
CA ARG OA 94 18.36 15.61 130.17
CA LYS OA 95 21.22 16.05 132.64
CA GLN OA 96 23.16 19.15 133.72
CA ILE OA 97 26.70 18.84 135.07
CA VAL OA 98 29.54 21.35 135.44
CA ASP OA 99 29.93 21.40 131.66
CA GLY OA 100 26.50 21.18 130.05
CA LYS OA 101 27.42 19.92 126.58
CA LYS OA 102 26.17 16.32 126.42
CA VAL OA 103 22.83 14.71 127.23
CA ARG OA 104 21.61 11.89 129.48
CA VAL OA 105 19.09 9.11 128.94
CA ALA OA 106 16.58 7.75 131.45
CA VAL OA 107 12.91 6.94 132.07
CA ALA OA 108 11.55 5.89 135.47
CA SER OA 109 14.94 6.22 137.17
CA GLY OA 110 17.45 9.00 137.69
CA LYS OA 111 20.45 6.88 136.76
CA THR OA 112 23.08 8.24 134.38
CA ILE OA 113 24.20 5.98 131.52
CA MET PA 1 -73.68 -57.16 15.87
CA GLU PA 2 -73.98 -58.17 19.53
CA LEU PA 3 -73.31 -56.00 22.59
CA THR PA 4 -74.56 -55.65 26.16
CA ALA PA 5 -73.99 -53.85 29.46
CA LYS PA 6 -74.34 -50.07 29.34
CA PRO PA 7 -72.64 -47.79 31.87
CA ARG PA 8 -71.66 -44.13 32.15
CA THR PA 9 -68.03 -44.83 33.07
CA PRO PA 10 -65.18 -46.27 31.00
CA LYS PA 11 -63.73 -48.67 33.57
CA GLN PA 12 -65.87 -51.51 32.22
CA LYS PA 13 -65.41 -51.23 28.46
CA LEU PA 14 -61.74 -50.23 28.21
CA ASP PA 15 -60.85 -53.64 29.63
CA GLU PA 16 -60.77 -56.74 27.43
CA SER PA 17 -62.33 -56.64 23.96
CA MET PA 18 -64.92 -53.87 24.20
CA ILE PA 19 -65.54 -50.33 22.99
CA ALA PA 20 -68.12 -47.56 23.42
CA ALA PA 21 -71.23 -46.73 21.39
CA VAL PA 22 -74.36 -44.57 21.61
CA ALA PA 23 -77.68 -45.31 19.91
CA TYR PA 24 -78.73 -41.69 19.43
CA ASN PA 25 -82.35 -41.37 18.29
CA LYS PA 26 -85.30 -38.98 18.50
CA GLU PA 27 -85.66 -39.58 22.24
CA ASN PA 28 -84.08 -42.99 22.83
CA ASN PA 29 -80.39 -42.25 23.33
CA VAL PA 30 -78.54 -45.25 24.77
CA SER PA 31 -75.16 -45.57 26.48
CA PHE PA 32 -71.90 -47.44 25.80
CA ALA PA 33 -72.47 -50.75 24.01
CA LEU PA 34 -69.77 -52.40 21.92
CA ASP PA 35 -67.16 -55.17 21.82
CA ARG PA 36 -64.28 -53.47 20.00
CA LYS PA 37 -63.47 -56.38 17.70
CA ALA PA 38 -67.18 -56.74 16.95
CA PHE PA 39 -67.33 -53.10 15.87
CA ASP PA 40 -64.19 -53.46 13.75
CA ARG PA 41 -65.87 -56.20 11.71
CA ALA PA 42 -69.18 -54.31 11.71
CA PHE PA 43 -67.91 -51.12 10.09
CA ARG PA 44 -65.80 -53.20 7.71
CA GLN PA 45 -68.39 -54.52 5.25
CA GLN PA 46 -71.00 -51.84 5.89
CA SER PA 47 -69.37 -48.45 5.29
CA THR PA 48 -72.11 -46.63 7.18
CA THR PA 49 -74.73 -48.48 5.13
CA GLY PA 50 -74.76 -51.97 6.60
CA LEU PA 51 -76.78 -51.61 9.80
CA PHE PA 52 -76.25 -54.80 11.82
CA ASP PA 53 -78.98 -55.84 14.25
CA ILE PA 54 -77.66 -56.23 17.79
CA THR PA 55 -79.23 -57.63 20.96
CA VAL PA 56 -78.85 -55.38 23.99
CA GLU PA 57 -79.19 -57.91 26.81
CA GLY PA 58 -82.38 -59.04 25.11
CA GLY PA 59 -83.93 -55.61 24.69
CA GLU PA 60 -84.99 -53.89 21.48
CA THR PA 61 -83.15 -55.01 18.35
CA PHE PA 62 -82.49 -51.93 16.22
CA PRO PA 63 -79.90 -51.20 13.53
CA ALA PA 64 -78.99 -47.91 11.85
CA LEU PA 65 -75.29 -48.26 11.02
CA VAL PA 66 -73.23 -45.28 12.17
CA LYS PA 67 -73.05 -41.51 11.68
CA ALA PA 68 -69.77 -40.19 13.07
CA VAL PA 69 -66.38 -41.62 14.03
CA GLN PA 70 -63.12 -40.84 15.82
CA MET PA 71 -59.54 -41.85 15.06
CA ASP PA 72 -56.85 -42.09 17.76
CA LYS PA 73 -53.60 -40.15 17.52
CA ARG PA 74 -51.46 -43.05 18.74
CA LYS PA 75 -53.26 -46.12 17.41
CA ARG PA 76 -55.63 -46.36 14.45
CA ALA PA 77 -58.74 -48.04 15.89
CA PRO PA 78 -62.03 -46.22 16.48
CA ILE PA 79 -62.68 -44.97 20.03
CA HIS PA 80 -66.25 -44.24 21.12
CA VAL PA 81 -68.22 -44.54 17.88
CA ASP PA 82 -71.59 -42.92 17.17
CA PHE PA 83 -74.58 -45.19 16.57
CA TYR PA 84 -78.31 -44.76 16.00
CA MET PA 85 -81.66 -46.55 15.87
CA VAL PA 86 -83.91 -45.86 12.87
CA THR PA 87 -87.63 -46.57 13.17
CA TYR PA 88 -88.85 -45.49 9.73
CA GLY PA 89 -87.51 -44.13 6.39
CA GLU PA 90 -87.40 -40.33 6.39
CA PRO PA 91 -83.83 -39.17 7.02
CA VAL PA 92 -81.33 -36.44 6.17
CA GLU PA 93 -77.57 -35.96 5.76
CA VAL PA 94 -75.60 -39.01 4.61
CA SER PA 95 -72.51 -40.18 2.70
CA VAL PA 96 -71.76 -42.06 -0.50
CA PRO PA 97 -68.41 -43.47 -1.63
CA VAL PA 98 -67.42 -42.98 -5.27
CA HIS PA 99 -66.32 -46.15 -7.05
CA THR PA 100 -64.56 -46.40 -10.40
CA THR PA 101 -64.46 -48.88 -13.27
CA GLY PA 102 -63.16 -49.24 -16.81
CA ARG PA 103 -61.86 -45.88 -18.03
CA SER PA 104 -59.23 -44.68 -20.51
CA GLN PA 105 -59.07 -42.35 -23.53
CA GLY PA 106 -56.23 -40.57 -21.78
CA GLU PA 107 -55.41 -42.60 -18.69
CA VAL PA 108 -52.77 -44.57 -20.59
CA GLN PA 109 -52.48 -42.26 -23.60
CA GLY PA 110 -50.63 -39.40 -21.95
CA GLY PA 111 -50.74 -39.98 -18.21
CA LEU PA 112 -54.04 -38.70 -16.78
CA VAL PA 113 -54.51 -38.36 -13.03
CA ASP PA 114 -58.21 -39.20 -12.69
CA ILE PA 115 -57.84 -38.37 -9.00
CA VAL PA 116 -61.19 -37.91 -7.27
CA VAL PA 117 -61.43 -34.83 -5.07
CA HIS PA 118 -64.74 -35.86 -3.51
CA ASN PA 119 -64.52 -39.50 -2.43
CA LEU PA 120 -67.86 -38.98 -0.69
CA GLN PA 121 -71.11 -37.50 -1.98
CA ILE PA 122 -73.82 -35.83 0.09
CA VAL PA 123 -77.30 -37.27 -0.39
CA ALA PA 124 -80.51 -37.06 1.67
CA PRO PA 125 -81.33 -40.60 2.78
CA GLY PA 126 -84.91 -41.74 2.23
CA PRO PA 127 -87.12 -44.83 2.45
CA ARG PA 128 -84.42 -46.19 4.77
CA ARG PA 129 -82.53 -46.99 1.56
CA ILE PA 130 -79.26 -45.07 1.76
CA PRO PA 131 -76.61 -44.98 -0.98
CA GLN PA 132 -73.94 -47.49 0.06
CA GLU PA 133 -72.21 -46.96 -3.28
CA LEU PA 134 -72.22 -44.36 -6.05
CA VAL PA 135 -70.50 -45.27 -9.31
CA VAL PA 136 -69.46 -42.33 -11.49
CA ASP PA 137 -67.19 -43.62 -14.25
CA VAL PA 138 -67.78 -43.71 -18.00
CA THR PA 139 -65.90 -42.41 -21.05
CA LYS PA 140 -64.65 -39.16 -22.59
CA MET PA 141 -62.45 -38.01 -19.71
CA ASN PA 142 -59.01 -36.55 -20.44
CA ILE PA 143 -56.97 -33.38 -20.96
CA GLY PA 144 -59.19 -30.68 -19.52
CA ASP PA 145 -62.28 -32.77 -18.82
CA HIS PA 146 -63.79 -32.61 -15.34
CA ILE PA 147 -66.86 -34.61 -14.29
CA THR PA 148 -69.47 -33.30 -11.86
CA ALA PA 149 -72.10 -34.59 -9.43
CA GLY PA 150 -74.72 -33.49 -11.93
CA ASP PA 151 -73.57 -36.31 -14.20
CA ILE PA 152 -72.85 -38.79 -11.40
CA LYS PA 153 -76.40 -40.13 -11.65
CA LEU PA 154 -78.30 -41.65 -8.73
CA PRO PA 155 -80.43 -44.75 -8.15
CA GLU PA 156 -83.91 -43.43 -7.35
CA GLY PA 157 -83.49 -41.10 -4.39
CA CYS PA 158 -83.55 -37.31 -4.64
CA THR PA 159 -80.56 -35.29 -3.45
CA LEU PA 160 -80.09 -31.55 -4.03
CA ALA PA 161 -77.01 -31.42 -1.82
CA ALA PA 162 -74.19 -31.92 -4.32
CA ASP PA 163 -73.51 -28.47 -5.78
CA PRO PA 164 -74.00 -27.55 -9.44
CA GLU PA 165 -70.61 -28.43 -10.91
CA LEU PA 166 -68.19 -29.63 -8.24
CA THR PA 167 -64.77 -31.16 -8.83
CA VAL PA 168 -65.41 -34.89 -8.42
CA VAL PA 169 -63.28 -36.36 -11.21
CA SER PA 170 -60.19 -34.45 -12.35
CA VAL PA 171 -57.52 -35.46 -14.87
CA LEU PA 172 -54.17 -33.73 -15.41
CA PRO PA 173 -51.69 -34.42 -18.21
CA ALA QA 1 -25.23 12.03 17.31
CA HIS QA 2 -27.74 9.27 16.57
CA LYS QA 3 -28.70 5.71 17.49
CA LYS QA 4 -28.20 2.50 15.52
CA GLY QA 5 -30.56 0.81 13.07
CA VAL QA 6 -32.86 -2.17 13.52
CA GLY QA 7 -33.59 -2.14 17.24
CA SER QA 8 -34.71 -5.49 18.65
CA SER QA 9 -34.88 -5.19 22.44
CA LYS QA 10 -36.14 -1.72 23.38
CA ASN QA 11 -37.72 -1.75 26.84
CA GLY QA 12 -40.37 -3.35 29.03
CA ARG QA 13 -43.84 -2.10 29.99
CA ASP QA 14 -44.87 -1.24 33.54
CA SER QA 15 -48.63 -1.59 33.02
CA ASN QA 16 -51.01 -0.33 35.70
CA PRO QA 17 -54.29 -1.77 34.41
CA LYS QA 18 -56.11 -3.85 37.02
CA TYR QA 19 -59.54 -5.04 38.12
CA LEU QA 20 -60.13 -3.54 41.57
CA GLY QA 21 -63.49 -3.28 43.29
CA VAL QA 22 -64.83 -6.81 42.88
CA LYS QA 23 -68.57 -7.53 42.85
CA LYS QA 24 -70.47 -8.15 46.09
CA PHE QA 25 -67.71 -6.26 47.87
CA GLY QA 26 -67.65 -3.21 50.12
CA GLY QA 27 -67.50 -0.04 48.06
CA GLU QA 28 -66.84 3.53 49.17
CA VAL QA 29 -67.77 5.24 45.90
CA VAL QA 30 -64.49 5.53 44.00
CA LYS QA 31 -62.56 4.41 40.92
CA ALA QA 32 -63.37 0.72 40.53
CA GLY QA 33 -61.45 -1.44 38.08
CA ASN QA 34 -58.80 1.05 36.97
CA ILE QA 35 -57.91 0.10 33.40
CA LEU QA 36 -58.17 3.38 31.52
CA VAL QA 37 -58.19 7.07 32.49
CA ARG QA 38 -60.74 9.67 31.35
CA GLN QA 39 -63.34 8.17 33.68
CA ARG QA 40 -66.84 9.57 34.20
CA GLY QA 41 -70.03 9.30 36.22
CA THR QA 42 -71.43 5.79 36.52
CA LYS QA 43 -72.76 5.68 40.09
CA PHE QA 44 -72.77 2.42 42.03
CA LYS QA 45 -73.03 -1.01 40.39
CA ALA QA 46 -73.80 -0.70 36.68
CA GLY QA 47 -71.71 -3.41 35.06
CA GLN QA 48 -72.82 -3.06 31.45
CA GLY QA 49 -70.71 -4.52 28.66
CA VAL QA 50 -71.05 -5.77 25.08
CA GLY QA 51 -70.95 -9.48 25.79
CA MET QA 52 -73.81 -11.15 27.64
CA GLY QA 53 -73.09 -10.49 31.30
CA ARG QA 54 -73.41 -7.88 34.06
CA ASP QA 55 -71.34 -6.96 37.11
CA HIS QA 56 -72.61 -6.69 40.68
CA THR QA 57 -71.73 -4.43 43.61
CA LEU QA 58 -73.89 -5.05 46.67
CA PHE QA 59 -72.37 -1.92 48.19
CA ALA QA 60 -74.16 1.22 49.39
CA LEU QA 61 -72.31 3.97 47.52
CA SER QA 62 -73.43 7.48 46.61
CA ASP QA 63 -71.72 7.57 43.22
CA GLY QA 64 -68.99 5.33 41.85
CA LYS QA 65 -66.58 5.98 38.99
CA VAL QA 66 -66.09 3.56 36.08
CA VAL QA 67 -62.72 3.57 34.33
CA PHE QA 68 -64.15 4.93 31.09
CA ILE QA 69 -65.16 2.50 28.34
CA ASN QA 70 -63.28 -0.54 29.65
CA LYS QA 71 -65.86 -2.42 31.72
CA GLY QA 72 -69.11 -0.52 31.29
CA LYS QA 73 -70.96 2.79 31.46
CA GLY QA 74 -73.42 4.38 33.86
CA ALA QA 75 -76.58 2.32 34.32
CA ARG QA 76 -78.80 2.80 37.37
CA PHE QA 77 -77.46 2.06 40.85
CA ILE QA 78 -77.60 -0.81 43.34
CA SER QA 79 -77.11 -0.17 47.06
CA ILE QA 80 -77.39 -3.84 48.02
CA GLU QA 81 -80.37 -5.08 50.03
CA ALA QA 82 -79.11 -3.95 53.43
CA ALA QA 83 -79.60 -0.30 52.48
CA GLN QA 84 -82.40 -0.14 55.05
CA THR QA 85 -81.88 2.46 57.79
CA GLU QA 86 -81.03 0.36 60.84
CA UNK RA 1 -17.99 84.68 67.74
CA UNK RA 2 -15.47 82.74 69.83
CA UNK RA 3 -14.79 79.80 67.55
CA UNK RA 4 -11.46 81.06 66.25
CA UNK RA 5 -10.58 82.40 69.70
CA UNK RA 6 -10.94 78.95 71.30
CA UNK RA 7 -8.77 77.55 68.54
CA UNK RA 8 -5.90 79.95 69.10
CA UNK RA 9 -5.91 79.03 72.79
CA UNK RA 10 -5.12 75.35 73.31
CA UNK RA 11 -7.35 73.43 70.90
CA UNK RA 12 -5.21 70.41 70.01
CA UNK RA 13 -8.06 68.11 71.04
CA UNK RA 14 -8.54 64.74 69.34
CA UNK RA 15 -5.64 65.28 66.92
CA UNK RA 16 -2.76 63.82 68.95
CA LYS SA 1 50.99 21.75 109.94
CA PRO SA 2 47.23 22.31 109.92
CA SER SA 3 45.95 25.84 110.55
CA GLU SA 4 49.56 27.05 110.40
CA MET SA 5 48.72 30.12 108.33
CA ARG SA 6 46.89 32.19 110.94
CA ASN SA 7 50.21 33.37 112.35
CA LEU SA 8 52.08 34.25 109.16
CA GLN SA 9 51.21 36.06 105.92
CA ALA SA 10 54.60 37.15 104.60
CA THR SA 11 56.96 35.36 102.21
CA ASP SA 12 56.38 32.24 104.30
CA PHE SA 13 52.82 32.20 102.96
CA ALA SA 14 54.20 31.07 99.60
CA LYS SA 15 57.09 28.69 100.26
CA GLU SA 16 54.78 26.67 102.51
CA ILE SA 17 52.62 25.71 99.52
CA ASP SA 18 55.67 24.46 97.61
CA ALA SA 19 56.70 22.40 100.63
CA ARG SA 20 53.52 20.29 100.51
CA LYS SA 21 53.96 19.83 96.77
CA LYS SA 22 57.54 18.62 97.23
CA GLU SA 23 56.57 15.90 99.70
CA LEU SA 24 53.58 14.97 97.52
CA MET SA 25 55.83 14.63 94.46
CA GLU SA 26 58.03 12.04 96.14
CA LEU SA 27 54.94 10.26 97.44
CA ARG SA 28 53.18 10.23 94.06
CA PHE SA 29 56.22 8.39 92.72
CA GLN SA 30 54.91 5.14 94.20
CA ALA SA 31 56.99 2.53 92.36
CA ALA SA 32 59.36 1.14 94.98
CA ALA SA 33 59.83 0.77 98.75
CA GLY SA 34 56.13 -0.07 98.80
CA GLN SA 35 53.30 2.37 99.49
CA LEU SA 36 52.82 1.35 103.13
CA ALA SA 37 54.65 4.55 104.09
CA GLN SA 38 51.50 6.42 105.15
CA PRO SA 39 49.24 6.08 102.11
CA HIS SA 40 46.92 8.63 103.72
CA ARG SA 41 49.71 11.21 103.86
CA VAL SA 42 49.14 11.99 100.18
CA ARG SA 43 45.68 13.25 101.12
CA GLN SA 44 46.75 15.11 104.27
CA LEU SA 45 49.60 16.97 102.57
CA ARG SA 46 47.47 17.86 99.55
CA ARG SA 47 44.71 19.19 101.81
CA GLU SA 48 47.29 21.22 103.75
CA VAL SA 49 48.20 23.37 100.76
CA ALA SA 50 44.49 23.60 99.93
CA GLN SA 51 43.45 25.18 103.24
CA LEU SA 52 46.48 27.48 103.08
CA ASN SA 53 45.56 29.06 99.75
CA THR SA 54 42.05 29.79 101.05
CA VAL SA 55 43.62 31.95 103.77
CA LYS SA 56 45.63 34.08 101.36
CA ALA SA 57 42.33 35.25 99.87
CA GLU SA 58 41.16 36.59 103.24
CA LEU SA 59 43.78 39.32 102.89
CA ALA SA 60 42.85 39.96 99.25
CA ARG SA 61 39.11 40.24 99.91
CA LYS SA 62 38.96 41.92 103.33
CA GLY SA 63 42.12 43.89 102.60
CA GLU SA 64 41.11 46.27 99.82
CA GLN SA 65 37.45 45.51 100.59
CA MET TA 1 -65.22 -39.71 61.17
CA LYS TA 2 -61.66 -40.53 62.21
CA ILE TA 3 -58.23 -40.50 60.56
CA LYS TA 4 -54.71 -41.25 61.74
CA LEU TA 5 -51.86 -38.74 61.49
CA VAL TA 6 -49.87 -38.34 58.28
CA ARG TA 7 -46.09 -38.28 57.96
CA SER TA 8 -45.29 -35.76 55.23
CA VAL TA 9 -44.11 -32.95 57.51
CA ILE TA 10 -40.61 -32.57 56.08
CA GLY TA 11 -42.14 -31.47 52.79
CA ARG TA 12 -45.64 -30.88 51.43
CA PRO TA 13 -46.57 -27.82 49.38
CA GLY TA 14 -47.38 -24.49 51.01
CA ASN TA 15 -51.07 -25.32 50.73
CA GLN TA 16 -50.45 -28.47 52.78
CA VAL TA 17 -48.10 -26.73 55.21
CA LYS TA 18 -51.06 -24.67 56.40
CA THR TA 19 -53.37 -27.70 56.54
CA VAL TA 20 -51.24 -29.83 58.86
CA GLN TA 21 -51.46 -27.37 61.74
CA ALA TA 22 -55.12 -26.72 60.93
CA LEU TA 23 -55.84 -30.36 61.77
CA GLY TA 24 -54.02 -30.62 65.09
CA LEU TA 25 -51.86 -33.57 64.08
CA ARG TA 26 -48.86 -31.68 65.45
CA LYS TA 27 -46.11 -34.31 65.16
CA ILE TA 28 -47.05 -37.95 64.54
CA GLY TA 29 -49.09 -40.74 66.08
CA ASP TA 30 -52.11 -38.44 66.39
CA SER TA 31 -55.43 -40.28 66.22
CA ARG TA 32 -57.78 -37.29 66.11
CA GLU TA 33 -61.37 -37.60 64.89
CA VAL TA 34 -62.88 -35.27 62.29
CA SER TA 35 -66.51 -34.14 62.28
CA ASP TA 36 -69.18 -34.83 59.65
CA THR TA 37 -68.95 -31.36 58.10
CA PRO TA 38 -68.49 -30.30 54.48
CA ALA TA 39 -65.33 -28.41 55.45
CA VAL TA 40 -63.92 -31.04 57.80
CA ARG TA 41 -64.39 -33.61 55.04
CA GLY TA 42 -63.01 -31.25 52.42
CA MET TA 43 -59.66 -30.72 54.14
CA VAL TA 44 -59.45 -34.47 54.72
CA LYS TA 45 -60.20 -35.14 51.05
CA THR TA 46 -57.67 -32.55 49.88
CA VAL TA 47 -54.76 -34.77 50.93
CA LYS TA 48 -56.21 -38.18 50.07
CA HIS TA 49 -52.65 -39.24 49.24
CA LEU TA 50 -51.70 -38.80 52.90
CA LEU TA 51 -52.79 -40.31 56.22
CA GLU TA 52 -55.33 -43.13 56.37
CA VAL TA 53 -59.02 -42.33 56.88
CA GLN TA 54 -61.33 -44.86 58.52
CA GLU TA 55 -63.58 -47.28 56.62
CA MET UA 1 14.15 43.57 57.99
CA GLN UA 2 16.15 45.43 55.34
CA LYS UA 3 13.06 45.23 53.13
CA ASP UA 4 11.01 47.16 55.68
CA LEU UA 5 11.31 50.94 55.37
CA HIS UA 6 12.18 53.27 58.26
CA PRO UA 7 8.67 54.73 58.46
CA LYS UA 8 5.60 52.55 57.92
CA ALA UA 9 7.36 49.26 57.18
CA VAL UA 10 5.83 47.49 54.18
CA PRO UA 11 6.03 43.69 54.22
CA CYS UA 12 2.40 42.65 54.66
CA LYS UA 13 1.25 39.84 52.36
CA ILE UA 14 -2.12 39.19 50.72
CA ILE UA 15 -4.13 36.69 48.67
CA TYR UA 16 -4.86 36.48 44.94
CA GLN UA 17 -8.36 35.40 43.91
CA GLY UA 18 -10.70 35.87 40.97
CA GLN UA 19 -13.75 34.32 39.34
CA VAL UA 20 -16.60 34.88 36.88
CA VAL UA 21 -18.35 37.99 38.22
CA MET UA 22 -21.66 37.12 36.58
CA GLU UA 23 -23.51 37.78 39.83
CA THR UA 24 -25.76 40.74 40.62
CA MET UA 25 -27.23 40.63 37.12
CA SER UA 26 -28.62 37.10 37.08
CA THR UA 27 -26.55 33.96 37.71
CA ARG UA 28 -24.12 33.72 40.63
CA PRO UA 29 -20.32 33.71 40.72
CA GLU UA 30 -17.95 30.77 40.34
CA ILE UA 31 -14.94 30.82 42.68
CA HIS UA 32 -12.07 28.68 41.40
CA VAL UA 33 -8.92 30.72 42.06
CA ASP UA 34 -6.98 30.89 45.32
CA VAL UA 35 -3.36 32.02 45.68
CA TRP UA 36 -1.07 34.30 47.68
CA SER UA 37 0.59 37.65 47.04
CA GLY UA 38 2.88 40.27 48.56
CA VAL UA 39 3.95 43.91 48.37
CA HIS UA 40 6.91 46.26 47.97
CA PRO UA 41 8.03 49.90 48.01
CA PHE UA 42 10.70 52.22 46.60
CA TRP UA 43 14.17 53.32 47.72
CA THR UA 44 15.59 56.74 48.60
CA GLY UA 45 18.28 58.55 50.56
CA GLU UA 46 17.28 60.22 53.82
CA GLU UA 47 19.37 61.65 56.66
CA ARG UA 48 18.49 60.65 60.21
CA PHE UA 49 21.76 62.18 61.42
CA LEU UA 50 23.96 62.59 58.34
CA ASP UA 51 23.31 60.21 55.43
CA THR UA 52 21.61 56.84 54.97
CA GLU UA 53 20.32 54.89 51.97
CA GLY UA 54 16.98 53.47 53.10
CA ARG UA 55 14.15 51.99 51.06
CA VAL UA 56 11.67 54.71 52.02
CA ASP UA 57 8.19 53.78 50.82
CA LYS UA 58 5.92 56.15 48.89
CA PHE UA 59 4.00 56.81 52.10
CA ASN UA 60 7.11 57.94 53.98
CA LYS UA 61 8.38 59.75 50.89
CA ARG UA 62 5.30 61.98 50.74
CA PHE UA 63 5.75 62.99 54.38
CA GLY UA 64 9.49 63.38 53.91
CA ASP UA 65 9.21 65.59 50.83
CA SER UA 66 6.61 67.78 52.54
CA TYR UA 67 7.73 67.55 56.16
CA ARG UA 68 10.36 66.17 58.54
CA ARG UA 69 9.37 63.45 61.01
CA GLY UA 70 12.25 61.45 62.46
CA SER UA 71 14.29 61.92 59.30
CA LYS UA 72 15.01 64.49 56.60
CA LYS UA 73 15.40 64.51 52.80
CA ALA VA 1 15.62 -18.78 46.72
CA LYS VA 2 15.48 -21.73 49.13
CA HIS VA 3 14.82 -24.92 47.17
CA PRO VA 4 13.81 -28.42 48.25
CA VAL VA 5 11.65 -27.48 51.24
CA PRO VA 6 9.97 -29.91 53.63
CA LYS VA 7 6.18 -30.11 53.36
CA LYS VA 8 5.54 -32.57 56.19
CA LYS VA 9 7.24 -32.64 59.58
CA THR VA 10 7.08 -36.04 61.29
CA SER VA 11 8.73 -35.87 64.72
CA LYS VA 12 8.91 -38.19 67.74
CA SER VA 13 8.07 -41.43 65.92
CA LYS VA 14 9.89 -40.75 62.66
CA ARG VA 15 12.45 -38.70 64.59
CA ASP VA 16 13.52 -41.69 66.67
CA MET VA 17 12.78 -44.11 63.84
CA ARG VA 18 15.95 -42.94 62.08
CA ARG VA 19 17.89 -42.92 65.35
CA SER VA 20 17.58 -46.67 65.87
CA HIS VA 21 20.25 -47.18 63.22
CA HIS VA 22 22.57 -44.83 65.11
CA ALA VA 23 23.73 -47.10 67.93
CA LEU VA 24 27.33 -46.88 69.13
CA THR VA 25 28.99 -50.22 68.40
CA ALA VA 26 30.66 -51.59 71.54
CA PRO VA 27 34.39 -51.99 70.94
CA ASN VA 28 35.35 -55.65 71.34
CA LEU VA 29 37.96 -55.59 74.10
CA THR VA 30 40.13 -58.58 74.98
CA GLU VA 31 42.91 -59.57 77.40
CA CYS VA 32 46.48 -58.47 76.72
CA PRO VA 33 49.50 -60.75 77.03
CA GLN VA 34 51.76 -60.08 80.02
CA CYS VA 35 49.20 -57.52 81.15
CA HIS VA 36 45.55 -56.96 82.09
CA GLY VA 37 42.93 -55.19 79.99
CA LYS VA 38 43.55 -52.46 77.43
CA LYS VA 39 43.74 -54.37 74.16
CA LEU VA 40 42.10 -53.59 70.81
CA SER VA 41 43.06 -56.97 69.35
CA HIS VA 42 44.81 -55.77 66.18
CA HIS VA 43 46.01 -52.61 67.91
CA ILE VA 44 48.62 -52.57 70.69
CA CYS VA 45 48.16 -52.09 74.43
CA PRO VA 46 48.44 -49.00 76.63
CA ASN VA 47 50.16 -50.59 79.63
CA CYS VA 48 53.21 -51.26 77.47
CA GLY VA 49 51.96 -52.09 73.99
CA TYR VA 50 52.95 -55.51 72.65
CA TYR VA 51 51.63 -57.68 69.83
CA ASP VA 52 54.35 -60.32 70.05
CA GLY VA 53 56.89 -58.94 72.51
CA ARG VA 54 58.86 -55.89 73.61
CA GLN VA 55 58.06 -53.30 70.94
CA VAL VA 56 56.29 -50.04 71.81
CA LEU VA 57 57.29 -48.08 74.91
CA ALA VA 58 55.50 -45.92 77.49
CA ALA WA 1 -39.37 22.81 26.96
CA LYS WA 2 -36.93 23.76 24.21
CA ASP WA 3 -37.10 27.51 23.61
CA GLY WA 4 -35.76 27.02 20.09
CA PRO WA 5 -37.20 28.79 17.06
CA ARG WA 6 -40.27 26.66 16.32
CA ILE WA 7 -43.92 26.11 17.22
CA ILE WA 8 -45.51 26.14 20.69
CA VAL WA 9 -44.71 29.50 22.28
CA LYS WA 10 -44.84 30.52 25.94
CA MET WA 11 -46.54 33.87 26.47
CA GLU WA 12 -48.34 35.38 29.46
CA SER WA 13 -51.92 36.68 29.58
CA SER WA 14 -53.20 39.99 30.97
CA ALA WA 15 -56.78 40.85 31.93
CA GLY WA 16 -55.74 44.47 32.35
CA THR WA 17 -56.21 45.41 36.00
CA GLY WA 18 -55.95 41.73 36.88
CA PHE WA 19 -52.50 40.32 37.56
CA TYR WA 20 -53.62 36.87 36.39
CA TYR WA 21 -50.72 35.20 34.62
CA THR WA 22 -52.22 32.08 33.02
CA THR WA 23 -49.61 30.59 30.69
CA THR WA 24 -50.67 29.47 27.22
CA LYS WA 25 -49.20 28.01 24.03
CA ASN WA 26 -49.66 29.07 20.41
CA ARG WA 27 -48.04 28.07 17.10
CA ARG WA 28 -47.26 30.09 13.98
CA ASN WA 29 -49.40 27.72 11.91
CA THR WA 30 -52.46 29.78 12.85
CA GLN WA 31 -53.61 33.41 13.04
CA ALA WA 32 -50.88 35.30 14.90
CA LYS WA 33 -51.57 38.39 17.00
CA LEU WA 34 -55.04 37.18 17.99
CA GLU WA 35 -54.63 35.51 21.37
CA LEU WA 36 -57.62 37.39 22.78
CA LYS WA 37 -59.58 34.86 24.82
CA LYS WA 38 -61.70 35.48 27.91
CA TYR WA 39 -60.57 33.83 31.15
CA ASP WA 40 -61.05 33.92 34.92
CA PRO WA 41 -58.67 36.15 36.89
CA VAL WA 42 -58.36 36.17 40.69
CA ALA WA 43 -59.74 39.72 40.85
CA LYS WA 44 -63.18 40.77 39.61
CA LYS WA 45 -65.12 38.53 37.22
CA HIS WA 46 -65.53 38.06 33.47
CA VAL WA 47 -62.23 39.72 32.61
CA VAL WA 48 -61.23 39.80 28.95
CA PHE WA 49 -57.59 38.71 29.05
CA ARG WA 50 -55.14 38.06 26.21
CA GLU WA 51 -52.21 35.63 26.09
CA LYS WA 52 -50.66 38.13 23.66
CA LYS WA 53 -47.47 39.79 24.88
CA MET XA 1 32.63 -4.67 44.69
CA LYS XA 2 33.03 -1.32 46.47
CA ARG XA 3 31.14 -0.63 49.70
CA THR XA 4 29.05 2.48 50.32
CA TYR XA 5 30.52 2.90 53.80
CA GLN XA 6 33.97 4.54 53.79
CA PRO XA 7 35.85 5.43 56.97
CA ASN XA 8 37.40 8.89 56.67
CA ASN XA 9 37.64 11.56 59.36
CA ARG XA 10 38.79 13.94 56.62
CA LYS XA 11 35.23 14.01 55.29
CA ARG XA 12 33.02 12.39 57.92
CA ALA XA 13 33.93 15.27 60.23
CA LYS XA 14 33.56 18.51 58.26
CA THR XA 15 30.09 17.47 57.11
CA HIS XA 16 28.91 16.36 60.55
CA GLY XA 17 30.13 17.28 64.02
CA PHE XA 18 28.77 19.90 66.42
CA ARG XA 19 31.08 22.41 64.71
CA ALA XA 20 29.33 22.61 61.33
CA ARG XA 21 26.02 21.84 63.03
CA MET XA 22 26.21 25.00 65.11
CA LYS XA 23 27.02 26.96 61.95
CA THR XA 24 23.41 26.77 60.78
CA LYS XA 25 20.30 27.58 62.83
CA SER XA 26 18.71 24.41 61.44
CA GLY XA 27 21.50 22.05 62.45
CA ARG XA 28 21.27 23.35 66.01
CA ASN XA 29 17.77 21.88 66.26
CA ILE XA 30 19.14 18.38 65.66
CA LEU XA 31 21.77 18.64 68.39
CA ALA XA 32 19.09 20.25 70.57
CA ARG XA 33 16.66 17.33 70.53
CA ARG XA 34 19.58 14.89 70.65
CA ARG XA 35 20.63 16.30 74.02
CA ALA XA 36 17.04 16.93 75.15
CA LYS XA 37 15.64 13.46 74.52
CA GLY XA 38 17.24 11.50 77.35
CA ARG XA 39 20.90 11.23 76.35
CA HIS XA 40 22.85 10.83 73.12
CA GLN XA 41 26.50 11.17 72.05
CA LEU XA 42 27.40 13.98 69.66
CA THR XA 43 28.52 13.32 66.08
CA VAL XA 44 31.93 14.80 66.88
CA SER XA 45 32.03 13.11 70.29
CA ASP XA 46 32.84 9.77 68.68
CA PRO YA 1 -23.92 17.67 71.05
CA LYS YA 2 -26.38 16.57 68.37
CA MET YA 3 -26.34 18.92 65.37
CA LYS YA 4 -29.59 19.80 63.60
CA THR YA 5 -29.66 20.27 59.83
CA HIS YA 6 -30.43 23.95 59.23
CA LYS YA 7 -31.83 22.92 55.84
CA MET YA 8 -34.47 20.50 57.12
CA ALA YA 9 -35.24 22.95 59.93
CA LYS YA 10 -36.62 25.26 57.24
CA ARG YA 11 -37.62 22.60 54.71
CA ARG YA 12 -40.65 20.37 54.15
CA ILE YA 13 -39.66 18.44 57.28
CA LYS YA 14 -41.26 20.11 60.31
CA ILE YA 15 -41.84 19.00 63.89
CA THR YA 16 -45.56 18.43 64.51
CA GLY YA 17 -47.55 17.97 67.69
CA THR YA 18 -47.99 14.23 67.31
CA GLY YA 19 -44.73 12.75 66.06
CA LYS YA 20 -44.79 12.17 62.31
CA VAL YA 21 -43.58 14.29 59.40
CA MET YA 22 -45.36 17.39 58.12
CA ALA YA 23 -43.63 17.23 54.74
CA PHE YA 24 -44.95 18.76 51.51
CA LYS YA 25 -45.64 17.98 47.86
CA SER YA 26 -42.80 18.67 45.43
CA GLY YA 27 -44.52 17.46 42.28
CA LYS YA 28 -44.16 20.46 39.99
CA ARG YA 29 -43.53 24.05 41.11
CA HIS YA 30 -41.21 26.90 40.12
CA GLN YA 31 -39.92 24.69 37.29
CA ASN YA 32 -40.82 23.24 33.89
CA THR YA 33 -44.62 23.38 34.03
CA GLY YA 34 -47.59 24.98 32.30
CA LYS YA 35 -49.71 21.93 31.57
CA SER YA 36 -52.56 21.74 34.09
CA GLY YA 37 -53.45 24.19 36.85
CA ASP YA 38 -55.24 21.45 38.79
CA GLU YA 39 -51.83 20.08 39.76
CA ILE YA 40 -50.20 23.46 40.36
CA ARG YA 41 -52.64 24.21 43.17
CA GLY YA 42 -51.72 20.89 44.74
CA LYS YA 43 -48.80 22.37 46.66
CA GLY YA 44 -49.66 22.55 50.34
CA LYS YA 45 -48.50 19.98 52.89
CA GLY YA 46 -48.18 16.24 53.39
CA PHE YA 47 -47.56 13.36 55.79
CA VAL YA 48 -45.43 10.21 55.78
CA LEU YA 49 -44.80 7.24 58.08
CA ALA YA 50 -41.94 5.59 56.19
CA LYS YA 51 -39.55 8.53 55.94
CA ALA YA 52 -39.97 10.44 59.20
CA GLU YA 53 -37.88 8.68 61.84
CA TRP YA 54 -34.75 9.78 59.97
CA ALA YA 55 -36.12 13.16 58.87
CA ARG YA 56 -37.07 14.13 62.42
CA MET YA 57 -33.58 13.17 63.61
CA LYS YA 58 -32.23 15.95 61.38
CA LEU YA 59 -34.27 18.43 63.42
CA MET YA 60 -34.83 16.92 66.86
CA LEU YA 61 -32.28 19.13 68.60
CA PRO YA 62 -35.01 21.68 69.32
CA ARG YA 63 -38.12 21.69 67.14
CA LYS ZA 1 -20.06 -57.07 3.82
CA VAL ZA 2 -19.27 -56.74 7.52
CA ARG ZA 3 -21.88 -54.22 8.68
CA SER ZA 4 -25.28 -54.89 10.24
CA SER ZA 5 -28.63 -54.34 8.55
CA VAL ZA 6 -28.64 -56.72 5.59
CA LYS ZA 7 -31.76 -57.87 3.73
CA LYS ZA 8 -30.11 -56.63 0.53
CA MET ZA 9 -29.04 -59.98 -0.90
CA CYS ZA 10 -30.63 -61.72 -3.89
CA ASP ZA 11 -34.05 -63.40 -3.78
CA ASN ZA 12 -32.46 -66.79 -3.14
CA CYS ZA 13 -30.51 -66.24 0.08
CA LYS ZA 14 -31.49 -67.15 3.65
CA VAL ZA 15 -30.95 -65.17 6.85
CA VAL ZA 16 -29.08 -67.10 9.54
CA ARG ZA 17 -28.24 -66.50 13.21
CA ARG ZA 18 -24.95 -67.45 14.85
CA HIS ZA 19 -23.75 -66.37 18.29
CA GLY ZA 20 -26.25 -63.53 18.09
CA ARG ZA 21 -24.83 -62.09 14.89
CA VAL ZA 22 -26.47 -62.62 11.50
CA LEU ZA 23 -25.15 -63.70 8.10
CA VAL ZA 24 -26.74 -63.99 4.65
CA ILE ZA 25 -25.47 -66.97 2.67
CA CYS ZA 26 -26.33 -67.77 -0.95
CA SER ZA 27 -25.07 -69.32 -4.19
CA ASN ZA 28 -23.34 -66.04 -5.03
CA VAL ZA 29 -20.07 -65.40 -3.20
CA LYS ZA 30 -20.77 -61.69 -3.60
CA HIS ZA 31 -23.99 -61.82 -1.59
CA LYS ZA 32 -22.11 -61.67 1.72
CA GLN ZA 33 -23.93 -59.60 4.33
CA ARG ZA 34 -22.57 -60.50 7.77
CA GLN ZA 35 -23.30 -58.33 10.81
CA MET AB 1 -26.77 74.63 61.75
CA LEU AB 2 -26.03 76.35 58.44
CA ALA AB 3 -23.74 78.95 59.96
CA ASP AB 4 -22.57 80.21 63.36
CA LYS AB 5 -22.79 83.59 65.13
CA GLU AB 6 -19.06 84.06 64.66
CA SER AB 7 -18.83 83.48 60.90
CA LEU AB 8 -21.99 85.52 60.37
CA ILE AB 9 -20.71 88.40 62.51
CA GLU AB 10 -17.48 88.16 60.53
CA ALA AB 11 -19.26 88.46 57.18
CA LEU AB 12 -21.79 91.05 58.33
CA LYS AB 13 -19.13 93.29 59.83
CA LEU AB 14 -17.36 93.07 56.50
CA ALA AB 15 -20.54 93.72 54.50
CA LEU AB 16 -21.13 96.89 56.49
CA SER AB 17 -17.52 98.07 56.15
CA THR AB 18 -17.09 101.03 53.81
CA GLU AB 19 -14.93 98.63 51.84
CA TYR AB 20 -17.88 96.52 50.71
CA ASN AB 21 -20.57 99.09 51.49
CA VAL AB 22 -20.40 102.67 50.18
CA LYS AB 23 -22.59 105.24 51.92
CA ARG AB 24 -26.04 106.05 50.51
CA ASN AB 25 -28.68 108.76 50.99
CA PHE AB 26 -30.82 106.51 53.19
CA THR AB 27 -30.35 103.86 55.82
CA GLN AB 28 -29.93 100.68 53.82
CA SER AB 29 -31.17 97.27 54.85
CA VAL AB 30 -29.16 94.08 55.26
CA GLU AB 31 -29.98 90.86 53.42
CA ILE AB 32 -29.30 87.18 53.90
CA ILE AB 33 -29.07 85.12 50.70
CA LEU AB 34 -28.86 81.32 50.79
CA THR AB 35 -28.34 79.31 47.60
CA PHE AB 36 -28.79 75.55 47.26
CA LYS AB 37 -27.53 72.67 45.11
CA GLY AB 38 -29.11 69.37 44.12
CA ILE AB 39 -32.49 70.29 45.55
CA ASP AB 40 -35.62 68.78 43.99
CA MSE AB 41 -38.40 71.39 43.92
CA LYS AB 42 -41.18 69.02 42.81
CA LYS AB 43 -40.27 66.82 45.79
CA GLY AB 44 -40.71 69.43 48.52
CA ASP AB 45 -36.98 69.42 49.26
CA LEU AB 46 -36.83 73.15 49.93
CA LYS AB 47 -40.49 74.24 50.13
CA LEU AB 48 -40.57 77.19 52.52
CA ARG AB 49 -43.07 79.82 53.71
CA GLU AB 50 -42.11 80.58 57.30
CA ILE AB 51 -43.13 83.67 59.24
CA VAL AB 52 -40.10 84.74 61.26
CA PRO AB 53 -40.26 87.42 63.98
CA LEU AB 54 -36.85 89.11 64.15
CA PRO AB 55 -35.16 88.88 67.60
CA LYS AB 56 -33.47 92.28 67.22
CA GLN AB 57 -35.80 95.05 66.07
CA PRO AB 58 -34.72 97.03 62.98
CA SER AB 59 -35.03 100.81 62.63
CA LYS AB 60 -37.30 100.14 59.65
CA ALA AB 61 -40.75 98.65 60.29
CA LYS AB 62 -42.21 96.04 57.95
CA ARG AB 63 -45.39 97.33 56.26
CA VAL AB 64 -48.47 95.77 57.80
CA LEU AB 65 -52.00 96.06 56.56
CA VAL AB 66 -54.73 95.38 59.08
CA VAL AB 67 -58.43 94.75 58.73
CA PRO AB 68 -59.73 94.78 62.31
CA SER AB 69 -63.19 95.02 63.79
CA SER AB 70 -64.97 97.97 65.36
CA GLU AB 71 -63.65 96.74 68.71
CA GLN AB 72 -60.05 96.31 67.54
CA LEU AB 73 -60.10 99.44 65.33
CA GLU AB 74 -58.55 101.76 67.92
CA TYR AB 75 -56.02 99.20 69.16
CA ALA AB 76 -55.06 98.56 65.54
CA LYS AB 77 -54.48 102.27 64.98
CA LYS AB 78 -52.22 102.35 68.06
CA ALA AB 79 -49.82 99.78 66.60
CA SER AB 80 -49.47 102.34 63.80
CA PRO AB 81 -49.50 99.79 60.90
CA LYS AB 82 -48.77 100.74 57.30
CA VAL AB 83 -52.50 101.01 56.72
CA VAL AB 84 -55.77 100.23 58.46
CA ILE AB 85 -58.76 99.12 56.38
CA THR AB 86 -62.12 98.86 58.17
CA ARG AB 87 -64.45 96.05 57.11
CA GLU AB 88 -66.63 98.62 55.34
CA GLU AB 89 -63.69 100.03 53.40
CA LEU AB 90 -62.69 96.52 52.37
CA GLN AB 91 -66.09 95.74 50.82
CA LYS AB 92 -65.85 98.93 48.75
CA LEU AB 93 -62.55 97.67 47.34
CA GLN AB 94 -64.23 94.74 45.64
CA GLY AB 95 -63.80 95.20 41.92
CA GLN AB 96 -61.23 98.00 42.20
CA LYS AB 97 -58.20 96.41 40.51
CA ARG AB 98 -55.78 99.32 41.07
CA PRO AB 99 -56.22 100.08 44.80
CA VAL AB 100 -56.20 96.36 45.70
CA LYS AB 101 -53.07 95.65 43.63
CA LYS AB 102 -51.40 98.68 45.22
CA LEU AB 103 -52.21 97.38 48.72
CA ALA AB 104 -50.99 93.91 47.78
CA ARG AB 105 -47.73 95.29 46.45
CA GLN AB 106 -46.81 97.90 49.04
CA ASN AB 107 -47.52 95.80 52.14
CA GLU AB 108 -45.71 92.75 53.54
CA TRP AB 109 -48.39 91.40 55.91
CA PHE AB 110 -52.15 91.30 55.81
CA LEU AB 111 -53.86 90.77 59.16
CA ILE AB 112 -57.57 90.10 58.87
CA ASN AB 113 -60.18 89.69 61.60
CA GLN AB 114 -61.80 86.25 61.50
CA GLU AB 115 -65.10 87.86 60.51
CA SER AB 116 -63.62 89.29 57.32
CA MSE AB 117 -61.59 86.23 56.41
CA ALA AB 118 -63.85 85.33 53.48
CA LEU AB 119 -64.22 88.92 52.31
CA ALA AB 120 -60.44 89.45 52.43
CA GLY AB 121 -59.65 86.27 50.54
CA ARG AB 122 -61.93 87.23 47.66
CA ILE AB 123 -60.93 90.90 47.47
CA LEU AB 124 -57.24 90.77 48.43
CA GLY AB 125 -56.49 87.11 47.80
CA PRO AB 126 -56.20 87.22 43.98
CA ALA AB 127 -53.66 90.05 44.37
CA LEU AB 128 -51.67 88.47 47.24
CA GLY AB 129 -51.31 85.00 45.74
CA PRO AB 130 -49.16 85.83 42.69
CA ARG AB 131 -47.02 88.18 44.79
CA GLY AB 132 -46.00 85.36 47.11
CA LYS AB 133 -48.05 86.99 49.86
CA PHE AB 134 -51.09 85.84 51.81
CA PRO AB 135 -53.46 86.96 54.54
CA THR AB 136 -53.01 85.86 58.17
CA PRO AB 137 -55.76 85.94 60.82
CA LEU AB 138 -55.78 88.38 63.73
CA PRO AB 139 -56.60 87.06 67.20
CA ASN AB 140 -60.20 87.47 68.36
CA THR AB 141 -59.21 89.61 71.36
CA ALA AB 142 -59.59 93.40 71.24
CA ASP AB 143 -56.07 94.68 71.93
CA ILE AB 144 -54.17 93.61 68.81
CA SER AB 145 -51.43 96.21 69.23
CA GLU AB 146 -48.79 93.64 70.10
CA TYR AB 147 -49.77 91.17 67.36
CA ILE AB 148 -49.38 93.98 64.81
CA ASN AB 149 -46.08 95.07 66.35
CA ARG AB 150 -44.89 91.47 66.05
CA PHE AB 151 -45.55 91.48 62.31
CA LYS AB 152 -44.07 94.96 61.96
CA ARG AB 153 -40.77 93.20 62.66
CA SER AB 154 -41.40 89.83 61.01
CA VAL AB 155 -39.87 88.66 57.73
CA LEU AB 156 -41.13 86.04 55.31
CA VAL AB 157 -38.78 83.16 54.59
CA LYS AB 158 -40.23 81.56 51.47
CA THR AB 159 -39.23 79.78 48.29
CA LYS AB 160 -41.17 79.67 45.04
CA ASP AB 161 -39.37 77.94 42.17
CA GLN AB 162 -35.70 78.71 42.71
CA PRO AB 163 -33.19 76.89 44.96
CA GLN AB 164 -32.57 79.99 47.07
CA VAL AB 165 -33.72 81.95 50.11
CA GLN AB 166 -33.63 85.74 50.15
CA VAL AB 167 -34.58 87.56 53.32
CA PHE AB 168 -34.49 90.93 54.97
CA ILE AB 169 -32.32 90.66 58.06
CA GLY AB 170 -32.47 94.21 59.44
CA THR AB 171 -30.96 97.66 58.82
CA GLU AB 172 -27.32 98.71 58.37
CA ASP AB 173 -27.30 100.92 61.45
CA MSE AB 174 -27.57 97.85 63.68
CA LYS AB 175 -24.76 96.02 65.48
CA PRO AB 176 -23.31 93.04 63.57
CA GLU AB 177 -24.05 90.93 66.64
CA ASP AB 178 -27.78 91.73 66.35
CA LEU AB 179 -27.96 91.26 62.59
CA ALA AB 180 -26.15 88.00 63.16
CA GLU AB 181 -28.83 87.00 65.63
CA ASN AB 182 -31.68 87.69 63.21
CA ALA AB 183 -29.68 85.80 60.63
CA ILE AB 184 -29.75 82.90 63.12
CA ALA AB 185 -33.54 83.17 63.43
CA VAL AB 186 -33.98 83.02 59.67
CA LEU AB 187 -31.48 80.16 59.52
CA ASN AB 188 -33.24 78.29 62.34
CA ALA AB 189 -36.55 78.62 60.48
CA ILE AB 190 -35.04 76.99 57.40
CA GLU AB 191 -33.50 74.02 59.23
CA ASN AB 192 -36.69 73.54 61.22
CA LYS AB 193 -38.65 72.92 58.03
CA ALA AB 194 -36.06 71.01 56.00
CA LYS AB 195 -32.64 69.40 56.38
CA VAL AB 196 -30.71 71.14 53.62
CA GLU AB 197 -27.28 71.51 55.22
CA THR AB 198 -25.70 69.42 52.46
CA ASN AB 199 -27.52 71.25 49.67
CA LEU AB 200 -26.26 74.56 50.99
CA ARG AB 201 -23.92 76.19 48.47
CA ASN AB 202 -23.35 79.64 49.93
CA ILE AB 203 -24.69 82.30 52.20
CA TYR AB 204 -24.27 85.93 51.27
CA VAL AB 205 -25.00 89.01 53.32
CA LYS AB 206 -25.13 92.60 52.14
CA THR AB 207 -26.57 96.02 52.38
CA THR AB 208 -29.30 97.12 50.05
CA MSE AB 209 -26.70 98.40 47.59
CA GLY AB 210 -23.40 97.02 48.87
CA LYS AB 211 -21.32 94.13 47.57
CA ALA AB 212 -22.38 90.62 48.60
CA VAL AB 213 -20.15 88.96 51.18
CA LYS AB 214 -19.92 85.18 51.42
CA VAL AB 215 -20.06 83.68 54.90
CA LYS AB 216 -17.14 81.33 55.63
CA ARG AB 217 -17.66 77.74 56.70
#